data_1M0V
#
_entry.id   1M0V
#
loop_
_entity.id
_entity.type
_entity.pdbx_description
1 polymer 'PROTEIN-TYROSINE PHOSPHATASE YOPH'
2 polymer 'SKAP55 homologue'
#
loop_
_entity_poly.entity_id
_entity_poly.type
_entity_poly.pdbx_seq_one_letter_code
_entity_poly.pdbx_strand_id
1 'polypeptide(L)'
;MNLSLSDLHRQVSRLVQQESGDCTGKLRGNVAANKETTFQGLTIASGARESEKVFAQTVLSHVANVVLTQEDTAKLLQST
VKHNLNNYDLRSVGNGNSVLVSLRSDQMTLQDAKVLLEAALRQESGARGSHHHHHH
;
A
2 'polypeptide(L)' (ACE)DE(PTR)DDPF(NH2) B
#
# COMPACT_ATOMS: atom_id res chain seq x y z
N MET A 1 -13.08 -3.09 -6.54
CA MET A 1 -13.97 -2.20 -5.75
C MET A 1 -13.19 -1.04 -5.15
N ASN A 2 -12.36 -0.40 -5.97
CA ASN A 2 -11.56 0.74 -5.52
C ASN A 2 -11.07 1.56 -6.70
N LEU A 3 -10.06 2.41 -6.46
CA LEU A 3 -9.50 3.24 -7.52
C LEU A 3 -8.66 2.40 -8.47
N SER A 4 -8.21 3.02 -9.56
CA SER A 4 -7.38 2.33 -10.54
C SER A 4 -5.91 2.46 -10.17
N LEU A 5 -5.18 1.36 -10.26
CA LEU A 5 -3.75 1.33 -9.92
C LEU A 5 -3.06 2.61 -10.34
N SER A 6 -3.07 2.84 -11.62
CA SER A 6 -2.45 3.99 -12.20
C SER A 6 -2.68 5.24 -11.34
N ASP A 7 -3.94 5.67 -11.23
CA ASP A 7 -4.27 6.84 -10.41
C ASP A 7 -3.90 6.56 -8.95
N LEU A 8 -4.24 5.37 -8.47
CA LEU A 8 -3.92 4.99 -7.10
C LEU A 8 -2.48 5.35 -6.78
N HIS A 9 -1.56 4.71 -7.48
CA HIS A 9 -0.15 5.00 -7.31
C HIS A 9 0.10 6.48 -7.46
N ARG A 10 -0.58 7.08 -8.40
CA ARG A 10 -0.44 8.51 -8.66
C ARG A 10 -0.75 9.31 -7.40
N GLN A 11 -1.98 9.22 -6.91
CA GLN A 11 -2.35 9.96 -5.71
C GLN A 11 -1.56 9.46 -4.49
N VAL A 12 -1.59 8.15 -4.22
CA VAL A 12 -0.86 7.61 -3.08
C VAL A 12 0.62 8.02 -3.12
N SER A 13 1.26 7.79 -4.27
CA SER A 13 2.67 8.12 -4.43
C SER A 13 2.93 9.61 -4.33
N ARG A 14 1.97 10.42 -4.73
CA ARG A 14 2.15 11.85 -4.67
C ARG A 14 2.14 12.35 -3.25
N LEU A 15 1.32 11.73 -2.40
CA LEU A 15 1.26 12.15 -1.01
C LEU A 15 2.49 11.66 -0.26
N VAL A 16 2.75 10.36 -0.35
CA VAL A 16 3.90 9.76 0.35
C VAL A 16 5.22 10.37 -0.11
N GLN A 17 5.46 10.33 -1.41
CA GLN A 17 6.71 10.83 -1.97
C GLN A 17 6.90 12.33 -1.71
N GLN A 18 5.83 13.04 -1.35
CA GLN A 18 5.95 14.47 -1.07
C GLN A 18 4.66 15.03 -0.47
N GLU A 19 4.40 14.68 0.79
CA GLU A 19 3.21 15.17 1.49
C GLU A 19 3.02 14.43 2.81
N SER A 20 3.29 13.13 2.82
CA SER A 20 3.14 12.32 4.01
C SER A 20 4.48 11.78 4.50
N GLY A 21 5.45 11.68 3.60
CA GLY A 21 6.75 11.17 3.98
C GLY A 21 6.66 9.78 4.59
N ASP A 22 6.06 8.86 3.86
CA ASP A 22 5.89 7.49 4.33
C ASP A 22 5.08 7.45 5.62
N CYS A 23 3.76 7.49 5.47
CA CYS A 23 2.85 7.47 6.60
C CYS A 23 1.72 6.47 6.34
N THR A 24 0.54 6.69 6.91
CA THR A 24 -0.57 5.79 6.68
C THR A 24 -1.57 6.41 5.71
N GLY A 25 -2.01 5.62 4.74
CA GLY A 25 -2.95 6.13 3.76
C GLY A 25 -4.36 5.64 3.99
N LYS A 26 -5.31 6.53 3.77
CA LYS A 26 -6.72 6.18 3.96
C LYS A 26 -7.39 6.00 2.60
N LEU A 27 -8.10 4.88 2.43
CA LEU A 27 -8.75 4.58 1.16
C LEU A 27 -10.27 4.65 1.25
N ARG A 28 -10.90 4.95 0.11
CA ARG A 28 -12.34 5.06 -0.01
C ARG A 28 -12.69 5.84 -1.26
N GLY A 29 -12.28 5.30 -2.41
CA GLY A 29 -12.51 5.98 -3.68
C GLY A 29 -11.48 7.07 -3.90
N ASN A 30 -10.58 7.21 -2.92
CA ASN A 30 -9.53 8.22 -2.96
C ASN A 30 -8.50 7.88 -1.89
N VAL A 31 -7.32 8.51 -1.96
CA VAL A 31 -6.30 8.27 -0.96
C VAL A 31 -6.07 9.52 -0.11
N ALA A 32 -5.92 9.29 1.19
CA ALA A 32 -5.69 10.37 2.14
C ALA A 32 -4.43 10.12 2.95
N ALA A 33 -3.96 11.15 3.64
CA ALA A 33 -2.74 11.04 4.45
C ALA A 33 -3.07 10.96 5.94
N ASN A 34 -2.51 9.93 6.58
CA ASN A 34 -2.72 9.70 8.01
C ASN A 34 -1.40 9.83 8.76
N LYS A 35 -1.34 10.82 9.64
CA LYS A 35 -0.14 11.07 10.44
C LYS A 35 -0.46 11.05 11.94
N GLU A 36 -1.69 11.41 12.29
CA GLU A 36 -2.11 11.45 13.68
C GLU A 36 -1.74 10.16 14.40
N THR A 37 -2.44 9.07 14.09
CA THR A 37 -2.16 7.78 14.71
C THR A 37 -1.09 7.04 13.94
N THR A 38 -1.49 6.05 13.14
CA THR A 38 -0.55 5.26 12.35
C THR A 38 -1.25 3.98 11.86
N PHE A 39 -0.83 2.82 12.36
CA PHE A 39 -1.42 1.55 11.98
C PHE A 39 -0.61 0.39 12.58
N GLN A 40 -0.82 -0.82 12.06
CA GLN A 40 -0.12 -2.03 12.53
C GLN A 40 -0.89 -3.29 12.12
N GLY A 41 -1.47 -3.25 10.93
CA GLY A 41 -2.25 -4.37 10.42
C GLY A 41 -3.65 -4.45 11.03
N LEU A 42 -3.80 -3.92 12.25
CA LEU A 42 -5.10 -3.92 12.96
C LEU A 42 -6.28 -3.81 12.01
N THR A 43 -7.30 -4.64 12.24
CA THR A 43 -8.50 -4.65 11.41
C THR A 43 -9.60 -3.79 12.01
N ILE A 44 -9.20 -2.68 12.62
CA ILE A 44 -10.16 -1.75 13.24
C ILE A 44 -10.87 -2.37 14.44
N ALA A 45 -10.55 -3.62 14.75
CA ALA A 45 -11.16 -4.31 15.88
C ALA A 45 -10.59 -3.80 17.19
N SER A 46 -9.36 -3.29 17.14
CA SER A 46 -8.70 -2.78 18.33
C SER A 46 -8.76 -1.25 18.38
N GLY A 47 -8.09 -0.61 17.42
CA GLY A 47 -8.08 0.84 17.37
C GLY A 47 -7.46 1.37 16.10
N ALA A 48 -7.94 0.90 14.96
CA ALA A 48 -7.42 1.33 13.67
C ALA A 48 -8.48 2.11 12.89
N ARG A 49 -8.12 2.53 11.68
CA ARG A 49 -9.03 3.28 10.83
C ARG A 49 -9.53 2.37 9.70
N GLU A 50 -10.85 2.27 9.55
CA GLU A 50 -11.43 1.44 8.49
C GLU A 50 -10.74 1.70 7.16
N SER A 51 -10.22 2.91 7.00
CA SER A 51 -9.51 3.30 5.79
C SER A 51 -8.31 2.40 5.55
N GLU A 52 -7.34 2.42 6.48
CA GLU A 52 -6.15 1.59 6.37
C GLU A 52 -6.52 0.19 5.89
N LYS A 53 -7.38 -0.47 6.66
CA LYS A 53 -7.85 -1.81 6.34
C LYS A 53 -8.26 -1.90 4.87
N VAL A 54 -9.27 -1.13 4.49
CA VAL A 54 -9.74 -1.13 3.11
C VAL A 54 -8.58 -0.98 2.13
N PHE A 55 -7.70 -0.02 2.40
CA PHE A 55 -6.55 0.22 1.55
C PHE A 55 -5.68 -1.04 1.47
N ALA A 56 -5.65 -1.80 2.56
CA ALA A 56 -4.86 -3.03 2.61
C ALA A 56 -5.46 -4.08 1.68
N GLN A 57 -6.78 -4.21 1.72
CA GLN A 57 -7.48 -5.18 0.89
C GLN A 57 -7.39 -4.80 -0.59
N THR A 58 -7.38 -3.50 -0.86
CA THR A 58 -7.29 -3.00 -2.23
C THR A 58 -5.88 -3.10 -2.76
N VAL A 59 -4.90 -2.76 -1.92
CA VAL A 59 -3.52 -2.82 -2.32
C VAL A 59 -3.04 -4.27 -2.40
N LEU A 60 -3.61 -5.13 -1.56
CA LEU A 60 -3.25 -6.55 -1.56
C LEU A 60 -3.94 -7.25 -2.72
N SER A 61 -5.18 -6.86 -3.00
CA SER A 61 -5.94 -7.46 -4.09
C SER A 61 -5.32 -7.10 -5.44
N HIS A 62 -5.13 -5.80 -5.67
CA HIS A 62 -4.54 -5.32 -6.92
C HIS A 62 -3.28 -6.12 -7.25
N VAL A 63 -2.39 -6.24 -6.27
CA VAL A 63 -1.16 -7.00 -6.47
C VAL A 63 -1.44 -8.49 -6.61
N ALA A 64 -1.76 -9.14 -5.50
CA ALA A 64 -2.04 -10.57 -5.51
C ALA A 64 -0.84 -11.37 -6.00
N ASN A 65 0.34 -10.74 -6.06
CA ASN A 65 1.58 -11.42 -6.52
C ASN A 65 2.63 -10.41 -6.97
N VAL A 66 2.33 -9.70 -8.05
CA VAL A 66 3.25 -8.70 -8.63
C VAL A 66 4.68 -9.23 -8.78
N VAL A 67 5.68 -8.52 -8.26
CA VAL A 67 7.08 -8.98 -8.39
C VAL A 67 8.06 -8.11 -7.63
N LEU A 68 7.65 -6.90 -7.30
CA LEU A 68 8.48 -5.95 -6.54
C LEU A 68 9.97 -6.08 -6.82
N THR A 69 10.52 -5.14 -7.58
CA THR A 69 11.94 -5.13 -7.87
C THR A 69 12.71 -4.88 -6.57
N GLN A 70 13.91 -4.32 -6.67
CA GLN A 70 14.70 -4.04 -5.48
C GLN A 70 14.05 -2.92 -4.67
N GLU A 71 13.44 -1.97 -5.38
CA GLU A 71 12.77 -0.84 -4.74
C GLU A 71 11.60 -1.29 -3.89
N ASP A 72 10.56 -1.84 -4.53
CA ASP A 72 9.39 -2.31 -3.80
C ASP A 72 9.78 -3.23 -2.65
N THR A 73 10.87 -3.97 -2.83
CA THR A 73 11.36 -4.86 -1.78
C THR A 73 11.75 -4.03 -0.56
N ALA A 74 12.76 -3.17 -0.73
CA ALA A 74 13.18 -2.30 0.36
C ALA A 74 11.99 -1.45 0.80
N LYS A 75 11.05 -1.26 -0.13
CA LYS A 75 9.84 -0.49 0.10
C LYS A 75 9.06 -1.06 1.28
N LEU A 76 8.56 -2.29 1.13
CA LEU A 76 7.82 -2.94 2.20
C LEU A 76 8.71 -3.10 3.42
N LEU A 77 9.96 -3.48 3.16
CA LEU A 77 10.95 -3.66 4.21
C LEU A 77 11.06 -2.41 5.08
N GLN A 78 10.94 -1.26 4.42
CA GLN A 78 11.04 0.01 5.13
C GLN A 78 9.77 0.30 5.92
N SER A 79 8.65 0.40 5.22
CA SER A 79 7.37 0.69 5.86
C SER A 79 7.03 -0.39 6.90
N THR A 80 7.45 -1.62 6.63
CA THR A 80 7.18 -2.74 7.53
C THR A 80 8.14 -2.74 8.72
N VAL A 81 9.43 -2.83 8.43
CA VAL A 81 10.45 -2.85 9.47
C VAL A 81 10.63 -1.48 10.12
N LYS A 82 9.97 -0.46 9.56
CA LYS A 82 10.07 0.90 10.09
C LYS A 82 9.86 0.92 11.61
N HIS A 83 8.61 0.75 12.03
CA HIS A 83 8.27 0.76 13.46
C HIS A 83 8.28 -0.67 14.03
N ASN A 84 7.20 -1.40 13.80
CA ASN A 84 7.08 -2.76 14.30
C ASN A 84 5.75 -3.40 13.86
N LEU A 85 5.35 -4.46 14.54
CA LEU A 85 4.11 -5.14 14.23
C LEU A 85 4.15 -5.72 12.80
N ASN A 86 4.68 -6.93 12.68
CA ASN A 86 4.79 -7.59 11.38
C ASN A 86 3.41 -7.84 10.76
N ASN A 87 3.13 -7.14 9.66
CA ASN A 87 1.85 -7.30 8.97
C ASN A 87 2.06 -7.73 7.53
N TYR A 88 3.15 -7.28 6.90
CA TYR A 88 3.44 -7.64 5.53
C TYR A 88 4.40 -8.82 5.48
N ASP A 89 4.17 -9.71 4.53
CA ASP A 89 5.00 -10.87 4.35
C ASP A 89 5.66 -10.78 2.97
N LEU A 90 6.90 -11.17 2.90
CA LEU A 90 7.64 -11.06 1.64
C LEU A 90 8.61 -12.22 1.40
N ARG A 91 8.88 -12.44 0.12
CA ARG A 91 9.83 -13.47 -0.32
C ARG A 91 10.55 -12.92 -1.54
N SER A 92 11.87 -13.02 -1.58
CA SER A 92 12.61 -12.43 -2.72
C SER A 92 13.11 -13.46 -3.72
N VAL A 93 13.11 -13.02 -4.98
CA VAL A 93 13.55 -13.80 -6.12
C VAL A 93 13.76 -12.85 -7.31
N GLY A 94 13.13 -13.14 -8.46
CA GLY A 94 13.25 -12.27 -9.62
C GLY A 94 14.62 -11.66 -9.81
N ASN A 95 15.67 -12.37 -9.38
CA ASN A 95 17.04 -11.88 -9.47
C ASN A 95 17.20 -10.66 -8.56
N GLY A 96 16.36 -9.66 -8.78
CA GLY A 96 16.37 -8.47 -7.96
C GLY A 96 14.95 -8.05 -7.61
N ASN A 97 14.04 -9.01 -7.69
CA ASN A 97 12.63 -8.77 -7.39
C ASN A 97 12.15 -9.71 -6.30
N SER A 98 10.98 -9.40 -5.74
CA SER A 98 10.43 -10.22 -4.68
C SER A 98 8.93 -10.37 -4.84
N VAL A 99 8.37 -11.35 -4.16
CA VAL A 99 6.94 -11.58 -4.20
C VAL A 99 6.34 -11.05 -2.92
N LEU A 100 5.22 -10.37 -3.03
CA LEU A 100 4.58 -9.78 -1.88
C LEU A 100 3.36 -10.55 -1.42
N VAL A 101 3.53 -11.17 -0.27
CA VAL A 101 2.44 -11.87 0.39
C VAL A 101 2.29 -11.15 1.71
N SER A 102 1.29 -10.32 1.83
CA SER A 102 1.19 -9.52 3.03
C SER A 102 -0.22 -9.39 3.55
N LEU A 103 -0.29 -9.16 4.85
CA LEU A 103 -1.54 -8.95 5.53
C LEU A 103 -1.37 -9.02 7.03
N ARG A 104 -1.56 -10.19 7.60
CA ARG A 104 -1.43 -10.35 9.04
C ARG A 104 -2.24 -9.24 9.73
N SER A 105 -3.54 -9.24 9.44
CA SER A 105 -4.47 -8.21 9.93
C SER A 105 -4.73 -7.25 8.79
N ASP A 106 -5.84 -6.52 8.82
CA ASP A 106 -6.13 -5.61 7.73
C ASP A 106 -5.89 -4.15 8.10
N GLN A 107 -4.75 -3.65 7.65
CA GLN A 107 -4.37 -2.25 7.86
C GLN A 107 -3.16 -1.91 6.99
N MET A 108 -3.29 -0.90 6.14
CA MET A 108 -2.18 -0.52 5.28
C MET A 108 -1.79 0.94 5.48
N THR A 109 -0.61 1.29 4.99
CA THR A 109 -0.10 2.65 5.11
C THR A 109 0.20 3.24 3.73
N LEU A 110 0.37 4.56 3.68
CA LEU A 110 0.66 5.25 2.43
C LEU A 110 1.84 4.59 1.71
N GLN A 111 2.93 4.38 2.43
CA GLN A 111 4.11 3.75 1.86
C GLN A 111 3.75 2.34 1.35
N ASP A 112 3.37 1.47 2.28
CA ASP A 112 2.99 0.10 1.94
C ASP A 112 2.01 0.08 0.77
N ALA A 113 1.02 0.97 0.82
CA ALA A 113 0.03 1.07 -0.23
C ALA A 113 0.71 1.32 -1.57
N LYS A 114 1.53 2.37 -1.61
CA LYS A 114 2.26 2.72 -2.82
C LYS A 114 3.22 1.59 -3.20
N VAL A 115 3.77 0.93 -2.20
CA VAL A 115 4.70 -0.17 -2.43
C VAL A 115 4.09 -1.25 -3.31
N LEU A 116 3.05 -1.88 -2.77
CA LEU A 116 2.37 -2.94 -3.47
C LEU A 116 1.80 -2.42 -4.77
N LEU A 117 1.29 -1.19 -4.76
CA LEU A 117 0.72 -0.62 -5.97
C LEU A 117 1.79 -0.23 -6.97
N GLU A 118 3.01 -0.05 -6.49
CA GLU A 118 4.11 0.26 -7.38
C GLU A 118 4.37 -0.98 -8.18
N ALA A 119 4.44 -2.10 -7.48
CA ALA A 119 4.62 -3.38 -8.12
C ALA A 119 3.31 -3.83 -8.77
N ALA A 120 2.20 -3.35 -8.23
CA ALA A 120 0.89 -3.68 -8.75
C ALA A 120 0.70 -3.04 -10.10
N LEU A 121 0.75 -1.72 -10.13
CA LEU A 121 0.59 -1.01 -11.38
C LEU A 121 1.72 -1.40 -12.33
N ARG A 122 2.92 -1.55 -11.78
CA ARG A 122 4.09 -1.92 -12.56
C ARG A 122 3.82 -3.18 -13.37
N GLN A 123 3.47 -4.26 -12.68
CA GLN A 123 3.22 -5.53 -13.33
C GLN A 123 1.81 -5.62 -13.93
N GLU A 124 0.86 -4.87 -13.38
CA GLU A 124 -0.52 -4.95 -13.88
C GLU A 124 -0.87 -3.87 -14.90
N SER A 125 -0.90 -2.61 -14.46
CA SER A 125 -1.26 -1.51 -15.34
C SER A 125 -0.07 -0.81 -15.96
N GLY A 126 0.73 -0.16 -15.11
CA GLY A 126 1.89 0.56 -15.60
C GLY A 126 1.46 1.72 -16.48
N ALA A 127 1.11 2.83 -15.85
CA ALA A 127 0.64 4.00 -16.57
C ALA A 127 -0.72 3.69 -17.20
N ARG A 128 -1.52 2.96 -16.42
CA ARG A 128 -2.86 2.55 -16.86
C ARG A 128 -2.78 1.47 -17.93
N GLY A 129 -3.07 0.24 -17.54
CA GLY A 129 -3.03 -0.88 -18.46
C GLY A 129 -4.10 -1.91 -18.18
N SER A 130 -4.34 -2.17 -16.90
CA SER A 130 -5.34 -3.15 -16.49
C SER A 130 -4.99 -4.53 -17.01
N ASP B 2 -21.81 9.04 -1.72
CA ASP B 2 -20.64 8.18 -1.79
C ASP B 2 -19.42 8.87 -1.16
N GLU B 3 -18.28 8.21 -1.23
CA GLU B 3 -17.05 8.76 -0.68
C GLU B 3 -16.62 10.00 -1.45
N ASP B 5 -15.15 12.71 -4.09
CA ASP B 5 -15.43 12.81 -5.51
C ASP B 5 -14.20 12.43 -6.33
N ASP B 6 -13.10 13.17 -6.13
CA ASP B 6 -11.87 12.90 -6.86
C ASP B 6 -10.72 12.62 -5.89
N PRO B 7 -9.80 11.71 -6.27
CA PRO B 7 -8.65 11.34 -5.43
C PRO B 7 -7.54 12.38 -5.47
N PHE B 8 -6.34 11.98 -5.03
CA PHE B 8 -5.19 12.88 -5.02
C PHE B 8 -5.35 13.94 -3.93
N MET A 1 -13.42 -1.45 -7.14
CA MET A 1 -14.12 -1.12 -5.88
C MET A 1 -13.39 -0.03 -5.10
N ASN A 2 -12.09 0.11 -5.35
CA ASN A 2 -11.29 1.11 -4.67
C ASN A 2 -11.04 2.31 -5.57
N LEU A 3 -10.19 2.13 -6.57
CA LEU A 3 -9.86 3.18 -7.52
C LEU A 3 -9.19 2.60 -8.75
N SER A 4 -7.92 2.21 -8.59
CA SER A 4 -7.14 1.63 -9.67
C SER A 4 -5.68 1.51 -9.24
N LEU A 5 -4.79 1.18 -10.17
CA LEU A 5 -3.38 1.05 -9.86
C LEU A 5 -2.63 2.32 -10.15
N SER A 6 -2.61 2.68 -11.41
CA SER A 6 -1.90 3.85 -11.85
C SER A 6 -2.40 5.12 -11.17
N ASP A 7 -3.71 5.30 -11.14
CA ASP A 7 -4.30 6.48 -10.52
C ASP A 7 -4.04 6.46 -9.03
N LEU A 8 -4.43 5.38 -8.39
CA LEU A 8 -4.22 5.20 -6.96
C LEU A 8 -2.76 5.37 -6.62
N HIS A 9 -1.90 4.74 -7.42
CA HIS A 9 -0.46 4.82 -7.24
C HIS A 9 -0.02 6.27 -7.21
N ARG A 10 -0.53 7.04 -8.16
CA ARG A 10 -0.19 8.46 -8.24
C ARG A 10 -0.58 9.18 -6.96
N GLN A 11 -1.83 9.03 -6.55
CA GLN A 11 -2.33 9.65 -5.33
C GLN A 11 -1.50 9.23 -4.12
N VAL A 12 -1.44 7.92 -3.91
CA VAL A 12 -0.68 7.35 -2.79
C VAL A 12 0.79 7.73 -2.85
N SER A 13 1.39 7.61 -4.04
CA SER A 13 2.79 7.93 -4.25
C SER A 13 3.13 9.36 -3.83
N ARG A 14 2.53 10.32 -4.51
CA ARG A 14 2.77 11.72 -4.21
C ARG A 14 2.39 12.05 -2.79
N LEU A 15 1.37 11.38 -2.28
CA LEU A 15 0.90 11.62 -0.93
C LEU A 15 1.99 11.36 0.10
N VAL A 16 2.41 10.11 0.21
CA VAL A 16 3.44 9.73 1.17
C VAL A 16 4.76 10.37 0.82
N GLN A 17 4.95 10.70 -0.45
CA GLN A 17 6.20 11.30 -0.90
C GLN A 17 6.14 12.82 -0.93
N GLN A 18 4.97 13.40 -0.65
CA GLN A 18 4.85 14.86 -0.66
C GLN A 18 3.96 15.37 0.48
N GLU A 19 3.83 14.60 1.55
CA GLU A 19 3.00 15.02 2.67
C GLU A 19 3.02 14.02 3.83
N SER A 20 2.40 12.85 3.61
CA SER A 20 2.34 11.82 4.65
C SER A 20 3.69 11.59 5.31
N GLY A 21 4.71 11.35 4.51
CA GLY A 21 6.04 11.10 5.04
C GLY A 21 6.21 9.68 5.53
N ASP A 22 5.61 8.75 4.81
CA ASP A 22 5.67 7.32 5.16
C ASP A 22 4.69 7.00 6.29
N CYS A 23 3.68 7.86 6.45
CA CYS A 23 2.66 7.68 7.50
C CYS A 23 1.67 6.59 7.10
N THR A 24 0.44 6.68 7.60
CA THR A 24 -0.57 5.68 7.27
C THR A 24 -1.54 6.23 6.24
N GLY A 25 -2.33 5.36 5.63
CA GLY A 25 -3.26 5.80 4.62
C GLY A 25 -4.68 5.34 4.84
N LYS A 26 -5.60 6.09 4.27
CA LYS A 26 -7.03 5.79 4.38
C LYS A 26 -7.64 5.69 3.00
N LEU A 27 -8.28 4.56 2.69
CA LEU A 27 -8.89 4.36 1.39
C LEU A 27 -10.41 4.28 1.48
N ARG A 28 -11.07 4.82 0.47
CA ARG A 28 -12.52 4.83 0.37
C ARG A 28 -12.93 5.74 -0.78
N GLY A 29 -12.37 5.45 -1.95
CA GLY A 29 -12.62 6.26 -3.12
C GLY A 29 -11.38 7.05 -3.50
N ASN A 30 -10.49 7.20 -2.51
CA ASN A 30 -9.23 7.91 -2.67
C ASN A 30 -8.33 7.59 -1.49
N VAL A 31 -7.06 7.90 -1.59
CA VAL A 31 -6.14 7.64 -0.49
C VAL A 31 -5.75 8.93 0.22
N ALA A 32 -5.82 8.90 1.54
CA ALA A 32 -5.48 10.04 2.38
C ALA A 32 -4.38 9.65 3.35
N ALA A 33 -3.76 10.63 4.00
CA ALA A 33 -2.67 10.34 4.93
C ALA A 33 -3.11 10.43 6.38
N ASN A 34 -2.63 9.47 7.17
CA ASN A 34 -2.95 9.38 8.59
C ASN A 34 -1.70 9.59 9.43
N LYS A 35 -1.75 10.58 10.32
CA LYS A 35 -0.61 10.88 11.19
C LYS A 35 -1.07 11.11 12.63
N GLU A 36 -2.24 10.60 12.98
CA GLU A 36 -2.79 10.76 14.31
C GLU A 36 -2.99 9.41 15.01
N THR A 37 -3.15 8.35 14.21
CA THR A 37 -3.35 7.01 14.75
C THR A 37 -2.23 6.08 14.34
N THR A 38 -2.29 4.85 14.83
CA THR A 38 -1.28 3.84 14.51
C THR A 38 -1.95 2.57 14.01
N PHE A 39 -1.70 2.23 12.75
CA PHE A 39 -2.29 1.04 12.16
C PHE A 39 -1.72 -0.25 12.78
N GLN A 40 -0.58 -0.73 12.28
CA GLN A 40 0.07 -1.95 12.77
C GLN A 40 -0.78 -3.21 12.56
N GLY A 41 -1.18 -3.43 11.32
CA GLY A 41 -1.98 -4.61 10.97
C GLY A 41 -3.40 -4.53 11.52
N LEU A 42 -3.52 -4.26 12.84
CA LEU A 42 -4.79 -4.14 13.56
C LEU A 42 -6.03 -4.45 12.69
N THR A 43 -6.85 -5.38 13.18
CA THR A 43 -8.06 -5.80 12.47
C THR A 43 -9.28 -4.97 12.89
N ILE A 44 -9.20 -3.66 12.75
CA ILE A 44 -10.30 -2.77 13.10
C ILE A 44 -10.87 -3.03 14.50
N ALA A 45 -10.21 -3.87 15.28
CA ALA A 45 -10.70 -4.21 16.62
C ALA A 45 -9.98 -3.44 17.72
N SER A 46 -8.67 -3.57 17.75
CA SER A 46 -7.85 -2.90 18.78
C SER A 46 -8.11 -1.39 18.81
N GLY A 47 -8.52 -0.84 17.67
CA GLY A 47 -8.79 0.58 17.61
C GLY A 47 -8.32 1.22 16.30
N ALA A 48 -8.50 0.50 15.20
CA ALA A 48 -8.10 1.01 13.90
C ALA A 48 -9.28 1.68 13.20
N ARG A 49 -9.13 1.95 11.92
CA ARG A 49 -10.18 2.59 11.14
C ARG A 49 -10.47 1.80 9.88
N GLU A 50 -11.73 1.80 9.46
CA GLU A 50 -12.13 1.09 8.24
C GLU A 50 -11.26 1.49 7.06
N SER A 51 -10.67 2.69 7.16
CA SER A 51 -9.82 3.23 6.11
C SER A 51 -8.58 2.37 5.86
N GLU A 52 -7.70 2.29 6.86
CA GLU A 52 -6.47 1.51 6.73
C GLU A 52 -6.76 0.07 6.29
N LYS A 53 -7.68 -0.59 6.97
CA LYS A 53 -8.02 -1.98 6.65
C LYS A 53 -8.44 -2.13 5.19
N VAL A 54 -9.47 -1.38 4.75
CA VAL A 54 -9.90 -1.47 3.37
C VAL A 54 -8.74 -1.21 2.42
N PHE A 55 -7.98 -0.15 2.70
CA PHE A 55 -6.82 0.19 1.89
C PHE A 55 -5.95 -1.03 1.68
N ALA A 56 -5.78 -1.81 2.76
CA ALA A 56 -4.99 -3.03 2.69
C ALA A 56 -5.67 -4.04 1.76
N GLN A 57 -6.97 -4.18 1.91
CA GLN A 57 -7.74 -5.10 1.08
C GLN A 57 -7.55 -4.80 -0.41
N THR A 58 -7.68 -3.52 -0.76
CA THR A 58 -7.54 -3.09 -2.15
C THR A 58 -6.13 -3.35 -2.66
N VAL A 59 -5.17 -2.66 -2.06
CA VAL A 59 -3.77 -2.80 -2.47
C VAL A 59 -3.39 -4.28 -2.62
N LEU A 60 -3.67 -5.07 -1.59
CA LEU A 60 -3.37 -6.50 -1.63
C LEU A 60 -4.03 -7.15 -2.85
N SER A 61 -5.32 -6.89 -3.04
CA SER A 61 -6.06 -7.46 -4.16
C SER A 61 -5.39 -7.12 -5.49
N HIS A 62 -5.27 -5.83 -5.79
CA HIS A 62 -4.64 -5.39 -7.04
C HIS A 62 -3.30 -6.08 -7.22
N VAL A 63 -2.59 -6.27 -6.11
CA VAL A 63 -1.30 -6.94 -6.13
C VAL A 63 -1.48 -8.45 -6.30
N ALA A 64 -1.77 -9.13 -5.19
CA ALA A 64 -2.01 -10.59 -5.21
C ALA A 64 -0.71 -11.39 -5.44
N ASN A 65 0.39 -10.69 -5.72
CA ASN A 65 1.70 -11.30 -5.98
C ASN A 65 2.53 -10.39 -6.87
N VAL A 66 2.01 -10.14 -8.08
CA VAL A 66 2.65 -9.27 -9.05
C VAL A 66 4.16 -9.51 -9.17
N VAL A 67 5.00 -8.66 -8.55
CA VAL A 67 6.45 -8.82 -8.63
C VAL A 67 7.13 -7.58 -8.12
N LEU A 68 7.72 -7.70 -6.95
CA LEU A 68 8.38 -6.57 -6.32
C LEU A 68 9.89 -6.72 -6.28
N THR A 69 10.58 -5.86 -7.04
CA THR A 69 12.04 -5.88 -7.10
C THR A 69 12.63 -5.10 -5.92
N GLN A 70 13.96 -5.07 -5.86
CA GLN A 70 14.67 -4.37 -4.78
C GLN A 70 14.00 -3.03 -4.46
N GLU A 71 13.40 -2.41 -5.46
CA GLU A 71 12.72 -1.13 -5.27
C GLU A 71 11.48 -1.30 -4.42
N ASP A 72 10.57 -2.16 -4.89
CA ASP A 72 9.34 -2.42 -4.18
C ASP A 72 9.62 -3.20 -2.89
N THR A 73 10.54 -4.15 -2.96
CA THR A 73 10.91 -4.95 -1.78
C THR A 73 11.47 -4.03 -0.71
N ALA A 74 12.29 -3.07 -1.13
CA ALA A 74 12.86 -2.09 -0.23
C ALA A 74 11.75 -1.16 0.21
N LYS A 75 10.80 -0.97 -0.70
CA LYS A 75 9.64 -0.15 -0.46
C LYS A 75 8.93 -0.65 0.81
N LEU A 76 8.67 -1.95 0.87
CA LEU A 76 8.02 -2.55 2.02
C LEU A 76 8.92 -2.49 3.24
N LEU A 77 10.13 -3.04 3.12
CA LEU A 77 11.08 -3.02 4.24
C LEU A 77 11.30 -1.59 4.72
N GLN A 78 11.10 -0.62 3.83
CA GLN A 78 11.27 0.79 4.17
C GLN A 78 10.11 1.25 5.04
N SER A 79 8.89 1.05 4.55
CA SER A 79 7.71 1.44 5.29
C SER A 79 7.73 0.85 6.70
N THR A 80 8.26 -0.36 6.82
CA THR A 80 8.33 -1.04 8.11
C THR A 80 9.49 -0.51 8.96
N VAL A 81 10.72 -0.69 8.47
CA VAL A 81 11.89 -0.24 9.20
C VAL A 81 11.77 1.22 9.65
N LYS A 82 11.14 2.04 8.81
CA LYS A 82 10.97 3.45 9.12
C LYS A 82 10.39 3.64 10.52
N HIS A 83 9.12 3.27 10.69
CA HIS A 83 8.46 3.40 11.98
C HIS A 83 7.09 2.74 11.96
N ASN A 84 7.03 1.53 11.41
CA ASN A 84 5.79 0.78 11.33
C ASN A 84 6.00 -0.68 11.68
N LEU A 85 4.91 -1.42 11.85
CA LEU A 85 4.98 -2.83 12.20
C LEU A 85 5.06 -3.70 10.94
N ASN A 86 5.27 -5.00 11.12
CA ASN A 86 5.36 -5.92 9.99
C ASN A 86 4.07 -5.90 9.18
N ASN A 87 3.11 -6.75 9.54
CA ASN A 87 1.83 -6.82 8.84
C ASN A 87 1.96 -7.48 7.46
N TYR A 88 3.00 -7.12 6.72
CA TYR A 88 3.19 -7.65 5.39
C TYR A 88 4.15 -8.85 5.37
N ASP A 89 4.06 -9.64 4.31
CA ASP A 89 4.92 -10.78 4.12
C ASP A 89 5.48 -10.72 2.70
N LEU A 90 6.73 -11.08 2.54
CA LEU A 90 7.38 -11.00 1.23
C LEU A 90 8.18 -12.24 0.87
N ARG A 91 8.35 -12.45 -0.45
CA ARG A 91 9.12 -13.57 -0.98
C ARG A 91 9.94 -13.09 -2.18
N SER A 92 11.09 -13.71 -2.43
CA SER A 92 11.94 -13.29 -3.54
C SER A 92 11.87 -14.25 -4.72
N VAL A 93 12.26 -13.70 -5.87
CA VAL A 93 12.27 -14.41 -7.12
C VAL A 93 12.41 -13.39 -8.24
N GLY A 94 13.00 -13.82 -9.31
CA GLY A 94 13.19 -12.92 -10.43
C GLY A 94 14.56 -12.28 -10.47
N ASN A 95 15.57 -12.99 -9.96
CA ASN A 95 16.92 -12.46 -9.93
C ASN A 95 16.90 -10.98 -9.52
N GLY A 96 15.89 -10.64 -8.72
CA GLY A 96 15.74 -9.28 -8.26
C GLY A 96 14.29 -8.83 -8.22
N ASN A 97 13.35 -9.79 -8.12
CA ASN A 97 11.95 -9.47 -8.02
C ASN A 97 11.42 -10.21 -6.82
N SER A 98 10.23 -9.89 -6.39
CA SER A 98 9.70 -10.54 -5.23
C SER A 98 8.19 -10.68 -5.30
N VAL A 99 7.66 -11.61 -4.53
CA VAL A 99 6.23 -11.84 -4.51
C VAL A 99 5.67 -11.21 -3.25
N LEU A 100 4.50 -10.60 -3.36
CA LEU A 100 3.90 -9.94 -2.22
C LEU A 100 2.78 -10.72 -1.61
N VAL A 101 3.05 -11.21 -0.42
CA VAL A 101 2.06 -11.90 0.36
C VAL A 101 2.03 -11.14 1.66
N SER A 102 1.03 -10.34 1.85
CA SER A 102 0.98 -9.52 3.04
C SER A 102 -0.39 -9.43 3.62
N LEU A 103 -0.45 -9.42 4.94
CA LEU A 103 -1.68 -9.29 5.67
C LEU A 103 -1.65 -10.04 6.98
N ARG A 104 -1.01 -9.44 7.95
CA ARG A 104 -0.91 -9.99 9.28
C ARG A 104 -1.98 -9.32 10.15
N SER A 105 -3.05 -8.90 9.46
CA SER A 105 -4.21 -8.20 10.01
C SER A 105 -4.75 -7.29 8.91
N ASP A 106 -5.83 -6.54 9.17
CA ASP A 106 -6.37 -5.68 8.13
C ASP A 106 -6.02 -4.21 8.37
N GLN A 107 -5.02 -3.74 7.64
CA GLN A 107 -4.58 -2.35 7.73
C GLN A 107 -3.60 -2.03 6.60
N MET A 108 -3.35 -0.75 6.36
CA MET A 108 -2.41 -0.35 5.32
C MET A 108 -2.00 1.11 5.45
N THR A 109 -0.74 1.37 5.17
CA THR A 109 -0.18 2.73 5.22
C THR A 109 0.00 3.26 3.81
N LEU A 110 0.09 4.58 3.67
CA LEU A 110 0.28 5.20 2.36
C LEU A 110 1.38 4.47 1.60
N GLN A 111 2.56 4.40 2.22
CA GLN A 111 3.70 3.74 1.60
C GLN A 111 3.37 2.32 1.14
N ASP A 112 3.10 1.44 2.09
CA ASP A 112 2.77 0.06 1.77
C ASP A 112 1.77 -0.01 0.62
N ALA A 113 0.84 0.92 0.60
CA ALA A 113 -0.15 0.97 -0.45
C ALA A 113 0.53 1.21 -1.80
N LYS A 114 1.48 2.14 -1.82
CA LYS A 114 2.18 2.47 -3.06
C LYS A 114 3.27 1.45 -3.37
N VAL A 115 3.73 0.72 -2.36
CA VAL A 115 4.76 -0.28 -2.59
C VAL A 115 4.16 -1.43 -3.37
N LEU A 116 3.02 -1.88 -2.89
CA LEU A 116 2.32 -2.95 -3.52
C LEU A 116 1.70 -2.48 -4.83
N LEU A 117 1.23 -1.24 -4.86
CA LEU A 117 0.65 -0.70 -6.09
C LEU A 117 1.73 -0.35 -7.08
N GLU A 118 2.94 -0.17 -6.59
CA GLU A 118 4.05 0.12 -7.46
C GLU A 118 4.35 -1.16 -8.21
N ALA A 119 4.48 -2.24 -7.45
CA ALA A 119 4.71 -3.53 -8.06
C ALA A 119 3.44 -4.01 -8.75
N ALA A 120 2.30 -3.66 -8.15
CA ALA A 120 1.02 -4.05 -8.71
C ALA A 120 0.86 -3.46 -10.09
N LEU A 121 0.82 -2.13 -10.16
CA LEU A 121 0.68 -1.45 -11.42
C LEU A 121 1.85 -1.83 -12.34
N ARG A 122 3.00 -2.10 -11.72
CA ARG A 122 4.22 -2.47 -12.44
C ARG A 122 4.02 -3.75 -13.27
N GLN A 123 3.79 -4.87 -12.58
CA GLN A 123 3.64 -6.15 -13.27
C GLN A 123 2.20 -6.42 -13.73
N GLU A 124 1.25 -5.55 -13.40
CA GLU A 124 -0.13 -5.78 -13.82
C GLU A 124 -0.44 -5.07 -15.13
N SER A 125 -0.45 -3.75 -15.08
CA SER A 125 -0.75 -2.95 -16.26
C SER A 125 0.53 -2.47 -16.94
N GLY A 126 1.52 -2.11 -16.13
CA GLY A 126 2.77 -1.60 -16.66
C GLY A 126 2.68 -0.13 -16.94
N ALA A 127 2.58 0.66 -15.87
CA ALA A 127 2.43 2.09 -16.01
C ALA A 127 1.33 2.38 -17.00
N ARG A 128 0.39 1.42 -17.08
CA ARG A 128 -0.71 1.52 -18.01
C ARG A 128 -1.95 2.09 -17.33
N GLY A 129 -2.41 1.42 -16.29
CA GLY A 129 -3.59 1.88 -15.58
C GLY A 129 -4.87 1.30 -16.13
N SER A 130 -5.35 1.87 -17.24
CA SER A 130 -6.58 1.40 -17.87
C SER A 130 -7.77 1.54 -16.92
N ASP B 2 -17.68 11.23 -0.06
CA ASP B 2 -17.95 9.81 -0.25
C ASP B 2 -16.76 9.12 -0.92
N GLU B 3 -16.37 9.62 -2.09
CA GLU B 3 -15.24 9.05 -2.82
C GLU B 3 -14.10 10.07 -2.97
N ASP B 5 -13.95 13.17 -4.83
CA ASP B 5 -13.76 13.54 -6.24
C ASP B 5 -13.14 12.39 -7.06
N ASP B 6 -11.84 12.48 -7.35
CA ASP B 6 -11.18 11.47 -8.16
C ASP B 6 -9.81 11.10 -7.57
N PRO B 7 -9.13 10.08 -8.15
CA PRO B 7 -7.82 9.64 -7.67
C PRO B 7 -6.71 10.67 -7.88
N PHE B 8 -6.88 11.86 -7.30
CA PHE B 8 -5.87 12.91 -7.42
C PHE B 8 -5.73 13.38 -8.87
N MET A 1 -14.31 -2.11 -7.53
CA MET A 1 -13.31 -2.33 -6.46
C MET A 1 -12.34 -1.16 -6.36
N ASN A 2 -12.48 -0.36 -5.29
CA ASN A 2 -11.62 0.80 -5.07
C ASN A 2 -11.42 1.60 -6.36
N LEU A 3 -10.40 2.46 -6.36
CA LEU A 3 -10.10 3.28 -7.53
C LEU A 3 -9.47 2.42 -8.63
N SER A 4 -8.22 2.03 -8.39
CA SER A 4 -7.45 1.23 -9.33
C SER A 4 -5.99 1.21 -8.90
N LEU A 5 -5.09 0.90 -9.82
CA LEU A 5 -3.67 0.88 -9.51
C LEU A 5 -3.00 2.20 -9.87
N SER A 6 -3.05 2.55 -11.15
CA SER A 6 -2.44 3.77 -11.65
C SER A 6 -2.91 5.00 -10.90
N ASP A 7 -4.21 5.11 -10.67
CA ASP A 7 -4.77 6.26 -9.95
C ASP A 7 -4.43 6.18 -8.48
N LEU A 8 -4.92 5.14 -7.82
CA LEU A 8 -4.66 4.92 -6.41
C LEU A 8 -3.18 5.15 -6.10
N HIS A 9 -2.32 4.58 -6.94
CA HIS A 9 -0.89 4.74 -6.80
C HIS A 9 -0.51 6.20 -6.94
N ARG A 10 -1.04 6.81 -7.99
CA ARG A 10 -0.78 8.22 -8.27
C ARG A 10 -0.98 9.09 -7.04
N GLN A 11 -2.17 9.01 -6.42
CA GLN A 11 -2.45 9.83 -5.24
C GLN A 11 -1.60 9.41 -4.04
N VAL A 12 -1.65 8.12 -3.67
CA VAL A 12 -0.88 7.63 -2.52
C VAL A 12 0.61 7.92 -2.69
N SER A 13 1.12 7.63 -3.88
CA SER A 13 2.53 7.86 -4.20
C SER A 13 2.88 9.33 -4.03
N ARG A 14 2.18 10.19 -4.76
CA ARG A 14 2.45 11.62 -4.70
C ARG A 14 2.27 12.13 -3.27
N LEU A 15 1.45 11.43 -2.50
CA LEU A 15 1.20 11.82 -1.13
C LEU A 15 2.43 11.65 -0.26
N VAL A 16 2.87 10.41 -0.07
CA VAL A 16 4.05 10.16 0.75
C VAL A 16 5.32 10.59 0.05
N GLN A 17 5.28 10.62 -1.27
CA GLN A 17 6.44 11.03 -2.05
C GLN A 17 6.60 12.55 -2.01
N GLN A 18 5.49 13.25 -1.74
CA GLN A 18 5.53 14.71 -1.67
C GLN A 18 4.42 15.25 -0.77
N GLU A 19 4.39 14.82 0.49
CA GLU A 19 3.37 15.28 1.42
C GLU A 19 3.47 14.57 2.78
N SER A 20 3.29 13.25 2.77
CA SER A 20 3.35 12.48 4.01
C SER A 20 4.78 12.08 4.39
N GLY A 21 5.30 11.07 3.71
CA GLY A 21 6.64 10.59 3.99
C GLY A 21 6.63 9.15 4.45
N ASP A 22 5.60 8.79 5.22
CA ASP A 22 5.46 7.44 5.75
C ASP A 22 4.16 7.27 6.55
N CYS A 23 3.34 8.32 6.56
CA CYS A 23 2.06 8.33 7.28
C CYS A 23 1.20 7.12 6.90
N THR A 24 -0.08 7.16 7.25
CA THR A 24 -0.98 6.05 6.94
C THR A 24 -1.88 6.44 5.77
N GLY A 25 -2.52 5.44 5.17
CA GLY A 25 -3.38 5.70 4.02
C GLY A 25 -4.86 5.54 4.32
N LYS A 26 -5.65 6.48 3.84
CA LYS A 26 -7.10 6.46 4.02
C LYS A 26 -7.77 6.06 2.71
N LEU A 27 -8.45 4.93 2.69
CA LEU A 27 -9.11 4.45 1.47
C LEU A 27 -10.61 4.67 1.52
N ARG A 28 -11.19 4.95 0.34
CA ARG A 28 -12.62 5.19 0.17
C ARG A 28 -12.84 6.07 -1.06
N GLY A 29 -12.50 5.53 -2.23
CA GLY A 29 -12.63 6.28 -3.47
C GLY A 29 -11.36 7.07 -3.78
N ASN A 30 -10.48 7.16 -2.80
CA ASN A 30 -9.22 7.88 -2.93
C ASN A 30 -8.31 7.50 -1.77
N VAL A 31 -7.03 7.81 -1.87
CA VAL A 31 -6.11 7.53 -0.79
C VAL A 31 -5.65 8.82 -0.14
N ALA A 32 -5.91 8.94 1.16
CA ALA A 32 -5.55 10.13 1.92
C ALA A 32 -4.33 9.87 2.78
N ALA A 33 -3.75 10.94 3.30
CA ALA A 33 -2.55 10.82 4.12
C ALA A 33 -2.87 10.98 5.60
N ASN A 34 -2.86 9.86 6.30
CA ASN A 34 -3.12 9.82 7.74
C ASN A 34 -1.91 10.33 8.51
N LYS A 35 -1.83 11.64 8.69
CA LYS A 35 -0.71 12.26 9.40
C LYS A 35 -1.07 12.51 10.85
N GLU A 36 -1.10 11.44 11.63
CA GLU A 36 -1.43 11.54 13.06
C GLU A 36 -1.38 10.16 13.70
N THR A 37 -1.83 9.16 12.95
CA THR A 37 -1.84 7.77 13.44
C THR A 37 -0.66 7.00 12.90
N THR A 38 -0.72 5.68 13.04
CA THR A 38 0.36 4.80 12.56
C THR A 38 -0.10 3.35 12.62
N PHE A 39 -0.46 2.82 11.47
CA PHE A 39 -0.97 1.45 11.40
C PHE A 39 -0.05 0.52 10.61
N GLN A 40 0.00 -0.72 11.07
CA GLN A 40 0.81 -1.76 10.45
C GLN A 40 0.22 -3.14 10.75
N GLY A 41 -0.98 -3.36 10.21
CA GLY A 41 -1.67 -4.62 10.41
C GLY A 41 -2.34 -4.72 11.77
N LEU A 42 -3.66 -4.61 11.78
CA LEU A 42 -4.45 -4.72 13.01
C LEU A 42 -5.89 -5.17 12.68
N THR A 43 -6.89 -4.53 13.28
CA THR A 43 -8.28 -4.92 13.03
C THR A 43 -9.25 -3.92 13.63
N ILE A 44 -8.89 -2.64 13.62
CA ILE A 44 -9.75 -1.60 14.17
C ILE A 44 -9.97 -1.77 15.67
N ALA A 45 -9.32 -2.77 16.28
CA ALA A 45 -9.46 -3.03 17.70
C ALA A 45 -8.43 -2.22 18.49
N SER A 46 -7.16 -2.42 18.17
CA SER A 46 -6.08 -1.71 18.84
C SER A 46 -6.24 -0.20 18.66
N GLY A 47 -6.96 0.20 17.61
CA GLY A 47 -7.17 1.62 17.35
C GLY A 47 -6.98 1.95 15.89
N ALA A 48 -7.58 1.15 15.00
CA ALA A 48 -7.47 1.38 13.58
C ALA A 48 -8.73 2.01 13.01
N ARG A 49 -8.81 2.05 11.69
CA ARG A 49 -9.97 2.61 11.00
C ARG A 49 -10.24 1.84 9.71
N GLU A 50 -11.52 1.64 9.40
CA GLU A 50 -11.91 0.90 8.20
C GLU A 50 -11.08 1.33 6.97
N SER A 51 -10.64 2.57 6.98
CA SER A 51 -9.86 3.11 5.88
C SER A 51 -8.60 2.28 5.63
N GLU A 52 -7.69 2.27 6.59
CA GLU A 52 -6.44 1.53 6.45
C GLU A 52 -6.69 0.05 6.10
N LYS A 53 -7.34 -0.68 7.00
CA LYS A 53 -7.62 -2.10 6.75
C LYS A 53 -8.15 -2.33 5.34
N VAL A 54 -9.18 -1.58 4.95
CA VAL A 54 -9.74 -1.70 3.61
C VAL A 54 -8.67 -1.44 2.57
N PHE A 55 -7.76 -0.51 2.90
CA PHE A 55 -6.67 -0.17 2.01
C PHE A 55 -5.77 -1.38 1.81
N ALA A 56 -5.44 -2.05 2.92
CA ALA A 56 -4.59 -3.23 2.86
C ALA A 56 -5.21 -4.30 1.96
N GLN A 57 -6.50 -4.53 2.15
CA GLN A 57 -7.21 -5.52 1.34
C GLN A 57 -7.21 -5.10 -0.13
N THR A 58 -7.50 -3.82 -0.37
CA THR A 58 -7.54 -3.29 -1.72
C THR A 58 -6.18 -3.45 -2.40
N VAL A 59 -5.15 -2.87 -1.80
CA VAL A 59 -3.81 -2.96 -2.35
C VAL A 59 -3.37 -4.41 -2.50
N LEU A 60 -3.55 -5.19 -1.43
CA LEU A 60 -3.17 -6.60 -1.46
C LEU A 60 -3.85 -7.31 -2.62
N SER A 61 -5.07 -6.89 -2.94
CA SER A 61 -5.84 -7.49 -4.02
C SER A 61 -5.27 -7.12 -5.40
N HIS A 62 -5.06 -5.82 -5.65
CA HIS A 62 -4.54 -5.38 -6.92
C HIS A 62 -3.11 -5.86 -7.13
N VAL A 63 -2.41 -6.10 -6.01
CA VAL A 63 -1.04 -6.59 -6.06
C VAL A 63 -1.01 -8.09 -5.86
N ALA A 64 -2.06 -8.78 -6.31
CA ALA A 64 -2.14 -10.22 -6.16
C ALA A 64 -1.11 -10.94 -7.04
N ASN A 65 0.18 -10.67 -6.78
CA ASN A 65 1.30 -11.28 -7.53
C ASN A 65 2.44 -10.29 -7.75
N VAL A 66 2.21 -9.33 -8.65
CA VAL A 66 3.21 -8.31 -8.98
C VAL A 66 4.63 -8.90 -9.05
N VAL A 67 5.64 -8.12 -8.66
CA VAL A 67 7.02 -8.59 -8.70
C VAL A 67 7.93 -7.82 -7.77
N LEU A 68 7.53 -6.59 -7.47
CA LEU A 68 8.28 -5.71 -6.57
C LEU A 68 9.80 -5.85 -6.72
N THR A 69 10.39 -5.02 -7.57
CA THR A 69 11.83 -5.05 -7.77
C THR A 69 12.53 -4.66 -6.48
N GLN A 70 13.87 -4.69 -6.49
CA GLN A 70 14.65 -4.33 -5.31
C GLN A 70 14.10 -3.09 -4.62
N GLU A 71 13.53 -2.18 -5.40
CA GLU A 71 12.95 -0.95 -4.86
C GLU A 71 11.75 -1.28 -3.99
N ASP A 72 10.70 -1.84 -4.60
CA ASP A 72 9.50 -2.20 -3.87
C ASP A 72 9.83 -3.21 -2.77
N THR A 73 10.80 -4.08 -3.03
CA THR A 73 11.22 -5.07 -2.03
C THR A 73 11.62 -4.35 -0.75
N ALA A 74 12.67 -3.54 -0.84
CA ALA A 74 13.12 -2.77 0.31
C ALA A 74 11.97 -1.90 0.82
N LYS A 75 11.08 -1.55 -0.11
CA LYS A 75 9.90 -0.75 0.20
C LYS A 75 9.06 -1.42 1.29
N LEU A 76 8.50 -2.60 0.98
CA LEU A 76 7.72 -3.34 1.97
C LEU A 76 8.56 -3.57 3.21
N LEU A 77 9.83 -3.86 2.97
CA LEU A 77 10.77 -4.11 4.06
C LEU A 77 10.80 -2.92 5.00
N GLN A 78 10.95 -1.74 4.44
CA GLN A 78 11.00 -0.52 5.23
C GLN A 78 9.71 -0.33 6.04
N SER A 79 8.59 -0.26 5.34
CA SER A 79 7.31 -0.05 6.01
C SER A 79 6.95 -1.24 6.91
N THR A 80 6.79 -2.42 6.29
CA THR A 80 6.44 -3.63 7.03
C THR A 80 7.33 -3.83 8.25
N VAL A 81 8.63 -3.63 8.09
CA VAL A 81 9.57 -3.80 9.20
C VAL A 81 9.71 -2.51 10.02
N LYS A 82 9.21 -1.40 9.48
CA LYS A 82 9.29 -0.11 10.15
C LYS A 82 9.09 -0.25 11.66
N HIS A 83 9.64 0.70 12.41
CA HIS A 83 9.54 0.68 13.86
C HIS A 83 8.08 0.69 14.32
N ASN A 84 7.51 -0.49 14.49
CA ASN A 84 6.12 -0.61 14.92
C ASN A 84 5.71 -2.08 15.04
N LEU A 85 5.45 -2.71 13.89
CA LEU A 85 5.05 -4.12 13.87
C LEU A 85 4.95 -4.63 12.44
N ASN A 86 4.73 -5.94 12.30
CA ASN A 86 4.63 -6.56 10.98
C ASN A 86 3.17 -6.59 10.52
N ASN A 87 2.95 -7.10 9.31
CA ASN A 87 1.61 -7.20 8.75
C ASN A 87 1.66 -7.79 7.34
N TYR A 88 2.67 -7.40 6.58
CA TYR A 88 2.80 -7.88 5.22
C TYR A 88 3.92 -8.90 5.09
N ASP A 89 3.69 -9.90 4.25
CA ASP A 89 4.64 -10.96 4.02
C ASP A 89 5.19 -10.83 2.59
N LEU A 90 6.41 -11.26 2.38
CA LEU A 90 7.02 -11.13 1.06
C LEU A 90 7.82 -12.35 0.63
N ARG A 91 7.96 -12.48 -0.69
CA ARG A 91 8.72 -13.57 -1.30
C ARG A 91 9.73 -12.96 -2.28
N SER A 92 10.89 -13.60 -2.47
CA SER A 92 11.91 -13.06 -3.37
C SER A 92 11.97 -13.77 -4.71
N VAL A 93 12.44 -13.01 -5.69
CA VAL A 93 12.59 -13.45 -7.05
C VAL A 93 12.86 -12.22 -7.89
N GLY A 94 13.46 -12.43 -9.03
CA GLY A 94 13.77 -11.32 -9.90
C GLY A 94 15.11 -10.70 -9.60
N ASN A 95 16.09 -11.53 -9.22
CA ASN A 95 17.42 -11.05 -8.87
C ASN A 95 17.33 -10.29 -7.55
N GLY A 96 16.46 -9.29 -7.53
CA GLY A 96 16.24 -8.50 -6.34
C GLY A 96 14.79 -8.07 -6.23
N ASN A 97 13.87 -8.84 -6.83
CA ASN A 97 12.46 -8.50 -6.77
C ASN A 97 11.75 -9.43 -5.79
N SER A 98 10.53 -9.08 -5.41
CA SER A 98 9.78 -9.92 -4.49
C SER A 98 8.29 -9.87 -4.78
N VAL A 99 7.60 -10.86 -4.26
CA VAL A 99 6.16 -10.94 -4.44
C VAL A 99 5.47 -10.51 -3.17
N LEU A 100 4.23 -10.05 -3.28
CA LEU A 100 3.52 -9.61 -2.10
C LEU A 100 2.50 -10.61 -1.63
N VAL A 101 2.83 -11.22 -0.52
CA VAL A 101 1.96 -12.16 0.15
C VAL A 101 1.78 -11.57 1.53
N SER A 102 0.64 -10.99 1.81
CA SER A 102 0.50 -10.30 3.08
C SER A 102 -0.88 -10.42 3.66
N LEU A 103 -0.93 -10.07 4.95
CA LEU A 103 -2.16 -10.02 5.72
C LEU A 103 -2.02 -10.70 7.07
N ARG A 104 -1.26 -10.06 7.94
CA ARG A 104 -1.07 -10.53 9.30
C ARG A 104 -2.03 -9.76 10.22
N SER A 105 -2.98 -9.07 9.57
CA SER A 105 -3.99 -8.24 10.19
C SER A 105 -4.52 -7.28 9.13
N ASP A 106 -5.57 -6.53 9.42
CA ASP A 106 -6.11 -5.62 8.41
C ASP A 106 -5.74 -4.16 8.69
N GLN A 107 -4.74 -3.67 7.97
CA GLN A 107 -4.29 -2.29 8.08
C GLN A 107 -3.32 -1.97 6.95
N MET A 108 -3.05 -0.69 6.72
CA MET A 108 -2.11 -0.30 5.68
C MET A 108 -1.68 1.15 5.82
N THR A 109 -0.39 1.39 5.63
CA THR A 109 0.17 2.74 5.70
C THR A 109 0.42 3.26 4.29
N LEU A 110 0.54 4.58 4.15
CA LEU A 110 0.78 5.17 2.84
C LEU A 110 1.90 4.44 2.10
N GLN A 111 3.07 4.36 2.75
CA GLN A 111 4.22 3.68 2.14
C GLN A 111 3.81 2.32 1.55
N ASP A 112 3.39 1.41 2.43
CA ASP A 112 2.96 0.08 2.00
C ASP A 112 2.04 0.16 0.80
N ALA A 113 0.98 0.95 0.95
CA ALA A 113 0.01 1.13 -0.12
C ALA A 113 0.71 1.34 -1.45
N LYS A 114 1.44 2.45 -1.57
CA LYS A 114 2.15 2.77 -2.80
C LYS A 114 3.25 1.76 -3.09
N VAL A 115 3.72 1.05 -2.07
CA VAL A 115 4.76 0.05 -2.26
C VAL A 115 4.27 -1.02 -3.23
N LEU A 116 3.25 -1.75 -2.80
CA LEU A 116 2.67 -2.80 -3.61
C LEU A 116 2.06 -2.20 -4.85
N LEU A 117 1.48 -1.01 -4.71
CA LEU A 117 0.87 -0.34 -5.85
C LEU A 117 1.92 0.15 -6.81
N GLU A 118 3.14 0.26 -6.33
CA GLU A 118 4.23 0.68 -7.18
C GLU A 118 4.57 -0.51 -8.06
N ALA A 119 4.69 -1.65 -7.39
CA ALA A 119 4.98 -2.88 -8.11
C ALA A 119 3.74 -3.42 -8.79
N ALA A 120 2.58 -2.96 -8.34
CA ALA A 120 1.34 -3.39 -8.92
C ALA A 120 1.06 -2.60 -10.18
N LEU A 121 1.11 -1.28 -10.06
CA LEU A 121 0.90 -0.43 -11.21
C LEU A 121 2.02 -0.70 -12.23
N ARG A 122 3.20 -1.07 -11.71
CA ARG A 122 4.36 -1.35 -12.54
C ARG A 122 4.22 -2.66 -13.32
N GLN A 123 3.98 -3.76 -12.61
CA GLN A 123 3.89 -5.07 -13.25
C GLN A 123 2.48 -5.48 -13.64
N GLU A 124 1.47 -5.01 -12.90
CA GLU A 124 0.09 -5.40 -13.21
C GLU A 124 -0.45 -4.67 -14.43
N SER A 125 -0.60 -3.36 -14.33
CA SER A 125 -1.12 -2.56 -15.41
C SER A 125 -0.01 -1.94 -16.26
N GLY A 126 0.94 -1.33 -15.59
CA GLY A 126 2.04 -0.67 -16.28
C GLY A 126 1.67 0.75 -16.62
N ALA A 127 1.61 1.60 -15.60
CA ALA A 127 1.22 2.98 -15.80
C ALA A 127 -0.09 2.99 -16.59
N ARG A 128 -0.86 1.92 -16.43
CA ARG A 128 -2.10 1.77 -17.14
C ARG A 128 -3.29 2.29 -16.32
N GLY A 129 -3.62 1.57 -15.24
CA GLY A 129 -4.73 1.97 -14.40
C GLY A 129 -5.84 0.95 -14.39
N SER A 130 -6.09 0.34 -15.54
CA SER A 130 -7.14 -0.66 -15.66
C SER A 130 -7.18 -1.26 -17.06
N ASP B 2 -16.73 7.76 -6.67
CA ASP B 2 -18.08 7.74 -6.12
C ASP B 2 -18.12 8.42 -4.76
N GLU B 3 -17.01 8.34 -4.02
CA GLU B 3 -16.92 8.94 -2.70
C GLU B 3 -15.70 9.84 -2.59
N ASP B 5 -15.34 13.14 -3.64
CA ASP B 5 -15.11 13.81 -4.91
C ASP B 5 -14.43 12.91 -5.93
N ASP B 6 -13.09 12.87 -5.90
CA ASP B 6 -12.33 12.06 -6.84
C ASP B 6 -10.95 11.73 -6.28
N PRO B 7 -10.24 10.76 -6.91
CA PRO B 7 -8.91 10.34 -6.49
C PRO B 7 -8.04 11.50 -6.01
N PHE B 8 -7.61 12.35 -6.95
CA PHE B 8 -6.79 13.50 -6.61
C PHE B 8 -6.52 14.35 -7.85
N MET A 1 -15.12 -0.89 -5.53
CA MET A 1 -14.82 -0.65 -4.09
C MET A 1 -13.78 0.46 -3.91
N ASN A 2 -12.66 0.34 -4.61
CA ASN A 2 -11.59 1.33 -4.52
C ASN A 2 -11.58 2.23 -5.75
N LEU A 3 -10.46 2.94 -5.93
CA LEU A 3 -10.30 3.85 -7.06
C LEU A 3 -9.65 3.13 -8.24
N SER A 4 -8.39 2.73 -8.08
CA SER A 4 -7.65 2.02 -9.13
C SER A 4 -6.20 1.85 -8.73
N LEU A 5 -5.36 1.42 -9.66
CA LEU A 5 -3.94 1.26 -9.37
C LEU A 5 -3.13 2.47 -9.82
N SER A 6 -3.09 2.71 -11.12
CA SER A 6 -2.33 3.83 -11.67
C SER A 6 -2.69 5.14 -10.97
N ASP A 7 -3.98 5.42 -10.84
CA ASP A 7 -4.43 6.65 -10.19
C ASP A 7 -4.09 6.60 -8.71
N LEU A 8 -4.37 5.46 -8.08
CA LEU A 8 -4.10 5.29 -6.67
C LEU A 8 -2.61 5.43 -6.40
N HIS A 9 -1.81 4.52 -6.95
CA HIS A 9 -0.37 4.57 -6.78
C HIS A 9 0.13 5.98 -7.00
N ARG A 10 -0.29 6.55 -8.12
CA ARG A 10 0.10 7.91 -8.48
C ARG A 10 -0.28 8.90 -7.38
N GLN A 11 -1.55 8.88 -6.94
CA GLN A 11 -1.98 9.80 -5.89
C GLN A 11 -1.38 9.44 -4.53
N VAL A 12 -1.54 8.19 -4.10
CA VAL A 12 -1.00 7.74 -2.81
C VAL A 12 0.50 7.99 -2.73
N SER A 13 1.23 7.57 -3.76
CA SER A 13 2.66 7.75 -3.78
C SER A 13 3.00 9.23 -3.83
N ARG A 14 2.28 9.98 -4.67
CA ARG A 14 2.52 11.40 -4.81
C ARG A 14 2.47 12.13 -3.46
N LEU A 15 1.49 11.82 -2.62
CA LEU A 15 1.40 12.49 -1.33
C LEU A 15 2.45 11.96 -0.37
N VAL A 16 2.51 10.65 -0.23
CA VAL A 16 3.44 10.01 0.69
C VAL A 16 4.89 10.04 0.19
N GLN A 17 5.13 10.52 -1.01
CA GLN A 17 6.49 10.58 -1.53
C GLN A 17 7.13 11.94 -1.25
N GLN A 18 6.35 12.86 -0.69
CA GLN A 18 6.86 14.19 -0.38
C GLN A 18 6.09 14.82 0.78
N GLU A 19 4.77 14.63 0.79
CA GLU A 19 3.92 15.18 1.85
C GLU A 19 3.80 14.20 3.02
N SER A 20 3.13 13.08 2.77
CA SER A 20 2.93 12.06 3.80
C SER A 20 4.25 11.37 4.14
N GLY A 21 5.13 11.24 3.16
CA GLY A 21 6.42 10.61 3.38
C GLY A 21 6.36 9.11 3.49
N ASP A 22 5.54 8.61 4.42
CA ASP A 22 5.42 7.17 4.64
C ASP A 22 4.36 6.84 5.70
N CYS A 23 3.62 7.86 6.13
CA CYS A 23 2.59 7.71 7.16
C CYS A 23 1.56 6.66 6.73
N THR A 24 0.33 6.77 7.23
CA THR A 24 -0.71 5.81 6.88
C THR A 24 -1.66 6.41 5.85
N GLY A 25 -2.28 5.56 5.05
CA GLY A 25 -3.19 6.04 4.03
C GLY A 25 -4.63 5.65 4.28
N LYS A 26 -5.49 6.65 4.30
CA LYS A 26 -6.92 6.42 4.49
C LYS A 26 -7.63 6.69 3.18
N LEU A 27 -8.45 5.75 2.70
CA LEU A 27 -9.11 5.97 1.43
C LEU A 27 -10.28 5.03 1.15
N ARG A 28 -11.05 5.43 0.15
CA ARG A 28 -12.19 4.68 -0.32
C ARG A 28 -12.26 4.80 -1.84
N GLY A 29 -12.12 6.03 -2.32
CA GLY A 29 -12.10 6.32 -3.74
C GLY A 29 -10.93 7.21 -4.10
N ASN A 30 -10.10 7.48 -3.10
CA ASN A 30 -8.91 8.31 -3.21
C ASN A 30 -8.09 8.09 -1.96
N VAL A 31 -6.79 8.35 -2.00
CA VAL A 31 -5.96 8.15 -0.81
C VAL A 31 -5.62 9.44 -0.09
N ALA A 32 -5.82 9.38 1.22
CA ALA A 32 -5.55 10.48 2.12
C ALA A 32 -4.40 10.10 3.04
N ALA A 33 -3.83 11.08 3.74
CA ALA A 33 -2.71 10.81 4.63
C ALA A 33 -3.15 10.80 6.10
N ASN A 34 -2.66 9.80 6.82
CA ASN A 34 -2.97 9.63 8.24
C ASN A 34 -1.72 9.78 9.09
N LYS A 35 -1.72 10.79 9.96
CA LYS A 35 -0.60 11.06 10.85
C LYS A 35 -1.06 11.04 12.30
N GLU A 36 -2.30 11.45 12.54
CA GLU A 36 -2.85 11.48 13.88
C GLU A 36 -2.87 10.08 14.49
N THR A 37 -3.48 9.14 13.78
CA THR A 37 -3.55 7.76 14.24
C THR A 37 -2.27 7.00 13.87
N THR A 38 -2.32 5.68 13.97
CA THR A 38 -1.15 4.87 13.64
C THR A 38 -1.56 3.46 13.22
N PHE A 39 -1.57 3.22 11.91
CA PHE A 39 -1.93 1.90 11.39
C PHE A 39 -0.73 1.25 10.71
N GLN A 40 -0.45 0.02 11.11
CA GLN A 40 0.65 -0.75 10.57
C GLN A 40 0.14 -2.00 9.88
N GLY A 41 -0.92 -2.58 10.45
CA GLY A 41 -1.51 -3.78 9.87
C GLY A 41 -2.57 -4.40 10.75
N LEU A 42 -2.64 -4.00 12.02
CA LEU A 42 -3.62 -4.53 12.97
C LEU A 42 -5.03 -4.61 12.34
N THR A 43 -5.96 -5.20 13.08
CA THR A 43 -7.33 -5.37 12.59
C THR A 43 -8.34 -4.48 13.32
N ILE A 44 -8.00 -3.20 13.48
CA ILE A 44 -8.89 -2.25 14.15
C ILE A 44 -9.21 -2.64 15.60
N ALA A 45 -8.75 -3.82 16.04
CA ALA A 45 -9.01 -4.27 17.40
C ALA A 45 -8.34 -3.34 18.40
N SER A 46 -7.01 -3.31 18.36
CA SER A 46 -6.23 -2.47 19.26
C SER A 46 -6.81 -1.06 19.32
N GLY A 47 -7.21 -0.53 18.17
CA GLY A 47 -7.79 0.80 18.13
C GLY A 47 -7.57 1.51 16.81
N ALA A 48 -7.63 0.78 15.70
CA ALA A 48 -7.43 1.37 14.38
C ALA A 48 -8.77 1.82 13.78
N ARG A 49 -8.73 2.22 12.51
CA ARG A 49 -9.92 2.69 11.81
C ARG A 49 -10.30 1.76 10.65
N GLU A 50 -11.19 2.24 9.78
CA GLU A 50 -11.66 1.45 8.64
C GLU A 50 -10.86 1.76 7.37
N SER A 51 -10.78 3.05 7.02
CA SER A 51 -10.05 3.48 5.82
C SER A 51 -8.76 2.69 5.64
N GLU A 52 -8.07 2.43 6.74
CA GLU A 52 -6.81 1.68 6.71
C GLU A 52 -7.04 0.25 6.23
N LYS A 53 -7.77 -0.54 7.01
CA LYS A 53 -8.05 -1.93 6.64
C LYS A 53 -8.49 -2.04 5.19
N VAL A 54 -9.54 -1.30 4.83
CA VAL A 54 -10.02 -1.31 3.46
C VAL A 54 -8.89 -0.98 2.51
N PHE A 55 -8.04 -0.03 2.90
CA PHE A 55 -6.88 0.34 2.09
C PHE A 55 -6.08 -0.91 1.74
N ALA A 56 -5.79 -1.71 2.76
CA ALA A 56 -5.03 -2.95 2.56
C ALA A 56 -5.77 -3.86 1.59
N GLN A 57 -7.08 -3.95 1.76
CA GLN A 57 -7.90 -4.79 0.88
C GLN A 57 -7.75 -4.35 -0.57
N THR A 58 -7.78 -3.03 -0.80
CA THR A 58 -7.66 -2.49 -2.14
C THR A 58 -6.30 -2.81 -2.75
N VAL A 59 -5.24 -2.34 -2.10
CA VAL A 59 -3.89 -2.56 -2.59
C VAL A 59 -3.56 -4.05 -2.66
N LEU A 60 -3.87 -4.78 -1.59
CA LEU A 60 -3.58 -6.22 -1.54
C LEU A 60 -4.29 -6.96 -2.66
N SER A 61 -5.55 -6.61 -2.91
CA SER A 61 -6.32 -7.25 -3.97
C SER A 61 -5.89 -6.78 -5.35
N HIS A 62 -5.52 -5.50 -5.44
CA HIS A 62 -5.07 -4.95 -6.71
C HIS A 62 -3.73 -5.52 -7.11
N VAL A 63 -2.96 -5.97 -6.11
CA VAL A 63 -1.66 -6.55 -6.37
C VAL A 63 -1.74 -8.06 -6.52
N ALA A 64 -2.32 -8.72 -5.51
CA ALA A 64 -2.47 -10.17 -5.52
C ALA A 64 -1.37 -10.87 -6.33
N ASN A 65 -0.14 -10.35 -6.27
CA ASN A 65 0.99 -10.93 -7.02
C ASN A 65 2.15 -9.93 -7.19
N VAL A 66 2.04 -9.08 -8.22
CA VAL A 66 3.07 -8.08 -8.54
C VAL A 66 4.46 -8.72 -8.62
N VAL A 67 5.52 -7.91 -8.51
CA VAL A 67 6.88 -8.44 -8.60
C VAL A 67 7.88 -7.69 -7.71
N LEU A 68 7.48 -6.51 -7.27
CA LEU A 68 8.30 -5.66 -6.39
C LEU A 68 9.80 -5.85 -6.61
N THR A 69 10.39 -4.98 -7.44
CA THR A 69 11.82 -5.05 -7.69
C THR A 69 12.58 -4.80 -6.39
N GLN A 70 13.87 -4.45 -6.51
CA GLN A 70 14.68 -4.18 -5.32
C GLN A 70 14.08 -3.03 -4.51
N GLU A 71 13.53 -2.05 -5.23
CA GLU A 71 12.94 -0.88 -4.59
C GLU A 71 11.74 -1.27 -3.73
N ASP A 72 10.70 -1.78 -4.37
CA ASP A 72 9.49 -2.19 -3.65
C ASP A 72 9.83 -3.16 -2.52
N THR A 73 10.80 -4.04 -2.77
CA THR A 73 11.22 -4.99 -1.75
C THR A 73 11.65 -4.24 -0.50
N ALA A 74 12.74 -3.47 -0.63
CA ALA A 74 13.21 -2.64 0.48
C ALA A 74 12.09 -1.72 0.93
N LYS A 75 11.19 -1.42 0.01
CA LYS A 75 10.03 -0.56 0.27
C LYS A 75 9.19 -1.18 1.38
N LEU A 76 8.85 -2.46 1.23
CA LEU A 76 8.07 -3.17 2.24
C LEU A 76 8.87 -3.26 3.53
N LEU A 77 10.12 -3.71 3.40
CA LEU A 77 10.99 -3.85 4.57
C LEU A 77 11.13 -2.51 5.28
N GLN A 78 11.09 -1.43 4.50
CA GLN A 78 11.21 -0.08 5.05
C GLN A 78 9.96 0.27 5.87
N SER A 79 8.80 0.05 5.28
CA SER A 79 7.54 0.33 5.96
C SER A 79 7.42 -0.50 7.23
N THR A 80 8.01 -1.69 7.21
CA THR A 80 7.96 -2.59 8.36
C THR A 80 9.01 -2.20 9.40
N VAL A 81 10.27 -2.25 9.00
CA VAL A 81 11.38 -1.92 9.89
C VAL A 81 11.18 -0.57 10.56
N LYS A 82 10.56 0.36 9.84
CA LYS A 82 10.33 1.70 10.37
C LYS A 82 8.98 1.80 11.09
N HIS A 83 8.29 0.66 11.24
CA HIS A 83 7.00 0.64 11.91
C HIS A 83 7.02 -0.31 13.10
N ASN A 84 5.88 -0.45 13.75
CA ASN A 84 5.76 -1.33 14.91
C ASN A 84 5.98 -2.79 14.52
N LEU A 85 5.00 -3.37 13.83
CA LEU A 85 5.08 -4.75 13.40
C LEU A 85 4.88 -4.87 11.90
N ASN A 86 4.94 -6.10 11.40
CA ASN A 86 4.76 -6.35 9.96
C ASN A 86 3.48 -7.15 9.71
N ASN A 87 2.66 -6.66 8.79
CA ASN A 87 1.41 -7.33 8.45
C ASN A 87 1.48 -8.01 7.09
N TYR A 88 2.44 -7.61 6.27
CA TYR A 88 2.57 -8.20 4.97
C TYR A 88 3.75 -9.16 4.93
N ASP A 89 3.60 -10.22 4.16
CA ASP A 89 4.60 -11.23 4.03
C ASP A 89 5.23 -11.15 2.64
N LEU A 90 6.53 -11.36 2.58
CA LEU A 90 7.25 -11.25 1.31
C LEU A 90 8.07 -12.49 0.97
N ARG A 91 8.49 -12.55 -0.29
CA ARG A 91 9.31 -13.62 -0.84
C ARG A 91 10.08 -13.04 -2.02
N SER A 92 11.39 -13.24 -2.06
CA SER A 92 12.17 -12.63 -3.14
C SER A 92 12.59 -13.61 -4.24
N VAL A 93 12.63 -13.06 -5.45
CA VAL A 93 13.02 -13.79 -6.65
C VAL A 93 13.27 -12.76 -7.78
N GLY A 94 12.56 -12.88 -8.91
CA GLY A 94 12.73 -11.94 -10.00
C GLY A 94 14.16 -11.43 -10.14
N ASN A 95 15.14 -12.29 -9.87
CA ASN A 95 16.55 -11.90 -9.95
C ASN A 95 16.81 -10.84 -8.88
N GLY A 96 16.22 -9.67 -9.08
CA GLY A 96 16.34 -8.59 -8.12
C GLY A 96 14.98 -8.08 -7.71
N ASN A 97 13.96 -8.95 -7.85
CA ASN A 97 12.60 -8.58 -7.50
C ASN A 97 12.03 -9.56 -6.48
N SER A 98 10.92 -9.19 -5.87
CA SER A 98 10.28 -10.02 -4.87
C SER A 98 8.77 -9.97 -4.99
N VAL A 99 8.12 -11.02 -4.53
CA VAL A 99 6.67 -11.08 -4.56
C VAL A 99 6.17 -10.86 -3.14
N LEU A 100 4.91 -10.48 -3.01
CA LEU A 100 4.38 -10.22 -1.68
C LEU A 100 3.12 -11.00 -1.37
N VAL A 101 3.25 -11.90 -0.42
CA VAL A 101 2.14 -12.66 0.09
C VAL A 101 1.88 -12.03 1.44
N SER A 102 0.80 -11.30 1.58
CA SER A 102 0.59 -10.55 2.80
C SER A 102 -0.81 -10.58 3.33
N LEU A 103 -0.87 -10.16 4.61
CA LEU A 103 -2.09 -10.00 5.36
C LEU A 103 -2.07 -10.75 6.69
N ARG A 104 -1.46 -10.11 7.66
CA ARG A 104 -1.38 -10.64 9.01
C ARG A 104 -2.38 -9.87 9.89
N SER A 105 -3.33 -9.23 9.20
CA SER A 105 -4.39 -8.41 9.79
C SER A 105 -4.88 -7.46 8.71
N ASP A 106 -5.92 -6.68 8.97
CA ASP A 106 -6.42 -5.77 7.94
C ASP A 106 -6.06 -4.32 8.21
N GLN A 107 -5.03 -3.83 7.51
CA GLN A 107 -4.59 -2.46 7.63
C GLN A 107 -3.61 -2.11 6.54
N MET A 108 -3.38 -0.83 6.32
CA MET A 108 -2.42 -0.39 5.31
C MET A 108 -2.05 1.07 5.45
N THR A 109 -0.75 1.34 5.37
CA THR A 109 -0.22 2.69 5.46
C THR A 109 0.15 3.17 4.06
N LEU A 110 0.27 4.48 3.88
CA LEU A 110 0.62 5.05 2.58
C LEU A 110 1.81 4.31 1.97
N GLN A 111 2.96 4.37 2.64
CA GLN A 111 4.16 3.69 2.15
C GLN A 111 3.81 2.27 1.69
N ASP A 112 3.33 1.44 2.61
CA ASP A 112 2.95 0.07 2.30
C ASP A 112 2.13 0.03 1.01
N ALA A 113 1.14 0.90 0.93
CA ALA A 113 0.29 0.98 -0.23
C ALA A 113 1.10 1.26 -1.50
N LYS A 114 1.70 2.46 -1.55
CA LYS A 114 2.52 2.83 -2.71
C LYS A 114 3.56 1.76 -3.01
N VAL A 115 3.95 0.99 -1.99
CA VAL A 115 4.93 -0.07 -2.20
C VAL A 115 4.34 -1.13 -3.12
N LEU A 116 3.30 -1.77 -2.63
CA LEU A 116 2.62 -2.80 -3.38
C LEU A 116 2.02 -2.21 -4.62
N LEU A 117 1.57 -0.97 -4.52
CA LEU A 117 0.96 -0.28 -5.65
C LEU A 117 2.01 0.11 -6.66
N GLU A 118 3.25 0.23 -6.22
CA GLU A 118 4.33 0.55 -7.12
C GLU A 118 4.56 -0.68 -7.96
N ALA A 119 4.57 -1.81 -7.27
CA ALA A 119 4.72 -3.09 -7.92
C ALA A 119 3.43 -3.52 -8.58
N ALA A 120 2.33 -2.90 -8.13
CA ALA A 120 1.03 -3.19 -8.66
C ALA A 120 0.81 -2.43 -9.96
N LEU A 121 1.13 -1.14 -9.91
CA LEU A 121 0.99 -0.31 -11.09
C LEU A 121 2.03 -0.74 -12.11
N ARG A 122 3.18 -1.22 -11.62
CA ARG A 122 4.27 -1.66 -12.47
C ARG A 122 3.98 -3.01 -13.15
N GLN A 123 3.56 -4.00 -12.38
CA GLN A 123 3.30 -5.33 -12.93
C GLN A 123 1.83 -5.56 -13.30
N GLU A 124 0.91 -4.94 -12.56
CA GLU A 124 -0.52 -5.12 -12.83
C GLU A 124 -1.05 -4.07 -13.79
N SER A 125 -1.06 -2.81 -13.34
CA SER A 125 -1.57 -1.72 -14.15
C SER A 125 -0.79 -1.57 -15.45
N GLY A 126 0.51 -1.34 -15.35
CA GLY A 126 1.32 -1.17 -16.55
C GLY A 126 0.77 -0.11 -17.44
N ALA A 127 0.45 1.04 -16.84
CA ALA A 127 -0.15 2.13 -17.59
C ALA A 127 -1.26 1.55 -18.47
N ARG A 128 -1.81 0.42 -17.99
CA ARG A 128 -2.83 -0.27 -18.71
C ARG A 128 -4.15 -0.27 -17.94
N GLY A 129 -4.13 -0.84 -16.73
CA GLY A 129 -5.33 -0.89 -15.91
C GLY A 129 -5.52 0.36 -15.08
N SER A 130 -5.47 1.52 -15.73
CA SER A 130 -5.66 2.80 -15.05
C SER A 130 -7.13 3.11 -14.86
N ASP B 2 -16.64 5.12 -5.30
CA ASP B 2 -16.39 6.48 -5.74
C ASP B 2 -16.17 7.42 -4.57
N GLU B 3 -17.27 7.93 -3.99
CA GLU B 3 -17.19 8.83 -2.85
C GLU B 3 -16.48 10.13 -3.23
N ASP B 5 -14.63 12.58 -5.78
CA ASP B 5 -14.64 12.86 -7.22
C ASP B 5 -13.42 12.25 -7.93
N ASP B 6 -12.32 13.00 -7.98
CA ASP B 6 -11.10 12.52 -8.63
C ASP B 6 -10.00 12.26 -7.60
N PRO B 7 -9.03 11.40 -7.95
CA PRO B 7 -7.92 11.06 -7.05
C PRO B 7 -7.13 12.29 -6.62
N PHE B 8 -6.08 12.07 -5.85
CA PHE B 8 -5.25 13.16 -5.37
C PHE B 8 -6.05 14.12 -4.50
N MET A 1 -15.94 -0.80 -4.81
CA MET A 1 -14.53 -1.12 -5.14
C MET A 1 -13.62 0.09 -4.88
N ASN A 2 -12.38 -0.01 -5.35
CA ASN A 2 -11.42 1.08 -5.17
C ASN A 2 -11.01 1.67 -6.52
N LEU A 3 -9.90 2.39 -6.52
CA LEU A 3 -9.39 3.01 -7.74
C LEU A 3 -8.44 2.07 -8.46
N SER A 4 -8.15 2.37 -9.72
CA SER A 4 -7.24 1.55 -10.52
C SER A 4 -5.86 1.52 -9.87
N LEU A 5 -4.85 1.12 -10.63
CA LEU A 5 -3.48 1.07 -10.12
C LEU A 5 -2.72 2.36 -10.42
N SER A 6 -2.56 2.67 -11.70
CA SER A 6 -1.84 3.87 -12.13
C SER A 6 -2.27 5.13 -11.36
N ASP A 7 -3.57 5.38 -11.30
CA ASP A 7 -4.07 6.56 -10.60
C ASP A 7 -3.80 6.46 -9.12
N LEU A 8 -4.27 5.37 -8.53
CA LEU A 8 -4.08 5.11 -7.11
C LEU A 8 -2.60 5.21 -6.75
N HIS A 9 -1.79 4.36 -7.38
CA HIS A 9 -0.35 4.35 -7.17
C HIS A 9 0.20 5.76 -7.18
N ARG A 10 -0.07 6.46 -8.28
CA ARG A 10 0.38 7.83 -8.44
C ARG A 10 -0.10 8.69 -7.27
N GLN A 11 -1.36 8.49 -6.89
CA GLN A 11 -1.96 9.22 -5.77
C GLN A 11 -1.17 8.98 -4.49
N VAL A 12 -1.20 7.74 -4.04
CA VAL A 12 -0.50 7.33 -2.83
C VAL A 12 0.99 7.67 -2.92
N SER A 13 1.58 7.33 -4.06
CA SER A 13 2.99 7.59 -4.32
C SER A 13 3.32 9.08 -4.26
N ARG A 14 2.60 9.87 -5.04
CA ARG A 14 2.81 11.30 -5.09
C ARG A 14 2.48 11.94 -3.74
N LEU A 15 1.66 11.26 -2.95
CA LEU A 15 1.27 11.77 -1.65
C LEU A 15 2.40 11.68 -0.64
N VAL A 16 2.83 10.46 -0.34
CA VAL A 16 3.90 10.25 0.62
C VAL A 16 5.24 10.72 0.07
N GLN A 17 5.37 10.70 -1.25
CA GLN A 17 6.61 11.13 -1.89
C GLN A 17 6.72 12.65 -1.93
N GLN A 18 5.59 13.34 -1.73
CA GLN A 18 5.60 14.78 -1.76
C GLN A 18 4.61 15.39 -0.75
N GLU A 19 4.57 14.82 0.46
CA GLU A 19 3.66 15.32 1.49
C GLU A 19 3.65 14.44 2.74
N SER A 20 3.09 13.25 2.60
CA SER A 20 2.98 12.32 3.74
C SER A 20 4.33 11.74 4.17
N GLY A 21 5.25 11.58 3.22
CA GLY A 21 6.55 11.02 3.55
C GLY A 21 6.55 9.52 3.73
N ASP A 22 5.72 9.04 4.67
CA ASP A 22 5.62 7.61 4.94
C ASP A 22 4.55 7.32 6.00
N CYS A 23 3.52 8.17 6.05
CA CYS A 23 2.44 8.02 7.01
C CYS A 23 1.51 6.87 6.63
N THR A 24 0.27 6.90 7.12
CA THR A 24 -0.69 5.86 6.81
C THR A 24 -1.69 6.37 5.78
N GLY A 25 -2.13 5.49 4.89
CA GLY A 25 -3.06 5.90 3.86
C GLY A 25 -4.48 5.46 4.09
N LYS A 26 -5.41 6.37 3.90
CA LYS A 26 -6.84 6.09 4.07
C LYS A 26 -7.50 5.98 2.71
N LEU A 27 -8.23 4.89 2.49
CA LEU A 27 -8.90 4.67 1.20
C LEU A 27 -10.40 4.92 1.28
N ARG A 28 -10.94 5.42 0.17
CA ARG A 28 -12.36 5.73 0.04
C ARG A 28 -12.57 6.52 -1.24
N GLY A 29 -12.14 5.94 -2.36
CA GLY A 29 -12.25 6.62 -3.64
C GLY A 29 -11.04 7.51 -3.90
N ASN A 30 -10.18 7.61 -2.89
CA ASN A 30 -8.97 8.42 -2.96
C ASN A 30 -8.06 8.02 -1.81
N VAL A 31 -6.79 8.42 -1.86
CA VAL A 31 -5.87 8.09 -0.79
C VAL A 31 -5.43 9.34 -0.03
N ALA A 32 -5.72 9.33 1.26
CA ALA A 32 -5.36 10.44 2.13
C ALA A 32 -4.25 10.03 3.09
N ALA A 33 -3.63 11.00 3.75
CA ALA A 33 -2.54 10.71 4.68
C ALA A 33 -2.99 10.79 6.13
N ASN A 34 -2.53 9.83 6.92
CA ASN A 34 -2.86 9.77 8.34
C ASN A 34 -1.59 9.85 9.18
N LYS A 35 -1.54 10.87 10.04
CA LYS A 35 -0.39 11.08 10.92
C LYS A 35 -0.79 11.07 12.38
N GLU A 36 -2.04 11.46 12.66
CA GLU A 36 -2.55 11.50 14.03
C GLU A 36 -2.30 10.17 14.74
N THR A 37 -3.12 9.18 14.42
CA THR A 37 -2.99 7.86 15.02
C THR A 37 -1.83 7.08 14.37
N THR A 38 -1.65 5.84 14.79
CA THR A 38 -0.58 5.01 14.24
C THR A 38 -1.06 3.61 13.94
N PHE A 39 -1.20 3.30 12.65
CA PHE A 39 -1.65 1.98 12.23
C PHE A 39 -0.66 0.90 12.71
N GLN A 40 -0.95 -0.36 12.37
CA GLN A 40 -0.08 -1.46 12.75
C GLN A 40 -0.50 -2.77 12.07
N GLY A 41 -1.20 -2.65 10.95
CA GLY A 41 -1.66 -3.81 10.21
C GLY A 41 -2.90 -4.45 10.81
N LEU A 42 -3.20 -4.13 12.08
CA LEU A 42 -4.37 -4.69 12.76
C LEU A 42 -5.63 -4.59 11.89
N THR A 43 -6.74 -5.10 12.40
CA THR A 43 -7.99 -5.07 11.65
C THR A 43 -9.07 -4.27 12.38
N ILE A 44 -8.77 -3.00 12.65
CA ILE A 44 -9.71 -2.12 13.33
C ILE A 44 -9.89 -2.50 14.79
N ALA A 45 -10.34 -3.74 15.01
CA ALA A 45 -10.58 -4.28 16.36
C ALA A 45 -9.86 -3.47 17.45
N SER A 46 -8.56 -3.69 17.58
CA SER A 46 -7.76 -2.99 18.58
C SER A 46 -8.10 -1.50 18.64
N GLY A 47 -7.93 -0.82 17.51
CA GLY A 47 -8.23 0.60 17.46
C GLY A 47 -7.74 1.28 16.20
N ALA A 48 -8.08 0.72 15.05
CA ALA A 48 -7.66 1.29 13.77
C ALA A 48 -8.85 1.86 13.01
N ARG A 49 -8.57 2.54 11.91
CA ARG A 49 -9.61 3.13 11.09
C ARG A 49 -10.06 2.17 10.00
N GLU A 50 -11.27 2.38 9.48
CA GLU A 50 -11.80 1.52 8.43
C GLU A 50 -11.07 1.78 7.11
N SER A 51 -10.48 2.96 6.99
CA SER A 51 -9.75 3.33 5.78
C SER A 51 -8.55 2.42 5.56
N GLU A 52 -7.59 2.45 6.50
CA GLU A 52 -6.40 1.62 6.39
C GLU A 52 -6.74 0.19 5.97
N LYS A 53 -7.53 -0.50 6.78
CA LYS A 53 -7.93 -1.88 6.49
C LYS A 53 -8.51 -1.98 5.07
N VAL A 54 -9.47 -1.12 4.75
CA VAL A 54 -10.07 -1.12 3.41
C VAL A 54 -8.97 -0.91 2.38
N PHE A 55 -8.04 -0.04 2.72
CA PHE A 55 -6.91 0.26 1.85
C PHE A 55 -6.09 -1.00 1.64
N ALA A 56 -5.84 -1.71 2.73
CA ALA A 56 -5.07 -2.94 2.69
C ALA A 56 -5.70 -3.92 1.70
N GLN A 57 -7.01 -4.06 1.77
CA GLN A 57 -7.72 -4.96 0.87
C GLN A 57 -7.61 -4.49 -0.58
N THR A 58 -7.73 -3.18 -0.79
CA THR A 58 -7.64 -2.63 -2.14
C THR A 58 -6.27 -2.89 -2.75
N VAL A 59 -5.22 -2.43 -2.07
CA VAL A 59 -3.87 -2.63 -2.56
C VAL A 59 -3.50 -4.11 -2.58
N LEU A 60 -3.73 -4.81 -1.47
CA LEU A 60 -3.42 -6.23 -1.40
C LEU A 60 -4.03 -6.96 -2.59
N SER A 61 -5.25 -6.58 -2.96
CA SER A 61 -5.94 -7.19 -4.08
C SER A 61 -5.26 -6.85 -5.40
N HIS A 62 -5.06 -5.56 -5.66
CA HIS A 62 -4.42 -5.13 -6.89
C HIS A 62 -3.01 -5.70 -6.97
N VAL A 63 -2.46 -6.08 -5.82
CA VAL A 63 -1.13 -6.64 -5.73
C VAL A 63 -1.19 -8.12 -5.39
N ALA A 64 -1.93 -8.87 -6.20
CA ALA A 64 -2.08 -10.31 -5.99
C ALA A 64 -0.89 -11.08 -6.52
N ASN A 65 0.32 -10.53 -6.33
CA ASN A 65 1.57 -11.17 -6.80
C ASN A 65 2.65 -10.13 -7.05
N VAL A 66 2.43 -9.27 -8.04
CA VAL A 66 3.38 -8.21 -8.42
C VAL A 66 4.83 -8.72 -8.42
N VAL A 67 5.78 -7.80 -8.57
CA VAL A 67 7.18 -8.14 -8.61
C VAL A 67 8.03 -7.06 -7.95
N LEU A 68 7.88 -6.94 -6.65
CA LEU A 68 8.61 -5.94 -5.89
C LEU A 68 10.12 -6.14 -6.00
N THR A 69 10.76 -5.25 -6.72
CA THR A 69 12.21 -5.30 -6.90
C THR A 69 12.91 -4.72 -5.69
N GLN A 70 14.25 -4.75 -5.69
CA GLN A 70 15.04 -4.22 -4.58
C GLN A 70 14.39 -2.98 -3.96
N GLU A 71 13.79 -2.16 -4.82
CA GLU A 71 13.12 -0.95 -4.36
C GLU A 71 11.88 -1.28 -3.55
N ASP A 72 10.90 -1.88 -4.20
CA ASP A 72 9.65 -2.24 -3.55
C ASP A 72 9.89 -3.19 -2.37
N THR A 73 10.92 -4.03 -2.46
CA THR A 73 11.23 -4.95 -1.36
C THR A 73 11.66 -4.12 -0.15
N ALA A 74 12.71 -3.31 -0.34
CA ALA A 74 13.17 -2.43 0.71
C ALA A 74 12.00 -1.55 1.15
N LYS A 75 11.09 -1.33 0.21
CA LYS A 75 9.89 -0.53 0.42
C LYS A 75 9.00 -1.17 1.49
N LEU A 76 8.73 -2.47 1.38
CA LEU A 76 7.90 -3.17 2.35
C LEU A 76 8.60 -3.26 3.70
N LEU A 77 9.84 -3.77 3.69
CA LEU A 77 10.61 -3.90 4.92
C LEU A 77 10.83 -2.55 5.58
N GLN A 78 10.83 -1.49 4.78
CA GLN A 78 11.02 -0.14 5.30
C GLN A 78 9.75 0.35 5.98
N SER A 79 8.63 0.18 5.29
CA SER A 79 7.33 0.60 5.80
C SER A 79 7.00 -0.14 7.10
N THR A 80 7.45 -1.39 7.19
CA THR A 80 7.18 -2.21 8.38
C THR A 80 8.21 -1.94 9.48
N VAL A 81 9.48 -1.92 9.11
CA VAL A 81 10.55 -1.69 10.08
C VAL A 81 10.45 -0.30 10.71
N LYS A 82 9.93 0.65 9.95
CA LYS A 82 9.78 2.02 10.43
C LYS A 82 9.01 2.06 11.75
N HIS A 83 7.77 1.58 11.71
CA HIS A 83 6.92 1.55 12.90
C HIS A 83 5.75 0.60 12.70
N ASN A 84 5.97 -0.67 13.02
CA ASN A 84 4.93 -1.69 12.88
C ASN A 84 5.28 -2.95 13.65
N LEU A 85 4.38 -3.92 13.61
CA LEU A 85 4.59 -5.19 14.32
C LEU A 85 4.80 -6.33 13.32
N ASN A 86 5.38 -6.00 12.17
CA ASN A 86 5.63 -7.00 11.13
C ASN A 86 4.33 -7.71 10.75
N ASN A 87 3.62 -7.13 9.79
CA ASN A 87 2.35 -7.70 9.32
C ASN A 87 2.38 -8.05 7.84
N TYR A 88 3.42 -7.61 7.13
CA TYR A 88 3.51 -7.90 5.72
C TYR A 88 4.47 -9.05 5.45
N ASP A 89 4.09 -9.91 4.53
CA ASP A 89 4.88 -11.05 4.18
C ASP A 89 5.31 -10.92 2.72
N LEU A 90 6.45 -11.47 2.38
CA LEU A 90 6.94 -11.36 1.00
C LEU A 90 7.78 -12.55 0.58
N ARG A 91 7.91 -12.69 -0.74
CA ARG A 91 8.71 -13.75 -1.35
C ARG A 91 9.44 -13.15 -2.55
N SER A 92 10.73 -13.45 -2.70
CA SER A 92 11.48 -12.88 -3.80
C SER A 92 11.76 -13.85 -4.95
N VAL A 93 11.79 -13.27 -6.14
CA VAL A 93 12.05 -14.00 -7.36
C VAL A 93 12.44 -12.99 -8.45
N GLY A 94 11.84 -13.10 -9.63
CA GLY A 94 12.13 -12.17 -10.70
C GLY A 94 13.63 -11.99 -10.90
N ASN A 95 13.98 -11.22 -11.91
CA ASN A 95 15.38 -10.91 -12.17
C ASN A 95 15.75 -9.72 -11.28
N GLY A 96 15.32 -9.83 -10.03
CA GLY A 96 15.51 -8.77 -9.07
C GLY A 96 14.16 -8.21 -8.68
N ASN A 97 13.20 -9.11 -8.44
CA ASN A 97 11.86 -8.73 -8.08
C ASN A 97 11.32 -9.71 -7.06
N SER A 98 10.22 -9.36 -6.46
CA SER A 98 9.63 -10.19 -5.45
C SER A 98 8.12 -10.03 -5.46
N VAL A 99 7.43 -11.03 -4.96
CA VAL A 99 5.98 -10.98 -4.92
C VAL A 99 5.53 -10.68 -3.50
N LEU A 100 4.39 -10.02 -3.38
CA LEU A 100 3.90 -9.66 -2.06
C LEU A 100 2.77 -10.55 -1.58
N VAL A 101 2.97 -11.06 -0.39
CA VAL A 101 1.99 -11.85 0.30
C VAL A 101 1.96 -11.26 1.70
N SER A 102 0.95 -10.49 2.01
CA SER A 102 0.96 -9.82 3.28
C SER A 102 -0.41 -9.62 3.85
N LEU A 103 -0.41 -9.29 5.14
CA LEU A 103 -1.61 -8.98 5.87
C LEU A 103 -1.43 -9.18 7.36
N ARG A 104 -1.59 -10.41 7.81
CA ARG A 104 -1.45 -10.71 9.23
C ARG A 104 -2.36 -9.76 10.02
N SER A 105 -3.44 -9.34 9.36
CA SER A 105 -4.44 -8.40 9.88
C SER A 105 -4.82 -7.47 8.73
N ASP A 106 -5.91 -6.71 8.85
CA ASP A 106 -6.32 -5.85 7.75
C ASP A 106 -6.01 -4.37 8.01
N GLN A 107 -4.93 -3.90 7.38
CA GLN A 107 -4.53 -2.50 7.48
C GLN A 107 -3.45 -2.18 6.47
N MET A 108 -3.21 -0.91 6.22
CA MET A 108 -2.18 -0.50 5.27
C MET A 108 -1.83 0.98 5.41
N THR A 109 -0.55 1.29 5.25
CA THR A 109 -0.06 2.66 5.34
C THR A 109 0.24 3.20 3.96
N LEU A 110 0.41 4.52 3.85
CA LEU A 110 0.71 5.14 2.56
C LEU A 110 1.86 4.42 1.87
N GLN A 111 3.00 4.34 2.54
CA GLN A 111 4.18 3.67 1.99
C GLN A 111 3.82 2.28 1.50
N ASP A 112 3.43 1.41 2.41
CA ASP A 112 3.06 0.03 2.07
C ASP A 112 2.16 0.01 0.83
N ALA A 113 1.16 0.88 0.82
CA ALA A 113 0.24 0.97 -0.30
C ALA A 113 1.01 1.21 -1.60
N LYS A 114 1.71 2.35 -1.66
CA LYS A 114 2.49 2.70 -2.85
C LYS A 114 3.53 1.63 -3.14
N VAL A 115 3.96 0.92 -2.11
CA VAL A 115 4.96 -0.14 -2.28
C VAL A 115 4.42 -1.22 -3.21
N LEU A 116 3.35 -1.84 -2.78
CA LEU A 116 2.73 -2.89 -3.53
C LEU A 116 2.09 -2.33 -4.79
N LEU A 117 1.60 -1.10 -4.71
CA LEU A 117 0.98 -0.46 -5.86
C LEU A 117 2.04 -0.05 -6.87
N GLU A 118 3.26 0.12 -6.39
CA GLU A 118 4.34 0.45 -7.27
C GLU A 118 4.66 -0.80 -8.05
N ALA A 119 4.66 -1.91 -7.32
CA ALA A 119 4.89 -3.21 -7.93
C ALA A 119 3.64 -3.65 -8.67
N ALA A 120 2.50 -3.10 -8.27
CA ALA A 120 1.25 -3.44 -8.89
C ALA A 120 1.09 -2.69 -10.20
N LEU A 121 1.30 -1.39 -10.15
CA LEU A 121 1.18 -0.56 -11.34
C LEU A 121 2.22 -0.98 -12.37
N ARG A 122 3.43 -1.32 -11.88
CA ARG A 122 4.53 -1.73 -12.76
C ARG A 122 4.41 -3.18 -13.21
N GLN A 123 3.89 -4.05 -12.35
CA GLN A 123 3.77 -5.47 -12.67
C GLN A 123 2.42 -5.86 -13.25
N GLU A 124 1.39 -5.05 -13.03
CA GLU A 124 0.07 -5.39 -13.55
C GLU A 124 -0.19 -4.78 -14.93
N SER A 125 -0.33 -3.46 -14.95
CA SER A 125 -0.57 -2.76 -16.21
C SER A 125 0.71 -2.16 -16.77
N GLY A 126 1.25 -1.20 -16.03
CA GLY A 126 2.46 -0.52 -16.41
C GLY A 126 2.17 0.84 -16.98
N ALA A 127 2.23 1.84 -16.10
CA ALA A 127 1.92 3.19 -16.50
C ALA A 127 0.56 3.20 -17.19
N ARG A 128 -0.24 2.16 -16.90
CA ARG A 128 -1.54 2.04 -17.50
C ARG A 128 -2.54 1.31 -16.59
N GLY A 129 -2.21 1.20 -15.31
CA GLY A 129 -3.08 0.53 -14.37
C GLY A 129 -4.40 1.24 -14.19
N SER A 130 -5.28 1.11 -15.17
CA SER A 130 -6.59 1.75 -15.12
C SER A 130 -7.68 0.72 -14.80
N ASP B 2 -19.26 7.50 0.83
CA ASP B 2 -19.65 6.97 -0.47
C ASP B 2 -18.51 7.12 -1.47
N GLU B 3 -17.28 7.04 -0.98
CA GLU B 3 -16.10 7.17 -1.84
C GLU B 3 -16.05 8.54 -2.49
N ASP B 5 -14.08 9.61 -4.93
CA ASP B 5 -14.03 9.44 -6.38
C ASP B 5 -13.59 10.74 -7.05
N ASP B 6 -12.64 11.43 -6.43
CA ASP B 6 -12.14 12.69 -6.96
C ASP B 6 -10.61 12.65 -7.07
N PRO B 7 -10.06 11.69 -7.82
CA PRO B 7 -8.61 11.56 -8.01
C PRO B 7 -7.99 12.86 -8.51
N PHE B 8 -6.74 13.10 -8.14
CA PHE B 8 -6.04 14.31 -8.54
C PHE B 8 -5.90 14.38 -10.07
N MET A 1 -15.49 -1.84 -3.85
CA MET A 1 -14.37 -1.64 -4.80
C MET A 1 -13.49 -0.46 -4.37
N ASN A 2 -12.46 -0.18 -5.17
CA ASN A 2 -11.54 0.92 -4.86
C ASN A 2 -11.01 1.54 -6.16
N LEU A 3 -9.95 2.34 -6.03
CA LEU A 3 -9.35 3.00 -7.19
C LEU A 3 -8.48 2.02 -7.96
N SER A 4 -7.79 2.51 -8.98
CA SER A 4 -6.92 1.68 -9.79
C SER A 4 -5.47 1.94 -9.41
N LEU A 5 -4.62 0.93 -9.62
CA LEU A 5 -3.20 1.04 -9.29
C LEU A 5 -2.62 2.35 -9.80
N SER A 6 -2.67 2.49 -11.11
CA SER A 6 -2.15 3.66 -11.77
C SER A 6 -2.53 4.96 -11.04
N ASP A 7 -3.83 5.23 -10.93
CA ASP A 7 -4.30 6.45 -10.25
C ASP A 7 -4.04 6.38 -8.76
N LEU A 8 -4.57 5.33 -8.13
CA LEU A 8 -4.40 5.13 -6.70
C LEU A 8 -2.95 5.34 -6.29
N HIS A 9 -2.04 4.78 -7.07
CA HIS A 9 -0.61 4.94 -6.81
C HIS A 9 -0.24 6.38 -7.03
N ARG A 10 -0.82 6.96 -8.07
CA ARG A 10 -0.57 8.36 -8.41
C ARG A 10 -0.80 9.27 -7.22
N GLN A 11 -1.98 9.17 -6.60
CA GLN A 11 -2.31 10.01 -5.44
C GLN A 11 -1.47 9.61 -4.23
N VAL A 12 -1.53 8.34 -3.85
CA VAL A 12 -0.77 7.85 -2.70
C VAL A 12 0.71 8.23 -2.83
N SER A 13 1.27 7.95 -3.99
CA SER A 13 2.67 8.26 -4.26
C SER A 13 2.89 9.77 -4.22
N ARG A 14 1.96 10.51 -4.78
CA ARG A 14 2.05 11.95 -4.79
C ARG A 14 1.92 12.51 -3.38
N LEU A 15 1.38 11.69 -2.48
CA LEU A 15 1.19 12.12 -1.10
C LEU A 15 2.46 11.95 -0.28
N VAL A 16 2.94 10.71 -0.15
CA VAL A 16 4.14 10.48 0.65
C VAL A 16 5.38 11.06 -0.03
N GLN A 17 5.40 11.01 -1.35
CA GLN A 17 6.54 11.53 -2.10
C GLN A 17 6.62 13.05 -2.00
N GLN A 18 5.53 13.69 -1.58
CA GLN A 18 5.51 15.15 -1.43
C GLN A 18 4.34 15.62 -0.57
N GLU A 19 4.26 15.11 0.65
CA GLU A 19 3.19 15.48 1.57
C GLU A 19 3.26 14.70 2.89
N SER A 20 3.12 13.38 2.79
CA SER A 20 3.15 12.53 3.97
C SER A 20 4.59 12.26 4.42
N GLY A 21 5.25 11.33 3.76
CA GLY A 21 6.62 10.99 4.10
C GLY A 21 6.74 9.59 4.67
N ASP A 22 5.62 9.01 5.12
CA ASP A 22 5.60 7.67 5.69
C ASP A 22 4.28 7.40 6.44
N CYS A 23 3.53 8.47 6.71
CA CYS A 23 2.25 8.40 7.43
C CYS A 23 1.38 7.23 6.96
N THR A 24 0.10 7.28 7.32
CA THR A 24 -0.83 6.22 6.95
C THR A 24 -1.73 6.67 5.81
N GLY A 25 -2.35 5.71 5.14
CA GLY A 25 -3.21 6.02 4.02
C GLY A 25 -4.68 5.92 4.32
N LYS A 26 -5.42 6.92 3.87
CA LYS A 26 -6.86 6.96 4.05
C LYS A 26 -7.54 6.62 2.73
N LEU A 27 -8.33 5.55 2.73
CA LEU A 27 -9.01 5.11 1.52
C LEU A 27 -10.49 5.46 1.55
N ARG A 28 -11.12 5.38 0.38
CA ARG A 28 -12.56 5.67 0.17
C ARG A 28 -12.74 6.43 -1.14
N GLY A 29 -12.26 5.82 -2.23
CA GLY A 29 -12.35 6.45 -3.53
C GLY A 29 -11.15 7.34 -3.81
N ASN A 30 -10.29 7.48 -2.82
CA ASN A 30 -9.08 8.30 -2.92
C ASN A 30 -8.16 7.98 -1.76
N VAL A 31 -6.90 8.40 -1.84
CA VAL A 31 -5.95 8.16 -0.77
C VAL A 31 -5.56 9.46 -0.09
N ALA A 32 -5.51 9.41 1.24
CA ALA A 32 -5.16 10.57 2.05
C ALA A 32 -4.07 10.21 3.05
N ALA A 33 -3.48 11.22 3.68
CA ALA A 33 -2.40 10.99 4.63
C ALA A 33 -2.90 11.13 6.06
N ASN A 34 -2.73 10.06 6.83
CA ASN A 34 -3.15 10.02 8.23
C ASN A 34 -1.94 10.12 9.15
N LYS A 35 -1.87 11.21 9.92
CA LYS A 35 -0.76 11.43 10.85
C LYS A 35 -1.11 10.96 12.26
N GLU A 36 -2.41 10.96 12.57
CA GLU A 36 -2.88 10.55 13.89
C GLU A 36 -2.15 9.31 14.39
N THR A 37 -2.60 8.14 13.94
CA THR A 37 -2.01 6.87 14.36
C THR A 37 -2.83 5.68 13.86
N THR A 38 -2.51 4.50 14.37
CA THR A 38 -3.21 3.27 13.99
C THR A 38 -3.03 2.99 12.49
N PHE A 39 -2.47 1.81 12.19
CA PHE A 39 -2.25 1.40 10.81
C PHE A 39 -1.35 0.16 10.72
N GLN A 40 -0.46 0.04 11.69
CA GLN A 40 0.49 -1.09 11.73
C GLN A 40 -0.22 -2.45 11.71
N GLY A 41 -0.82 -2.76 10.57
CA GLY A 41 -1.51 -4.03 10.38
C GLY A 41 -2.22 -4.52 11.64
N LEU A 42 -3.45 -4.09 11.81
CA LEU A 42 -4.27 -4.47 12.96
C LEU A 42 -5.71 -4.65 12.48
N THR A 43 -6.58 -5.20 13.33
CA THR A 43 -7.95 -5.46 12.93
C THR A 43 -8.93 -4.45 13.51
N ILE A 44 -8.55 -3.18 13.51
CA ILE A 44 -9.42 -2.11 14.03
C ILE A 44 -9.92 -2.40 15.45
N ALA A 45 -9.44 -3.48 16.06
CA ALA A 45 -9.85 -3.85 17.41
C ALA A 45 -9.21 -2.92 18.44
N SER A 46 -7.94 -2.61 18.23
CA SER A 46 -7.22 -1.72 19.14
C SER A 46 -7.69 -0.28 18.97
N GLY A 47 -8.09 0.07 17.76
CA GLY A 47 -8.58 1.41 17.49
C GLY A 47 -8.15 1.95 16.14
N ALA A 48 -8.06 1.08 15.13
CA ALA A 48 -7.66 1.50 13.79
C ALA A 48 -8.87 1.99 13.00
N ARG A 49 -8.63 2.93 12.09
CA ARG A 49 -9.70 3.47 11.26
C ARG A 49 -10.01 2.54 10.08
N GLU A 50 -11.19 2.70 9.50
CA GLU A 50 -11.59 1.87 8.37
C GLU A 50 -10.74 2.19 7.14
N SER A 51 -10.14 3.37 7.13
CA SER A 51 -9.31 3.81 6.02
C SER A 51 -8.11 2.86 5.81
N GLU A 52 -7.21 2.82 6.78
CA GLU A 52 -6.03 1.96 6.70
C GLU A 52 -6.42 0.54 6.29
N LYS A 53 -7.16 -0.13 7.18
CA LYS A 53 -7.60 -1.50 6.94
C LYS A 53 -8.13 -1.69 5.52
N VAL A 54 -9.05 -0.82 5.08
CA VAL A 54 -9.60 -0.92 3.74
C VAL A 54 -8.49 -0.76 2.70
N PHE A 55 -7.49 0.03 3.05
CA PHE A 55 -6.36 0.26 2.16
C PHE A 55 -5.56 -1.02 1.95
N ALA A 56 -5.24 -1.70 3.05
CA ALA A 56 -4.49 -2.96 2.97
C ALA A 56 -5.26 -3.98 2.15
N GLN A 57 -6.55 -4.10 2.44
CA GLN A 57 -7.41 -5.04 1.73
C GLN A 57 -7.34 -4.78 0.22
N THR A 58 -7.63 -3.56 -0.17
CA THR A 58 -7.61 -3.18 -1.57
C THR A 58 -6.18 -3.21 -2.12
N VAL A 59 -5.21 -2.94 -1.27
CA VAL A 59 -3.81 -2.93 -1.68
C VAL A 59 -3.38 -4.31 -2.21
N LEU A 60 -3.53 -5.35 -1.40
CA LEU A 60 -3.14 -6.68 -1.82
C LEU A 60 -4.14 -7.27 -2.79
N SER A 61 -5.40 -6.94 -2.56
CA SER A 61 -6.47 -7.42 -3.42
C SER A 61 -6.25 -7.01 -4.88
N HIS A 62 -5.81 -5.76 -5.09
CA HIS A 62 -5.56 -5.27 -6.44
C HIS A 62 -4.26 -5.85 -6.99
N VAL A 63 -3.18 -5.74 -6.21
CA VAL A 63 -1.89 -6.26 -6.63
C VAL A 63 -1.98 -7.76 -6.88
N ALA A 64 -2.53 -8.47 -5.90
CA ALA A 64 -2.70 -9.92 -5.97
C ALA A 64 -1.54 -10.59 -6.72
N ASN A 65 -0.31 -10.07 -6.58
CA ASN A 65 0.86 -10.64 -7.26
C ASN A 65 2.07 -9.70 -7.31
N VAL A 66 2.05 -8.77 -8.28
CA VAL A 66 3.15 -7.82 -8.49
C VAL A 66 4.49 -8.57 -8.67
N VAL A 67 5.60 -7.87 -8.47
CA VAL A 67 6.92 -8.50 -8.63
C VAL A 67 7.98 -7.87 -7.75
N LEU A 68 7.79 -6.60 -7.45
CA LEU A 68 8.71 -5.85 -6.59
C LEU A 68 10.15 -6.31 -6.75
N THR A 69 10.92 -5.65 -7.59
CA THR A 69 12.32 -6.02 -7.78
C THR A 69 13.13 -5.77 -6.51
N GLN A 70 14.12 -4.88 -6.58
CA GLN A 70 14.95 -4.58 -5.41
C GLN A 70 14.43 -3.34 -4.68
N GLU A 71 13.98 -2.36 -5.45
CA GLU A 71 13.45 -1.13 -4.87
C GLU A 71 12.19 -1.40 -4.06
N ASP A 72 11.16 -1.91 -4.71
CA ASP A 72 9.90 -2.20 -4.04
C ASP A 72 10.10 -3.20 -2.90
N THR A 73 11.09 -4.09 -3.03
CA THR A 73 11.36 -5.05 -1.96
C THR A 73 11.79 -4.29 -0.72
N ALA A 74 12.88 -3.53 -0.85
CA ALA A 74 13.35 -2.71 0.26
C ALA A 74 12.22 -1.77 0.69
N LYS A 75 11.33 -1.51 -0.26
CA LYS A 75 10.17 -0.66 -0.04
C LYS A 75 9.26 -1.28 1.03
N LEU A 76 8.81 -2.52 0.79
CA LEU A 76 7.96 -3.22 1.75
C LEU A 76 8.70 -3.34 3.08
N LEU A 77 10.00 -3.59 2.98
CA LEU A 77 10.86 -3.73 4.15
C LEU A 77 10.81 -2.50 5.03
N GLN A 78 10.97 -1.34 4.42
CA GLN A 78 10.97 -0.09 5.15
C GLN A 78 9.55 0.27 5.63
N SER A 79 8.58 0.08 4.74
CA SER A 79 7.19 0.39 5.06
C SER A 79 6.63 -0.58 6.10
N THR A 80 7.18 -1.80 6.14
CA THR A 80 6.73 -2.80 7.09
C THR A 80 7.60 -2.82 8.35
N VAL A 81 8.90 -2.64 8.16
CA VAL A 81 9.85 -2.66 9.28
C VAL A 81 10.14 -1.25 9.81
N LYS A 82 9.60 -0.23 9.16
CA LYS A 82 9.82 1.17 9.56
C LYS A 82 9.93 1.31 11.08
N HIS A 83 8.88 0.88 11.79
CA HIS A 83 8.88 0.96 13.24
C HIS A 83 7.60 0.34 13.81
N ASN A 84 7.23 -0.82 13.29
CA ASN A 84 6.04 -1.52 13.75
C ASN A 84 6.12 -3.01 13.42
N LEU A 85 5.17 -3.77 13.94
CA LEU A 85 5.12 -5.21 13.70
C LEU A 85 4.99 -5.52 12.22
N ASN A 86 5.84 -6.41 11.72
CA ASN A 86 5.80 -6.79 10.31
C ASN A 86 4.45 -7.43 9.98
N ASN A 87 3.66 -6.71 9.19
CA ASN A 87 2.33 -7.18 8.82
C ASN A 87 2.29 -7.69 7.39
N TYR A 88 3.27 -7.30 6.58
CA TYR A 88 3.30 -7.73 5.20
C TYR A 88 4.26 -8.89 5.00
N ASP A 89 3.93 -9.75 4.04
CA ASP A 89 4.73 -10.92 3.75
C ASP A 89 5.22 -10.84 2.29
N LEU A 90 6.39 -11.39 2.05
CA LEU A 90 6.95 -11.36 0.70
C LEU A 90 7.82 -12.58 0.41
N ARG A 91 7.86 -12.96 -0.86
CA ARG A 91 8.68 -14.08 -1.32
C ARG A 91 9.64 -13.57 -2.38
N SER A 92 10.87 -14.05 -2.41
CA SER A 92 11.83 -13.53 -3.39
C SER A 92 12.09 -14.48 -4.55
N VAL A 93 12.31 -13.86 -5.70
CA VAL A 93 12.61 -14.53 -6.96
C VAL A 93 13.01 -13.45 -7.98
N GLY A 94 12.34 -13.40 -9.14
CA GLY A 94 12.63 -12.39 -10.15
C GLY A 94 14.08 -11.93 -10.19
N ASN A 95 15.02 -12.86 -10.01
CA ASN A 95 16.45 -12.52 -10.03
C ASN A 95 16.72 -11.23 -9.28
N GLY A 96 15.90 -10.96 -8.27
CA GLY A 96 16.04 -9.76 -7.48
C GLY A 96 14.68 -9.15 -7.14
N ASN A 97 13.61 -9.81 -7.59
CA ASN A 97 12.26 -9.34 -7.32
C ASN A 97 11.57 -10.27 -6.34
N SER A 98 10.45 -9.81 -5.79
CA SER A 98 9.72 -10.61 -4.83
C SER A 98 8.21 -10.55 -5.09
N VAL A 99 7.50 -11.46 -4.47
CA VAL A 99 6.05 -11.52 -4.62
C VAL A 99 5.43 -10.95 -3.35
N LEU A 100 4.27 -10.32 -3.50
CA LEU A 100 3.62 -9.70 -2.36
C LEU A 100 2.44 -10.50 -1.84
N VAL A 101 2.69 -11.12 -0.71
CA VAL A 101 1.66 -11.86 0.00
C VAL A 101 1.66 -11.22 1.38
N SER A 102 0.56 -10.68 1.81
CA SER A 102 0.61 -9.96 3.07
C SER A 102 -0.72 -9.81 3.76
N LEU A 103 -0.61 -9.43 5.02
CA LEU A 103 -1.76 -9.14 5.83
C LEU A 103 -1.41 -9.13 7.31
N ARG A 104 -1.53 -10.28 7.95
CA ARG A 104 -1.24 -10.39 9.37
C ARG A 104 -2.06 -9.34 10.14
N SER A 105 -3.21 -8.98 9.55
CA SER A 105 -4.13 -7.98 10.09
C SER A 105 -4.55 -7.07 8.94
N ASP A 106 -5.66 -6.35 9.08
CA ASP A 106 -6.11 -5.49 8.01
C ASP A 106 -5.85 -4.01 8.30
N GLN A 107 -4.78 -3.48 7.69
CA GLN A 107 -4.42 -2.06 7.84
C GLN A 107 -3.32 -1.69 6.85
N MET A 108 -3.17 -0.40 6.55
CA MET A 108 -2.13 0.03 5.62
C MET A 108 -1.76 1.51 5.80
N THR A 109 -0.52 1.83 5.42
CA THR A 109 -0.02 3.19 5.49
C THR A 109 0.27 3.71 4.09
N LEU A 110 0.44 5.02 3.95
CA LEU A 110 0.73 5.64 2.66
C LEU A 110 1.89 4.93 1.95
N GLN A 111 3.04 4.85 2.63
CA GLN A 111 4.23 4.21 2.06
C GLN A 111 3.92 2.84 1.47
N ASP A 112 3.56 1.89 2.33
CA ASP A 112 3.24 0.53 1.89
C ASP A 112 2.27 0.54 0.72
N ALA A 113 1.14 1.17 0.93
CA ALA A 113 0.11 1.26 -0.10
C ALA A 113 0.74 1.53 -1.47
N LYS A 114 1.54 2.60 -1.54
CA LYS A 114 2.22 2.96 -2.78
C LYS A 114 3.26 1.92 -3.17
N VAL A 115 3.89 1.30 -2.17
CA VAL A 115 4.90 0.29 -2.44
C VAL A 115 4.34 -0.81 -3.33
N LEU A 116 3.32 -1.49 -2.82
CA LEU A 116 2.69 -2.56 -3.55
C LEU A 116 2.09 -2.04 -4.83
N LEU A 117 1.43 -0.89 -4.75
CA LEU A 117 0.82 -0.29 -5.93
C LEU A 117 1.88 0.14 -6.92
N GLU A 118 3.09 0.31 -6.44
CA GLU A 118 4.18 0.66 -7.31
C GLU A 118 4.46 -0.55 -8.15
N ALA A 119 4.68 -1.67 -7.46
CA ALA A 119 4.91 -2.92 -8.14
C ALA A 119 3.65 -3.42 -8.81
N ALA A 120 2.51 -2.89 -8.37
CA ALA A 120 1.23 -3.27 -8.93
C ALA A 120 1.00 -2.54 -10.24
N LEU A 121 0.92 -1.23 -10.16
CA LEU A 121 0.69 -0.43 -11.35
C LEU A 121 1.81 -0.64 -12.37
N ARG A 122 2.99 -1.05 -11.88
CA ARG A 122 4.13 -1.28 -12.78
C ARG A 122 4.13 -2.71 -13.34
N GLN A 123 3.82 -3.68 -12.49
CA GLN A 123 3.82 -5.08 -12.93
C GLN A 123 2.51 -5.49 -13.59
N GLU A 124 1.40 -4.88 -13.18
CA GLU A 124 0.10 -5.22 -13.74
C GLU A 124 -0.30 -4.31 -14.90
N SER A 125 -0.52 -3.04 -14.58
CA SER A 125 -0.95 -2.07 -15.58
C SER A 125 0.22 -1.28 -16.17
N GLY A 126 1.42 -1.52 -15.65
CA GLY A 126 2.59 -0.79 -16.13
C GLY A 126 2.29 0.68 -16.36
N ALA A 127 2.18 1.42 -15.26
CA ALA A 127 1.84 2.85 -15.31
C ALA A 127 0.34 3.00 -15.49
N ARG A 128 -0.20 2.25 -16.45
CA ARG A 128 -1.64 2.25 -16.72
C ARG A 128 -1.94 1.46 -17.99
N GLY A 129 -2.51 0.28 -17.81
CA GLY A 129 -2.85 -0.58 -18.93
C GLY A 129 -1.75 -0.65 -19.98
N SER A 130 -0.51 -0.42 -19.56
CA SER A 130 0.63 -0.45 -20.47
C SER A 130 0.45 0.57 -21.59
N ASP B 2 -22.13 6.49 -2.29
CA ASP B 2 -21.03 7.11 -3.02
C ASP B 2 -19.79 7.23 -2.15
N GLU B 3 -18.74 7.84 -2.70
CA GLU B 3 -17.49 8.02 -1.96
C GLU B 3 -16.76 9.28 -2.42
N ASP B 5 -14.75 9.62 -4.50
CA ASP B 5 -14.66 9.58 -5.96
C ASP B 5 -13.36 10.20 -6.49
N ASP B 6 -13.39 11.50 -6.77
CA ASP B 6 -12.21 12.20 -7.30
C ASP B 6 -10.95 11.84 -6.53
N PRO B 7 -10.05 11.02 -7.14
CA PRO B 7 -8.79 10.63 -6.49
C PRO B 7 -7.96 11.82 -6.07
N PHE B 8 -6.77 11.56 -5.53
CA PHE B 8 -5.88 12.64 -5.09
C PHE B 8 -6.53 13.46 -3.98
N MET A 1 -15.67 -1.10 -5.94
CA MET A 1 -15.55 -0.60 -4.54
C MET A 1 -14.49 0.50 -4.43
N ASN A 2 -13.32 0.24 -4.99
CA ASN A 2 -12.22 1.21 -4.96
C ASN A 2 -11.71 1.50 -6.36
N LEU A 3 -10.90 2.53 -6.48
CA LEU A 3 -10.34 2.94 -7.77
C LEU A 3 -9.38 1.89 -8.32
N SER A 4 -8.94 2.08 -9.56
CA SER A 4 -8.01 1.16 -10.20
C SER A 4 -6.61 1.35 -9.60
N LEU A 5 -5.57 1.08 -10.39
CA LEU A 5 -4.20 1.24 -9.90
C LEU A 5 -3.63 2.58 -10.27
N SER A 6 -3.43 2.77 -11.55
CA SER A 6 -2.86 3.98 -12.06
C SER A 6 -3.29 5.22 -11.26
N ASP A 7 -4.59 5.35 -10.99
CA ASP A 7 -5.13 6.48 -10.26
C ASP A 7 -4.91 6.36 -8.75
N LEU A 8 -5.12 5.16 -8.22
CA LEU A 8 -4.96 4.91 -6.79
C LEU A 8 -3.51 5.08 -6.37
N HIS A 9 -2.63 4.71 -7.28
CA HIS A 9 -1.21 4.78 -7.04
C HIS A 9 -0.71 6.19 -7.26
N ARG A 10 -1.17 6.84 -8.31
CA ARG A 10 -0.77 8.20 -8.56
C ARG A 10 -1.19 9.07 -7.39
N GLN A 11 -2.36 8.76 -6.83
CA GLN A 11 -2.89 9.47 -5.68
C GLN A 11 -2.02 9.23 -4.45
N VAL A 12 -1.98 7.97 -3.99
CA VAL A 12 -1.19 7.61 -2.82
C VAL A 12 0.27 8.01 -3.00
N SER A 13 0.83 7.66 -4.15
CA SER A 13 2.23 7.97 -4.43
C SER A 13 2.52 9.46 -4.26
N ARG A 14 1.82 10.28 -5.05
CA ARG A 14 2.04 11.72 -4.98
C ARG A 14 1.91 12.28 -3.57
N LEU A 15 0.84 11.93 -2.85
CA LEU A 15 0.66 12.45 -1.49
C LEU A 15 1.83 12.05 -0.60
N VAL A 16 2.04 10.76 -0.48
CA VAL A 16 3.09 10.22 0.37
C VAL A 16 4.50 10.50 -0.17
N GLN A 17 4.58 10.97 -1.41
CA GLN A 17 5.88 11.26 -2.01
C GLN A 17 6.24 12.75 -1.88
N GLN A 18 5.33 13.55 -1.33
CA GLN A 18 5.59 14.98 -1.17
C GLN A 18 4.88 15.56 0.04
N GLU A 19 3.59 15.24 0.18
CA GLU A 19 2.79 15.76 1.29
C GLU A 19 2.88 14.87 2.53
N SER A 20 2.45 13.62 2.39
CA SER A 20 2.45 12.67 3.50
C SER A 20 3.84 12.17 3.83
N GLY A 21 4.60 11.78 2.81
CA GLY A 21 5.94 11.27 3.04
C GLY A 21 5.92 9.78 3.36
N ASP A 22 4.93 9.36 4.15
CA ASP A 22 4.77 7.97 4.54
C ASP A 22 3.43 7.78 5.26
N CYS A 23 3.30 8.39 6.44
CA CYS A 23 2.08 8.34 7.25
C CYS A 23 1.28 7.05 7.02
N THR A 24 -0.01 7.08 7.37
CA THR A 24 -0.87 5.92 7.17
C THR A 24 -1.75 6.17 5.96
N GLY A 25 -2.23 5.08 5.36
CA GLY A 25 -3.05 5.22 4.17
C GLY A 25 -4.50 4.96 4.44
N LYS A 26 -5.32 5.97 4.18
CA LYS A 26 -6.76 5.85 4.36
C LYS A 26 -7.42 5.71 3.00
N LEU A 27 -8.04 4.56 2.76
CA LEU A 27 -8.67 4.28 1.48
C LEU A 27 -10.19 4.25 1.57
N ARG A 28 -10.82 4.58 0.44
CA ARG A 28 -12.27 4.62 0.31
C ARG A 28 -12.64 5.48 -0.88
N GLY A 29 -12.03 5.16 -2.03
CA GLY A 29 -12.26 5.91 -3.25
C GLY A 29 -11.12 6.88 -3.51
N ASN A 30 -10.21 6.97 -2.54
CA ASN A 30 -9.05 7.85 -2.61
C ASN A 30 -8.07 7.46 -1.52
N VAL A 31 -6.84 7.94 -1.61
CA VAL A 31 -5.84 7.64 -0.59
C VAL A 31 -5.40 8.92 0.11
N ALA A 32 -5.57 8.92 1.42
CA ALA A 32 -5.20 10.08 2.24
C ALA A 32 -4.16 9.70 3.29
N ALA A 33 -3.56 10.71 3.91
CA ALA A 33 -2.52 10.48 4.92
C ALA A 33 -3.07 10.64 6.33
N ASN A 34 -2.83 9.62 7.15
CA ASN A 34 -3.29 9.62 8.54
C ASN A 34 -2.10 9.70 9.48
N LYS A 35 -2.21 10.59 10.47
CA LYS A 35 -1.15 10.78 11.46
C LYS A 35 -1.70 10.67 12.88
N GLU A 36 -3.00 10.89 13.03
CA GLU A 36 -3.64 10.82 14.35
C GLU A 36 -3.43 9.45 15.00
N THR A 37 -3.17 8.44 14.18
CA THR A 37 -2.97 7.09 14.69
C THR A 37 -2.12 6.29 13.72
N THR A 38 -1.44 5.28 14.23
CA THR A 38 -0.59 4.43 13.41
C THR A 38 -1.42 3.35 12.71
N PHE A 39 -1.09 2.08 12.93
CA PHE A 39 -1.82 0.99 12.30
C PHE A 39 -1.31 -0.37 12.79
N GLN A 40 -0.27 -0.88 12.15
CA GLN A 40 0.33 -2.17 12.52
C GLN A 40 -0.72 -3.28 12.49
N GLY A 41 -0.88 -3.91 11.31
CA GLY A 41 -1.88 -5.00 11.15
C GLY A 41 -2.87 -5.06 12.28
N LEU A 42 -4.04 -4.47 12.06
CA LEU A 42 -5.09 -4.43 13.08
C LEU A 42 -6.47 -4.39 12.42
N THR A 43 -7.49 -4.75 13.18
CA THR A 43 -8.86 -4.76 12.66
C THR A 43 -9.69 -3.61 13.22
N ILE A 44 -9.03 -2.49 13.48
CA ILE A 44 -9.69 -1.30 14.02
C ILE A 44 -10.36 -1.58 15.37
N ALA A 45 -10.26 -2.82 15.85
CA ALA A 45 -10.86 -3.18 17.13
C ALA A 45 -9.99 -2.70 18.29
N SER A 46 -8.67 -2.84 18.13
CA SER A 46 -7.74 -2.40 19.15
C SER A 46 -7.68 -0.88 19.23
N GLY A 47 -7.89 -0.23 18.09
CA GLY A 47 -7.86 1.22 18.06
C GLY A 47 -7.26 1.78 16.77
N ALA A 48 -7.79 1.33 15.63
CA ALA A 48 -7.29 1.80 14.34
C ALA A 48 -8.40 2.45 13.53
N ARG A 49 -8.10 2.79 12.27
CA ARG A 49 -9.08 3.43 11.40
C ARG A 49 -9.51 2.48 10.29
N GLU A 50 -10.81 2.48 9.97
CA GLU A 50 -11.37 1.63 8.93
C GLU A 50 -10.66 1.85 7.59
N SER A 51 -9.97 2.98 7.47
CA SER A 51 -9.27 3.32 6.25
C SER A 51 -8.02 2.45 6.07
N GLU A 52 -7.13 2.47 7.06
CA GLU A 52 -5.90 1.68 6.99
C GLU A 52 -6.23 0.23 6.60
N LYS A 53 -7.27 -0.32 7.21
CA LYS A 53 -7.69 -1.70 6.93
C LYS A 53 -8.18 -1.85 5.50
N VAL A 54 -9.22 -1.09 5.12
CA VAL A 54 -9.75 -1.18 3.78
C VAL A 54 -8.63 -1.08 2.75
N PHE A 55 -7.73 -0.12 2.97
CA PHE A 55 -6.59 0.06 2.09
C PHE A 55 -5.80 -1.25 1.99
N ALA A 56 -5.42 -1.80 3.12
CA ALA A 56 -4.68 -3.07 3.16
C ALA A 56 -5.35 -4.09 2.26
N GLN A 57 -6.67 -4.20 2.39
CA GLN A 57 -7.43 -5.15 1.58
C GLN A 57 -7.34 -4.80 0.09
N THR A 58 -7.51 -3.52 -0.22
CA THR A 58 -7.47 -3.05 -1.60
C THR A 58 -6.08 -3.25 -2.19
N VAL A 59 -5.05 -2.73 -1.53
CA VAL A 59 -3.69 -2.89 -2.03
C VAL A 59 -3.33 -4.36 -2.12
N LEU A 60 -3.78 -5.15 -1.15
CA LEU A 60 -3.51 -6.58 -1.16
C LEU A 60 -4.13 -7.23 -2.40
N SER A 61 -5.32 -6.77 -2.76
CA SER A 61 -6.03 -7.30 -3.92
C SER A 61 -5.34 -6.91 -5.23
N HIS A 62 -5.25 -5.61 -5.48
CA HIS A 62 -4.63 -5.11 -6.71
C HIS A 62 -3.24 -5.68 -6.91
N VAL A 63 -2.60 -6.05 -5.81
CA VAL A 63 -1.26 -6.62 -5.86
C VAL A 63 -1.30 -8.13 -5.66
N ALA A 64 -2.21 -8.78 -6.37
CA ALA A 64 -2.34 -10.23 -6.26
C ALA A 64 -1.24 -10.96 -7.02
N ASN A 65 0.03 -10.67 -6.66
CA ASN A 65 1.20 -11.30 -7.28
C ASN A 65 2.26 -10.24 -7.65
N VAL A 66 1.89 -9.34 -8.57
CA VAL A 66 2.80 -8.29 -9.03
C VAL A 66 4.23 -8.83 -9.26
N VAL A 67 5.25 -8.08 -8.83
CA VAL A 67 6.63 -8.54 -9.03
C VAL A 67 7.59 -7.86 -8.07
N LEU A 68 7.28 -6.63 -7.73
CA LEU A 68 8.09 -5.83 -6.81
C LEU A 68 9.59 -6.02 -7.03
N THR A 69 10.18 -5.11 -7.79
CA THR A 69 11.61 -5.16 -8.06
C THR A 69 12.38 -4.89 -6.77
N GLN A 70 13.68 -4.61 -6.89
CA GLN A 70 14.50 -4.34 -5.72
C GLN A 70 13.94 -3.14 -4.93
N GLU A 71 13.38 -2.18 -5.67
CA GLU A 71 12.82 -0.99 -5.04
C GLU A 71 11.58 -1.34 -4.24
N ASP A 72 10.66 -2.04 -4.88
CA ASP A 72 9.43 -2.46 -4.22
C ASP A 72 9.72 -3.34 -3.01
N THR A 73 10.67 -4.26 -3.16
CA THR A 73 11.05 -5.15 -2.06
C THR A 73 11.60 -4.34 -0.90
N ALA A 74 12.46 -3.38 -1.21
CA ALA A 74 13.02 -2.50 -0.19
C ALA A 74 11.91 -1.62 0.33
N LYS A 75 10.96 -1.36 -0.55
CA LYS A 75 9.80 -0.57 -0.24
C LYS A 75 9.07 -1.17 0.97
N LEU A 76 8.67 -2.44 0.85
CA LEU A 76 7.98 -3.11 1.95
C LEU A 76 8.89 -3.20 3.16
N LEU A 77 10.09 -3.74 2.97
CA LEU A 77 11.04 -3.88 4.07
C LEU A 77 11.28 -2.54 4.75
N GLN A 78 11.21 -1.46 3.98
CA GLN A 78 11.40 -0.12 4.52
C GLN A 78 10.25 0.23 5.45
N SER A 79 9.06 0.33 4.87
CA SER A 79 7.87 0.65 5.65
C SER A 79 7.64 -0.39 6.75
N THR A 80 8.20 -1.58 6.54
CA THR A 80 8.06 -2.67 7.51
C THR A 80 8.89 -2.41 8.75
N VAL A 81 10.21 -2.37 8.58
CA VAL A 81 11.12 -2.14 9.70
C VAL A 81 11.02 -0.71 10.21
N LYS A 82 10.39 0.17 9.43
CA LYS A 82 10.24 1.57 9.82
C LYS A 82 9.77 1.70 11.27
N HIS A 83 8.54 1.30 11.54
CA HIS A 83 7.98 1.37 12.88
C HIS A 83 7.23 0.10 13.25
N ASN A 84 7.96 -0.99 13.42
CA ASN A 84 7.37 -2.28 13.77
C ASN A 84 6.15 -2.59 12.91
N LEU A 85 6.40 -2.88 11.63
CA LEU A 85 5.33 -3.21 10.70
C LEU A 85 5.65 -4.49 9.93
N ASN A 86 5.51 -5.62 10.60
CA ASN A 86 5.78 -6.90 9.98
C ASN A 86 4.48 -7.62 9.63
N ASN A 87 3.42 -6.83 9.43
CA ASN A 87 2.12 -7.39 9.09
C ASN A 87 2.08 -7.86 7.64
N TYR A 88 3.07 -7.44 6.85
CA TYR A 88 3.11 -7.83 5.45
C TYR A 88 4.15 -8.93 5.24
N ASP A 89 3.79 -9.90 4.40
CA ASP A 89 4.66 -11.01 4.11
C ASP A 89 5.17 -10.89 2.67
N LEU A 90 6.40 -11.33 2.45
CA LEU A 90 7.00 -11.21 1.12
C LEU A 90 7.73 -12.47 0.67
N ARG A 91 7.81 -12.63 -0.65
CA ARG A 91 8.50 -13.76 -1.27
C ARG A 91 9.43 -13.20 -2.36
N SER A 92 10.62 -13.77 -2.53
CA SER A 92 11.54 -13.23 -3.53
C SER A 92 11.63 -14.07 -4.79
N VAL A 93 11.71 -13.34 -5.90
CA VAL A 93 11.84 -13.91 -7.22
C VAL A 93 12.40 -12.82 -8.15
N GLY A 94 11.87 -12.71 -9.36
CA GLY A 94 12.31 -11.69 -10.31
C GLY A 94 13.78 -11.33 -10.17
N ASN A 95 14.62 -12.34 -9.87
CA ASN A 95 16.04 -12.10 -9.68
C ASN A 95 16.25 -11.21 -8.46
N GLY A 96 15.85 -9.96 -8.61
CA GLY A 96 15.93 -9.01 -7.52
C GLY A 96 14.56 -8.45 -7.19
N ASN A 97 13.52 -9.19 -7.56
CA ASN A 97 12.14 -8.78 -7.31
C ASN A 97 11.48 -9.74 -6.33
N SER A 98 10.33 -9.34 -5.79
CA SER A 98 9.61 -10.18 -4.84
C SER A 98 8.11 -10.11 -5.07
N VAL A 99 7.40 -11.07 -4.50
CA VAL A 99 5.96 -11.14 -4.59
C VAL A 99 5.36 -10.67 -3.28
N LEU A 100 4.16 -10.11 -3.33
CA LEU A 100 3.55 -9.63 -2.11
C LEU A 100 2.45 -10.54 -1.59
N VAL A 101 2.76 -11.16 -0.47
CA VAL A 101 1.80 -11.99 0.24
C VAL A 101 1.74 -11.39 1.62
N SER A 102 0.69 -10.68 1.93
CA SER A 102 0.67 -9.99 3.21
C SER A 102 -0.68 -9.84 3.83
N LEU A 103 -0.64 -9.49 5.11
CA LEU A 103 -1.81 -9.21 5.88
C LEU A 103 -1.55 -9.35 7.37
N ARG A 104 -1.78 -10.53 7.90
CA ARG A 104 -1.59 -10.74 9.33
C ARG A 104 -2.45 -9.74 10.10
N SER A 105 -3.51 -9.26 9.42
CA SER A 105 -4.46 -8.27 9.92
C SER A 105 -4.78 -7.29 8.80
N ASP A 106 -5.79 -6.46 8.96
CA ASP A 106 -6.15 -5.51 7.90
C ASP A 106 -5.72 -4.08 8.22
N GLN A 107 -4.62 -3.65 7.61
CA GLN A 107 -4.11 -2.29 7.80
C GLN A 107 -3.04 -1.97 6.77
N MET A 108 -2.83 -0.69 6.51
CA MET A 108 -1.81 -0.29 5.54
C MET A 108 -1.47 1.19 5.64
N THR A 109 -0.20 1.51 5.42
CA THR A 109 0.28 2.88 5.43
C THR A 109 0.51 3.33 4.00
N LEU A 110 0.61 4.64 3.77
CA LEU A 110 0.83 5.14 2.41
C LEU A 110 2.01 4.44 1.78
N GLN A 111 3.19 4.59 2.38
CA GLN A 111 4.40 3.94 1.88
C GLN A 111 4.09 2.51 1.42
N ASP A 112 3.68 1.66 2.35
CA ASP A 112 3.33 0.28 2.02
C ASP A 112 2.35 0.24 0.86
N ALA A 113 1.21 0.88 1.02
CA ALA A 113 0.21 0.93 -0.04
C ALA A 113 0.88 1.33 -1.36
N LYS A 114 1.81 2.27 -1.28
CA LYS A 114 2.52 2.75 -2.44
C LYS A 114 3.52 1.70 -2.93
N VAL A 115 3.99 0.85 -2.02
CA VAL A 115 4.95 -0.16 -2.39
C VAL A 115 4.32 -1.25 -3.25
N LEU A 116 3.23 -1.80 -2.77
CA LEU A 116 2.55 -2.84 -3.50
C LEU A 116 1.92 -2.23 -4.72
N LEU A 117 1.40 -1.02 -4.57
CA LEU A 117 0.78 -0.32 -5.68
C LEU A 117 1.82 0.01 -6.71
N GLU A 118 3.03 0.24 -6.28
CA GLU A 118 4.10 0.53 -7.20
C GLU A 118 4.30 -0.67 -8.08
N ALA A 119 4.47 -1.83 -7.44
CA ALA A 119 4.61 -3.05 -8.21
C ALA A 119 3.27 -3.48 -8.78
N ALA A 120 2.21 -2.93 -8.23
CA ALA A 120 0.89 -3.26 -8.67
C ALA A 120 0.61 -2.53 -9.96
N LEU A 121 0.61 -1.20 -9.93
CA LEU A 121 0.37 -0.48 -11.17
C LEU A 121 1.40 -0.94 -12.20
N ARG A 122 2.61 -1.23 -11.71
CA ARG A 122 3.71 -1.68 -12.55
C ARG A 122 3.35 -2.92 -13.36
N GLN A 123 3.10 -4.03 -12.70
CA GLN A 123 2.79 -5.28 -13.39
C GLN A 123 1.28 -5.55 -13.53
N GLU A 124 0.47 -4.80 -12.80
CA GLU A 124 -0.99 -4.99 -12.80
C GLU A 124 -1.73 -4.05 -13.71
N SER A 125 -1.69 -2.77 -13.34
CA SER A 125 -2.41 -1.74 -14.03
C SER A 125 -2.21 -1.80 -15.52
N GLY A 126 -0.97 -1.68 -15.95
CA GLY A 126 -0.72 -1.64 -17.36
C GLY A 126 -1.34 -0.37 -17.93
N ALA A 127 -1.90 0.44 -17.01
CA ALA A 127 -2.51 1.71 -17.33
C ALA A 127 -1.48 2.81 -17.16
N ARG A 128 -0.60 2.59 -16.18
CA ARG A 128 0.46 3.53 -15.90
C ARG A 128 1.74 2.79 -15.51
N GLY A 129 1.64 1.63 -14.84
CA GLY A 129 2.86 0.92 -14.48
C GLY A 129 3.34 0.00 -15.59
N SER A 130 2.68 0.05 -16.74
CA SER A 130 3.06 -0.78 -17.88
C SER A 130 4.54 -0.61 -18.22
N ASP B 2 -16.56 6.65 -4.24
CA ASP B 2 -17.05 6.85 -2.88
C ASP B 2 -16.23 7.91 -2.16
N GLU B 3 -16.88 8.66 -1.28
CA GLU B 3 -16.20 9.71 -0.51
C GLU B 3 -15.67 10.79 -1.44
N ASP B 5 -13.82 11.94 -5.33
CA ASP B 5 -13.95 11.62 -6.75
C ASP B 5 -12.58 11.54 -7.44
N ASP B 6 -12.09 12.68 -7.92
CA ASP B 6 -10.80 12.73 -8.60
C ASP B 6 -9.69 12.22 -7.69
N PRO B 7 -9.15 11.03 -7.96
CA PRO B 7 -8.08 10.44 -7.15
C PRO B 7 -6.79 11.26 -7.19
N PHE B 8 -6.67 12.21 -6.27
CA PHE B 8 -5.48 13.07 -6.21
C PHE B 8 -5.61 14.09 -5.08
N MET A 1 -16.02 1.80 -4.54
CA MET A 1 -14.80 1.02 -4.23
C MET A 1 -13.53 1.79 -4.61
N ASN A 2 -12.40 1.12 -4.51
CA ASN A 2 -11.11 1.73 -4.84
C ASN A 2 -11.11 2.24 -6.28
N LEU A 3 -10.14 3.10 -6.59
CA LEU A 3 -10.01 3.65 -7.93
C LEU A 3 -9.34 2.64 -8.86
N SER A 4 -8.02 2.51 -8.69
CA SER A 4 -7.23 1.58 -9.50
C SER A 4 -5.77 1.64 -9.07
N LEU A 5 -4.85 1.35 -9.98
CA LEU A 5 -3.43 1.38 -9.63
C LEU A 5 -2.80 2.71 -10.02
N SER A 6 -2.78 2.95 -11.31
CA SER A 6 -2.18 4.15 -11.87
C SER A 6 -2.40 5.39 -10.98
N ASP A 7 -3.65 5.74 -10.72
CA ASP A 7 -3.96 6.91 -9.90
C ASP A 7 -3.66 6.63 -8.44
N LEU A 8 -4.24 5.56 -7.92
CA LEU A 8 -4.03 5.17 -6.53
C LEU A 8 -2.57 5.31 -6.15
N HIS A 9 -1.71 4.73 -6.98
CA HIS A 9 -0.28 4.81 -6.79
C HIS A 9 0.15 6.26 -6.94
N ARG A 10 -0.37 6.87 -7.99
CA ARG A 10 -0.07 8.26 -8.32
C ARG A 10 -0.29 9.18 -7.11
N GLN A 11 -1.50 9.17 -6.57
CA GLN A 11 -1.82 10.02 -5.42
C GLN A 11 -1.03 9.62 -4.17
N VAL A 12 -1.05 8.35 -3.80
CA VAL A 12 -0.32 7.89 -2.64
C VAL A 12 1.18 8.19 -2.78
N SER A 13 1.71 7.88 -3.95
CA SER A 13 3.11 8.10 -4.25
C SER A 13 3.48 9.57 -4.07
N ARG A 14 2.68 10.46 -4.65
CA ARG A 14 2.93 11.89 -4.54
C ARG A 14 2.83 12.34 -3.09
N LEU A 15 1.97 11.66 -2.33
CA LEU A 15 1.77 11.99 -0.94
C LEU A 15 2.99 11.72 -0.08
N VAL A 16 3.35 10.44 0.05
CA VAL A 16 4.50 10.06 0.87
C VAL A 16 5.82 10.54 0.27
N GLN A 17 5.86 10.69 -1.04
CA GLN A 17 7.08 11.14 -1.69
C GLN A 17 7.17 12.66 -1.75
N GLN A 18 6.07 13.35 -1.39
CA GLN A 18 6.06 14.80 -1.42
C GLN A 18 5.09 15.38 -0.40
N GLU A 19 4.99 14.77 0.77
CA GLU A 19 4.08 15.27 1.80
C GLU A 19 4.11 14.42 3.08
N SER A 20 3.63 13.19 2.98
CA SER A 20 3.56 12.29 4.14
C SER A 20 4.94 11.79 4.55
N GLY A 21 5.78 11.45 3.58
CA GLY A 21 7.10 10.94 3.89
C GLY A 21 7.07 9.45 4.20
N ASP A 22 6.18 9.04 5.10
CA ASP A 22 6.07 7.64 5.48
C ASP A 22 4.90 7.42 6.45
N CYS A 23 3.86 8.24 6.32
CA CYS A 23 2.68 8.14 7.18
C CYS A 23 1.78 7.00 6.71
N THR A 24 0.53 7.01 7.16
CA THR A 24 -0.42 5.98 6.78
C THR A 24 -1.40 6.52 5.74
N GLY A 25 -1.88 5.65 4.86
CA GLY A 25 -2.80 6.09 3.82
C GLY A 25 -4.23 5.65 4.05
N LYS A 26 -5.17 6.50 3.67
CA LYS A 26 -6.59 6.21 3.79
C LYS A 26 -7.19 5.95 2.41
N LEU A 27 -7.80 4.79 2.21
CA LEU A 27 -8.37 4.44 0.91
C LEU A 27 -9.89 4.55 0.89
N ARG A 28 -10.44 4.59 -0.33
CA ARG A 28 -11.89 4.70 -0.60
C ARG A 28 -12.10 5.53 -1.87
N GLY A 29 -11.54 5.06 -2.99
CA GLY A 29 -11.67 5.81 -4.23
C GLY A 29 -10.75 7.01 -4.22
N ASN A 30 -9.92 7.09 -3.19
CA ASN A 30 -8.96 8.18 -3.00
C ASN A 30 -7.96 7.76 -1.92
N VAL A 31 -6.85 8.49 -1.81
CA VAL A 31 -5.86 8.16 -0.79
C VAL A 31 -5.43 9.41 -0.02
N ALA A 32 -5.71 9.39 1.28
CA ALA A 32 -5.38 10.49 2.15
C ALA A 32 -4.17 10.17 3.02
N ALA A 33 -3.60 11.20 3.65
CA ALA A 33 -2.43 11.01 4.50
C ALA A 33 -2.80 11.05 5.98
N ASN A 34 -2.59 9.93 6.65
CA ASN A 34 -2.89 9.80 8.07
C ASN A 34 -1.64 10.00 8.91
N LYS A 35 -1.67 11.00 9.78
CA LYS A 35 -0.54 11.31 10.66
C LYS A 35 -0.90 11.05 12.12
N GLU A 36 -2.19 11.11 12.44
CA GLU A 36 -2.65 10.89 13.80
C GLU A 36 -2.28 9.49 14.28
N THR A 37 -2.69 8.48 13.51
CA THR A 37 -2.40 7.10 13.84
C THR A 37 -1.09 6.65 13.19
N THR A 38 -0.81 5.35 13.24
CA THR A 38 0.41 4.81 12.65
C THR A 38 0.11 3.58 11.79
N PHE A 39 -0.75 2.70 12.30
CA PHE A 39 -1.14 1.45 11.61
C PHE A 39 -0.21 0.31 12.01
N GLN A 40 -0.54 -0.90 11.53
CA GLN A 40 0.22 -2.12 11.81
C GLN A 40 -0.72 -3.33 11.78
N GLY A 41 -1.31 -3.58 10.62
CA GLY A 41 -2.24 -4.68 10.47
C GLY A 41 -3.52 -4.46 11.27
N LEU A 42 -3.54 -4.89 12.53
CA LEU A 42 -4.71 -4.71 13.39
C LEU A 42 -6.02 -5.03 12.65
N THR A 43 -7.14 -5.06 13.37
CA THR A 43 -8.43 -5.36 12.75
C THR A 43 -9.47 -4.30 13.09
N ILE A 44 -9.04 -3.05 13.20
CA ILE A 44 -9.94 -1.94 13.51
C ILE A 44 -10.72 -2.16 14.81
N ALA A 45 -10.37 -3.21 15.54
CA ALA A 45 -11.05 -3.51 16.81
C ALA A 45 -10.34 -2.85 17.98
N SER A 46 -9.03 -2.70 17.88
CA SER A 46 -8.24 -2.09 18.95
C SER A 46 -8.11 -0.59 18.74
N GLY A 47 -7.64 -0.20 17.56
CA GLY A 47 -7.47 1.21 17.26
C GLY A 47 -6.87 1.46 15.89
N ALA A 48 -7.66 1.21 14.85
CA ALA A 48 -7.21 1.41 13.48
C ALA A 48 -8.28 2.13 12.65
N ARG A 49 -7.86 2.70 11.53
CA ARG A 49 -8.80 3.41 10.66
C ARG A 49 -9.34 2.49 9.57
N GLU A 50 -10.65 2.54 9.35
CA GLU A 50 -11.30 1.72 8.33
C GLU A 50 -10.59 1.88 6.98
N SER A 51 -9.96 3.04 6.79
CA SER A 51 -9.24 3.31 5.56
C SER A 51 -7.99 2.45 5.47
N GLU A 52 -7.12 2.58 6.47
CA GLU A 52 -5.88 1.82 6.53
C GLU A 52 -6.11 0.36 6.16
N LYS A 53 -7.10 -0.26 6.82
CA LYS A 53 -7.43 -1.66 6.57
C LYS A 53 -7.95 -1.86 5.15
N VAL A 54 -8.93 -1.08 4.74
CA VAL A 54 -9.47 -1.21 3.38
C VAL A 54 -8.35 -1.02 2.38
N PHE A 55 -7.44 -0.10 2.71
CA PHE A 55 -6.29 0.18 1.86
C PHE A 55 -5.46 -1.09 1.71
N ALA A 56 -5.20 -1.75 2.83
CA ALA A 56 -4.44 -2.99 2.82
C ALA A 56 -5.10 -3.98 1.86
N GLN A 57 -6.31 -4.40 2.21
CA GLN A 57 -7.05 -5.34 1.38
C GLN A 57 -6.87 -5.02 -0.11
N THR A 58 -7.04 -3.75 -0.46
CA THR A 58 -6.89 -3.32 -1.84
C THR A 58 -5.44 -3.48 -2.32
N VAL A 59 -4.50 -2.89 -1.58
CA VAL A 59 -3.09 -2.96 -1.95
C VAL A 59 -2.63 -4.37 -2.30
N LEU A 60 -3.08 -5.37 -1.55
CA LEU A 60 -2.69 -6.75 -1.84
C LEU A 60 -3.72 -7.42 -2.73
N SER A 61 -4.91 -6.84 -2.80
CA SER A 61 -5.98 -7.37 -3.65
C SER A 61 -5.60 -7.26 -5.12
N HIS A 62 -5.43 -6.03 -5.61
CA HIS A 62 -5.07 -5.83 -7.00
C HIS A 62 -3.70 -6.42 -7.26
N VAL A 63 -2.80 -6.16 -6.33
CA VAL A 63 -1.44 -6.69 -6.42
C VAL A 63 -1.49 -8.21 -6.58
N ALA A 64 -2.08 -8.87 -5.59
CA ALA A 64 -2.24 -10.32 -5.59
C ALA A 64 -1.01 -11.06 -6.14
N ASN A 65 0.18 -10.45 -6.02
CA ASN A 65 1.44 -11.04 -6.49
C ASN A 65 2.43 -9.97 -6.92
N VAL A 66 2.11 -9.29 -8.03
CA VAL A 66 2.96 -8.23 -8.59
C VAL A 66 4.44 -8.61 -8.61
N VAL A 67 5.30 -7.62 -8.75
CA VAL A 67 6.72 -7.83 -8.82
C VAL A 67 7.47 -6.73 -8.08
N LEU A 68 7.47 -6.82 -6.77
CA LEU A 68 8.13 -5.82 -5.95
C LEU A 68 9.64 -5.91 -6.06
N THR A 69 10.19 -5.33 -7.13
CA THR A 69 11.63 -5.33 -7.32
C THR A 69 12.31 -4.88 -6.02
N GLN A 70 13.62 -5.07 -5.95
CA GLN A 70 14.38 -4.69 -4.75
C GLN A 70 13.91 -3.35 -4.17
N GLU A 71 13.52 -2.45 -5.07
CA GLU A 71 13.04 -1.14 -4.66
C GLU A 71 11.77 -1.26 -3.85
N ASP A 72 10.83 -2.04 -4.37
CA ASP A 72 9.57 -2.26 -3.70
C ASP A 72 9.78 -3.13 -2.45
N THR A 73 10.43 -4.28 -2.61
CA THR A 73 10.71 -5.17 -1.47
C THR A 73 11.23 -4.36 -0.29
N ALA A 74 12.07 -3.38 -0.60
CA ALA A 74 12.65 -2.50 0.43
C ALA A 74 11.55 -1.56 0.87
N LYS A 75 10.81 -1.09 -0.12
CA LYS A 75 9.67 -0.22 0.08
C LYS A 75 8.75 -0.85 1.14
N LEU A 76 8.53 -2.16 1.00
CA LEU A 76 7.71 -2.90 1.96
C LEU A 76 8.39 -2.90 3.33
N LEU A 77 9.65 -3.33 3.36
CA LEU A 77 10.40 -3.35 4.61
C LEU A 77 10.27 -2.01 5.31
N GLN A 78 10.32 -0.94 4.52
CA GLN A 78 10.18 0.41 5.05
C GLN A 78 8.84 0.55 5.75
N SER A 79 7.77 0.22 5.03
CA SER A 79 6.42 0.30 5.57
C SER A 79 6.33 -0.38 6.93
N THR A 80 6.85 -1.61 7.01
CA THR A 80 6.81 -2.38 8.25
C THR A 80 7.82 -1.86 9.27
N VAL A 81 9.10 -1.86 8.90
CA VAL A 81 10.15 -1.40 9.79
C VAL A 81 9.85 -0.01 10.37
N LYS A 82 9.01 0.75 9.67
CA LYS A 82 8.63 2.10 10.10
C LYS A 82 8.35 2.14 11.61
N HIS A 83 7.65 1.12 12.11
CA HIS A 83 7.31 1.06 13.52
C HIS A 83 7.94 -0.18 14.18
N ASN A 84 7.21 -1.29 14.21
CA ASN A 84 7.70 -2.53 14.80
C ASN A 84 6.65 -3.63 14.75
N LEU A 85 6.70 -4.44 13.69
CA LEU A 85 5.74 -5.53 13.53
C LEU A 85 6.03 -6.31 12.25
N ASN A 86 5.12 -7.20 11.89
CA ASN A 86 5.27 -8.01 10.69
C ASN A 86 3.92 -8.33 10.06
N ASN A 87 3.28 -7.32 9.50
CA ASN A 87 1.99 -7.48 8.86
C ASN A 87 2.15 -8.07 7.47
N TYR A 88 3.10 -7.54 6.71
CA TYR A 88 3.34 -8.02 5.37
C TYR A 88 4.16 -9.29 5.36
N ASP A 89 3.71 -10.26 4.58
CA ASP A 89 4.42 -11.48 4.41
C ASP A 89 5.00 -11.40 3.02
N LEU A 90 6.29 -11.58 2.92
CA LEU A 90 6.97 -11.40 1.64
C LEU A 90 7.72 -12.61 1.12
N ARG A 91 7.51 -12.86 -0.17
CA ARG A 91 8.18 -13.89 -0.92
C ARG A 91 8.70 -13.18 -2.16
N SER A 92 10.00 -12.91 -2.19
CA SER A 92 10.56 -12.13 -3.27
C SER A 92 11.32 -12.91 -4.33
N VAL A 93 11.53 -12.19 -5.42
CA VAL A 93 12.26 -12.62 -6.60
C VAL A 93 13.33 -11.56 -6.88
N GLY A 94 13.69 -10.92 -5.78
CA GLY A 94 14.65 -9.83 -5.73
C GLY A 94 15.30 -9.46 -7.04
N ASN A 95 15.99 -10.41 -7.65
CA ASN A 95 16.67 -10.16 -8.92
C ASN A 95 15.67 -9.77 -10.01
N GLY A 96 14.97 -8.67 -9.82
CA GLY A 96 14.02 -8.22 -10.82
C GLY A 96 12.57 -8.15 -10.33
N ASN A 97 12.20 -8.90 -9.30
CA ASN A 97 10.81 -8.87 -8.84
C ASN A 97 10.63 -9.49 -7.48
N SER A 98 9.47 -9.29 -6.90
CA SER A 98 9.15 -9.85 -5.61
C SER A 98 7.65 -10.00 -5.49
N VAL A 99 7.23 -11.08 -4.85
CA VAL A 99 5.81 -11.36 -4.70
C VAL A 99 5.34 -11.06 -3.29
N LEU A 100 4.22 -10.36 -3.17
CA LEU A 100 3.69 -9.99 -1.88
C LEU A 100 2.50 -10.81 -1.42
N VAL A 101 2.69 -11.45 -0.29
CA VAL A 101 1.64 -12.19 0.38
C VAL A 101 1.59 -11.57 1.76
N SER A 102 0.59 -10.76 2.01
CA SER A 102 0.57 -10.05 3.28
C SER A 102 -0.79 -9.86 3.84
N LEU A 103 -0.77 -9.49 5.10
CA LEU A 103 -1.96 -9.17 5.84
C LEU A 103 -1.69 -9.21 7.33
N ARG A 104 -1.72 -10.40 7.88
CA ARG A 104 -1.46 -10.55 9.32
C ARG A 104 -2.26 -9.51 10.09
N SER A 105 -3.43 -9.17 9.54
CA SER A 105 -4.35 -8.16 10.08
C SER A 105 -4.72 -7.19 8.97
N ASP A 106 -5.76 -6.39 9.17
CA ASP A 106 -6.20 -5.47 8.12
C ASP A 106 -5.83 -4.02 8.41
N GLN A 107 -4.76 -3.55 7.73
CA GLN A 107 -4.31 -2.18 7.85
C GLN A 107 -3.26 -1.90 6.78
N MET A 108 -3.01 -0.62 6.51
CA MET A 108 -1.99 -0.27 5.53
C MET A 108 -1.58 1.19 5.62
N THR A 109 -0.32 1.46 5.33
CA THR A 109 0.22 2.81 5.35
C THR A 109 0.49 3.31 3.94
N LEU A 110 0.68 4.61 3.79
CA LEU A 110 0.97 5.19 2.48
C LEU A 110 2.10 4.44 1.81
N GLN A 111 3.22 4.33 2.52
CA GLN A 111 4.39 3.62 2.00
C GLN A 111 4.02 2.23 1.48
N ASP A 112 3.60 1.35 2.39
CA ASP A 112 3.23 -0.02 2.02
C ASP A 112 2.24 -0.01 0.85
N ALA A 113 1.23 0.84 0.95
CA ALA A 113 0.23 0.96 -0.08
C ALA A 113 0.88 1.24 -1.44
N LYS A 114 1.76 2.23 -1.46
CA LYS A 114 2.45 2.62 -2.67
C LYS A 114 3.47 1.59 -3.14
N VAL A 115 4.13 0.87 -2.22
CA VAL A 115 5.10 -0.13 -2.66
C VAL A 115 4.42 -1.20 -3.46
N LEU A 116 3.39 -1.73 -2.86
CA LEU A 116 2.65 -2.79 -3.50
C LEU A 116 2.00 -2.28 -4.77
N LEU A 117 1.48 -1.06 -4.73
CA LEU A 117 0.85 -0.48 -5.90
C LEU A 117 1.89 -0.06 -6.92
N GLU A 118 3.13 0.06 -6.48
CA GLU A 118 4.20 0.39 -7.39
C GLU A 118 4.43 -0.85 -8.23
N ALA A 119 4.52 -1.98 -7.54
CA ALA A 119 4.69 -3.26 -8.19
C ALA A 119 3.38 -3.66 -8.86
N ALA A 120 2.27 -3.19 -8.30
CA ALA A 120 0.96 -3.48 -8.84
C ALA A 120 0.75 -2.80 -10.17
N LEU A 121 0.79 -1.48 -10.15
CA LEU A 121 0.59 -0.73 -11.37
C LEU A 121 1.66 -1.08 -12.40
N ARG A 122 2.90 -1.30 -11.94
CA ARG A 122 4.00 -1.63 -12.85
C ARG A 122 3.85 -3.04 -13.43
N GLN A 123 3.31 -3.96 -12.65
CA GLN A 123 3.15 -5.34 -13.12
C GLN A 123 1.81 -5.58 -13.80
N GLU A 124 0.80 -4.80 -13.44
CA GLU A 124 -0.54 -5.00 -14.03
C GLU A 124 -0.79 -4.08 -15.21
N SER A 125 -0.87 -2.78 -14.93
CA SER A 125 -1.16 -1.80 -15.97
C SER A 125 0.11 -1.16 -16.55
N GLY A 126 0.81 -0.42 -15.71
CA GLY A 126 2.02 0.26 -16.13
C GLY A 126 1.70 1.61 -16.72
N ALA A 127 1.39 2.57 -15.84
CA ALA A 127 1.02 3.91 -16.25
C ALA A 127 -0.47 3.95 -16.58
N ARG A 128 -0.97 2.83 -17.11
CA ARG A 128 -2.38 2.70 -17.45
C ARG A 128 -2.61 1.48 -18.34
N GLY A 129 -3.24 0.45 -17.77
CA GLY A 129 -3.50 -0.76 -18.53
C GLY A 129 -4.70 -1.52 -18.01
N SER A 130 -5.60 -0.81 -17.33
CA SER A 130 -6.81 -1.42 -16.78
C SER A 130 -7.92 -1.45 -17.82
N ASP B 2 -20.10 4.14 -3.82
CA ASP B 2 -19.44 5.31 -4.40
C ASP B 2 -18.88 6.22 -3.31
N GLU B 3 -17.57 6.44 -3.33
CA GLU B 3 -16.92 7.30 -2.34
C GLU B 3 -15.67 7.94 -2.91
N ASP B 5 -15.04 10.37 -5.53
CA ASP B 5 -14.96 10.21 -6.99
C ASP B 5 -13.97 11.21 -7.59
N ASP B 6 -12.74 11.21 -7.06
CA ASP B 6 -11.70 12.12 -7.55
C ASP B 6 -10.44 12.00 -6.71
N PRO B 7 -9.44 11.21 -7.18
CA PRO B 7 -8.18 11.02 -6.45
C PRO B 7 -7.61 12.33 -5.93
N PHE B 8 -6.60 12.22 -5.07
CA PHE B 8 -5.96 13.39 -4.48
C PHE B 8 -6.95 14.19 -3.64
N MET A 1 -14.67 -2.06 -6.88
CA MET A 1 -14.24 -1.48 -5.58
C MET A 1 -13.04 -0.55 -5.75
N ASN A 2 -12.75 0.23 -4.71
CA ASN A 2 -11.63 1.16 -4.75
C ASN A 2 -11.63 1.98 -6.04
N LEU A 3 -10.52 2.66 -6.30
CA LEU A 3 -10.37 3.46 -7.51
C LEU A 3 -9.67 2.65 -8.62
N SER A 4 -8.35 2.81 -8.73
CA SER A 4 -7.58 2.07 -9.74
C SER A 4 -6.24 1.65 -9.18
N LEU A 5 -5.34 1.18 -10.05
CA LEU A 5 -4.02 0.75 -9.63
C LEU A 5 -2.99 1.85 -9.81
N SER A 6 -2.75 2.20 -11.05
CA SER A 6 -1.78 3.22 -11.39
C SER A 6 -2.19 4.59 -10.85
N ASP A 7 -3.49 4.88 -10.89
CA ASP A 7 -3.98 6.14 -10.36
C ASP A 7 -3.76 6.16 -8.86
N LEU A 8 -4.23 5.12 -8.20
CA LEU A 8 -4.06 4.98 -6.77
C LEU A 8 -2.61 5.22 -6.39
N HIS A 9 -1.72 4.47 -7.03
CA HIS A 9 -0.29 4.61 -6.78
C HIS A 9 0.12 6.06 -6.94
N ARG A 10 -0.44 6.69 -7.97
CA ARG A 10 -0.12 8.09 -8.26
C ARG A 10 -0.41 8.99 -7.07
N GLN A 11 -1.66 8.99 -6.59
CA GLN A 11 -2.02 9.84 -5.46
C GLN A 11 -1.28 9.43 -4.19
N VAL A 12 -1.32 8.14 -3.85
CA VAL A 12 -0.64 7.65 -2.66
C VAL A 12 0.87 7.94 -2.73
N SER A 13 1.47 7.61 -3.86
CA SER A 13 2.89 7.83 -4.07
C SER A 13 3.19 9.32 -4.04
N ARG A 14 2.43 10.09 -4.80
CA ARG A 14 2.61 11.53 -4.85
C ARG A 14 2.38 12.14 -3.48
N LEU A 15 1.63 11.45 -2.64
CA LEU A 15 1.35 11.93 -1.31
C LEU A 15 2.59 11.81 -0.43
N VAL A 16 3.05 10.58 -0.25
CA VAL A 16 4.22 10.36 0.59
C VAL A 16 5.49 10.85 -0.10
N GLN A 17 5.50 10.82 -1.41
CA GLN A 17 6.66 11.26 -2.16
C GLN A 17 6.79 12.78 -2.11
N GLN A 18 5.71 13.48 -1.77
CA GLN A 18 5.76 14.93 -1.67
C GLN A 18 4.68 15.48 -0.74
N GLU A 19 4.58 14.91 0.47
CA GLU A 19 3.59 15.36 1.44
C GLU A 19 3.68 14.60 2.75
N SER A 20 3.38 13.30 2.70
CA SER A 20 3.42 12.47 3.90
C SER A 20 4.85 12.09 4.27
N GLY A 21 5.39 11.07 3.61
CA GLY A 21 6.73 10.62 3.89
C GLY A 21 6.77 9.14 4.23
N ASP A 22 5.85 8.72 5.08
CA ASP A 22 5.75 7.32 5.50
C ASP A 22 4.59 7.15 6.47
N CYS A 23 3.55 7.95 6.28
CA CYS A 23 2.37 7.92 7.13
C CYS A 23 1.43 6.78 6.73
N THR A 24 0.19 6.86 7.19
CA THR A 24 -0.80 5.84 6.89
C THR A 24 -1.78 6.37 5.84
N GLY A 25 -2.20 5.49 4.93
CA GLY A 25 -3.11 5.91 3.88
C GLY A 25 -4.53 5.43 4.08
N LYS A 26 -5.48 6.30 3.78
CA LYS A 26 -6.90 5.98 3.91
C LYS A 26 -7.54 5.86 2.53
N LEU A 27 -8.34 4.83 2.32
CA LEU A 27 -8.98 4.62 1.02
C LEU A 27 -10.46 5.00 1.04
N ARG A 28 -11.00 5.22 -0.17
CA ARG A 28 -12.41 5.60 -0.37
C ARG A 28 -12.55 6.28 -1.73
N GLY A 29 -12.11 5.59 -2.79
CA GLY A 29 -12.16 6.18 -4.11
C GLY A 29 -11.04 7.19 -4.29
N ASN A 30 -10.22 7.31 -3.24
CA ASN A 30 -9.09 8.23 -3.22
C ASN A 30 -8.18 7.85 -2.05
N VAL A 31 -6.96 8.37 -2.02
CA VAL A 31 -6.06 8.07 -0.92
C VAL A 31 -5.72 9.33 -0.13
N ALA A 32 -5.89 9.24 1.18
CA ALA A 32 -5.60 10.34 2.08
C ALA A 32 -4.45 9.99 3.02
N ALA A 33 -3.89 10.99 3.69
CA ALA A 33 -2.78 10.76 4.60
C ALA A 33 -3.22 10.80 6.05
N ASN A 34 -2.69 9.87 6.84
CA ASN A 34 -3.01 9.77 8.25
C ASN A 34 -1.73 9.86 9.09
N LYS A 35 -1.61 10.95 9.87
CA LYS A 35 -0.44 11.15 10.71
C LYS A 35 -0.80 11.04 12.19
N GLU A 36 -2.07 11.27 12.51
CA GLU A 36 -2.53 11.19 13.90
C GLU A 36 -2.09 9.87 14.55
N THR A 37 -2.27 8.78 13.80
CA THR A 37 -1.88 7.45 14.29
C THR A 37 -1.00 6.75 13.26
N THR A 38 -0.94 5.43 13.32
CA THR A 38 -0.12 4.68 12.39
C THR A 38 -0.64 3.26 12.24
N PHE A 39 -1.35 3.01 11.15
CA PHE A 39 -1.91 1.70 10.89
C PHE A 39 -0.91 0.79 10.17
N GLN A 40 -0.79 -0.41 10.71
CA GLN A 40 0.10 -1.43 10.16
C GLN A 40 -0.32 -2.81 10.66
N GLY A 41 -1.32 -3.39 9.99
CA GLY A 41 -1.83 -4.70 10.37
C GLY A 41 -2.58 -4.70 11.70
N LEU A 42 -3.91 -4.70 11.62
CA LEU A 42 -4.75 -4.72 12.82
C LEU A 42 -6.16 -5.22 12.47
N THR A 43 -7.20 -4.67 13.11
CA THR A 43 -8.55 -5.11 12.82
C THR A 43 -9.60 -4.11 13.31
N ILE A 44 -9.19 -2.86 13.48
CA ILE A 44 -10.11 -1.81 13.92
C ILE A 44 -10.59 -2.03 15.36
N ALA A 45 -10.07 -3.06 16.01
CA ALA A 45 -10.46 -3.37 17.39
C ALA A 45 -9.63 -2.57 18.39
N SER A 46 -8.32 -2.73 18.31
CA SER A 46 -7.41 -2.03 19.22
C SER A 46 -7.52 -0.52 19.04
N GLY A 47 -7.26 -0.05 17.84
CA GLY A 47 -7.34 1.37 17.56
C GLY A 47 -7.00 1.70 16.12
N ALA A 48 -7.94 1.45 15.22
CA ALA A 48 -7.74 1.72 13.80
C ALA A 48 -8.98 2.33 13.17
N ARG A 49 -9.11 2.22 11.84
CA ARG A 49 -10.26 2.77 11.14
C ARG A 49 -10.72 1.84 10.02
N GLU A 50 -11.69 2.30 9.23
CA GLU A 50 -12.22 1.49 8.13
C GLU A 50 -11.38 1.66 6.87
N SER A 51 -10.79 2.84 6.71
CA SER A 51 -9.96 3.13 5.55
C SER A 51 -8.80 2.15 5.46
N GLU A 52 -7.90 2.21 6.44
CA GLU A 52 -6.72 1.33 6.48
C GLU A 52 -7.05 -0.07 5.95
N LYS A 53 -7.91 -0.77 6.68
CA LYS A 53 -8.32 -2.12 6.29
C LYS A 53 -8.76 -2.15 4.83
N VAL A 54 -9.69 -1.25 4.48
CA VAL A 54 -10.18 -1.18 3.11
C VAL A 54 -9.00 -0.98 2.15
N PHE A 55 -8.01 -0.21 2.61
CA PHE A 55 -6.81 0.05 1.82
C PHE A 55 -5.96 -1.20 1.70
N ALA A 56 -5.77 -1.88 2.82
CA ALA A 56 -4.98 -3.10 2.84
C ALA A 56 -5.61 -4.17 1.96
N GLN A 57 -6.92 -4.34 2.10
CA GLN A 57 -7.65 -5.31 1.29
C GLN A 57 -7.58 -4.96 -0.19
N THR A 58 -7.77 -3.67 -0.48
CA THR A 58 -7.74 -3.19 -1.86
C THR A 58 -6.35 -3.36 -2.46
N VAL A 59 -5.34 -2.78 -1.81
CA VAL A 59 -3.98 -2.90 -2.30
C VAL A 59 -3.53 -4.36 -2.35
N LEU A 60 -3.85 -5.11 -1.31
CA LEU A 60 -3.49 -6.52 -1.26
C LEU A 60 -4.07 -7.25 -2.48
N SER A 61 -5.32 -6.92 -2.80
CA SER A 61 -5.99 -7.54 -3.95
C SER A 61 -5.25 -7.21 -5.24
N HIS A 62 -5.13 -5.92 -5.54
CA HIS A 62 -4.44 -5.47 -6.75
C HIS A 62 -3.04 -6.06 -6.80
N VAL A 63 -2.44 -6.23 -5.62
CA VAL A 63 -1.10 -6.78 -5.52
C VAL A 63 -1.17 -8.25 -5.13
N ALA A 64 -1.84 -9.05 -5.97
CA ALA A 64 -1.99 -10.47 -5.72
C ALA A 64 -0.77 -11.26 -6.19
N ASN A 65 0.42 -10.66 -6.06
CA ASN A 65 1.68 -11.28 -6.47
C ASN A 65 2.72 -10.22 -6.83
N VAL A 66 2.41 -9.42 -7.85
CA VAL A 66 3.29 -8.34 -8.30
C VAL A 66 4.76 -8.77 -8.32
N VAL A 67 5.67 -7.79 -8.39
CA VAL A 67 7.08 -8.07 -8.42
C VAL A 67 7.88 -6.95 -7.76
N LEU A 68 7.85 -6.92 -6.43
CA LEU A 68 8.57 -5.90 -5.70
C LEU A 68 10.08 -6.04 -5.90
N THR A 69 10.63 -5.23 -6.80
CA THR A 69 12.06 -5.28 -7.09
C THR A 69 12.85 -4.81 -5.88
N GLN A 70 14.17 -4.65 -6.07
CA GLN A 70 15.04 -4.20 -4.99
C GLN A 70 14.45 -2.96 -4.30
N GLU A 71 13.80 -2.12 -5.09
CA GLU A 71 13.18 -0.91 -4.56
C GLU A 71 11.96 -1.25 -3.74
N ASP A 72 10.94 -1.77 -4.40
CA ASP A 72 9.70 -2.15 -3.73
C ASP A 72 10.01 -3.07 -2.53
N THR A 73 11.04 -3.91 -2.67
CA THR A 73 11.44 -4.80 -1.59
C THR A 73 11.87 -3.94 -0.40
N ALA A 74 12.85 -3.06 -0.65
CA ALA A 74 13.30 -2.15 0.40
C ALA A 74 12.11 -1.32 0.87
N LYS A 75 11.14 -1.19 -0.03
CA LYS A 75 9.91 -0.46 0.24
C LYS A 75 9.15 -1.12 1.39
N LEU A 76 8.67 -2.35 1.16
CA LEU A 76 7.96 -3.09 2.20
C LEU A 76 8.79 -3.06 3.48
N LEU A 77 10.11 -3.21 3.29
CA LEU A 77 11.04 -3.18 4.40
C LEU A 77 10.88 -1.91 5.21
N GLN A 78 11.16 -0.78 4.57
CA GLN A 78 11.06 0.49 5.24
C GLN A 78 9.65 0.72 5.76
N SER A 79 8.67 0.57 4.88
CA SER A 79 7.27 0.76 5.26
C SER A 79 6.89 -0.09 6.46
N THR A 80 7.58 -1.22 6.63
CA THR A 80 7.30 -2.13 7.72
C THR A 80 8.20 -1.84 8.93
N VAL A 81 9.51 -1.97 8.73
CA VAL A 81 10.48 -1.73 9.78
C VAL A 81 10.28 -0.37 10.45
N LYS A 82 9.64 0.55 9.73
CA LYS A 82 9.39 1.90 10.26
C LYS A 82 8.87 1.84 11.68
N HIS A 83 7.72 1.19 11.88
CA HIS A 83 7.12 1.06 13.20
C HIS A 83 7.00 -0.40 13.60
N ASN A 84 5.98 -1.08 13.06
CA ASN A 84 5.76 -2.48 13.37
C ASN A 84 6.33 -3.37 12.26
N LEU A 85 7.03 -4.43 12.66
CA LEU A 85 7.62 -5.35 11.70
C LEU A 85 7.11 -6.76 11.91
N ASN A 86 5.90 -7.03 11.41
CA ASN A 86 5.29 -8.35 11.54
C ASN A 86 3.88 -8.38 10.96
N ASN A 87 3.68 -7.69 9.84
CA ASN A 87 2.36 -7.66 9.21
C ASN A 87 2.46 -8.01 7.72
N TYR A 88 3.43 -7.45 7.03
CA TYR A 88 3.58 -7.72 5.61
C TYR A 88 4.53 -8.88 5.37
N ASP A 89 4.16 -9.76 4.44
CA ASP A 89 4.96 -10.91 4.12
C ASP A 89 5.35 -10.84 2.63
N LEU A 90 6.52 -11.37 2.30
CA LEU A 90 6.98 -11.30 0.91
C LEU A 90 7.83 -12.49 0.49
N ARG A 91 8.01 -12.61 -0.83
CA ARG A 91 8.80 -13.68 -1.44
C ARG A 91 9.67 -13.06 -2.56
N SER A 92 10.74 -13.73 -2.95
CA SER A 92 11.63 -13.20 -4.00
C SER A 92 11.46 -13.92 -5.32
N VAL A 93 11.89 -13.23 -6.37
CA VAL A 93 11.81 -13.69 -7.73
C VAL A 93 11.99 -12.48 -8.65
N GLY A 94 12.54 -12.71 -9.80
CA GLY A 94 12.75 -11.62 -10.73
C GLY A 94 14.17 -11.09 -10.73
N ASN A 95 15.13 -11.94 -10.38
CA ASN A 95 16.52 -11.50 -10.33
C ASN A 95 16.63 -10.23 -9.48
N GLY A 96 15.63 -10.02 -8.61
CA GLY A 96 15.61 -8.85 -7.78
C GLY A 96 14.20 -8.38 -7.44
N ASN A 97 13.17 -9.12 -7.88
CA ASN A 97 11.80 -8.74 -7.58
C ASN A 97 11.24 -9.65 -6.50
N SER A 98 10.11 -9.28 -5.94
CA SER A 98 9.50 -10.09 -4.91
C SER A 98 7.99 -10.11 -5.06
N VAL A 99 7.38 -11.06 -4.38
CA VAL A 99 5.95 -11.21 -4.41
C VAL A 99 5.39 -10.68 -3.09
N LEU A 100 4.21 -10.08 -3.13
CA LEU A 100 3.65 -9.54 -1.91
C LEU A 100 2.55 -10.41 -1.35
N VAL A 101 2.90 -11.11 -0.30
CA VAL A 101 1.96 -11.90 0.43
C VAL A 101 1.95 -11.24 1.80
N SER A 102 0.93 -10.47 2.07
CA SER A 102 0.94 -9.73 3.31
C SER A 102 -0.42 -9.59 3.90
N LEU A 103 -0.42 -9.24 5.17
CA LEU A 103 -1.63 -9.00 5.91
C LEU A 103 -1.40 -9.09 7.40
N ARG A 104 -1.40 -10.31 7.91
CA ARG A 104 -1.20 -10.53 9.33
C ARG A 104 -2.05 -9.55 10.14
N SER A 105 -3.23 -9.23 9.57
CA SER A 105 -4.20 -8.28 10.12
C SER A 105 -4.57 -7.29 9.03
N ASP A 106 -5.67 -6.56 9.19
CA ASP A 106 -6.08 -5.61 8.14
C ASP A 106 -5.78 -4.16 8.54
N GLN A 107 -4.71 -3.63 7.97
CA GLN A 107 -4.31 -2.24 8.19
C GLN A 107 -3.22 -1.88 7.18
N MET A 108 -3.40 -0.77 6.46
CA MET A 108 -2.40 -0.38 5.48
C MET A 108 -2.02 1.09 5.61
N THR A 109 -0.74 1.37 5.39
CA THR A 109 -0.21 2.71 5.46
C THR A 109 0.04 3.27 4.05
N LEU A 110 0.23 4.59 3.97
CA LEU A 110 0.47 5.23 2.68
C LEU A 110 1.64 4.58 1.95
N GLN A 111 2.81 4.58 2.58
CA GLN A 111 4.01 3.98 1.99
C GLN A 111 3.72 2.57 1.49
N ASP A 112 3.29 1.69 2.40
CA ASP A 112 2.97 0.31 2.05
C ASP A 112 2.04 0.27 0.85
N ALA A 113 0.99 1.08 0.90
CA ALA A 113 0.02 1.14 -0.18
C ALA A 113 0.73 1.32 -1.52
N LYS A 114 1.47 2.42 -1.65
CA LYS A 114 2.19 2.70 -2.89
C LYS A 114 3.29 1.67 -3.13
N VAL A 115 3.74 1.01 -2.07
CA VAL A 115 4.78 0.00 -2.20
C VAL A 115 4.30 -1.13 -3.10
N LEU A 116 3.24 -1.79 -2.64
CA LEU A 116 2.66 -2.89 -3.37
C LEU A 116 2.11 -2.39 -4.70
N LEU A 117 1.50 -1.21 -4.67
CA LEU A 117 0.93 -0.63 -5.87
C LEU A 117 2.02 -0.16 -6.82
N GLU A 118 3.22 0.01 -6.28
CA GLU A 118 4.34 0.38 -7.10
C GLU A 118 4.68 -0.83 -7.92
N ALA A 119 4.90 -1.94 -7.21
CA ALA A 119 5.20 -3.20 -7.86
C ALA A 119 3.98 -3.76 -8.56
N ALA A 120 2.81 -3.33 -8.11
CA ALA A 120 1.55 -3.79 -8.69
C ALA A 120 1.32 -3.11 -10.02
N LEU A 121 1.34 -1.78 -10.01
CA LEU A 121 1.15 -1.03 -11.24
C LEU A 121 2.30 -1.35 -12.20
N ARG A 122 3.46 -1.70 -11.64
CA ARG A 122 4.64 -2.03 -12.44
C ARG A 122 4.51 -3.40 -13.12
N GLN A 123 4.02 -4.39 -12.39
CA GLN A 123 3.90 -5.75 -12.93
C GLN A 123 2.51 -6.05 -13.50
N GLU A 124 1.48 -5.37 -13.00
CA GLU A 124 0.11 -5.64 -13.46
C GLU A 124 -0.26 -4.87 -14.72
N SER A 125 -0.33 -3.55 -14.62
CA SER A 125 -0.70 -2.73 -15.76
C SER A 125 0.51 -2.18 -16.49
N GLY A 126 1.44 -1.62 -15.73
CA GLY A 126 2.63 -1.02 -16.32
C GLY A 126 2.42 0.44 -16.57
N ALA A 127 2.36 1.21 -15.48
CA ALA A 127 2.10 2.65 -15.59
C ALA A 127 0.87 2.84 -16.45
N ARG A 128 0.00 1.83 -16.43
CA ARG A 128 -1.21 1.84 -17.23
C ARG A 128 -2.38 2.41 -16.43
N GLY A 129 -2.90 1.61 -15.49
CA GLY A 129 -4.02 2.04 -14.68
C GLY A 129 -5.34 1.96 -15.42
N SER A 130 -5.37 1.17 -16.49
CA SER A 130 -6.58 1.00 -17.28
C SER A 130 -7.03 2.33 -17.86
N ASP B 2 -20.52 6.06 -2.29
CA ASP B 2 -19.89 7.10 -1.47
C ASP B 2 -18.38 7.10 -1.67
N GLU B 3 -17.86 8.23 -2.16
CA GLU B 3 -16.42 8.37 -2.39
C GLU B 3 -16.10 9.77 -2.89
N ASP B 5 -14.68 12.93 -4.98
CA ASP B 5 -14.77 13.21 -6.41
C ASP B 5 -13.69 12.48 -7.21
N ASP B 6 -12.48 13.02 -7.21
CA ASP B 6 -11.37 12.42 -7.94
C ASP B 6 -10.30 11.88 -6.99
N PRO B 7 -9.61 10.80 -7.38
CA PRO B 7 -8.56 10.18 -6.58
C PRO B 7 -7.65 11.20 -5.89
N PHE B 8 -6.76 11.84 -6.65
CA PHE B 8 -5.85 12.83 -6.08
C PHE B 8 -6.60 13.85 -5.23
N MET A 1 -14.64 -1.83 -3.15
CA MET A 1 -14.59 -0.79 -4.19
C MET A 1 -13.32 0.05 -4.09
N ASN A 2 -12.71 0.35 -5.23
CA ASN A 2 -11.49 1.15 -5.26
C ASN A 2 -11.45 2.05 -6.49
N LEU A 3 -10.27 2.55 -6.82
CA LEU A 3 -10.11 3.43 -7.97
C LEU A 3 -8.83 3.10 -8.74
N SER A 4 -8.99 2.41 -9.87
CA SER A 4 -7.88 2.01 -10.74
C SER A 4 -6.65 1.55 -9.94
N LEU A 5 -5.65 1.08 -10.67
CA LEU A 5 -4.41 0.62 -10.06
C LEU A 5 -3.36 1.73 -10.07
N SER A 6 -2.95 2.09 -11.27
CA SER A 6 -1.94 3.11 -11.48
C SER A 6 -2.39 4.46 -10.90
N ASP A 7 -3.68 4.74 -10.94
CA ASP A 7 -4.20 5.99 -10.40
C ASP A 7 -3.99 5.99 -8.90
N LEU A 8 -4.41 4.91 -8.26
CA LEU A 8 -4.28 4.74 -6.83
C LEU A 8 -2.82 4.90 -6.40
N HIS A 9 -1.92 4.28 -7.15
CA HIS A 9 -0.50 4.37 -6.86
C HIS A 9 -0.02 5.79 -7.03
N ARG A 10 -0.51 6.42 -8.08
CA ARG A 10 -0.15 7.79 -8.41
C ARG A 10 -0.48 8.73 -7.25
N GLN A 11 -1.70 8.64 -6.75
CA GLN A 11 -2.13 9.49 -5.65
C GLN A 11 -1.37 9.18 -4.36
N VAL A 12 -1.44 7.92 -3.93
CA VAL A 12 -0.74 7.50 -2.70
C VAL A 12 0.74 7.86 -2.76
N SER A 13 1.37 7.53 -3.88
CA SER A 13 2.78 7.80 -4.08
C SER A 13 3.06 9.29 -4.08
N ARG A 14 2.18 10.05 -4.69
CA ARG A 14 2.35 11.50 -4.74
C ARG A 14 2.27 12.08 -3.35
N LEU A 15 1.48 11.44 -2.49
CA LEU A 15 1.31 11.90 -1.13
C LEU A 15 2.56 11.66 -0.29
N VAL A 16 2.90 10.39 -0.08
CA VAL A 16 4.08 10.06 0.72
C VAL A 16 5.34 10.68 0.15
N GLN A 17 5.50 10.53 -1.15
CA GLN A 17 6.67 11.05 -1.82
C GLN A 17 6.76 12.57 -1.70
N GLN A 18 5.67 13.22 -1.27
CA GLN A 18 5.68 14.67 -1.11
C GLN A 18 4.42 15.16 -0.38
N GLU A 19 4.22 14.68 0.85
CA GLU A 19 3.04 15.09 1.63
C GLU A 19 2.97 14.37 2.99
N SER A 20 2.94 13.05 2.96
CA SER A 20 2.85 12.28 4.20
C SER A 20 4.22 11.99 4.78
N GLY A 21 4.88 10.97 4.23
CA GLY A 21 6.20 10.60 4.70
C GLY A 21 6.19 9.29 5.47
N ASP A 22 5.66 8.24 4.85
CA ASP A 22 5.60 6.91 5.47
C ASP A 22 4.38 6.76 6.39
N CYS A 23 3.57 7.80 6.51
CA CYS A 23 2.39 7.75 7.37
C CYS A 23 1.44 6.66 6.89
N THR A 24 0.21 6.67 7.40
CA THR A 24 -0.77 5.68 7.00
C THR A 24 -1.78 6.30 6.04
N GLY A 25 -2.16 5.56 5.00
CA GLY A 25 -3.09 6.09 4.04
C GLY A 25 -4.40 5.34 4.01
N LYS A 26 -5.45 6.02 3.55
CA LYS A 26 -6.76 5.41 3.45
C LYS A 26 -7.19 5.30 2.01
N LEU A 27 -8.02 4.30 1.71
CA LEU A 27 -8.49 4.08 0.35
C LEU A 27 -10.01 3.92 0.29
N ARG A 28 -10.68 4.95 -0.22
CA ARG A 28 -12.13 4.94 -0.38
C ARG A 28 -12.49 5.46 -1.77
N GLY A 29 -11.88 4.88 -2.79
CA GLY A 29 -12.08 5.36 -4.15
C GLY A 29 -11.17 6.52 -4.44
N ASN A 30 -10.33 6.81 -3.44
CA ASN A 30 -9.36 7.88 -3.46
C ASN A 30 -8.39 7.62 -2.30
N VAL A 31 -7.26 8.31 -2.27
CA VAL A 31 -6.32 8.09 -1.18
C VAL A 31 -6.18 9.30 -0.28
N ALA A 32 -6.13 9.04 1.02
CA ALA A 32 -5.98 10.09 2.01
C ALA A 32 -4.80 9.79 2.93
N ALA A 33 -4.35 10.79 3.68
CA ALA A 33 -3.23 10.63 4.59
C ALA A 33 -3.70 10.56 6.04
N ASN A 34 -2.95 9.80 6.84
CA ASN A 34 -3.25 9.62 8.26
C ASN A 34 -1.98 9.73 9.09
N LYS A 35 -1.94 10.73 9.96
CA LYS A 35 -0.79 10.95 10.82
C LYS A 35 -1.18 10.95 12.30
N GLU A 36 -2.45 10.68 12.58
CA GLU A 36 -2.94 10.64 13.96
C GLU A 36 -2.21 9.55 14.75
N THR A 37 -2.23 8.33 14.22
CA THR A 37 -1.57 7.21 14.86
C THR A 37 -0.64 6.50 13.88
N THR A 38 -1.17 5.53 13.13
CA THR A 38 -0.39 4.79 12.15
C THR A 38 -1.14 3.53 11.71
N PHE A 39 -0.69 2.36 12.19
CA PHE A 39 -1.32 1.09 11.86
C PHE A 39 -0.44 -0.08 12.33
N GLN A 40 -0.71 -1.28 11.82
CA GLN A 40 0.05 -2.50 12.16
C GLN A 40 -0.84 -3.73 12.06
N GLY A 41 -1.45 -3.91 10.90
CA GLY A 41 -2.34 -5.04 10.69
C GLY A 41 -3.61 -4.96 11.53
N LEU A 42 -3.45 -5.03 12.85
CA LEU A 42 -4.57 -4.95 13.80
C LEU A 42 -5.92 -5.37 13.17
N THR A 43 -6.99 -4.65 13.46
CA THR A 43 -8.30 -4.97 12.91
C THR A 43 -9.35 -3.92 13.24
N ILE A 44 -8.90 -2.70 13.55
CA ILE A 44 -9.82 -1.61 13.88
C ILE A 44 -10.62 -1.92 15.16
N ALA A 45 -10.34 -3.05 15.78
CA ALA A 45 -11.02 -3.43 17.00
C ALA A 45 -10.33 -2.84 18.23
N SER A 46 -9.04 -2.51 18.07
CA SER A 46 -8.27 -1.94 19.17
C SER A 46 -8.13 -0.42 19.03
N GLY A 47 -8.10 0.06 17.79
CA GLY A 47 -7.96 1.49 17.56
C GLY A 47 -7.90 1.87 16.09
N ALA A 48 -7.38 0.98 15.26
CA ALA A 48 -7.27 1.25 13.82
C ALA A 48 -8.58 1.78 13.26
N ARG A 49 -8.54 2.19 11.98
CA ARG A 49 -9.74 2.73 11.33
C ARG A 49 -10.10 1.93 10.09
N GLU A 50 -11.25 2.25 9.50
CA GLU A 50 -11.72 1.56 8.29
C GLU A 50 -10.79 1.88 7.12
N SER A 51 -10.20 3.05 7.15
CA SER A 51 -9.28 3.51 6.10
C SER A 51 -8.21 2.46 5.80
N GLU A 52 -7.37 2.20 6.80
CA GLU A 52 -6.28 1.24 6.65
C GLU A 52 -6.78 -0.12 6.15
N LYS A 53 -7.65 -0.78 6.93
CA LYS A 53 -8.16 -2.10 6.56
C LYS A 53 -8.61 -2.16 5.10
N VAL A 54 -9.58 -1.32 4.72
CA VAL A 54 -10.07 -1.31 3.35
C VAL A 54 -8.92 -1.19 2.36
N PHE A 55 -8.03 -0.25 2.63
CA PHE A 55 -6.85 -0.05 1.77
C PHE A 55 -6.04 -1.33 1.66
N ALA A 56 -5.78 -1.97 2.80
CA ALA A 56 -5.02 -3.22 2.82
C ALA A 56 -5.65 -4.25 1.90
N GLN A 57 -6.95 -4.46 2.05
CA GLN A 57 -7.67 -5.42 1.21
C GLN A 57 -7.52 -5.05 -0.26
N THR A 58 -7.59 -3.75 -0.55
CA THR A 58 -7.46 -3.27 -1.92
C THR A 58 -6.06 -3.48 -2.45
N VAL A 59 -5.07 -2.83 -1.83
CA VAL A 59 -3.70 -2.97 -2.25
C VAL A 59 -3.30 -4.45 -2.29
N LEU A 60 -3.75 -5.20 -1.29
CA LEU A 60 -3.45 -6.62 -1.22
C LEU A 60 -4.09 -7.37 -2.39
N SER A 61 -5.29 -6.96 -2.76
CA SER A 61 -5.99 -7.59 -3.87
C SER A 61 -5.34 -7.19 -5.20
N HIS A 62 -5.05 -5.89 -5.33
CA HIS A 62 -4.42 -5.38 -6.55
C HIS A 62 -3.17 -6.21 -6.85
N VAL A 63 -2.28 -6.30 -5.87
CA VAL A 63 -1.05 -7.07 -6.04
C VAL A 63 -1.36 -8.49 -6.49
N ALA A 64 -1.77 -9.34 -5.53
CA ALA A 64 -2.10 -10.72 -5.81
C ALA A 64 -0.89 -11.48 -6.37
N ASN A 65 0.31 -10.91 -6.18
CA ASN A 65 1.56 -11.52 -6.67
C ASN A 65 2.63 -10.45 -6.95
N VAL A 66 2.38 -9.63 -7.97
CA VAL A 66 3.30 -8.56 -8.37
C VAL A 66 4.73 -9.06 -8.49
N VAL A 67 5.68 -8.13 -8.54
CA VAL A 67 7.07 -8.47 -8.69
C VAL A 67 7.96 -7.41 -8.07
N LEU A 68 7.65 -7.07 -6.83
CA LEU A 68 8.41 -6.06 -6.10
C LEU A 68 9.91 -6.22 -6.29
N THR A 69 10.49 -5.35 -7.11
CA THR A 69 11.92 -5.38 -7.35
C THR A 69 12.67 -4.88 -6.12
N GLN A 70 13.94 -4.56 -6.29
CA GLN A 70 14.75 -4.07 -5.18
C GLN A 70 14.12 -2.82 -4.55
N GLU A 71 13.49 -2.00 -5.39
CA GLU A 71 12.84 -0.78 -4.92
C GLU A 71 11.60 -1.12 -4.13
N ASP A 72 10.76 -1.96 -4.70
CA ASP A 72 9.52 -2.38 -4.05
C ASP A 72 9.82 -3.21 -2.81
N THR A 73 10.87 -4.03 -2.89
CA THR A 73 11.28 -4.87 -1.77
C THR A 73 11.76 -3.99 -0.62
N ALA A 74 12.50 -2.94 -0.95
CA ALA A 74 12.97 -2.00 0.05
C ALA A 74 11.80 -1.18 0.51
N LYS A 75 10.82 -1.07 -0.39
CA LYS A 75 9.59 -0.36 -0.15
C LYS A 75 8.90 -0.95 1.07
N LEU A 76 8.57 -2.25 0.99
CA LEU A 76 7.93 -2.93 2.11
C LEU A 76 8.85 -2.90 3.31
N LEU A 77 10.10 -3.30 3.09
CA LEU A 77 11.12 -3.34 4.14
C LEU A 77 11.07 -2.07 4.99
N GLN A 78 11.25 -0.93 4.34
CA GLN A 78 11.22 0.34 5.04
C GLN A 78 9.86 0.56 5.70
N SER A 79 8.80 0.26 4.96
CA SER A 79 7.45 0.42 5.49
C SER A 79 7.21 -0.50 6.68
N THR A 80 8.01 -1.55 6.78
CA THR A 80 7.90 -2.50 7.88
C THR A 80 8.85 -2.16 9.02
N VAL A 81 10.06 -1.75 8.66
CA VAL A 81 11.07 -1.40 9.65
C VAL A 81 10.93 0.05 10.13
N LYS A 82 10.04 0.80 9.50
CA LYS A 82 9.82 2.20 9.86
C LYS A 82 9.44 2.34 11.34
N HIS A 83 8.22 1.95 11.67
CA HIS A 83 7.75 2.04 13.05
C HIS A 83 7.39 0.66 13.59
N ASN A 84 8.20 -0.33 13.27
CA ASN A 84 7.97 -1.71 13.73
C ASN A 84 6.60 -2.20 13.30
N LEU A 85 6.58 -3.09 12.30
CA LEU A 85 5.34 -3.65 11.79
C LEU A 85 5.62 -4.69 10.72
N ASN A 86 5.63 -5.96 11.12
CA ASN A 86 5.88 -7.05 10.19
C ASN A 86 4.56 -7.67 9.70
N ASN A 87 3.52 -6.86 9.63
CA ASN A 87 2.21 -7.33 9.18
C ASN A 87 2.24 -7.76 7.72
N TYR A 88 3.27 -7.33 6.99
CA TYR A 88 3.38 -7.69 5.60
C TYR A 88 4.34 -8.87 5.43
N ASP A 89 3.99 -9.79 4.55
CA ASP A 89 4.81 -10.94 4.29
C ASP A 89 5.32 -10.82 2.86
N LEU A 90 6.54 -11.26 2.63
CA LEU A 90 7.12 -11.09 1.30
C LEU A 90 7.88 -12.31 0.79
N ARG A 91 7.57 -12.65 -0.46
CA ARG A 91 8.25 -13.72 -1.18
C ARG A 91 9.16 -13.02 -2.17
N SER A 92 10.13 -13.69 -2.77
CA SER A 92 11.02 -12.95 -3.67
C SER A 92 11.31 -13.61 -5.01
N VAL A 93 11.83 -12.74 -5.87
CA VAL A 93 12.27 -13.03 -7.23
C VAL A 93 13.56 -12.26 -7.48
N GLY A 94 14.19 -11.94 -6.37
CA GLY A 94 15.41 -11.19 -6.34
C GLY A 94 15.32 -9.74 -6.74
N ASN A 95 16.49 -9.14 -6.90
CA ASN A 95 16.62 -7.75 -7.28
C ASN A 95 15.72 -7.47 -8.46
N GLY A 96 15.64 -8.47 -9.34
CA GLY A 96 14.80 -8.34 -10.48
C GLY A 96 13.37 -8.22 -10.03
N ASN A 97 12.96 -9.04 -9.06
CA ASN A 97 11.61 -8.98 -8.56
C ASN A 97 11.43 -9.71 -7.25
N SER A 98 10.28 -9.48 -6.67
CA SER A 98 9.89 -10.09 -5.42
C SER A 98 8.37 -10.17 -5.38
N VAL A 99 7.82 -11.16 -4.71
CA VAL A 99 6.38 -11.33 -4.68
C VAL A 99 5.78 -10.88 -3.36
N LEU A 100 4.49 -10.53 -3.37
CA LEU A 100 3.82 -10.03 -2.19
C LEU A 100 2.80 -10.99 -1.59
N VAL A 101 2.97 -11.23 -0.32
CA VAL A 101 2.05 -12.03 0.46
C VAL A 101 1.96 -11.32 1.79
N SER A 102 0.89 -10.62 2.06
CA SER A 102 0.85 -9.85 3.29
C SER A 102 -0.51 -9.77 3.90
N LEU A 103 -0.50 -9.35 5.16
CA LEU A 103 -1.71 -9.14 5.92
C LEU A 103 -1.44 -9.26 7.40
N ARG A 104 -1.57 -10.47 7.92
CA ARG A 104 -1.36 -10.69 9.34
C ARG A 104 -2.32 -9.83 10.16
N SER A 105 -3.42 -9.42 9.50
CA SER A 105 -4.46 -8.56 10.06
C SER A 105 -4.92 -7.58 9.00
N ASP A 106 -5.97 -6.79 9.28
CA ASP A 106 -6.45 -5.85 8.28
C ASP A 106 -6.07 -4.41 8.60
N GLN A 107 -5.05 -3.93 7.89
CA GLN A 107 -4.57 -2.55 8.03
C GLN A 107 -3.60 -2.24 6.89
N MET A 108 -3.32 -0.96 6.68
CA MET A 108 -2.40 -0.58 5.61
C MET A 108 -1.94 0.87 5.76
N THR A 109 -0.71 1.12 5.34
CA THR A 109 -0.14 2.47 5.39
C THR A 109 0.12 2.97 3.98
N LEU A 110 0.27 4.29 3.84
CA LEU A 110 0.51 4.87 2.52
C LEU A 110 1.67 4.16 1.82
N GLN A 111 2.84 4.17 2.46
CA GLN A 111 4.03 3.52 1.91
C GLN A 111 3.69 2.13 1.37
N ASP A 112 3.28 1.23 2.27
CA ASP A 112 2.92 -0.13 1.86
C ASP A 112 1.90 -0.10 0.72
N ALA A 113 1.00 0.86 0.78
CA ALA A 113 -0.01 1.01 -0.24
C ALA A 113 0.62 1.15 -1.63
N LYS A 114 1.55 2.08 -1.74
CA LYS A 114 2.22 2.33 -3.02
C LYS A 114 3.31 1.31 -3.28
N VAL A 115 3.81 0.63 -2.25
CA VAL A 115 4.84 -0.36 -2.47
C VAL A 115 4.27 -1.50 -3.29
N LEU A 116 3.13 -1.99 -2.83
CA LEU A 116 2.44 -3.06 -3.49
C LEU A 116 1.88 -2.56 -4.80
N LEU A 117 1.24 -1.38 -4.78
CA LEU A 117 0.68 -0.83 -6.00
C LEU A 117 1.78 -0.40 -6.96
N GLU A 118 3.00 -0.30 -6.43
CA GLU A 118 4.12 0.03 -7.28
C GLU A 118 4.43 -1.20 -8.09
N ALA A 119 4.57 -2.31 -7.38
CA ALA A 119 4.81 -3.58 -8.05
C ALA A 119 3.56 -4.07 -8.76
N ALA A 120 2.41 -3.69 -8.22
CA ALA A 120 1.13 -4.08 -8.80
C ALA A 120 0.90 -3.40 -10.12
N LEU A 121 0.98 -2.07 -10.13
CA LEU A 121 0.78 -1.32 -11.33
C LEU A 121 1.86 -1.64 -12.36
N ARG A 122 3.11 -1.60 -11.92
CA ARG A 122 4.24 -1.89 -12.80
C ARG A 122 4.16 -3.29 -13.39
N GLN A 123 3.74 -4.25 -12.57
CA GLN A 123 3.65 -5.63 -13.03
C GLN A 123 2.34 -5.93 -13.74
N GLU A 124 1.25 -5.30 -13.32
CA GLU A 124 -0.06 -5.58 -13.93
C GLU A 124 -0.46 -4.59 -15.03
N SER A 125 -0.74 -3.35 -14.64
CA SER A 125 -1.17 -2.33 -15.61
C SER A 125 -0.02 -1.44 -16.08
N GLY A 126 0.51 -0.65 -15.16
CA GLY A 126 1.59 0.27 -15.49
C GLY A 126 1.08 1.66 -15.76
N ALA A 127 0.24 1.79 -16.79
CA ALA A 127 -0.33 3.08 -17.15
C ALA A 127 -1.83 3.06 -16.89
N ARG A 128 -2.20 2.42 -15.79
CA ARG A 128 -3.59 2.30 -15.39
C ARG A 128 -4.33 1.35 -16.32
N GLY A 129 -4.72 0.20 -15.79
CA GLY A 129 -5.43 -0.79 -16.56
C GLY A 129 -4.76 -1.10 -17.89
N SER A 130 -3.45 -0.86 -17.96
CA SER A 130 -2.70 -1.11 -19.18
C SER A 130 -3.25 -0.30 -20.35
N ASP B 2 -18.64 8.92 -3.86
CA ASP B 2 -18.51 10.37 -3.92
C ASP B 2 -17.07 10.78 -3.65
N GLU B 3 -16.46 10.16 -2.65
CA GLU B 3 -15.07 10.47 -2.28
C GLU B 3 -14.93 11.93 -1.87
N ASP B 5 -12.05 14.41 -3.12
CA ASP B 5 -11.73 15.20 -4.30
C ASP B 5 -11.22 14.31 -5.43
N ASP B 6 -11.96 13.25 -5.73
CA ASP B 6 -11.58 12.33 -6.78
C ASP B 6 -10.20 11.72 -6.51
N PRO B 7 -9.86 10.63 -7.19
CA PRO B 7 -8.57 9.95 -7.02
C PRO B 7 -7.38 10.84 -7.41
N PHE B 8 -7.21 11.95 -6.71
CA PHE B 8 -6.11 12.88 -6.95
C PHE B 8 -5.91 13.14 -8.45
N MET A 1 -12.22 -3.15 -5.27
CA MET A 1 -11.26 -2.83 -6.36
C MET A 1 -10.74 -1.41 -6.23
N ASN A 2 -10.72 -0.90 -5.01
CA ASN A 2 -10.24 0.47 -4.72
C ASN A 2 -10.73 1.46 -5.78
N LEU A 3 -9.94 1.66 -6.83
CA LEU A 3 -10.30 2.60 -7.89
C LEU A 3 -9.53 2.30 -9.18
N SER A 4 -8.23 2.07 -9.04
CA SER A 4 -7.36 1.78 -10.19
C SER A 4 -5.90 1.83 -9.78
N LEU A 5 -5.11 0.88 -10.28
CA LEU A 5 -3.68 0.83 -9.95
C LEU A 5 -2.98 2.13 -10.30
N SER A 6 -2.91 2.45 -11.58
CA SER A 6 -2.24 3.66 -12.04
C SER A 6 -2.70 4.90 -11.27
N ASP A 7 -4.00 5.02 -11.03
CA ASP A 7 -4.53 6.16 -10.31
C ASP A 7 -4.20 6.04 -8.84
N LEU A 8 -4.69 4.97 -8.22
CA LEU A 8 -4.43 4.71 -6.80
C LEU A 8 -2.95 4.90 -6.49
N HIS A 9 -2.09 4.37 -7.36
CA HIS A 9 -0.65 4.50 -7.21
C HIS A 9 -0.27 5.95 -7.35
N ARG A 10 -0.84 6.60 -8.34
CA ARG A 10 -0.56 8.00 -8.63
C ARG A 10 -0.83 8.87 -7.40
N GLN A 11 -2.04 8.79 -6.84
CA GLN A 11 -2.38 9.60 -5.67
C GLN A 11 -1.55 9.21 -4.44
N VAL A 12 -1.47 7.90 -4.15
CA VAL A 12 -0.70 7.44 -3.00
C VAL A 12 0.78 7.77 -3.15
N SER A 13 1.33 7.42 -4.30
CA SER A 13 2.74 7.68 -4.60
C SER A 13 3.09 9.15 -4.45
N ARG A 14 2.40 10.00 -5.20
CA ARG A 14 2.65 11.43 -5.14
C ARG A 14 2.41 11.96 -3.74
N LEU A 15 1.43 11.40 -3.06
CA LEU A 15 1.09 11.81 -1.72
C LEU A 15 2.28 11.71 -0.76
N VAL A 16 2.74 10.49 -0.53
CA VAL A 16 3.87 10.31 0.38
C VAL A 16 5.16 10.81 -0.25
N GLN A 17 5.21 10.82 -1.58
CA GLN A 17 6.38 11.29 -2.28
C GLN A 17 6.48 12.80 -2.19
N GLN A 18 5.35 13.46 -1.93
CA GLN A 18 5.33 14.92 -1.81
C GLN A 18 4.07 15.40 -1.08
N GLU A 19 3.91 14.96 0.17
CA GLU A 19 2.75 15.35 0.97
C GLU A 19 2.74 14.66 2.33
N SER A 20 2.67 13.33 2.33
CA SER A 20 2.62 12.56 3.57
C SER A 20 4.02 12.43 4.19
N GLY A 21 4.80 11.49 3.68
CA GLY A 21 6.14 11.27 4.20
C GLY A 21 6.23 10.01 5.04
N ASP A 22 5.93 8.87 4.43
CA ASP A 22 5.97 7.58 5.12
C ASP A 22 4.87 7.48 6.17
N CYS A 23 3.76 8.18 5.93
CA CYS A 23 2.62 8.18 6.84
C CYS A 23 1.64 7.06 6.46
N THR A 24 0.41 7.15 6.96
CA THR A 24 -0.60 6.15 6.66
C THR A 24 -1.59 6.71 5.65
N GLY A 25 -2.38 5.85 5.04
CA GLY A 25 -3.33 6.30 4.05
C GLY A 25 -4.71 5.71 4.24
N LYS A 26 -5.72 6.43 3.77
CA LYS A 26 -7.10 5.99 3.87
C LYS A 26 -7.69 5.80 2.48
N LEU A 27 -8.34 4.67 2.26
CA LEU A 27 -8.93 4.37 0.95
C LEU A 27 -10.46 4.49 0.99
N ARG A 28 -11.03 4.92 -0.13
CA ARG A 28 -12.47 5.11 -0.28
C ARG A 28 -12.75 5.81 -1.59
N GLY A 29 -12.23 5.25 -2.67
CA GLY A 29 -12.39 5.87 -3.98
C GLY A 29 -11.29 6.89 -4.20
N ASN A 30 -10.42 7.03 -3.20
CA ASN A 30 -9.31 7.95 -3.22
C ASN A 30 -8.37 7.59 -2.08
N VAL A 31 -7.17 8.10 -2.10
CA VAL A 31 -6.22 7.80 -1.02
C VAL A 31 -5.75 9.07 -0.32
N ALA A 32 -6.09 9.16 0.97
CA ALA A 32 -5.73 10.32 1.78
C ALA A 32 -4.57 9.97 2.72
N ALA A 33 -3.97 10.99 3.32
CA ALA A 33 -2.85 10.79 4.21
C ALA A 33 -3.25 10.89 5.68
N ASN A 34 -2.70 9.99 6.49
CA ASN A 34 -2.99 9.94 7.91
C ASN A 34 -1.71 10.14 8.72
N LYS A 35 -1.68 11.21 9.51
CA LYS A 35 -0.51 11.53 10.34
C LYS A 35 -0.85 11.48 11.82
N GLU A 36 -2.11 11.79 12.15
CA GLU A 36 -2.56 11.77 13.54
C GLU A 36 -2.38 10.40 14.16
N THR A 37 -2.75 9.36 13.41
CA THR A 37 -2.63 7.99 13.88
C THR A 37 -1.76 7.17 12.95
N THR A 38 -1.67 5.88 13.21
CA THR A 38 -0.86 4.98 12.40
C THR A 38 -1.72 3.83 11.88
N PHE A 39 -1.42 2.60 12.29
CA PHE A 39 -2.19 1.44 11.86
C PHE A 39 -1.78 0.17 12.62
N GLN A 40 -0.74 -0.52 12.18
CA GLN A 40 -0.26 -1.75 12.84
C GLN A 40 -1.09 -2.98 12.44
N GLY A 41 -1.59 -2.98 11.21
CA GLY A 41 -2.41 -4.10 10.72
C GLY A 41 -3.79 -4.16 11.36
N LEU A 42 -3.95 -3.51 12.51
CA LEU A 42 -5.22 -3.45 13.24
C LEU A 42 -6.43 -3.64 12.32
N THR A 43 -7.42 -4.38 12.81
CA THR A 43 -8.63 -4.64 12.04
C THR A 43 -9.77 -3.71 12.47
N ILE A 44 -9.42 -2.51 12.91
CA ILE A 44 -10.41 -1.53 13.34
C ILE A 44 -11.12 -1.96 14.62
N ALA A 45 -10.73 -3.09 15.19
CA ALA A 45 -11.36 -3.60 16.40
C ALA A 45 -10.71 -3.00 17.65
N SER A 46 -9.44 -2.66 17.55
CA SER A 46 -8.70 -2.08 18.68
C SER A 46 -8.80 -0.56 18.69
N GLY A 47 -8.79 0.05 17.52
CA GLY A 47 -8.87 1.50 17.44
C GLY A 47 -8.30 2.07 16.16
N ALA A 48 -8.69 1.49 15.02
CA ALA A 48 -8.20 1.96 13.73
C ALA A 48 -9.36 2.43 12.86
N ARG A 49 -9.06 2.73 11.61
CA ARG A 49 -10.08 3.18 10.66
C ARG A 49 -10.18 2.22 9.49
N GLU A 50 -11.39 1.78 9.18
CA GLU A 50 -11.62 0.85 8.08
C GLU A 50 -10.81 1.24 6.86
N SER A 51 -10.57 2.55 6.71
CA SER A 51 -9.81 3.07 5.59
C SER A 51 -8.48 2.34 5.43
N GLU A 52 -7.64 2.40 6.46
CA GLU A 52 -6.36 1.73 6.42
C GLU A 52 -6.55 0.26 6.05
N LYS A 53 -7.59 -0.35 6.61
CA LYS A 53 -7.92 -1.75 6.36
C LYS A 53 -8.26 -1.96 4.89
N VAL A 54 -9.36 -1.36 4.43
CA VAL A 54 -9.78 -1.50 3.04
C VAL A 54 -8.62 -1.17 2.11
N PHE A 55 -7.86 -0.14 2.46
CA PHE A 55 -6.71 0.24 1.66
C PHE A 55 -5.76 -0.94 1.54
N ALA A 56 -5.52 -1.63 2.65
CA ALA A 56 -4.66 -2.79 2.64
C ALA A 56 -5.19 -3.81 1.64
N GLN A 57 -6.41 -4.27 1.88
CA GLN A 57 -7.05 -5.23 1.00
C GLN A 57 -6.90 -4.84 -0.47
N THR A 58 -6.97 -3.55 -0.74
CA THR A 58 -6.86 -3.06 -2.12
C THR A 58 -5.46 -3.28 -2.67
N VAL A 59 -4.43 -2.86 -1.92
CA VAL A 59 -3.06 -3.04 -2.40
C VAL A 59 -2.69 -4.50 -2.60
N LEU A 60 -3.00 -5.36 -1.63
CA LEU A 60 -2.64 -6.77 -1.76
C LEU A 60 -3.55 -7.45 -2.75
N SER A 61 -4.76 -6.94 -2.88
CA SER A 61 -5.71 -7.49 -3.84
C SER A 61 -5.19 -7.25 -5.25
N HIS A 62 -4.89 -5.99 -5.57
CA HIS A 62 -4.34 -5.66 -6.88
C HIS A 62 -2.93 -6.21 -6.97
N VAL A 63 -2.33 -6.47 -5.80
CA VAL A 63 -1.00 -7.03 -5.72
C VAL A 63 -1.06 -8.46 -5.19
N ALA A 64 -1.76 -9.31 -5.92
CA ALA A 64 -1.90 -10.71 -5.53
C ALA A 64 -0.67 -11.53 -5.93
N ASN A 65 0.47 -10.83 -6.11
CA ASN A 65 1.72 -11.48 -6.51
C ASN A 65 2.71 -10.44 -7.01
N VAL A 66 2.28 -9.62 -7.98
CA VAL A 66 3.11 -8.57 -8.56
C VAL A 66 4.54 -9.05 -8.84
N VAL A 67 5.55 -8.26 -8.48
CA VAL A 67 6.94 -8.67 -8.73
C VAL A 67 7.91 -7.96 -7.79
N LEU A 68 7.55 -6.75 -7.42
CA LEU A 68 8.35 -5.95 -6.50
C LEU A 68 9.85 -6.10 -6.71
N THR A 69 10.46 -5.16 -7.43
CA THR A 69 11.89 -5.20 -7.67
C THR A 69 12.62 -4.80 -6.39
N GLN A 70 13.94 -4.76 -6.44
CA GLN A 70 14.73 -4.40 -5.27
C GLN A 70 14.15 -3.17 -4.57
N GLU A 71 13.59 -2.27 -5.36
CA GLU A 71 12.99 -1.05 -4.84
C GLU A 71 11.78 -1.36 -3.97
N ASP A 72 10.76 -1.96 -4.58
CA ASP A 72 9.53 -2.31 -3.86
C ASP A 72 9.86 -3.19 -2.65
N THR A 73 10.80 -4.12 -2.83
CA THR A 73 11.20 -5.01 -1.74
C THR A 73 11.63 -4.17 -0.54
N ALA A 74 12.66 -3.35 -0.76
CA ALA A 74 13.13 -2.44 0.28
C ALA A 74 11.98 -1.55 0.74
N LYS A 75 11.07 -1.32 -0.19
CA LYS A 75 9.88 -0.52 0.05
C LYS A 75 9.02 -1.14 1.16
N LEU A 76 8.67 -2.42 0.97
CA LEU A 76 7.85 -3.13 1.95
C LEU A 76 8.57 -3.20 3.29
N LEU A 77 9.81 -3.71 3.28
CA LEU A 77 10.57 -3.81 4.52
C LEU A 77 10.73 -2.45 5.18
N GLN A 78 10.74 -1.40 4.36
CA GLN A 78 10.85 -0.04 4.88
C GLN A 78 9.63 0.32 5.69
N SER A 79 8.46 0.28 5.04
CA SER A 79 7.20 0.60 5.71
C SER A 79 6.99 -0.31 6.92
N THR A 80 7.54 -1.52 6.85
CA THR A 80 7.41 -2.48 7.94
C THR A 80 8.41 -2.20 9.06
N VAL A 81 9.69 -2.21 8.73
CA VAL A 81 10.74 -1.96 9.72
C VAL A 81 10.53 -0.61 10.42
N LYS A 82 9.86 0.31 9.75
CA LYS A 82 9.60 1.63 10.31
C LYS A 82 9.14 1.54 11.77
N HIS A 83 8.47 0.43 12.09
CA HIS A 83 7.98 0.21 13.45
C HIS A 83 8.00 -1.28 13.79
N ASN A 84 8.20 -1.58 15.07
CA ASN A 84 8.24 -2.97 15.54
C ASN A 84 6.91 -3.66 15.29
N LEU A 85 6.71 -4.16 14.07
CA LEU A 85 5.48 -4.85 13.72
C LEU A 85 5.55 -5.38 12.28
N ASN A 86 5.53 -6.69 12.14
CA ASN A 86 5.58 -7.32 10.83
C ASN A 86 4.21 -7.86 10.44
N ASN A 87 3.56 -7.19 9.49
CA ASN A 87 2.23 -7.61 9.02
C ASN A 87 2.26 -8.05 7.57
N TYR A 88 3.28 -7.62 6.82
CA TYR A 88 3.37 -7.97 5.42
C TYR A 88 4.33 -9.15 5.22
N ASP A 89 3.97 -10.03 4.30
CA ASP A 89 4.77 -11.19 4.00
C ASP A 89 5.31 -11.05 2.58
N LEU A 90 6.55 -11.42 2.39
CA LEU A 90 7.20 -11.30 1.09
C LEU A 90 8.03 -12.51 0.72
N ARG A 91 8.07 -12.79 -0.59
CA ARG A 91 8.86 -13.90 -1.12
C ARG A 91 9.78 -13.34 -2.20
N SER A 92 11.01 -13.84 -2.31
CA SER A 92 11.92 -13.30 -3.32
C SER A 92 12.11 -14.21 -4.51
N VAL A 93 12.14 -13.57 -5.67
CA VAL A 93 12.34 -14.21 -6.94
C VAL A 93 12.76 -13.14 -7.95
N GLY A 94 12.16 -13.14 -9.13
CA GLY A 94 12.48 -12.13 -10.13
C GLY A 94 13.93 -11.70 -10.12
N ASN A 95 14.83 -12.64 -9.83
CA ASN A 95 16.26 -12.33 -9.75
C ASN A 95 16.51 -11.41 -8.57
N GLY A 96 15.99 -10.19 -8.69
CA GLY A 96 16.10 -9.22 -7.62
C GLY A 96 14.74 -8.67 -7.25
N ASN A 97 13.68 -9.43 -7.58
CA ASN A 97 12.31 -9.03 -7.31
C ASN A 97 11.67 -9.99 -6.30
N SER A 98 10.54 -9.60 -5.75
CA SER A 98 9.84 -10.43 -4.78
C SER A 98 8.34 -10.48 -5.05
N VAL A 99 7.68 -11.42 -4.43
CA VAL A 99 6.25 -11.59 -4.57
C VAL A 99 5.57 -11.05 -3.32
N LEU A 100 4.36 -10.53 -3.48
CA LEU A 100 3.66 -9.94 -2.37
C LEU A 100 2.56 -10.81 -1.79
N VAL A 101 2.84 -11.34 -0.62
CA VAL A 101 1.88 -12.12 0.12
C VAL A 101 1.83 -11.48 1.49
N SER A 102 0.79 -10.76 1.80
CA SER A 102 0.81 -10.05 3.06
C SER A 102 -0.55 -9.83 3.67
N LEU A 103 -0.49 -9.47 4.94
CA LEU A 103 -1.65 -9.11 5.72
C LEU A 103 -1.40 -9.29 7.20
N ARG A 104 -1.72 -10.46 7.71
CA ARG A 104 -1.53 -10.72 9.14
C ARG A 104 -2.40 -9.75 9.96
N SER A 105 -3.31 -9.05 9.26
CA SER A 105 -4.22 -8.06 9.84
C SER A 105 -4.67 -7.15 8.70
N ASP A 106 -5.76 -6.40 8.89
CA ASP A 106 -6.22 -5.52 7.81
C ASP A 106 -5.96 -4.04 8.10
N GLN A 107 -4.90 -3.53 7.47
CA GLN A 107 -4.54 -2.11 7.58
C GLN A 107 -3.47 -1.78 6.55
N MET A 108 -3.25 -0.50 6.28
CA MET A 108 -2.23 -0.11 5.31
C MET A 108 -1.88 1.38 5.41
N THR A 109 -0.62 1.67 5.11
CA THR A 109 -0.12 3.04 5.13
C THR A 109 0.11 3.53 3.70
N LEU A 110 0.27 4.83 3.52
CA LEU A 110 0.51 5.38 2.20
C LEU A 110 1.73 4.72 1.58
N GLN A 111 2.86 4.74 2.29
CA GLN A 111 4.09 4.13 1.78
C GLN A 111 3.80 2.72 1.28
N ASP A 112 3.42 1.84 2.21
CA ASP A 112 3.11 0.45 1.86
C ASP A 112 2.14 0.43 0.67
N ALA A 113 1.15 1.31 0.73
CA ALA A 113 0.16 1.41 -0.34
C ALA A 113 0.85 1.57 -1.69
N LYS A 114 1.59 2.67 -1.86
CA LYS A 114 2.29 2.92 -3.13
C LYS A 114 3.32 1.83 -3.40
N VAL A 115 3.83 1.22 -2.34
CA VAL A 115 4.81 0.15 -2.49
C VAL A 115 4.26 -0.97 -3.35
N LEU A 116 3.22 -1.62 -2.83
CA LEU A 116 2.59 -2.71 -3.53
C LEU A 116 2.05 -2.22 -4.85
N LEU A 117 1.47 -1.03 -4.83
CA LEU A 117 0.92 -0.43 -6.05
C LEU A 117 2.02 -0.07 -7.02
N GLU A 118 3.24 0.03 -6.51
CA GLU A 118 4.37 0.33 -7.36
C GLU A 118 4.65 -0.92 -8.17
N ALA A 119 4.61 -2.04 -7.46
CA ALA A 119 4.82 -3.33 -8.10
C ALA A 119 3.55 -3.76 -8.81
N ALA A 120 2.43 -3.30 -8.30
CA ALA A 120 1.14 -3.61 -8.85
C ALA A 120 0.97 -2.93 -10.19
N LEU A 121 1.16 -1.62 -10.20
CA LEU A 121 1.02 -0.85 -11.42
C LEU A 121 2.09 -1.28 -12.41
N ARG A 122 3.32 -1.42 -11.93
CA ARG A 122 4.44 -1.82 -12.78
C ARG A 122 4.16 -3.15 -13.48
N GLN A 123 3.67 -4.12 -12.72
CA GLN A 123 3.40 -5.44 -13.27
C GLN A 123 2.02 -5.59 -13.91
N GLU A 124 1.04 -4.83 -13.43
CA GLU A 124 -0.32 -4.96 -13.99
C GLU A 124 -0.64 -3.95 -15.06
N SER A 125 -0.73 -2.69 -14.68
CA SER A 125 -1.09 -1.63 -15.60
C SER A 125 0.13 -0.91 -16.19
N GLY A 126 0.85 -0.21 -15.34
CA GLY A 126 2.02 0.54 -15.79
C GLY A 126 1.62 1.86 -16.40
N ALA A 127 1.29 2.82 -15.54
CA ALA A 127 0.87 4.15 -15.96
C ALA A 127 -0.63 4.17 -16.19
N ARG A 128 -1.17 3.04 -16.64
CA ARG A 128 -2.61 2.90 -16.89
C ARG A 128 -2.87 1.75 -17.85
N GLY A 129 -2.17 0.65 -17.63
CA GLY A 129 -2.32 -0.50 -18.49
C GLY A 129 -1.91 -0.19 -19.92
N SER A 130 -1.18 0.91 -20.10
CA SER A 130 -0.72 1.31 -21.43
C SER A 130 0.09 2.60 -21.35
N ASP B 2 -19.92 7.00 2.37
CA ASP B 2 -19.59 8.41 2.51
C ASP B 2 -18.20 8.70 1.96
N GLU B 3 -18.12 8.91 0.64
CA GLU B 3 -16.85 9.21 -0.01
C GLU B 3 -16.29 10.54 0.47
N ASP B 5 -13.77 12.98 -2.04
CA ASP B 5 -13.66 13.83 -3.22
C ASP B 5 -13.35 13.01 -4.48
N ASP B 6 -12.07 12.90 -4.82
CA ASP B 6 -11.66 12.15 -6.01
C ASP B 6 -10.31 11.47 -5.78
N PRO B 7 -10.02 10.39 -6.56
CA PRO B 7 -8.77 9.64 -6.45
C PRO B 7 -7.52 10.51 -6.60
N PHE B 8 -7.25 11.33 -5.58
CA PHE B 8 -6.08 12.21 -5.56
C PHE B 8 -6.22 13.28 -4.50
N MET A 1 -16.31 -0.71 -3.48
CA MET A 1 -15.15 -0.99 -4.37
C MET A 1 -14.16 0.18 -4.35
N ASN A 2 -12.93 -0.10 -4.79
CA ASN A 2 -11.90 0.92 -4.83
C ASN A 2 -11.77 1.51 -6.23
N LEU A 3 -10.69 2.24 -6.46
CA LEU A 3 -10.43 2.86 -7.75
C LEU A 3 -9.33 2.11 -8.49
N SER A 4 -8.93 2.61 -9.65
CA SER A 4 -7.88 1.98 -10.44
C SER A 4 -6.58 1.91 -9.66
N LEU A 5 -5.53 1.41 -10.31
CA LEU A 5 -4.22 1.29 -9.68
C LEU A 5 -3.38 2.54 -9.92
N SER A 6 -3.08 2.81 -11.19
CA SER A 6 -2.27 3.97 -11.54
C SER A 6 -2.69 5.22 -10.77
N ASP A 7 -4.00 5.39 -10.57
CA ASP A 7 -4.51 6.54 -9.84
C ASP A 7 -4.26 6.38 -8.35
N LEU A 8 -4.58 5.20 -7.84
CA LEU A 8 -4.38 4.90 -6.42
C LEU A 8 -2.91 5.01 -6.08
N HIS A 9 -2.07 4.37 -6.89
CA HIS A 9 -0.63 4.41 -6.70
C HIS A 9 -0.15 5.85 -6.83
N ARG A 10 -0.73 6.54 -7.79
CA ARG A 10 -0.38 7.93 -8.04
C ARG A 10 -0.67 8.78 -6.81
N GLN A 11 -1.92 8.71 -6.34
CA GLN A 11 -2.32 9.48 -5.16
C GLN A 11 -1.49 9.06 -3.95
N VAL A 12 -1.50 7.76 -3.63
CA VAL A 12 -0.74 7.25 -2.50
C VAL A 12 0.73 7.60 -2.61
N SER A 13 1.33 7.29 -3.75
CA SER A 13 2.74 7.56 -3.99
C SER A 13 3.04 9.05 -4.02
N ARG A 14 2.03 9.86 -4.32
CA ARG A 14 2.22 11.29 -4.38
C ARG A 14 2.27 11.91 -3.00
N LEU A 15 1.43 11.45 -2.10
CA LEU A 15 1.44 12.01 -0.75
C LEU A 15 2.68 11.51 -0.04
N VAL A 16 2.93 10.22 -0.13
CA VAL A 16 4.09 9.60 0.50
C VAL A 16 5.39 10.25 0.02
N GLN A 17 5.59 10.25 -1.30
CA GLN A 17 6.81 10.79 -1.88
C GLN A 17 6.88 12.32 -1.78
N GLN A 18 5.82 12.97 -1.31
CA GLN A 18 5.84 14.42 -1.18
C GLN A 18 4.60 14.93 -0.45
N GLU A 19 4.48 14.56 0.83
CA GLU A 19 3.34 15.00 1.65
C GLU A 19 3.38 14.32 3.02
N SER A 20 3.33 13.00 3.03
CA SER A 20 3.33 12.23 4.26
C SER A 20 4.71 11.63 4.54
N GLY A 21 5.34 11.10 3.50
CA GLY A 21 6.64 10.50 3.65
C GLY A 21 6.54 9.00 3.87
N ASP A 22 5.64 8.60 4.77
CA ASP A 22 5.43 7.18 5.06
C ASP A 22 4.29 6.97 6.06
N CYS A 23 3.52 8.03 6.30
CA CYS A 23 2.39 7.97 7.24
C CYS A 23 1.41 6.87 6.83
N THR A 24 0.13 7.01 7.21
CA THR A 24 -0.87 6.00 6.89
C THR A 24 -1.76 6.47 5.75
N GLY A 25 -2.26 5.51 4.98
CA GLY A 25 -3.12 5.84 3.85
C GLY A 25 -4.58 5.56 4.10
N LYS A 26 -5.41 6.51 3.70
CA LYS A 26 -6.86 6.39 3.84
C LYS A 26 -7.48 6.08 2.49
N LEU A 27 -8.17 4.96 2.37
CA LEU A 27 -8.76 4.57 1.10
C LEU A 27 -10.27 4.79 1.06
N ARG A 28 -10.75 5.15 -0.13
CA ARG A 28 -12.17 5.42 -0.37
C ARG A 28 -12.33 6.22 -1.67
N GLY A 29 -11.94 5.60 -2.79
CA GLY A 29 -12.01 6.29 -4.07
C GLY A 29 -10.89 7.30 -4.21
N ASN A 30 -10.12 7.45 -3.13
CA ASN A 30 -8.99 8.35 -3.06
C ASN A 30 -8.16 8.00 -1.84
N VAL A 31 -6.95 8.54 -1.75
CA VAL A 31 -6.10 8.27 -0.59
C VAL A 31 -5.92 9.51 0.26
N ALA A 32 -5.86 9.31 1.56
CA ALA A 32 -5.66 10.40 2.51
C ALA A 32 -4.46 10.12 3.40
N ALA A 33 -3.97 11.14 4.10
CA ALA A 33 -2.82 10.99 4.98
C ALA A 33 -3.20 10.96 6.45
N ASN A 34 -2.95 9.82 7.09
CA ASN A 34 -3.26 9.64 8.50
C ASN A 34 -1.99 9.74 9.34
N LYS A 35 -2.07 10.45 10.47
CA LYS A 35 -0.93 10.61 11.36
C LYS A 35 -1.38 10.88 12.79
N GLU A 36 -2.48 10.25 13.19
CA GLU A 36 -3.02 10.42 14.53
C GLU A 36 -2.96 9.13 15.33
N THR A 37 -2.90 8.00 14.62
CA THR A 37 -2.83 6.69 15.26
C THR A 37 -1.65 5.89 14.76
N THR A 38 -1.50 5.86 13.44
CA THR A 38 -0.41 5.14 12.79
C THR A 38 -0.73 3.67 12.63
N PHE A 39 -1.41 3.38 11.55
CA PHE A 39 -1.80 2.02 11.20
C PHE A 39 -0.65 1.28 10.53
N GLN A 40 -0.39 0.06 11.00
CA GLN A 40 0.70 -0.75 10.45
C GLN A 40 0.16 -2.01 9.79
N GLY A 41 -0.90 -2.56 10.36
CA GLY A 41 -1.51 -3.77 9.83
C GLY A 41 -2.20 -4.56 10.92
N LEU A 42 -3.04 -3.87 11.67
CA LEU A 42 -3.80 -4.46 12.76
C LEU A 42 -5.27 -4.56 12.34
N THR A 43 -6.15 -4.96 13.26
CA THR A 43 -7.56 -5.12 12.92
C THR A 43 -8.48 -4.20 13.73
N ILE A 44 -8.37 -2.90 13.50
CA ILE A 44 -9.20 -1.91 14.19
C ILE A 44 -9.32 -2.14 15.71
N ALA A 45 -8.58 -3.10 16.25
CA ALA A 45 -8.63 -3.41 17.67
C ALA A 45 -7.95 -2.31 18.50
N SER A 46 -6.69 -2.05 18.21
CA SER A 46 -5.94 -1.04 18.94
C SER A 46 -6.61 0.33 18.83
N GLY A 47 -6.73 0.82 17.60
CA GLY A 47 -7.37 2.10 17.37
C GLY A 47 -7.40 2.48 15.90
N ALA A 48 -7.48 1.48 15.03
CA ALA A 48 -7.52 1.73 13.59
C ALA A 48 -8.93 2.13 13.14
N ARG A 49 -9.14 2.12 11.83
CA ARG A 49 -10.43 2.46 11.24
C ARG A 49 -10.78 1.50 10.11
N GLU A 50 -11.68 1.91 9.22
CA GLU A 50 -12.08 1.06 8.11
C GLU A 50 -11.28 1.37 6.85
N SER A 51 -10.86 2.63 6.70
CA SER A 51 -10.09 3.07 5.54
C SER A 51 -8.76 2.33 5.42
N GLU A 52 -8.04 2.22 6.53
CA GLU A 52 -6.75 1.54 6.52
C GLU A 52 -6.92 0.10 6.06
N LYS A 53 -7.63 -0.69 6.86
CA LYS A 53 -7.88 -2.09 6.54
C LYS A 53 -8.32 -2.28 5.09
N VAL A 54 -9.43 -1.64 4.69
CA VAL A 54 -9.91 -1.74 3.33
C VAL A 54 -8.78 -1.49 2.34
N PHE A 55 -7.99 -0.46 2.63
CA PHE A 55 -6.85 -0.12 1.79
C PHE A 55 -5.96 -1.33 1.61
N ALA A 56 -5.56 -1.93 2.73
CA ALA A 56 -4.72 -3.13 2.70
C ALA A 56 -5.33 -4.22 1.84
N GLN A 57 -6.63 -4.45 2.05
CA GLN A 57 -7.34 -5.48 1.28
C GLN A 57 -7.42 -5.08 -0.19
N THR A 58 -7.70 -3.81 -0.42
CA THR A 58 -7.82 -3.27 -1.77
C THR A 58 -6.52 -3.45 -2.54
N VAL A 59 -5.41 -3.09 -1.92
CA VAL A 59 -4.12 -3.22 -2.56
C VAL A 59 -3.73 -4.69 -2.71
N LEU A 60 -4.04 -5.48 -1.70
CA LEU A 60 -3.72 -6.90 -1.74
C LEU A 60 -4.40 -7.56 -2.93
N SER A 61 -5.62 -7.10 -3.21
CA SER A 61 -6.38 -7.62 -4.34
C SER A 61 -5.80 -7.13 -5.67
N HIS A 62 -5.63 -5.81 -5.81
CA HIS A 62 -5.08 -5.25 -7.02
C HIS A 62 -3.72 -5.87 -7.34
N VAL A 63 -2.97 -6.18 -6.29
CA VAL A 63 -1.67 -6.81 -6.42
C VAL A 63 -1.82 -8.31 -6.57
N ALA A 64 -2.23 -8.97 -5.49
CA ALA A 64 -2.44 -10.40 -5.47
C ALA A 64 -1.33 -11.17 -6.20
N ASN A 65 -0.11 -10.63 -6.22
CA ASN A 65 1.03 -11.27 -6.90
C ASN A 65 2.12 -10.26 -7.27
N VAL A 66 1.86 -9.49 -8.33
CA VAL A 66 2.81 -8.49 -8.82
C VAL A 66 4.23 -9.05 -8.91
N VAL A 67 5.24 -8.27 -8.52
CA VAL A 67 6.62 -8.75 -8.60
C VAL A 67 7.58 -8.00 -7.66
N LEU A 68 7.18 -6.81 -7.26
CA LEU A 68 7.98 -5.98 -6.35
C LEU A 68 9.48 -6.10 -6.63
N THR A 69 9.98 -5.24 -7.50
CA THR A 69 11.41 -5.25 -7.81
C THR A 69 12.22 -4.82 -6.58
N GLN A 70 13.53 -4.66 -6.76
CA GLN A 70 14.39 -4.25 -5.65
C GLN A 70 13.81 -3.02 -4.94
N GLU A 71 13.09 -2.20 -5.69
CA GLU A 71 12.48 -0.99 -5.13
C GLU A 71 11.40 -1.37 -4.13
N ASP A 72 10.33 -2.01 -4.61
CA ASP A 72 9.23 -2.41 -3.74
C ASP A 72 9.74 -3.26 -2.58
N THR A 73 10.77 -4.08 -2.83
CA THR A 73 11.33 -4.92 -1.77
C THR A 73 11.84 -4.02 -0.65
N ALA A 74 12.81 -3.16 -0.98
CA ALA A 74 13.34 -2.22 -0.01
C ALA A 74 12.20 -1.37 0.56
N LYS A 75 11.16 -1.23 -0.27
CA LYS A 75 9.97 -0.47 0.08
C LYS A 75 9.26 -1.08 1.30
N LEU A 76 8.80 -2.33 1.15
CA LEU A 76 8.12 -3.01 2.26
C LEU A 76 9.02 -3.12 3.47
N LEU A 77 10.24 -3.59 3.26
CA LEU A 77 11.18 -3.72 4.37
C LEU A 77 11.47 -2.35 4.99
N GLN A 78 11.38 -1.31 4.17
CA GLN A 78 11.59 0.05 4.66
C GLN A 78 10.52 0.40 5.68
N SER A 79 9.27 0.30 5.25
CA SER A 79 8.14 0.60 6.13
C SER A 79 8.17 -0.32 7.34
N THR A 80 8.73 -1.52 7.16
CA THR A 80 8.82 -2.49 8.25
C THR A 80 9.80 -2.03 9.33
N VAL A 81 11.07 -1.92 8.96
CA VAL A 81 12.10 -1.50 9.89
C VAL A 81 11.81 -0.09 10.43
N LYS A 82 11.05 0.68 9.66
CA LYS A 82 10.72 2.05 10.06
C LYS A 82 9.87 2.08 11.32
N HIS A 83 8.63 1.57 11.24
CA HIS A 83 7.73 1.56 12.39
C HIS A 83 7.09 0.20 12.61
N ASN A 84 7.55 -0.48 13.66
CA ASN A 84 7.03 -1.81 14.04
C ASN A 84 6.68 -2.65 12.81
N LEU A 85 5.43 -2.54 12.35
CA LEU A 85 4.97 -3.30 11.19
C LEU A 85 4.71 -4.76 11.57
N ASN A 86 5.07 -5.70 10.67
CA ASN A 86 4.87 -7.12 10.90
C ASN A 86 3.49 -7.55 10.40
N ASN A 87 3.07 -6.93 9.29
CA ASN A 87 1.78 -7.23 8.69
C ASN A 87 1.94 -7.70 7.24
N TYR A 88 3.03 -7.25 6.62
CA TYR A 88 3.28 -7.60 5.23
C TYR A 88 4.27 -8.75 5.11
N ASP A 89 3.84 -9.79 4.38
CA ASP A 89 4.66 -10.94 4.17
C ASP A 89 5.19 -10.89 2.74
N LEU A 90 6.45 -11.20 2.57
CA LEU A 90 7.10 -11.10 1.27
C LEU A 90 7.87 -12.36 0.86
N ARG A 91 8.00 -12.53 -0.46
CA ARG A 91 8.74 -13.64 -1.03
C ARG A 91 9.69 -13.10 -2.10
N SER A 92 10.70 -13.86 -2.48
CA SER A 92 11.67 -13.39 -3.48
C SER A 92 11.45 -14.01 -4.84
N VAL A 93 11.97 -13.31 -5.84
CA VAL A 93 11.88 -13.67 -7.22
C VAL A 93 12.29 -12.47 -8.06
N GLY A 94 12.82 -12.73 -9.21
CA GLY A 94 13.25 -11.65 -10.06
C GLY A 94 14.69 -11.26 -9.85
N ASN A 95 15.47 -12.17 -9.26
CA ASN A 95 16.87 -11.88 -8.97
C ASN A 95 16.94 -10.92 -7.79
N GLY A 96 16.12 -9.87 -7.85
CA GLY A 96 16.06 -8.90 -6.79
C GLY A 96 14.65 -8.42 -6.54
N ASN A 97 13.65 -9.15 -7.06
CA ASN A 97 12.26 -8.77 -6.86
C ASN A 97 11.61 -9.70 -5.85
N SER A 98 10.45 -9.34 -5.35
CA SER A 98 9.76 -10.17 -4.39
C SER A 98 8.27 -10.20 -4.67
N VAL A 99 7.59 -11.16 -4.07
CA VAL A 99 6.16 -11.30 -4.24
C VAL A 99 5.45 -10.78 -3.01
N LEU A 100 4.22 -10.30 -3.19
CA LEU A 100 3.48 -9.77 -2.07
C LEU A 100 2.42 -10.71 -1.55
N VAL A 101 2.72 -11.30 -0.43
CA VAL A 101 1.80 -12.18 0.26
C VAL A 101 1.66 -11.58 1.65
N SER A 102 0.50 -11.02 1.95
CA SER A 102 0.39 -10.34 3.21
C SER A 102 -1.00 -10.01 3.63
N LEU A 103 -1.10 -9.64 4.90
CA LEU A 103 -2.34 -9.15 5.44
C LEU A 103 -2.30 -9.04 6.94
N ARG A 104 -1.78 -10.07 7.58
CA ARG A 104 -1.65 -10.08 9.04
C ARG A 104 -2.53 -8.98 9.65
N SER A 105 -3.81 -9.28 9.80
CA SER A 105 -4.80 -8.31 10.29
C SER A 105 -5.29 -7.50 9.11
N ASP A 106 -5.97 -6.39 9.37
CA ASP A 106 -6.46 -5.57 8.27
C ASP A 106 -6.14 -4.10 8.51
N GLN A 107 -5.09 -3.63 7.84
CA GLN A 107 -4.65 -2.24 7.96
C GLN A 107 -3.62 -1.91 6.89
N MET A 108 -3.36 -0.63 6.69
CA MET A 108 -2.36 -0.21 5.71
C MET A 108 -1.84 1.20 5.96
N THR A 109 -0.56 1.37 5.70
CA THR A 109 0.12 2.66 5.83
C THR A 109 0.34 3.25 4.44
N LEU A 110 0.66 4.54 4.37
CA LEU A 110 0.88 5.20 3.09
C LEU A 110 1.99 4.51 2.30
N GLN A 111 3.15 4.31 2.94
CA GLN A 111 4.27 3.64 2.29
C GLN A 111 3.85 2.27 1.75
N ASP A 112 3.41 1.39 2.65
CA ASP A 112 2.98 0.04 2.27
C ASP A 112 2.09 0.08 1.03
N ALA A 113 1.04 0.89 1.10
CA ALA A 113 0.12 1.04 -0.02
C ALA A 113 0.89 1.30 -1.31
N LYS A 114 1.64 2.40 -1.32
CA LYS A 114 2.44 2.77 -2.49
C LYS A 114 3.36 1.63 -2.90
N VAL A 115 3.82 0.86 -1.93
CA VAL A 115 4.73 -0.24 -2.21
C VAL A 115 4.11 -1.29 -3.11
N LEU A 116 3.08 -1.93 -2.60
CA LEU A 116 2.41 -2.97 -3.34
C LEU A 116 1.78 -2.38 -4.59
N LEU A 117 1.32 -1.16 -4.48
CA LEU A 117 0.70 -0.47 -5.61
C LEU A 117 1.75 -0.06 -6.63
N GLU A 118 2.99 0.04 -6.17
CA GLU A 118 4.07 0.37 -7.06
C GLU A 118 4.28 -0.84 -7.93
N ALA A 119 4.32 -1.99 -7.27
CA ALA A 119 4.46 -3.26 -7.94
C ALA A 119 3.16 -3.64 -8.64
N ALA A 120 2.06 -3.10 -8.13
CA ALA A 120 0.75 -3.37 -8.69
C ALA A 120 0.54 -2.58 -9.95
N LEU A 121 0.79 -1.28 -9.88
CA LEU A 121 0.64 -0.42 -11.03
C LEU A 121 1.62 -0.85 -12.13
N ARG A 122 2.84 -1.23 -11.72
CA ARG A 122 3.86 -1.66 -12.65
C ARG A 122 3.59 -3.05 -13.23
N GLN A 123 3.07 -3.96 -12.40
CA GLN A 123 2.82 -5.33 -12.85
C GLN A 123 1.41 -5.51 -13.43
N GLU A 124 0.47 -4.66 -13.03
CA GLU A 124 -0.90 -4.79 -13.53
C GLU A 124 -1.07 -4.09 -14.86
N SER A 125 -0.96 -2.77 -14.84
CA SER A 125 -1.10 -1.97 -16.05
C SER A 125 0.25 -1.62 -16.65
N GLY A 126 1.11 -1.04 -15.83
CA GLY A 126 2.42 -0.62 -16.27
C GLY A 126 2.51 0.87 -16.39
N ALA A 127 2.36 1.53 -15.24
CA ALA A 127 2.36 2.98 -15.22
C ALA A 127 1.40 3.47 -16.30
N ARG A 128 0.40 2.63 -16.57
CA ARG A 128 -0.57 2.92 -17.60
C ARG A 128 -1.90 3.37 -16.99
N GLY A 129 -2.48 2.53 -16.15
CA GLY A 129 -3.76 2.84 -15.53
C GLY A 129 -4.88 1.98 -16.04
N SER A 130 -4.70 1.41 -17.23
CA SER A 130 -5.72 0.55 -17.84
C SER A 130 -7.06 1.28 -17.94
N ASP B 2 -17.20 5.88 -6.43
CA ASP B 2 -17.30 5.41 -5.06
C ASP B 2 -17.37 6.58 -4.08
N GLU B 3 -16.21 7.15 -3.75
CA GLU B 3 -16.16 8.28 -2.83
C GLU B 3 -15.03 9.23 -3.22
N ASP B 5 -15.09 11.48 -5.20
CA ASP B 5 -15.17 11.68 -6.65
C ASP B 5 -13.97 11.10 -7.39
N ASP B 6 -12.93 11.91 -7.58
CA ASP B 6 -11.73 11.47 -8.30
C ASP B 6 -10.53 11.32 -7.36
N PRO B 7 -9.47 10.66 -7.84
CA PRO B 7 -8.24 10.43 -7.05
C PRO B 7 -7.66 11.73 -6.49
N PHE B 8 -6.76 11.58 -5.52
CA PHE B 8 -6.12 12.73 -4.88
C PHE B 8 -7.13 13.56 -4.10
N MET A 1 -14.80 -1.33 -6.36
CA MET A 1 -14.25 -1.55 -5.00
C MET A 1 -13.23 -0.48 -4.64
N ASN A 2 -12.53 0.04 -5.65
CA ASN A 2 -11.53 1.08 -5.44
C ASN A 2 -11.27 1.86 -6.72
N LEU A 3 -10.14 2.58 -6.75
CA LEU A 3 -9.78 3.36 -7.93
C LEU A 3 -9.05 2.49 -8.96
N SER A 4 -7.72 2.58 -8.98
CA SER A 4 -6.89 1.81 -9.89
C SER A 4 -5.43 1.91 -9.47
N LEU A 5 -4.60 0.99 -9.94
CA LEU A 5 -3.19 1.02 -9.58
C LEU A 5 -2.56 2.33 -9.96
N SER A 6 -2.51 2.58 -11.25
CA SER A 6 -1.92 3.78 -11.77
C SER A 6 -2.38 5.03 -11.00
N ASP A 7 -3.69 5.13 -10.75
CA ASP A 7 -4.24 6.28 -10.04
C ASP A 7 -3.98 6.16 -8.55
N LEU A 8 -4.57 5.15 -7.93
CA LEU A 8 -4.38 4.91 -6.50
C LEU A 8 -2.92 5.06 -6.11
N HIS A 9 -2.05 4.52 -6.96
CA HIS A 9 -0.61 4.61 -6.75
C HIS A 9 -0.16 6.05 -6.97
N ARG A 10 -0.68 6.63 -8.04
CA ARG A 10 -0.34 8.01 -8.39
C ARG A 10 -0.66 8.95 -7.23
N GLN A 11 -1.90 8.90 -6.74
CA GLN A 11 -2.29 9.76 -5.63
C GLN A 11 -1.49 9.45 -4.37
N VAL A 12 -1.49 8.18 -3.93
CA VAL A 12 -0.75 7.80 -2.74
C VAL A 12 0.71 8.22 -2.85
N SER A 13 1.31 7.89 -3.98
CA SER A 13 2.71 8.21 -4.23
C SER A 13 2.96 9.70 -4.25
N ARG A 14 1.98 10.47 -4.74
CA ARG A 14 2.15 11.90 -4.81
C ARG A 14 2.03 12.55 -3.43
N LEU A 15 1.28 11.93 -2.55
CA LEU A 15 1.13 12.46 -1.21
C LEU A 15 2.37 12.19 -0.38
N VAL A 16 2.80 10.94 -0.36
CA VAL A 16 3.97 10.55 0.39
C VAL A 16 5.24 11.18 -0.18
N GLN A 17 5.45 10.96 -1.46
CA GLN A 17 6.63 11.47 -2.13
C GLN A 17 6.66 13.00 -2.13
N GLN A 18 5.56 13.63 -1.70
CA GLN A 18 5.51 15.08 -1.66
C GLN A 18 4.75 15.58 -0.42
N GLU A 19 4.72 14.77 0.64
CA GLU A 19 4.01 15.16 1.87
C GLU A 19 4.09 14.09 2.96
N SER A 20 3.39 12.97 2.75
CA SER A 20 3.34 11.89 3.72
C SER A 20 4.54 10.96 3.61
N GLY A 21 5.70 11.48 3.97
CA GLY A 21 6.95 10.71 3.91
C GLY A 21 6.78 9.24 4.27
N ASP A 22 5.88 8.94 5.20
CA ASP A 22 5.67 7.56 5.61
C ASP A 22 4.38 7.39 6.44
N CYS A 23 3.57 8.43 6.51
CA CYS A 23 2.32 8.38 7.27
C CYS A 23 1.46 7.21 6.82
N THR A 24 0.22 7.14 7.29
CA THR A 24 -0.68 6.06 6.93
C THR A 24 -1.69 6.55 5.91
N GLY A 25 -2.13 5.67 5.03
CA GLY A 25 -3.07 6.07 4.00
C GLY A 25 -4.48 5.60 4.26
N LYS A 26 -5.44 6.43 3.89
CA LYS A 26 -6.85 6.11 4.05
C LYS A 26 -7.50 5.93 2.68
N LEU A 27 -8.16 4.79 2.49
CA LEU A 27 -8.79 4.49 1.21
C LEU A 27 -10.31 4.65 1.28
N ARG A 28 -10.88 5.13 0.18
CA ARG A 28 -12.32 5.35 0.06
C ARG A 28 -12.60 6.11 -1.24
N GLY A 29 -12.17 5.52 -2.36
CA GLY A 29 -12.33 6.15 -3.64
C GLY A 29 -11.21 7.14 -3.92
N ASN A 30 -10.31 7.27 -2.94
CA ASN A 30 -9.18 8.16 -3.02
C ASN A 30 -8.23 7.79 -1.88
N VAL A 31 -7.00 8.26 -1.93
CA VAL A 31 -6.07 7.95 -0.87
C VAL A 31 -5.57 9.21 -0.16
N ALA A 32 -5.87 9.30 1.13
CA ALA A 32 -5.48 10.45 1.94
C ALA A 32 -4.37 10.08 2.92
N ALA A 33 -3.75 11.08 3.52
CA ALA A 33 -2.66 10.84 4.47
C ALA A 33 -3.13 11.02 5.91
N ASN A 34 -2.78 10.04 6.74
CA ASN A 34 -3.14 10.03 8.16
C ASN A 34 -1.90 10.14 9.04
N LYS A 35 -1.84 11.18 9.87
CA LYS A 35 -0.72 11.39 10.76
C LYS A 35 -1.12 11.24 12.22
N GLU A 36 -2.43 11.18 12.48
CA GLU A 36 -2.93 11.04 13.84
C GLU A 36 -2.85 9.60 14.33
N THR A 37 -3.63 8.73 13.70
CA THR A 37 -3.65 7.31 14.08
C THR A 37 -2.38 6.61 13.62
N THR A 38 -2.19 5.38 14.11
CA THR A 38 -1.02 4.58 13.76
C THR A 38 -1.44 3.17 13.34
N PHE A 39 -1.21 2.84 12.08
CA PHE A 39 -1.57 1.53 11.55
C PHE A 39 -0.53 0.48 11.94
N GLN A 40 -0.77 -0.76 11.49
CA GLN A 40 0.13 -1.89 11.76
C GLN A 40 -0.56 -3.21 11.45
N GLY A 41 -1.37 -3.20 10.40
CA GLY A 41 -2.10 -4.40 10.00
C GLY A 41 -3.46 -4.50 10.67
N LEU A 42 -3.53 -4.04 11.94
CA LEU A 42 -4.76 -4.06 12.73
C LEU A 42 -6.03 -4.15 11.87
N THR A 43 -7.00 -4.95 12.32
CA THR A 43 -8.25 -5.12 11.58
C THR A 43 -9.30 -4.11 12.03
N ILE A 44 -8.86 -2.96 12.51
CA ILE A 44 -9.77 -1.91 12.95
C ILE A 44 -10.58 -2.35 14.18
N ALA A 45 -10.26 -3.51 14.71
CA ALA A 45 -10.97 -4.03 15.88
C ALA A 45 -10.34 -3.53 17.18
N SER A 46 -9.04 -3.26 17.15
CA SER A 46 -8.32 -2.78 18.32
C SER A 46 -8.40 -1.26 18.42
N GLY A 47 -8.44 -0.59 17.27
CA GLY A 47 -8.51 0.86 17.28
C GLY A 47 -7.90 1.49 16.03
N ALA A 48 -8.13 0.87 14.88
CA ALA A 48 -7.59 1.40 13.62
C ALA A 48 -8.70 2.03 12.78
N ARG A 49 -8.32 2.73 11.72
CA ARG A 49 -9.28 3.38 10.84
C ARG A 49 -9.72 2.42 9.74
N GLU A 50 -11.04 2.35 9.52
CA GLU A 50 -11.60 1.47 8.50
C GLU A 50 -10.94 1.72 7.15
N SER A 51 -10.50 2.96 6.93
CA SER A 51 -9.86 3.32 5.68
C SER A 51 -8.57 2.52 5.47
N GLU A 52 -7.67 2.58 6.44
CA GLU A 52 -6.42 1.85 6.37
C GLU A 52 -6.66 0.38 6.03
N LYS A 53 -7.65 -0.20 6.70
CA LYS A 53 -8.03 -1.59 6.47
C LYS A 53 -8.37 -1.82 5.01
N VAL A 54 -9.41 -1.13 4.54
CA VAL A 54 -9.84 -1.25 3.15
C VAL A 54 -8.63 -1.07 2.21
N PHE A 55 -7.69 -0.24 2.65
CA PHE A 55 -6.49 0.02 1.88
C PHE A 55 -5.66 -1.25 1.75
N ALA A 56 -5.44 -1.93 2.87
CA ALA A 56 -4.67 -3.17 2.87
C ALA A 56 -5.34 -4.20 1.97
N GLN A 57 -6.66 -4.23 2.00
CA GLN A 57 -7.43 -5.15 1.18
C GLN A 57 -7.33 -4.77 -0.31
N THR A 58 -7.25 -3.48 -0.58
CA THR A 58 -7.15 -2.99 -1.95
C THR A 58 -5.76 -3.22 -2.50
N VAL A 59 -4.76 -2.78 -1.74
CA VAL A 59 -3.38 -2.94 -2.15
C VAL A 59 -3.02 -4.42 -2.26
N LEU A 60 -3.55 -5.23 -1.34
CA LEU A 60 -3.30 -6.66 -1.35
C LEU A 60 -3.99 -7.32 -2.54
N SER A 61 -5.24 -6.95 -2.78
CA SER A 61 -6.01 -7.52 -3.88
C SER A 61 -5.35 -7.23 -5.23
N HIS A 62 -5.25 -5.95 -5.58
CA HIS A 62 -4.64 -5.56 -6.84
C HIS A 62 -3.30 -6.26 -7.05
N VAL A 63 -2.51 -6.31 -5.99
CA VAL A 63 -1.21 -6.96 -6.03
C VAL A 63 -1.39 -8.48 -6.04
N ALA A 64 -1.62 -9.05 -4.86
CA ALA A 64 -1.81 -10.50 -4.73
C ALA A 64 -0.50 -11.27 -4.85
N ASN A 65 0.47 -10.68 -5.55
CA ASN A 65 1.78 -11.31 -5.76
C ASN A 65 2.75 -10.31 -6.38
N VAL A 66 2.32 -9.69 -7.47
CA VAL A 66 3.13 -8.70 -8.19
C VAL A 66 4.58 -9.20 -8.39
N VAL A 67 5.58 -8.32 -8.25
CA VAL A 67 6.96 -8.76 -8.45
C VAL A 67 7.97 -7.93 -7.67
N LEU A 68 7.62 -6.71 -7.34
CA LEU A 68 8.48 -5.80 -6.58
C LEU A 68 9.97 -6.01 -6.90
N THR A 69 10.51 -5.16 -7.76
CA THR A 69 11.93 -5.25 -8.13
C THR A 69 12.80 -5.06 -6.88
N GLN A 70 13.69 -4.08 -6.90
CA GLN A 70 14.55 -3.81 -5.75
C GLN A 70 13.94 -2.71 -4.89
N GLU A 71 13.38 -1.72 -5.56
CA GLU A 71 12.75 -0.59 -4.88
C GLU A 71 11.60 -1.05 -3.98
N ASP A 72 10.56 -1.60 -4.59
CA ASP A 72 9.40 -2.07 -3.83
C ASP A 72 9.81 -3.02 -2.72
N THR A 73 10.88 -3.79 -2.95
CA THR A 73 11.37 -4.71 -1.93
C THR A 73 11.80 -3.92 -0.72
N ALA A 74 12.82 -3.09 -0.88
CA ALA A 74 13.28 -2.25 0.22
C ALA A 74 12.13 -1.37 0.69
N LYS A 75 11.18 -1.15 -0.21
CA LYS A 75 9.99 -0.35 0.05
C LYS A 75 9.20 -0.95 1.22
N LEU A 76 8.66 -2.16 1.01
CA LEU A 76 7.90 -2.84 2.06
C LEU A 76 8.78 -3.01 3.29
N LEU A 77 10.05 -3.33 3.05
CA LEU A 77 11.02 -3.53 4.11
C LEU A 77 10.99 -2.35 5.07
N GLN A 78 11.08 -1.15 4.53
CA GLN A 78 11.06 0.06 5.34
C GLN A 78 9.71 0.26 6.01
N SER A 79 8.65 0.23 5.20
CA SER A 79 7.30 0.40 5.72
C SER A 79 6.96 -0.68 6.75
N THR A 80 7.68 -1.79 6.70
CA THR A 80 7.45 -2.89 7.63
C THR A 80 8.39 -2.79 8.83
N VAL A 81 9.67 -2.61 8.57
CA VAL A 81 10.66 -2.50 9.64
C VAL A 81 10.61 -1.14 10.33
N LYS A 82 9.81 -0.23 9.79
CA LYS A 82 9.67 1.11 10.36
C LYS A 82 9.50 1.05 11.87
N HIS A 83 8.83 0.01 12.34
CA HIS A 83 8.60 -0.18 13.77
C HIS A 83 7.83 -1.47 14.04
N ASN A 84 6.65 -1.58 13.43
CA ASN A 84 5.82 -2.77 13.60
C ASN A 84 5.95 -3.69 12.39
N LEU A 85 7.07 -4.40 12.31
CA LEU A 85 7.32 -5.32 11.21
C LEU A 85 6.67 -6.68 11.47
N ASN A 86 5.38 -6.80 11.12
CA ASN A 86 4.66 -8.05 11.33
C ASN A 86 3.27 -7.98 10.70
N ASN A 87 3.15 -7.33 9.55
CA ASN A 87 1.86 -7.21 8.87
C ASN A 87 1.95 -7.71 7.43
N TYR A 88 2.91 -7.20 6.66
CA TYR A 88 3.04 -7.62 5.28
C TYR A 88 4.20 -8.59 5.13
N ASP A 89 3.97 -9.66 4.36
CA ASP A 89 4.96 -10.68 4.16
C ASP A 89 5.60 -10.58 2.78
N LEU A 90 6.89 -10.82 2.74
CA LEU A 90 7.66 -10.71 1.50
C LEU A 90 8.56 -11.91 1.23
N ARG A 91 8.77 -12.18 -0.05
CA ARG A 91 9.65 -13.25 -0.50
C ARG A 91 10.47 -12.72 -1.66
N SER A 92 11.70 -13.19 -1.86
CA SER A 92 12.51 -12.66 -2.96
C SER A 92 12.75 -13.65 -4.08
N VAL A 93 12.73 -13.11 -5.29
CA VAL A 93 12.97 -13.86 -6.52
C VAL A 93 13.27 -12.86 -7.64
N GLY A 94 12.60 -12.98 -8.77
CA GLY A 94 12.80 -12.05 -9.89
C GLY A 94 14.23 -11.54 -9.99
N ASN A 95 15.21 -12.38 -9.67
CA ASN A 95 16.61 -11.96 -9.71
C ASN A 95 16.82 -10.88 -8.64
N GLY A 96 16.26 -9.72 -8.91
CA GLY A 96 16.33 -8.62 -7.97
C GLY A 96 14.94 -8.15 -7.57
N ASN A 97 13.96 -9.05 -7.72
CA ASN A 97 12.57 -8.74 -7.38
C ASN A 97 12.07 -9.66 -6.28
N SER A 98 10.93 -9.31 -5.70
CA SER A 98 10.35 -10.11 -4.64
C SER A 98 8.86 -10.33 -4.87
N VAL A 99 8.31 -11.28 -4.15
CA VAL A 99 6.90 -11.60 -4.24
C VAL A 99 6.19 -11.01 -3.03
N LEU A 100 5.00 -10.48 -3.24
CA LEU A 100 4.27 -9.87 -2.15
C LEU A 100 3.12 -10.72 -1.66
N VAL A 101 3.33 -11.30 -0.49
CA VAL A 101 2.33 -12.10 0.18
C VAL A 101 2.15 -11.43 1.53
N SER A 102 0.95 -11.02 1.88
CA SER A 102 0.84 -10.28 3.10
C SER A 102 -0.54 -10.10 3.67
N LEU A 103 -0.54 -9.66 4.92
CA LEU A 103 -1.74 -9.33 5.63
C LEU A 103 -1.51 -9.29 7.14
N ARG A 104 -1.68 -10.41 7.79
CA ARG A 104 -1.49 -10.46 9.23
C ARG A 104 -2.33 -9.38 9.89
N SER A 105 -3.55 -9.20 9.37
CA SER A 105 -4.51 -8.18 9.82
C SER A 105 -4.75 -7.21 8.67
N ASP A 106 -5.89 -6.52 8.66
CA ASP A 106 -6.20 -5.61 7.56
C ASP A 106 -6.03 -4.14 7.93
N GLN A 107 -4.90 -3.58 7.48
CA GLN A 107 -4.60 -2.16 7.69
C GLN A 107 -3.43 -1.78 6.80
N MET A 108 -3.37 -0.54 6.35
CA MET A 108 -2.28 -0.11 5.49
C MET A 108 -1.83 1.31 5.74
N THR A 109 -0.61 1.59 5.32
CA THR A 109 0.00 2.90 5.45
C THR A 109 0.29 3.46 4.07
N LEU A 110 0.47 4.78 3.97
CA LEU A 110 0.74 5.42 2.70
C LEU A 110 1.89 4.72 1.97
N GLN A 111 3.04 4.62 2.62
CA GLN A 111 4.21 3.97 2.03
C GLN A 111 3.85 2.60 1.46
N ASP A 112 3.48 1.67 2.34
CA ASP A 112 3.12 0.32 1.92
C ASP A 112 2.16 0.35 0.73
N ALA A 113 1.05 1.05 0.90
CA ALA A 113 0.05 1.16 -0.15
C ALA A 113 0.71 1.40 -1.51
N LYS A 114 1.47 2.48 -1.61
CA LYS A 114 2.15 2.81 -2.86
C LYS A 114 3.16 1.74 -3.23
N VAL A 115 3.80 1.15 -2.22
CA VAL A 115 4.80 0.10 -2.45
C VAL A 115 4.24 -1.01 -3.33
N LEU A 116 3.25 -1.70 -2.79
CA LEU A 116 2.64 -2.79 -3.49
C LEU A 116 2.01 -2.32 -4.77
N LEU A 117 1.34 -1.17 -4.70
CA LEU A 117 0.70 -0.62 -5.88
C LEU A 117 1.72 -0.15 -6.89
N GLU A 118 2.96 0.00 -6.45
CA GLU A 118 4.02 0.36 -7.35
C GLU A 118 4.28 -0.86 -8.18
N ALA A 119 4.57 -1.95 -7.49
CA ALA A 119 4.80 -3.22 -8.14
C ALA A 119 3.54 -3.71 -8.83
N ALA A 120 2.40 -3.40 -8.23
CA ALA A 120 1.11 -3.78 -8.75
C ALA A 120 0.85 -3.13 -10.09
N LEU A 121 0.88 -1.80 -10.10
CA LEU A 121 0.63 -1.07 -11.32
C LEU A 121 1.60 -1.49 -12.43
N ARG A 122 2.91 -1.61 -12.11
CA ARG A 122 3.87 -2.01 -13.15
C ARG A 122 3.58 -3.41 -13.67
N GLN A 123 3.76 -4.38 -12.78
CA GLN A 123 3.57 -5.79 -13.13
C GLN A 123 2.21 -6.08 -13.75
N GLU A 124 1.18 -5.31 -13.40
CA GLU A 124 -0.15 -5.54 -13.94
C GLU A 124 -0.45 -4.68 -15.17
N SER A 125 -0.53 -3.37 -14.96
CA SER A 125 -0.84 -2.45 -16.05
C SER A 125 0.42 -1.83 -16.67
N GLY A 126 1.12 -1.04 -15.87
CA GLY A 126 2.30 -0.36 -16.34
C GLY A 126 2.00 1.07 -16.74
N ALA A 127 1.81 1.90 -15.71
CA ALA A 127 1.45 3.31 -15.90
C ALA A 127 -0.06 3.47 -15.87
N ARG A 128 -0.77 2.41 -16.27
CA ARG A 128 -2.22 2.38 -16.28
C ARG A 128 -2.72 1.39 -17.32
N GLY A 129 -3.47 0.40 -16.85
CA GLY A 129 -4.01 -0.61 -17.75
C GLY A 129 -5.39 -1.08 -17.32
N SER A 130 -5.51 -1.44 -16.05
CA SER A 130 -6.78 -1.92 -15.51
C SER A 130 -7.36 -0.93 -14.50
N ASP B 2 -21.47 8.75 -0.55
CA ASP B 2 -20.37 9.21 -1.41
C ASP B 2 -19.08 9.33 -0.61
N GLU B 3 -17.95 9.21 -1.32
CA GLU B 3 -16.64 9.30 -0.68
C GLU B 3 -15.59 9.80 -1.66
N ASP B 5 -14.52 11.99 -5.25
CA ASP B 5 -14.63 11.58 -6.64
C ASP B 5 -13.26 11.67 -7.33
N ASP B 6 -12.55 12.77 -7.08
CA ASP B 6 -11.23 12.98 -7.66
C ASP B 6 -10.14 12.74 -6.63
N PRO B 7 -9.25 11.76 -6.88
CA PRO B 7 -8.16 11.43 -5.95
C PRO B 7 -7.24 12.62 -5.69
N PHE B 8 -6.38 12.93 -6.66
CA PHE B 8 -5.45 14.04 -6.51
C PHE B 8 -5.31 14.81 -7.82
N MET A 1 -12.20 -2.08 -9.81
CA MET A 1 -12.63 -1.53 -8.49
C MET A 1 -11.69 -0.43 -8.02
N ASN A 2 -11.92 0.05 -6.78
CA ASN A 2 -11.11 1.11 -6.20
C ASN A 2 -10.69 2.16 -7.24
N LEU A 3 -9.50 2.74 -7.06
CA LEU A 3 -8.99 3.76 -7.97
C LEU A 3 -7.99 3.17 -8.97
N SER A 4 -7.97 1.85 -9.08
CA SER A 4 -7.03 1.18 -9.97
C SER A 4 -5.64 1.25 -9.36
N LEU A 5 -4.63 0.94 -10.16
CA LEU A 5 -3.25 0.96 -9.69
C LEU A 5 -2.57 2.26 -10.02
N SER A 6 -2.41 2.51 -11.30
CA SER A 6 -1.74 3.70 -11.77
C SER A 6 -2.20 4.96 -11.03
N ASP A 7 -3.51 5.13 -10.88
CA ASP A 7 -4.03 6.30 -10.19
C ASP A 7 -3.82 6.16 -8.70
N LEU A 8 -4.46 5.16 -8.10
CA LEU A 8 -4.32 4.89 -6.68
C LEU A 8 -2.87 5.05 -6.24
N HIS A 9 -1.97 4.45 -7.02
CA HIS A 9 -0.54 4.54 -6.76
C HIS A 9 -0.08 5.97 -6.92
N ARG A 10 -0.56 6.59 -8.00
CA ARG A 10 -0.21 7.98 -8.31
C ARG A 10 -0.48 8.90 -7.12
N GLN A 11 -1.71 8.89 -6.60
CA GLN A 11 -2.06 9.76 -5.48
C GLN A 11 -1.32 9.35 -4.20
N VAL A 12 -1.40 8.06 -3.86
CA VAL A 12 -0.73 7.57 -2.64
C VAL A 12 0.77 7.86 -2.72
N SER A 13 1.36 7.59 -3.88
CA SER A 13 2.77 7.82 -4.09
C SER A 13 3.11 9.29 -3.97
N ARG A 14 2.37 10.13 -4.68
CA ARG A 14 2.59 11.57 -4.65
C ARG A 14 2.24 12.13 -3.27
N LEU A 15 1.49 11.37 -2.48
CA LEU A 15 1.10 11.81 -1.16
C LEU A 15 2.22 11.63 -0.14
N VAL A 16 2.66 10.38 0.03
CA VAL A 16 3.73 10.10 0.98
C VAL A 16 5.06 10.62 0.48
N GLN A 17 5.21 10.70 -0.84
CA GLN A 17 6.44 11.18 -1.43
C GLN A 17 6.55 12.70 -1.29
N GLN A 18 5.44 13.35 -0.94
CA GLN A 18 5.43 14.80 -0.78
C GLN A 18 4.12 15.28 -0.15
N GLU A 19 3.84 14.83 1.07
CA GLU A 19 2.62 15.22 1.77
C GLU A 19 2.45 14.44 3.08
N SER A 20 2.38 13.12 2.97
CA SER A 20 2.20 12.26 4.14
C SER A 20 3.54 11.93 4.80
N GLY A 21 4.57 11.75 3.99
CA GLY A 21 5.88 11.44 4.53
C GLY A 21 5.87 10.20 5.40
N ASP A 22 5.71 9.03 4.77
CA ASP A 22 5.66 7.77 5.50
C ASP A 22 4.61 7.81 6.61
N CYS A 23 3.42 7.29 6.31
CA CYS A 23 2.31 7.26 7.27
C CYS A 23 1.28 6.23 6.84
N THR A 24 0.05 6.35 7.35
CA THR A 24 -1.00 5.40 6.99
C THR A 24 -1.97 6.04 6.02
N GLY A 25 -2.36 5.30 4.99
CA GLY A 25 -3.26 5.84 4.00
C GLY A 25 -4.68 5.31 4.13
N LYS A 26 -5.64 6.19 3.91
CA LYS A 26 -7.04 5.82 3.98
C LYS A 26 -7.63 5.73 2.57
N LEU A 27 -8.36 4.65 2.29
CA LEU A 27 -8.96 4.45 0.98
C LEU A 27 -10.46 4.73 0.98
N ARG A 28 -10.93 5.20 -0.17
CA ARG A 28 -12.34 5.54 -0.37
C ARG A 28 -12.49 6.29 -1.70
N GLY A 29 -12.06 5.64 -2.78
CA GLY A 29 -12.10 6.30 -4.08
C GLY A 29 -11.03 7.37 -4.17
N ASN A 30 -10.20 7.41 -3.13
CA ASN A 30 -9.11 8.37 -3.01
C ASN A 30 -8.18 7.92 -1.88
N VAL A 31 -6.99 8.49 -1.82
CA VAL A 31 -6.05 8.13 -0.76
C VAL A 31 -5.68 9.33 0.09
N ALA A 32 -5.94 9.22 1.39
CA ALA A 32 -5.64 10.28 2.34
C ALA A 32 -4.51 9.85 3.27
N ALA A 33 -3.95 10.82 3.99
CA ALA A 33 -2.84 10.52 4.90
C ALA A 33 -3.29 10.49 6.35
N ASN A 34 -2.70 9.57 7.11
CA ASN A 34 -3.01 9.41 8.53
C ASN A 34 -1.71 9.44 9.35
N LYS A 35 -1.64 10.40 10.27
CA LYS A 35 -0.46 10.56 11.12
C LYS A 35 -0.87 10.80 12.56
N GLU A 36 -2.10 10.39 12.91
CA GLU A 36 -2.60 10.57 14.27
C GLU A 36 -2.63 9.24 15.03
N THR A 37 -2.70 8.14 14.28
CA THR A 37 -2.74 6.82 14.90
C THR A 37 -1.80 5.85 14.20
N THR A 38 -1.83 4.60 14.64
CA THR A 38 -1.01 3.56 14.08
C THR A 38 -1.86 2.43 13.54
N PHE A 39 -1.63 2.12 12.29
CA PHE A 39 -2.36 1.07 11.59
C PHE A 39 -1.79 -0.32 11.92
N GLN A 40 -0.47 -0.39 11.92
CA GLN A 40 0.30 -1.62 12.20
C GLN A 40 -0.52 -2.89 11.99
N GLY A 41 -0.83 -3.20 10.73
CA GLY A 41 -1.61 -4.40 10.42
C GLY A 41 -2.67 -4.68 11.46
N LEU A 42 -3.40 -3.63 11.84
CA LEU A 42 -4.46 -3.76 12.83
C LEU A 42 -5.76 -4.21 12.17
N THR A 43 -6.89 -3.92 12.81
CA THR A 43 -8.19 -4.29 12.28
C THR A 43 -9.28 -3.39 12.83
N ILE A 44 -8.92 -2.15 13.09
CA ILE A 44 -9.86 -1.15 13.60
C ILE A 44 -10.58 -1.61 14.87
N ALA A 45 -10.19 -2.78 15.39
CA ALA A 45 -10.80 -3.31 16.60
C ALA A 45 -10.07 -2.79 17.84
N SER A 46 -8.83 -2.38 17.66
CA SER A 46 -8.03 -1.86 18.76
C SER A 46 -7.83 -0.35 18.62
N GLY A 47 -7.85 0.15 17.38
CA GLY A 47 -7.67 1.57 17.16
C GLY A 47 -7.26 1.92 15.74
N ALA A 48 -8.19 1.81 14.80
CA ALA A 48 -7.90 2.13 13.40
C ALA A 48 -9.16 2.59 12.67
N ARG A 49 -8.99 3.01 11.43
CA ARG A 49 -10.12 3.48 10.62
C ARG A 49 -10.48 2.44 9.56
N GLU A 50 -11.76 2.36 9.23
CA GLU A 50 -12.24 1.40 8.23
C GLU A 50 -11.41 1.49 6.95
N SER A 51 -11.07 2.72 6.57
CA SER A 51 -10.27 2.97 5.37
C SER A 51 -9.04 2.06 5.34
N GLU A 52 -8.23 2.11 6.39
CA GLU A 52 -7.02 1.29 6.48
C GLU A 52 -7.28 -0.12 5.94
N LYS A 53 -8.18 -0.84 6.59
CA LYS A 53 -8.52 -2.20 6.17
C LYS A 53 -8.91 -2.22 4.70
N VAL A 54 -9.67 -1.21 4.27
CA VAL A 54 -10.11 -1.11 2.89
C VAL A 54 -8.91 -0.97 1.97
N PHE A 55 -7.98 -0.12 2.38
CA PHE A 55 -6.76 0.11 1.61
C PHE A 55 -5.93 -1.17 1.53
N ALA A 56 -5.99 -1.97 2.58
CA ALA A 56 -5.26 -3.22 2.64
C ALA A 56 -5.82 -4.23 1.64
N GLN A 57 -7.09 -4.55 1.80
CA GLN A 57 -7.76 -5.51 0.91
C GLN A 57 -7.65 -5.05 -0.54
N THR A 58 -7.75 -3.75 -0.76
CA THR A 58 -7.66 -3.20 -2.10
C THR A 58 -6.28 -3.43 -2.69
N VAL A 59 -5.25 -2.90 -2.04
CA VAL A 59 -3.89 -3.07 -2.52
C VAL A 59 -3.50 -4.54 -2.53
N LEU A 60 -3.81 -5.24 -1.44
CA LEU A 60 -3.50 -6.66 -1.35
C LEU A 60 -4.10 -7.42 -2.53
N SER A 61 -5.32 -7.02 -2.90
CA SER A 61 -6.02 -7.66 -4.01
C SER A 61 -5.30 -7.41 -5.33
N HIS A 62 -5.13 -6.14 -5.68
CA HIS A 62 -4.46 -5.77 -6.93
C HIS A 62 -3.09 -6.41 -6.97
N VAL A 63 -2.40 -6.36 -5.84
CA VAL A 63 -1.07 -6.95 -5.73
C VAL A 63 -1.15 -8.41 -5.32
N ALA A 64 -1.93 -9.18 -6.09
CA ALA A 64 -2.10 -10.60 -5.80
C ALA A 64 -0.95 -11.43 -6.39
N ASN A 65 0.27 -10.87 -6.37
CA ASN A 65 1.45 -11.55 -6.90
C ASN A 65 2.54 -10.54 -7.26
N VAL A 66 2.23 -9.66 -8.22
CA VAL A 66 3.16 -8.63 -8.67
C VAL A 66 4.60 -9.16 -8.78
N VAL A 67 5.60 -8.30 -8.54
CA VAL A 67 6.99 -8.73 -8.64
C VAL A 67 7.90 -7.98 -7.69
N LEU A 68 7.49 -6.78 -7.34
CA LEU A 68 8.24 -5.92 -6.42
C LEU A 68 9.75 -6.13 -6.52
N THR A 69 10.40 -5.37 -7.39
CA THR A 69 11.84 -5.49 -7.55
C THR A 69 12.58 -4.83 -6.39
N GLN A 70 13.89 -4.68 -6.52
CA GLN A 70 14.73 -4.09 -5.48
C GLN A 70 14.05 -2.88 -4.83
N GLU A 71 13.40 -2.05 -5.64
CA GLU A 71 12.73 -0.86 -5.14
C GLU A 71 11.63 -1.23 -4.17
N ASP A 72 10.60 -1.92 -4.66
CA ASP A 72 9.48 -2.33 -3.81
C ASP A 72 9.95 -3.18 -2.64
N THR A 73 10.83 -4.15 -2.90
CA THR A 73 11.35 -5.01 -1.83
C THR A 73 11.83 -4.14 -0.67
N ALA A 74 12.76 -3.25 -0.98
CA ALA A 74 13.28 -2.31 0.02
C ALA A 74 12.14 -1.44 0.51
N LYS A 75 11.16 -1.26 -0.36
CA LYS A 75 9.98 -0.48 -0.05
C LYS A 75 9.21 -1.15 1.09
N LEU A 76 9.02 -2.48 0.99
CA LEU A 76 8.34 -3.22 2.05
C LEU A 76 9.14 -3.08 3.34
N LEU A 77 10.39 -3.54 3.27
CA LEU A 77 11.29 -3.49 4.43
C LEU A 77 11.41 -2.06 4.95
N GLN A 78 11.29 -1.10 4.05
CA GLN A 78 11.38 0.30 4.43
C GLN A 78 10.24 0.67 5.37
N SER A 79 9.03 0.36 4.94
CA SER A 79 7.84 0.65 5.74
C SER A 79 7.78 -0.20 7.00
N THR A 80 8.42 -1.37 6.95
CA THR A 80 8.43 -2.28 8.09
C THR A 80 9.56 -1.95 9.06
N VAL A 81 10.66 -1.42 8.51
CA VAL A 81 11.82 -1.06 9.33
C VAL A 81 11.71 0.38 9.85
N LYS A 82 10.89 1.19 9.20
CA LYS A 82 10.71 2.59 9.60
C LYS A 82 10.54 2.71 11.11
N HIS A 83 9.98 1.68 11.73
CA HIS A 83 9.75 1.67 13.16
C HIS A 83 9.22 0.32 13.63
N ASN A 84 9.95 -0.74 13.31
CA ASN A 84 9.55 -2.09 13.70
C ASN A 84 8.19 -2.45 13.08
N LEU A 85 7.60 -3.55 13.54
CA LEU A 85 6.31 -4.01 13.04
C LEU A 85 6.45 -4.65 11.66
N ASN A 86 5.68 -5.72 11.44
CA ASN A 86 5.72 -6.44 10.17
C ASN A 86 4.37 -7.13 9.90
N ASN A 87 3.46 -6.39 9.26
CA ASN A 87 2.14 -6.92 8.96
C ASN A 87 2.09 -7.55 7.57
N TYR A 88 3.10 -7.29 6.76
CA TYR A 88 3.12 -7.85 5.41
C TYR A 88 4.15 -8.98 5.31
N ASP A 89 3.90 -9.88 4.37
CA ASP A 89 4.75 -11.02 4.15
C ASP A 89 5.27 -10.96 2.71
N LEU A 90 6.45 -11.48 2.47
CA LEU A 90 7.04 -11.41 1.13
C LEU A 90 7.82 -12.67 0.73
N ARG A 91 8.02 -12.80 -0.57
CA ARG A 91 8.77 -13.91 -1.16
C ARG A 91 9.74 -13.31 -2.20
N SER A 92 10.99 -13.73 -2.19
CA SER A 92 11.96 -13.15 -3.13
C SER A 92 12.30 -14.06 -4.31
N VAL A 93 12.61 -13.41 -5.42
CA VAL A 93 12.99 -14.04 -6.68
C VAL A 93 13.35 -12.94 -7.69
N GLY A 94 12.63 -12.87 -8.82
CA GLY A 94 12.87 -11.84 -9.82
C GLY A 94 14.29 -11.31 -9.88
N ASN A 95 15.28 -12.19 -9.72
CA ASN A 95 16.69 -11.80 -9.77
C ASN A 95 16.89 -10.45 -9.06
N GLY A 96 16.11 -10.23 -8.02
CA GLY A 96 16.16 -8.99 -7.27
C GLY A 96 14.78 -8.44 -6.97
N ASN A 97 13.75 -9.25 -7.22
CA ASN A 97 12.37 -8.86 -6.97
C ASN A 97 11.71 -9.83 -6.01
N SER A 98 10.56 -9.42 -5.48
CA SER A 98 9.83 -10.27 -4.55
C SER A 98 8.34 -10.19 -4.81
N VAL A 99 7.62 -11.17 -4.31
CA VAL A 99 6.18 -11.22 -4.46
C VAL A 99 5.55 -10.79 -3.15
N LEU A 100 4.38 -10.19 -3.22
CA LEU A 100 3.74 -9.72 -2.00
C LEU A 100 2.61 -10.60 -1.54
N VAL A 101 2.85 -11.19 -0.40
CA VAL A 101 1.86 -11.97 0.30
C VAL A 101 1.83 -11.35 1.68
N SER A 102 0.82 -10.58 1.97
CA SER A 102 0.82 -9.86 3.23
C SER A 102 -0.54 -9.73 3.84
N LEU A 103 -0.52 -9.35 5.12
CA LEU A 103 -1.72 -9.10 5.88
C LEU A 103 -1.49 -9.29 7.37
N ARG A 104 -1.67 -10.51 7.84
CA ARG A 104 -1.51 -10.78 9.26
C ARG A 104 -2.51 -9.94 10.05
N SER A 105 -3.56 -9.51 9.34
CA SER A 105 -4.64 -8.68 9.87
C SER A 105 -5.08 -7.72 8.77
N ASP A 106 -6.11 -6.93 9.02
CA ASP A 106 -6.59 -6.00 8.00
C ASP A 106 -6.15 -4.58 8.31
N GLN A 107 -5.10 -4.14 7.62
CA GLN A 107 -4.60 -2.79 7.78
C GLN A 107 -3.59 -2.44 6.70
N MET A 108 -3.50 -1.16 6.37
CA MET A 108 -2.55 -0.73 5.37
C MET A 108 -2.13 0.72 5.58
N THR A 109 -0.88 1.02 5.22
CA THR A 109 -0.34 2.37 5.36
C THR A 109 -0.03 2.95 3.99
N LEU A 110 0.10 4.28 3.92
CA LEU A 110 0.41 4.94 2.66
C LEU A 110 1.59 4.27 1.97
N GLN A 111 2.74 4.26 2.64
CA GLN A 111 3.93 3.63 2.08
C GLN A 111 3.60 2.26 1.49
N ASP A 112 3.19 1.33 2.35
CA ASP A 112 2.82 -0.02 1.92
C ASP A 112 1.92 0.06 0.70
N ALA A 113 0.84 0.82 0.82
CA ALA A 113 -0.10 0.98 -0.27
C ALA A 113 0.62 1.21 -1.60
N LYS A 114 1.36 2.31 -1.70
CA LYS A 114 2.09 2.64 -2.92
C LYS A 114 3.18 1.62 -3.21
N VAL A 115 3.69 0.96 -2.18
CA VAL A 115 4.73 -0.04 -2.38
C VAL A 115 4.24 -1.15 -3.30
N LEU A 116 3.24 -1.87 -2.81
CA LEU A 116 2.68 -2.95 -3.57
C LEU A 116 2.05 -2.44 -4.84
N LEU A 117 1.38 -1.30 -4.76
CA LEU A 117 0.76 -0.71 -5.93
C LEU A 117 1.80 -0.24 -6.93
N GLU A 118 3.00 -0.01 -6.45
CA GLU A 118 4.08 0.38 -7.32
C GLU A 118 4.40 -0.83 -8.16
N ALA A 119 4.61 -1.94 -7.46
CA ALA A 119 4.89 -3.20 -8.13
C ALA A 119 3.63 -3.75 -8.77
N ALA A 120 2.48 -3.28 -8.30
CA ALA A 120 1.21 -3.73 -8.84
C ALA A 120 0.95 -3.06 -10.16
N LEU A 121 0.89 -1.73 -10.14
CA LEU A 121 0.68 -0.98 -11.37
C LEU A 121 1.81 -1.29 -12.36
N ARG A 122 2.99 -1.59 -11.80
CA ARG A 122 4.17 -1.89 -12.61
C ARG A 122 4.04 -3.23 -13.35
N GLN A 123 3.75 -4.30 -12.61
CA GLN A 123 3.66 -5.63 -13.19
C GLN A 123 2.29 -5.94 -13.81
N GLU A 124 1.22 -5.37 -13.29
CA GLU A 124 -0.11 -5.66 -13.82
C GLU A 124 -0.39 -4.93 -15.12
N SER A 125 -0.48 -3.60 -15.02
CA SER A 125 -0.76 -2.79 -16.20
C SER A 125 0.50 -2.23 -16.82
N GLY A 126 1.39 -1.72 -15.98
CA GLY A 126 2.63 -1.13 -16.44
C GLY A 126 2.49 0.35 -16.61
N ALA A 127 2.51 1.06 -15.49
CA ALA A 127 2.34 2.50 -15.52
C ALA A 127 1.14 2.83 -16.39
N ARG A 128 0.20 1.89 -16.43
CA ARG A 128 -0.99 2.03 -17.25
C ARG A 128 -2.21 2.45 -16.43
N GLY A 129 -2.72 1.52 -15.61
CA GLY A 129 -3.89 1.82 -14.79
C GLY A 129 -5.19 1.53 -15.52
N SER A 130 -5.12 0.70 -16.56
CA SER A 130 -6.31 0.34 -17.33
C SER A 130 -6.96 1.58 -17.94
N ASP B 2 -21.33 10.66 0.59
CA ASP B 2 -20.33 11.71 0.75
C ASP B 2 -18.92 11.13 0.73
N GLU B 3 -18.40 10.92 -0.47
CA GLU B 3 -17.05 10.37 -0.64
C GLU B 3 -16.29 11.10 -1.72
N ASP B 5 -15.00 11.87 -5.12
CA ASP B 5 -15.42 11.56 -6.49
C ASP B 5 -14.23 11.04 -7.31
N ASP B 6 -13.30 11.95 -7.62
CA ASP B 6 -12.12 11.58 -8.40
C ASP B 6 -10.92 11.33 -7.49
N PRO B 7 -9.97 10.51 -7.94
CA PRO B 7 -8.77 10.19 -7.16
C PRO B 7 -7.99 11.43 -6.74
N PHE B 8 -7.25 12.02 -7.67
CA PHE B 8 -6.47 13.22 -7.36
C PHE B 8 -6.12 13.99 -8.64
N MET A 1 -12.33 -3.24 -4.98
CA MET A 1 -13.43 -2.23 -4.99
C MET A 1 -12.93 -0.86 -4.55
N ASN A 2 -11.92 -0.35 -5.24
CA ASN A 2 -11.35 0.95 -4.93
C ASN A 2 -11.31 1.84 -6.18
N LEU A 3 -10.39 2.80 -6.21
CA LEU A 3 -10.26 3.70 -7.35
C LEU A 3 -9.69 2.96 -8.56
N SER A 4 -8.38 2.78 -8.57
CA SER A 4 -7.69 2.10 -9.66
C SER A 4 -6.27 1.73 -9.23
N LEU A 5 -5.44 1.35 -10.19
CA LEU A 5 -4.06 0.98 -9.88
C LEU A 5 -3.11 2.14 -10.08
N SER A 6 -2.99 2.54 -11.32
CA SER A 6 -2.10 3.62 -11.71
C SER A 6 -2.51 4.96 -11.10
N ASP A 7 -3.80 5.22 -11.02
CA ASP A 7 -4.28 6.47 -10.43
C ASP A 7 -4.11 6.43 -8.93
N LEU A 8 -4.29 5.24 -8.35
CA LEU A 8 -4.15 5.07 -6.91
C LEU A 8 -2.70 5.28 -6.50
N HIS A 9 -1.79 4.61 -7.21
CA HIS A 9 -0.36 4.74 -6.93
C HIS A 9 0.07 6.19 -7.12
N ARG A 10 -0.36 6.77 -8.24
CA ARG A 10 -0.03 8.16 -8.55
C ARG A 10 -0.49 9.06 -7.43
N GLN A 11 -1.69 8.79 -6.92
CA GLN A 11 -2.26 9.55 -5.83
C GLN A 11 -1.47 9.35 -4.54
N VAL A 12 -1.50 8.12 -4.02
CA VAL A 12 -0.79 7.80 -2.79
C VAL A 12 0.67 8.22 -2.88
N SER A 13 1.31 7.88 -4.00
CA SER A 13 2.70 8.21 -4.21
C SER A 13 2.93 9.71 -4.27
N ARG A 14 2.00 10.43 -4.88
CA ARG A 14 2.13 11.86 -5.00
C ARG A 14 1.99 12.53 -3.65
N LEU A 15 1.20 11.92 -2.78
CA LEU A 15 1.00 12.46 -1.46
C LEU A 15 2.23 12.25 -0.60
N VAL A 16 2.60 10.99 -0.37
CA VAL A 16 3.76 10.67 0.44
C VAL A 16 5.02 11.31 -0.11
N GLN A 17 5.27 11.05 -1.37
CA GLN A 17 6.45 11.57 -2.02
C GLN A 17 6.45 13.11 -2.04
N GLN A 18 5.34 13.72 -1.63
CA GLN A 18 5.25 15.18 -1.61
C GLN A 18 4.31 15.67 -0.51
N GLU A 19 4.32 14.99 0.66
CA GLU A 19 3.46 15.39 1.78
C GLU A 19 3.42 14.34 2.88
N SER A 20 2.82 13.19 2.55
CA SER A 20 2.65 12.10 3.50
C SER A 20 3.94 11.34 3.75
N GLY A 21 4.76 11.90 4.59
CA GLY A 21 6.03 11.28 4.95
C GLY A 21 5.85 9.99 5.72
N ASP A 22 5.43 8.93 5.03
CA ASP A 22 5.22 7.62 5.66
C ASP A 22 3.94 7.57 6.48
N CYS A 23 3.01 8.46 6.19
CA CYS A 23 1.73 8.50 6.90
C CYS A 23 0.88 7.29 6.54
N THR A 24 -0.41 7.33 6.88
CA THR A 24 -1.30 6.23 6.57
C THR A 24 -2.20 6.59 5.39
N GLY A 25 -2.82 5.57 4.80
CA GLY A 25 -3.67 5.82 3.66
C GLY A 25 -5.15 5.73 3.99
N LYS A 26 -5.89 6.75 3.56
CA LYS A 26 -7.33 6.80 3.78
C LYS A 26 -8.03 6.47 2.47
N LEU A 27 -8.68 5.31 2.44
CA LEU A 27 -9.37 4.86 1.23
C LEU A 27 -10.88 5.04 1.31
N ARG A 28 -11.46 5.47 0.20
CA ARG A 28 -12.90 5.70 0.09
C ARG A 28 -13.18 6.54 -1.15
N GLY A 29 -12.64 6.09 -2.28
CA GLY A 29 -12.79 6.81 -3.53
C GLY A 29 -11.62 7.74 -3.78
N ASN A 30 -10.74 7.83 -2.79
CA ASN A 30 -9.56 8.67 -2.85
C ASN A 30 -8.60 8.25 -1.73
N VAL A 31 -7.31 8.45 -1.93
CA VAL A 31 -6.35 8.08 -0.88
C VAL A 31 -5.84 9.34 -0.17
N ALA A 32 -6.00 9.36 1.15
CA ALA A 32 -5.58 10.48 1.97
C ALA A 32 -4.44 10.10 2.91
N ALA A 33 -3.79 11.11 3.49
CA ALA A 33 -2.68 10.85 4.40
C ALA A 33 -3.11 11.03 5.85
N ASN A 34 -3.25 9.90 6.54
CA ASN A 34 -3.66 9.89 7.94
C ASN A 34 -2.45 10.08 8.86
N LYS A 35 -2.51 11.08 9.72
CA LYS A 35 -1.42 11.37 10.65
C LYS A 35 -1.92 11.40 12.08
N GLU A 36 -2.98 10.65 12.35
CA GLU A 36 -3.56 10.60 13.70
C GLU A 36 -3.32 9.24 14.34
N THR A 37 -3.43 8.19 13.53
CA THR A 37 -3.23 6.83 14.00
C THR A 37 -1.89 6.28 13.54
N THR A 38 -1.65 6.34 12.24
CA THR A 38 -0.41 5.83 11.67
C THR A 38 -0.28 4.35 11.96
N PHE A 39 -0.69 3.55 11.00
CA PHE A 39 -0.67 2.11 11.15
C PHE A 39 -0.08 1.37 9.96
N GLN A 40 -0.10 0.05 10.05
CA GLN A 40 0.43 -0.81 9.00
C GLN A 40 -0.34 -2.13 8.96
N GLY A 41 -0.36 -2.84 10.09
CA GLY A 41 -1.05 -4.11 10.15
C GLY A 41 -1.59 -4.42 11.54
N LEU A 42 -2.89 -4.20 11.71
CA LEU A 42 -3.56 -4.46 12.96
C LEU A 42 -5.06 -4.68 12.70
N THR A 43 -5.81 -5.06 13.72
CA THR A 43 -7.24 -5.36 13.53
C THR A 43 -8.16 -4.31 14.15
N ILE A 44 -7.80 -3.04 14.01
CA ILE A 44 -8.62 -1.96 14.55
C ILE A 44 -8.89 -2.11 16.05
N ALA A 45 -8.36 -3.16 16.66
CA ALA A 45 -8.56 -3.39 18.08
C ALA A 45 -7.81 -2.34 18.88
N SER A 46 -6.65 -1.94 18.38
CA SER A 46 -5.83 -0.93 19.02
C SER A 46 -6.43 0.46 18.81
N GLY A 47 -6.56 0.85 17.54
CA GLY A 47 -7.13 2.15 17.22
C GLY A 47 -7.05 2.49 15.74
N ALA A 48 -7.12 1.48 14.88
CA ALA A 48 -7.06 1.68 13.44
C ALA A 48 -8.29 2.42 12.93
N ARG A 49 -8.44 2.43 11.61
CA ARG A 49 -9.57 3.08 10.96
C ARG A 49 -9.97 2.31 9.72
N GLU A 50 -11.28 2.24 9.45
CA GLU A 50 -11.79 1.51 8.29
C GLU A 50 -10.97 1.82 7.03
N SER A 51 -10.44 3.03 6.96
CA SER A 51 -9.64 3.46 5.82
C SER A 51 -8.41 2.57 5.65
N GLU A 52 -7.54 2.57 6.66
CA GLU A 52 -6.32 1.76 6.62
C GLU A 52 -6.62 0.33 6.21
N LYS A 53 -7.37 -0.38 7.06
CA LYS A 53 -7.75 -1.76 6.81
C LYS A 53 -8.23 -1.96 5.36
N VAL A 54 -9.26 -1.20 4.97
CA VAL A 54 -9.81 -1.30 3.62
C VAL A 54 -8.70 -1.14 2.59
N PHE A 55 -7.73 -0.29 2.90
CA PHE A 55 -6.60 -0.06 2.00
C PHE A 55 -5.77 -1.33 1.87
N ALA A 56 -5.45 -1.96 2.99
CA ALA A 56 -4.67 -3.19 2.97
C ALA A 56 -5.33 -4.24 2.10
N GLN A 57 -6.62 -4.44 2.30
CA GLN A 57 -7.37 -5.41 1.52
C GLN A 57 -7.34 -5.06 0.03
N THR A 58 -7.56 -3.78 -0.27
CA THR A 58 -7.56 -3.32 -1.65
C THR A 58 -6.17 -3.39 -2.28
N VAL A 59 -5.17 -2.82 -1.61
CA VAL A 59 -3.81 -2.83 -2.13
C VAL A 59 -3.33 -4.25 -2.40
N LEU A 60 -3.56 -5.13 -1.44
CA LEU A 60 -3.15 -6.52 -1.58
C LEU A 60 -3.97 -7.20 -2.67
N SER A 61 -5.24 -6.85 -2.76
CA SER A 61 -6.14 -7.45 -3.75
C SER A 61 -5.67 -7.17 -5.18
N HIS A 62 -5.68 -5.90 -5.59
CA HIS A 62 -5.26 -5.53 -6.92
C HIS A 62 -3.91 -6.16 -7.25
N VAL A 63 -2.99 -6.07 -6.29
CA VAL A 63 -1.68 -6.65 -6.47
C VAL A 63 -1.78 -8.16 -6.59
N ALA A 64 -2.21 -8.80 -5.50
CA ALA A 64 -2.39 -10.25 -5.45
C ALA A 64 -1.32 -11.00 -6.25
N ASN A 65 -0.08 -10.50 -6.22
CA ASN A 65 1.04 -11.13 -6.94
C ASN A 65 2.13 -10.10 -7.26
N VAL A 66 1.92 -9.32 -8.32
CA VAL A 66 2.88 -8.29 -8.75
C VAL A 66 4.31 -8.83 -8.74
N VAL A 67 5.30 -7.94 -8.58
CA VAL A 67 6.69 -8.36 -8.57
C VAL A 67 7.59 -7.27 -8.00
N LEU A 68 7.45 -7.04 -6.70
CA LEU A 68 8.23 -6.04 -6.00
C LEU A 68 9.73 -6.21 -6.21
N THR A 69 10.32 -5.32 -7.00
CA THR A 69 11.75 -5.37 -7.26
C THR A 69 12.50 -4.95 -6.01
N GLN A 70 13.83 -4.88 -6.10
CA GLN A 70 14.66 -4.50 -4.96
C GLN A 70 14.09 -3.27 -4.26
N GLU A 71 13.51 -2.37 -5.05
CA GLU A 71 12.92 -1.15 -4.51
C GLU A 71 11.68 -1.46 -3.69
N ASP A 72 10.65 -1.98 -4.34
CA ASP A 72 9.41 -2.33 -3.67
C ASP A 72 9.66 -3.27 -2.49
N THR A 73 10.71 -4.09 -2.60
CA THR A 73 11.06 -5.01 -1.51
C THR A 73 11.49 -4.21 -0.31
N ALA A 74 12.55 -3.43 -0.46
CA ALA A 74 13.01 -2.58 0.63
C ALA A 74 11.87 -1.66 1.06
N LYS A 75 10.97 -1.42 0.11
CA LYS A 75 9.80 -0.59 0.32
C LYS A 75 8.94 -1.15 1.46
N LEU A 76 8.39 -2.35 1.27
CA LEU A 76 7.58 -2.99 2.30
C LEU A 76 8.40 -3.18 3.56
N LEU A 77 9.67 -3.53 3.38
CA LEU A 77 10.58 -3.75 4.49
C LEU A 77 10.57 -2.55 5.42
N GLN A 78 10.61 -1.36 4.84
CA GLN A 78 10.62 -0.14 5.61
C GLN A 78 9.25 0.12 6.23
N SER A 79 8.23 0.22 5.37
CA SER A 79 6.86 0.47 5.83
C SER A 79 6.41 -0.59 6.84
N THR A 80 7.02 -1.77 6.78
CA THR A 80 6.67 -2.86 7.68
C THR A 80 7.58 -2.90 8.90
N VAL A 81 8.89 -3.01 8.67
CA VAL A 81 9.86 -3.08 9.75
C VAL A 81 9.89 -1.78 10.56
N LYS A 82 9.30 -0.72 10.02
CA LYS A 82 9.28 0.57 10.72
C LYS A 82 8.67 0.45 12.10
N HIS A 83 7.59 -0.34 12.21
CA HIS A 83 6.93 -0.53 13.49
C HIS A 83 7.66 -1.55 14.35
N ASN A 84 7.36 -2.84 14.17
CA ASN A 84 8.00 -3.90 14.94
C ASN A 84 7.47 -5.27 14.54
N LEU A 85 6.24 -5.58 14.95
CA LEU A 85 5.61 -6.85 14.63
C LEU A 85 5.59 -7.09 13.13
N ASN A 86 4.89 -8.14 12.73
CA ASN A 86 4.78 -8.49 11.30
C ASN A 86 3.33 -8.39 10.83
N ASN A 87 3.16 -7.87 9.62
CA ASN A 87 1.83 -7.72 9.04
C ASN A 87 1.82 -8.21 7.59
N TYR A 88 2.81 -7.77 6.83
CA TYR A 88 2.91 -8.17 5.45
C TYR A 88 4.08 -9.13 5.24
N ASP A 89 3.85 -10.16 4.45
CA ASP A 89 4.83 -11.17 4.18
C ASP A 89 5.42 -10.96 2.79
N LEU A 90 6.65 -11.36 2.61
CA LEU A 90 7.31 -11.16 1.32
C LEU A 90 8.15 -12.37 0.89
N ARG A 91 8.16 -12.61 -0.41
CA ARG A 91 8.93 -13.68 -1.02
C ARG A 91 9.68 -13.13 -2.22
N SER A 92 11.00 -13.09 -2.16
CA SER A 92 11.79 -12.51 -3.24
C SER A 92 12.45 -13.54 -4.14
N VAL A 93 12.54 -13.18 -5.42
CA VAL A 93 13.15 -14.00 -6.43
C VAL A 93 13.56 -13.10 -7.61
N GLY A 94 13.22 -13.49 -8.83
CA GLY A 94 13.56 -12.67 -9.98
C GLY A 94 15.02 -12.32 -10.01
N ASN A 95 15.50 -11.87 -11.17
CA ASN A 95 16.89 -11.45 -11.28
C ASN A 95 17.16 -10.41 -10.19
N GLY A 96 16.07 -9.74 -9.80
CA GLY A 96 16.09 -8.74 -8.76
C GLY A 96 14.68 -8.30 -8.44
N ASN A 97 13.76 -9.26 -8.34
CA ASN A 97 12.36 -8.96 -8.04
C ASN A 97 11.82 -9.87 -6.96
N SER A 98 10.67 -9.49 -6.43
CA SER A 98 10.03 -10.26 -5.37
C SER A 98 8.53 -10.19 -5.50
N VAL A 99 7.86 -11.07 -4.79
CA VAL A 99 6.41 -11.11 -4.81
C VAL A 99 5.87 -10.79 -3.42
N LEU A 100 4.67 -10.26 -3.35
CA LEU A 100 4.09 -9.91 -2.06
C LEU A 100 3.02 -10.90 -1.63
N VAL A 101 3.21 -11.40 -0.43
CA VAL A 101 2.27 -12.30 0.20
C VAL A 101 2.07 -11.73 1.58
N SER A 102 0.90 -11.19 1.87
CA SER A 102 0.74 -10.54 3.15
C SER A 102 -0.66 -10.52 3.67
N LEU A 103 -0.74 -10.21 4.96
CA LEU A 103 -1.98 -10.04 5.68
C LEU A 103 -1.96 -10.72 7.05
N ARG A 104 -1.26 -10.09 7.98
CA ARG A 104 -1.18 -10.56 9.35
C ARG A 104 -1.99 -9.61 10.23
N SER A 105 -3.01 -9.01 9.60
CA SER A 105 -3.91 -8.04 10.22
C SER A 105 -4.44 -7.14 9.11
N ASP A 106 -5.52 -6.40 9.36
CA ASP A 106 -6.06 -5.54 8.31
C ASP A 106 -5.72 -4.08 8.54
N GLN A 107 -4.71 -3.60 7.82
CA GLN A 107 -4.30 -2.20 7.88
C GLN A 107 -3.32 -1.87 6.77
N MET A 108 -3.14 -0.59 6.51
CA MET A 108 -2.19 -0.18 5.50
C MET A 108 -1.87 1.30 5.58
N THR A 109 -0.58 1.62 5.48
CA THR A 109 -0.13 2.99 5.52
C THR A 109 0.20 3.44 4.10
N LEU A 110 0.26 4.76 3.88
CA LEU A 110 0.54 5.29 2.56
C LEU A 110 1.72 4.58 1.88
N GLN A 111 2.86 4.53 2.55
CA GLN A 111 4.04 3.87 1.98
C GLN A 111 3.68 2.49 1.43
N ASP A 112 3.30 1.59 2.33
CA ASP A 112 2.93 0.23 1.95
C ASP A 112 1.98 0.22 0.76
N ALA A 113 0.97 1.07 0.81
CA ALA A 113 -0.01 1.17 -0.26
C ALA A 113 0.69 1.36 -1.61
N LYS A 114 1.44 2.45 -1.72
CA LYS A 114 2.17 2.75 -2.95
C LYS A 114 3.25 1.70 -3.20
N VAL A 115 3.69 1.01 -2.16
CA VAL A 115 4.71 -0.01 -2.30
C VAL A 115 4.21 -1.12 -3.21
N LEU A 116 3.14 -1.76 -2.77
CA LEU A 116 2.56 -2.84 -3.53
C LEU A 116 2.06 -2.31 -4.87
N LEU A 117 1.50 -1.10 -4.85
CA LEU A 117 1.02 -0.50 -6.08
C LEU A 117 2.17 -0.15 -6.99
N GLU A 118 3.35 0.02 -6.41
CA GLU A 118 4.52 0.30 -7.20
C GLU A 118 4.78 -0.95 -8.01
N ALA A 119 4.90 -2.07 -7.30
CA ALA A 119 5.09 -3.34 -7.96
C ALA A 119 3.84 -3.74 -8.73
N ALA A 120 2.72 -3.15 -8.36
CA ALA A 120 1.46 -3.43 -9.01
C ALA A 120 1.37 -2.73 -10.34
N LEU A 121 1.37 -1.41 -10.32
CA LEU A 121 1.31 -0.66 -11.56
C LEU A 121 2.53 -1.00 -12.42
N ARG A 122 3.58 -1.49 -11.77
CA ARG A 122 4.82 -1.85 -12.46
C ARG A 122 4.66 -3.16 -13.25
N GLN A 123 4.28 -4.23 -12.57
CA GLN A 123 4.15 -5.54 -13.21
C GLN A 123 2.74 -5.85 -13.69
N GLU A 124 1.74 -5.18 -13.13
CA GLU A 124 0.35 -5.47 -13.52
C GLU A 124 -0.10 -4.69 -14.75
N SER A 125 -0.19 -3.37 -14.60
CA SER A 125 -0.64 -2.52 -15.70
C SER A 125 0.53 -1.91 -16.47
N GLY A 126 1.35 -1.14 -15.77
CA GLY A 126 2.47 -0.48 -16.39
C GLY A 126 2.10 0.90 -16.83
N ALA A 127 1.97 1.80 -15.85
CA ALA A 127 1.55 3.16 -16.14
C ALA A 127 0.28 3.10 -16.97
N ARG A 128 -0.45 2.01 -16.80
CA ARG A 128 -1.68 1.79 -17.54
C ARG A 128 -2.90 2.22 -16.75
N GLY A 129 -3.22 1.47 -15.70
CA GLY A 129 -4.38 1.80 -14.88
C GLY A 129 -5.55 0.85 -15.11
N SER A 130 -5.23 -0.36 -15.56
CA SER A 130 -6.26 -1.37 -15.81
C SER A 130 -5.86 -2.72 -15.21
N ASP B 2 -16.59 6.14 -5.44
CA ASP B 2 -15.93 7.43 -5.33
C ASP B 2 -16.35 8.17 -4.05
N GLU B 3 -17.53 8.78 -4.09
CA GLU B 3 -18.04 9.51 -2.93
C GLU B 3 -17.24 10.77 -2.69
N ASP B 5 -15.55 13.16 -3.97
CA ASP B 5 -15.27 13.86 -5.24
C ASP B 5 -14.49 12.97 -6.21
N ASP B 6 -13.16 13.05 -6.16
CA ASP B 6 -12.31 12.26 -7.04
C ASP B 6 -10.85 12.34 -6.60
N PRO B 7 -9.99 11.44 -7.13
CA PRO B 7 -8.57 11.41 -6.79
C PRO B 7 -7.88 12.76 -7.05
N PHE B 8 -7.01 13.15 -6.14
CA PHE B 8 -6.28 14.41 -6.25
C PHE B 8 -7.23 15.60 -6.12
N MET A 1 -13.41 -2.72 -5.18
CA MET A 1 -14.26 -1.51 -5.08
C MET A 1 -13.43 -0.26 -4.74
N ASN A 2 -12.42 -0.01 -5.56
CA ASN A 2 -11.54 1.14 -5.36
C ASN A 2 -11.39 1.94 -6.66
N LEU A 3 -10.31 2.70 -6.75
CA LEU A 3 -10.05 3.51 -7.95
C LEU A 3 -9.34 2.69 -9.02
N SER A 4 -8.03 2.53 -8.87
CA SER A 4 -7.21 1.77 -9.82
C SER A 4 -5.73 1.96 -9.50
N LEU A 5 -4.91 0.99 -9.87
CA LEU A 5 -3.47 1.06 -9.60
C LEU A 5 -2.88 2.39 -10.02
N SER A 6 -2.91 2.64 -11.30
CA SER A 6 -2.36 3.85 -11.87
C SER A 6 -2.70 5.10 -11.03
N ASP A 7 -3.99 5.33 -10.82
CA ASP A 7 -4.44 6.50 -10.05
C ASP A 7 -4.16 6.30 -8.56
N LEU A 8 -4.68 5.22 -8.01
CA LEU A 8 -4.47 4.90 -6.59
C LEU A 8 -3.01 5.09 -6.22
N HIS A 9 -2.14 4.41 -6.95
CA HIS A 9 -0.71 4.52 -6.72
C HIS A 9 -0.28 5.96 -6.90
N ARG A 10 -0.72 6.57 -8.00
CA ARG A 10 -0.38 7.95 -8.28
C ARG A 10 -0.66 8.83 -7.07
N GLN A 11 -1.82 8.64 -6.45
CA GLN A 11 -2.23 9.40 -5.29
C GLN A 11 -1.31 9.12 -4.09
N VAL A 12 -1.35 7.88 -3.60
CA VAL A 12 -0.54 7.48 -2.46
C VAL A 12 0.95 7.71 -2.70
N SER A 13 1.42 7.26 -3.86
CA SER A 13 2.82 7.41 -4.23
C SER A 13 3.24 8.87 -4.24
N ARG A 14 2.49 9.69 -4.97
CA ARG A 14 2.79 11.11 -5.06
C ARG A 14 2.61 11.78 -3.70
N LEU A 15 1.80 11.18 -2.84
CA LEU A 15 1.55 11.74 -1.52
C LEU A 15 2.78 11.62 -0.64
N VAL A 16 3.20 10.39 -0.38
CA VAL A 16 4.37 10.17 0.47
C VAL A 16 5.64 10.59 -0.24
N GLN A 17 5.63 10.51 -1.56
CA GLN A 17 6.81 10.89 -2.33
C GLN A 17 7.00 12.40 -2.32
N GLN A 18 5.94 13.15 -2.02
CA GLN A 18 6.03 14.60 -1.96
C GLN A 18 4.86 15.21 -1.20
N GLU A 19 4.69 14.79 0.07
CA GLU A 19 3.61 15.32 0.89
C GLU A 19 3.59 14.69 2.29
N SER A 20 3.42 13.37 2.34
CA SER A 20 3.37 12.65 3.60
C SER A 20 4.77 12.28 4.09
N GLY A 21 5.32 11.22 3.51
CA GLY A 21 6.64 10.77 3.90
C GLY A 21 6.66 9.32 4.35
N ASP A 22 5.54 8.85 4.90
CA ASP A 22 5.42 7.47 5.38
C ASP A 22 4.16 7.26 6.23
N CYS A 23 3.31 8.29 6.31
CA CYS A 23 2.07 8.22 7.09
C CYS A 23 1.24 6.99 6.73
N THR A 24 -0.03 6.99 7.13
CA THR A 24 -0.91 5.88 6.84
C THR A 24 -1.85 6.25 5.71
N GLY A 25 -2.35 5.24 5.00
CA GLY A 25 -3.22 5.50 3.88
C GLY A 25 -4.67 5.20 4.15
N LYS A 26 -5.53 6.17 3.85
CA LYS A 26 -6.95 6.01 4.03
C LYS A 26 -7.61 5.94 2.66
N LEU A 27 -8.35 4.86 2.42
CA LEU A 27 -9.03 4.67 1.13
C LEU A 27 -10.53 4.86 1.24
N ARG A 28 -11.15 5.22 0.11
CA ARG A 28 -12.58 5.46 0.03
C ARG A 28 -12.88 6.28 -1.23
N GLY A 29 -12.37 5.81 -2.36
CA GLY A 29 -12.54 6.52 -3.61
C GLY A 29 -11.33 7.39 -3.91
N ASN A 30 -10.46 7.50 -2.91
CA ASN A 30 -9.23 8.28 -3.01
C ASN A 30 -8.33 7.89 -1.85
N VAL A 31 -7.06 8.25 -1.92
CA VAL A 31 -6.14 7.90 -0.85
C VAL A 31 -5.67 9.17 -0.11
N ALA A 32 -5.61 9.07 1.22
CA ALA A 32 -5.19 10.19 2.04
C ALA A 32 -4.11 9.75 3.03
N ALA A 33 -3.44 10.72 3.63
CA ALA A 33 -2.38 10.43 4.58
C ALA A 33 -2.84 10.63 6.02
N ASN A 34 -2.88 9.54 6.77
CA ASN A 34 -3.29 9.57 8.17
C ASN A 34 -2.07 9.78 9.07
N LYS A 35 -2.10 10.88 9.82
CA LYS A 35 -1.01 11.20 10.73
C LYS A 35 -1.45 11.10 12.19
N GLU A 36 -2.76 11.20 12.41
CA GLU A 36 -3.32 11.13 13.76
C GLU A 36 -2.89 9.83 14.45
N THR A 37 -3.04 8.72 13.74
CA THR A 37 -2.67 7.41 14.28
C THR A 37 -1.34 6.94 13.67
N THR A 38 -1.06 5.65 13.76
CA THR A 38 0.17 5.10 13.22
C THR A 38 -0.08 3.84 12.39
N PHE A 39 -1.04 3.02 12.81
CA PHE A 39 -1.37 1.78 12.11
C PHE A 39 -0.30 0.72 12.38
N GLN A 40 -0.55 -0.50 11.92
CA GLN A 40 0.38 -1.61 12.10
C GLN A 40 -0.26 -2.94 11.73
N GLY A 41 -1.08 -2.91 10.69
CA GLY A 41 -1.77 -4.11 10.23
C GLY A 41 -3.03 -4.38 11.04
N LEU A 42 -3.09 -3.82 12.25
CA LEU A 42 -4.24 -3.97 13.15
C LEU A 42 -5.53 -4.28 12.39
N THR A 43 -6.33 -5.19 12.94
CA THR A 43 -7.58 -5.59 12.30
C THR A 43 -8.76 -4.74 12.78
N ILE A 44 -8.47 -3.52 13.22
CA ILE A 44 -9.51 -2.61 13.71
C ILE A 44 -10.07 -3.04 15.07
N ALA A 45 -9.51 -4.12 15.63
CA ALA A 45 -9.96 -4.62 16.92
C ALA A 45 -9.50 -3.71 18.05
N SER A 46 -8.38 -3.02 17.84
CA SER A 46 -7.83 -2.11 18.84
C SER A 46 -8.30 -0.69 18.62
N GLY A 47 -8.34 -0.26 17.36
CA GLY A 47 -8.77 1.09 17.04
C GLY A 47 -8.16 1.63 15.75
N ALA A 48 -8.05 0.77 14.74
CA ALA A 48 -7.49 1.19 13.46
C ALA A 48 -8.56 1.87 12.60
N ARG A 49 -8.12 2.66 11.63
CA ARG A 49 -9.05 3.36 10.76
C ARG A 49 -9.57 2.42 9.67
N GLU A 50 -10.90 2.40 9.50
CA GLU A 50 -11.52 1.54 8.48
C GLU A 50 -10.89 1.78 7.11
N SER A 51 -10.34 2.98 6.92
CA SER A 51 -9.70 3.34 5.68
C SER A 51 -8.40 2.57 5.47
N GLU A 52 -7.55 2.54 6.49
CA GLU A 52 -6.28 1.82 6.42
C GLU A 52 -6.55 0.36 6.03
N LYS A 53 -7.36 -0.32 6.84
CA LYS A 53 -7.71 -1.72 6.60
C LYS A 53 -8.23 -1.94 5.18
N VAL A 54 -9.31 -1.24 4.79
CA VAL A 54 -9.86 -1.39 3.46
C VAL A 54 -8.78 -1.18 2.42
N PHE A 55 -7.99 -0.12 2.61
CA PHE A 55 -6.90 0.20 1.71
C PHE A 55 -6.01 -1.02 1.49
N ALA A 56 -5.65 -1.68 2.58
CA ALA A 56 -4.83 -2.88 2.50
C ALA A 56 -5.51 -3.94 1.65
N GLN A 57 -6.80 -4.16 1.91
CA GLN A 57 -7.57 -5.13 1.16
C GLN A 57 -7.54 -4.80 -0.34
N THR A 58 -7.65 -3.51 -0.64
CA THR A 58 -7.63 -3.04 -2.02
C THR A 58 -6.26 -3.24 -2.66
N VAL A 59 -5.25 -2.63 -2.05
CA VAL A 59 -3.88 -2.74 -2.57
C VAL A 59 -3.46 -4.20 -2.69
N LEU A 60 -3.79 -5.00 -1.68
CA LEU A 60 -3.44 -6.41 -1.69
C LEU A 60 -4.16 -7.13 -2.83
N SER A 61 -5.45 -6.85 -2.98
CA SER A 61 -6.24 -7.48 -4.04
C SER A 61 -5.63 -7.21 -5.41
N HIS A 62 -5.54 -5.94 -5.78
CA HIS A 62 -4.98 -5.55 -7.07
C HIS A 62 -3.62 -6.23 -7.26
N VAL A 63 -2.84 -6.30 -6.19
CA VAL A 63 -1.55 -6.95 -6.23
C VAL A 63 -1.73 -8.46 -6.33
N ALA A 64 -2.00 -9.11 -5.20
CA ALA A 64 -2.24 -10.56 -5.17
C ALA A 64 -0.99 -11.38 -5.50
N ASN A 65 0.09 -10.71 -5.89
CA ASN A 65 1.34 -11.38 -6.24
C ASN A 65 2.36 -10.36 -6.76
N VAL A 66 1.96 -9.63 -7.80
CA VAL A 66 2.82 -8.59 -8.39
C VAL A 66 4.26 -9.06 -8.55
N VAL A 67 5.18 -8.09 -8.63
CA VAL A 67 6.60 -8.38 -8.77
C VAL A 67 7.39 -7.14 -8.38
N LEU A 68 7.71 -7.06 -7.11
CA LEU A 68 8.41 -5.91 -6.56
C LEU A 68 9.91 -6.06 -6.61
N THR A 69 10.54 -5.25 -7.43
CA THR A 69 11.98 -5.24 -7.54
C THR A 69 12.60 -4.86 -6.20
N GLN A 70 13.92 -4.92 -6.12
CA GLN A 70 14.62 -4.57 -4.88
C GLN A 70 14.04 -3.30 -4.25
N GLU A 71 13.54 -2.41 -5.09
CA GLU A 71 12.97 -1.15 -4.63
C GLU A 71 11.74 -1.40 -3.75
N ASP A 72 10.70 -1.95 -4.35
CA ASP A 72 9.46 -2.23 -3.63
C ASP A 72 9.70 -3.24 -2.50
N THR A 73 10.68 -4.12 -2.68
CA THR A 73 10.98 -5.10 -1.64
C THR A 73 11.39 -4.36 -0.37
N ALA A 74 12.48 -3.59 -0.48
CA ALA A 74 12.94 -2.78 0.65
C ALA A 74 11.82 -1.84 1.08
N LYS A 75 10.98 -1.49 0.10
CA LYS A 75 9.83 -0.63 0.31
C LYS A 75 8.93 -1.21 1.40
N LEU A 76 8.56 -2.49 1.24
CA LEU A 76 7.71 -3.17 2.22
C LEU A 76 8.46 -3.34 3.53
N LEU A 77 9.64 -3.95 3.45
CA LEU A 77 10.44 -4.17 4.65
C LEU A 77 10.68 -2.85 5.39
N GLN A 78 10.62 -1.75 4.65
CA GLN A 78 10.80 -0.42 5.23
C GLN A 78 9.56 -0.01 6.01
N SER A 79 8.45 0.14 5.30
CA SER A 79 7.19 0.54 5.93
C SER A 79 6.79 -0.43 7.04
N THR A 80 7.29 -1.65 6.98
CA THR A 80 6.97 -2.66 7.98
C THR A 80 8.01 -2.71 9.09
N VAL A 81 9.26 -2.99 8.73
CA VAL A 81 10.34 -3.10 9.71
C VAL A 81 10.74 -1.73 10.28
N LYS A 82 10.17 -0.66 9.74
CA LYS A 82 10.49 0.69 10.22
C LYS A 82 10.28 0.79 11.73
N HIS A 83 9.03 0.86 12.15
CA HIS A 83 8.70 0.97 13.56
C HIS A 83 8.19 -0.37 14.10
N ASN A 84 8.89 -1.44 13.76
CA ASN A 84 8.51 -2.78 14.21
C ASN A 84 7.09 -3.11 13.76
N LEU A 85 6.98 -3.90 12.69
CA LEU A 85 5.67 -4.28 12.17
C LEU A 85 5.72 -5.68 11.58
N ASN A 86 4.58 -6.37 11.61
CA ASN A 86 4.47 -7.71 11.07
C ASN A 86 3.09 -7.95 10.49
N ASN A 87 2.77 -7.23 9.42
CA ASN A 87 1.47 -7.34 8.77
C ASN A 87 1.62 -7.87 7.34
N TYR A 88 2.72 -7.50 6.69
CA TYR A 88 2.95 -7.94 5.33
C TYR A 88 4.04 -9.00 5.26
N ASP A 89 3.83 -10.00 4.41
CA ASP A 89 4.77 -11.08 4.24
C ASP A 89 5.45 -10.93 2.88
N LEU A 90 6.72 -11.31 2.80
CA LEU A 90 7.46 -11.14 1.55
C LEU A 90 8.26 -12.38 1.14
N ARG A 91 8.37 -12.53 -0.18
CA ARG A 91 9.12 -13.60 -0.83
C ARG A 91 9.69 -12.98 -2.10
N SER A 92 10.97 -12.68 -2.12
CA SER A 92 11.55 -11.97 -3.26
C SER A 92 12.35 -12.81 -4.25
N VAL A 93 12.56 -12.17 -5.39
CA VAL A 93 13.32 -12.66 -6.50
C VAL A 93 14.45 -11.65 -6.76
N GLY A 94 15.00 -11.26 -5.65
CA GLY A 94 16.04 -10.28 -5.53
C GLY A 94 16.88 -10.11 -6.75
N ASN A 95 17.32 -8.88 -6.92
CA ASN A 95 18.13 -8.50 -8.02
C ASN A 95 17.31 -8.40 -9.30
N GLY A 96 16.05 -8.05 -9.15
CA GLY A 96 15.18 -7.92 -10.30
C GLY A 96 13.70 -7.88 -9.95
N ASN A 97 13.28 -8.69 -8.97
CA ASN A 97 11.87 -8.72 -8.62
C ASN A 97 11.65 -9.37 -7.28
N SER A 98 10.43 -9.22 -6.79
CA SER A 98 10.05 -9.79 -5.53
C SER A 98 8.56 -10.03 -5.51
N VAL A 99 8.16 -11.15 -4.93
CA VAL A 99 6.77 -11.51 -4.85
C VAL A 99 6.27 -11.28 -3.43
N LEU A 100 5.22 -10.47 -3.29
CA LEU A 100 4.72 -10.17 -1.95
C LEU A 100 3.45 -10.93 -1.62
N VAL A 101 3.47 -11.50 -0.43
CA VAL A 101 2.34 -12.21 0.11
C VAL A 101 2.09 -11.59 1.47
N SER A 102 0.96 -10.98 1.66
CA SER A 102 0.74 -10.28 2.90
C SER A 102 -0.67 -10.32 3.40
N LEU A 103 -0.78 -9.96 4.67
CA LEU A 103 -2.03 -9.82 5.38
C LEU A 103 -2.07 -10.62 6.67
N ARG A 104 -1.33 -10.13 7.64
CA ARG A 104 -1.29 -10.73 8.96
C ARG A 104 -2.40 -10.09 9.80
N SER A 105 -3.04 -9.09 9.19
CA SER A 105 -4.14 -8.33 9.77
C SER A 105 -4.64 -7.36 8.70
N ASP A 106 -5.74 -6.65 8.93
CA ASP A 106 -6.25 -5.73 7.91
C ASP A 106 -5.95 -4.27 8.23
N GLN A 107 -4.94 -3.72 7.57
CA GLN A 107 -4.55 -2.33 7.75
C GLN A 107 -3.56 -1.92 6.67
N MET A 108 -3.35 -0.61 6.51
CA MET A 108 -2.40 -0.14 5.50
C MET A 108 -1.94 1.30 5.72
N THR A 109 -0.71 1.56 5.29
CA THR A 109 -0.11 2.89 5.39
C THR A 109 0.18 3.44 3.99
N LEU A 110 0.44 4.74 3.90
CA LEU A 110 0.74 5.36 2.61
C LEU A 110 1.86 4.59 1.90
N GLN A 111 3.02 4.49 2.54
CA GLN A 111 4.15 3.78 1.97
C GLN A 111 3.72 2.41 1.46
N ASP A 112 3.32 1.54 2.39
CA ASP A 112 2.88 0.18 2.05
C ASP A 112 1.99 0.19 0.81
N ALA A 113 0.95 1.01 0.85
CA ALA A 113 0.01 1.12 -0.26
C ALA A 113 0.76 1.30 -1.59
N LYS A 114 1.48 2.41 -1.72
CA LYS A 114 2.22 2.69 -2.94
C LYS A 114 3.26 1.60 -3.21
N VAL A 115 3.72 0.92 -2.16
CA VAL A 115 4.71 -0.13 -2.32
C VAL A 115 4.18 -1.25 -3.22
N LEU A 116 3.15 -1.94 -2.73
CA LEU A 116 2.58 -3.03 -3.49
C LEU A 116 1.96 -2.51 -4.76
N LEU A 117 1.34 -1.34 -4.68
CA LEU A 117 0.71 -0.76 -5.86
C LEU A 117 1.76 -0.35 -6.87
N GLU A 118 2.96 -0.11 -6.39
CA GLU A 118 4.05 0.22 -7.28
C GLU A 118 4.32 -1.03 -8.07
N ALA A 119 4.48 -2.12 -7.34
CA ALA A 119 4.70 -3.42 -7.96
C ALA A 119 3.43 -3.88 -8.67
N ALA A 120 2.30 -3.36 -8.22
CA ALA A 120 1.00 -3.72 -8.79
C ALA A 120 0.81 -3.03 -10.12
N LEU A 121 0.71 -1.71 -10.08
CA LEU A 121 0.54 -0.95 -11.30
C LEU A 121 1.67 -1.28 -12.27
N ARG A 122 2.85 -1.58 -11.70
CA ARG A 122 4.03 -1.93 -12.49
C ARG A 122 3.85 -3.26 -13.21
N GLN A 123 3.41 -4.28 -12.50
CA GLN A 123 3.24 -5.61 -13.08
C GLN A 123 1.86 -5.83 -13.70
N GLU A 124 0.86 -5.03 -13.34
CA GLU A 124 -0.48 -5.24 -13.88
C GLU A 124 -0.76 -4.34 -15.10
N SER A 125 -0.82 -3.04 -14.88
CA SER A 125 -1.12 -2.10 -15.96
C SER A 125 0.13 -1.50 -16.57
N GLY A 126 0.86 -0.73 -15.78
CA GLY A 126 2.05 -0.07 -16.24
C GLY A 126 1.75 1.36 -16.63
N ALA A 127 1.48 2.18 -15.61
CA ALA A 127 1.12 3.58 -15.78
C ALA A 127 -0.40 3.71 -15.84
N ARG A 128 -1.05 2.63 -16.30
CA ARG A 128 -2.50 2.54 -16.41
C ARG A 128 -2.90 1.60 -17.53
N GLY A 129 -3.64 0.57 -17.16
CA GLY A 129 -4.09 -0.41 -18.14
C GLY A 129 -4.57 -1.70 -17.50
N SER A 130 -5.43 -1.56 -16.48
CA SER A 130 -5.95 -2.72 -15.78
C SER A 130 -7.46 -2.56 -15.52
N ASP B 2 -21.53 8.81 -1.99
CA ASP B 2 -20.57 9.88 -2.21
C ASP B 2 -19.17 9.46 -1.81
N GLU B 3 -18.17 9.99 -2.51
CA GLU B 3 -16.78 9.66 -2.22
C GLU B 3 -15.92 10.93 -2.20
N ASP B 5 -14.20 12.47 -4.31
CA ASP B 5 -13.91 12.87 -5.68
C ASP B 5 -12.86 11.95 -6.32
N ASP B 6 -12.38 12.33 -7.50
CA ASP B 6 -11.38 11.55 -8.22
C ASP B 6 -9.99 11.80 -7.65
N PRO B 7 -9.00 10.98 -8.05
CA PRO B 7 -7.61 11.11 -7.58
C PRO B 7 -7.11 12.54 -7.62
N PHE B 8 -6.11 12.84 -6.80
CA PHE B 8 -5.52 14.17 -6.74
C PHE B 8 -6.60 15.26 -6.65
N MET A 1 -13.02 -3.44 -4.88
CA MET A 1 -13.39 -2.50 -5.97
C MET A 1 -12.39 -1.35 -6.06
N ASN A 2 -12.38 -0.51 -5.03
CA ASN A 2 -11.47 0.63 -4.98
C ASN A 2 -11.42 1.39 -6.32
N LEU A 3 -10.39 2.21 -6.49
CA LEU A 3 -10.22 2.99 -7.71
C LEU A 3 -9.44 2.20 -8.77
N SER A 4 -8.12 2.42 -8.84
CA SER A 4 -7.27 1.73 -9.80
C SER A 4 -5.80 1.92 -9.44
N LEU A 5 -4.99 0.91 -9.72
CA LEU A 5 -3.56 0.95 -9.41
C LEU A 5 -2.94 2.26 -9.84
N SER A 6 -2.93 2.49 -11.14
CA SER A 6 -2.33 3.68 -11.69
C SER A 6 -2.67 4.92 -10.86
N ASP A 7 -3.96 5.24 -10.77
CA ASP A 7 -4.41 6.40 -10.01
C ASP A 7 -4.01 6.27 -8.55
N LEU A 8 -4.25 5.10 -7.97
CA LEU A 8 -3.92 4.85 -6.56
C LEU A 8 -2.45 5.15 -6.29
N HIS A 9 -1.58 4.35 -6.90
CA HIS A 9 -0.14 4.54 -6.74
C HIS A 9 0.21 5.99 -7.02
N ARG A 10 -0.50 6.55 -7.97
CA ARG A 10 -0.29 7.93 -8.37
C ARG A 10 -0.52 8.87 -7.18
N GLN A 11 -1.73 8.88 -6.66
CA GLN A 11 -2.06 9.74 -5.52
C GLN A 11 -1.24 9.37 -4.28
N VAL A 12 -1.30 8.09 -3.87
CA VAL A 12 -0.56 7.66 -2.70
C VAL A 12 0.90 8.09 -2.77
N SER A 13 1.54 7.83 -3.90
CA SER A 13 2.93 8.18 -4.11
C SER A 13 3.11 9.69 -4.16
N ARG A 14 2.10 10.38 -4.65
CA ARG A 14 2.19 11.82 -4.79
C ARG A 14 2.09 12.55 -3.45
N LEU A 15 1.43 11.95 -2.45
CA LEU A 15 1.35 12.62 -1.16
C LEU A 15 2.46 12.17 -0.24
N VAL A 16 2.80 10.89 -0.30
CA VAL A 16 3.86 10.34 0.53
C VAL A 16 5.21 10.87 0.12
N GLN A 17 5.50 10.79 -1.18
CA GLN A 17 6.77 11.26 -1.70
C GLN A 17 6.87 12.79 -1.63
N GLN A 18 5.77 13.44 -1.25
CA GLN A 18 5.75 14.91 -1.16
C GLN A 18 4.88 15.39 0.01
N GLU A 19 4.81 14.60 1.08
CA GLU A 19 4.00 14.97 2.26
C GLU A 19 3.99 13.88 3.33
N SER A 20 3.28 12.79 3.03
CA SER A 20 3.15 11.68 3.96
C SER A 20 4.41 10.83 3.99
N GLY A 21 5.42 11.35 4.66
CA GLY A 21 6.69 10.66 4.79
C GLY A 21 6.56 9.34 5.54
N ASP A 22 6.01 8.33 4.86
CA ASP A 22 5.84 7.01 5.45
C ASP A 22 4.64 6.94 6.41
N CYS A 23 3.82 7.99 6.43
CA CYS A 23 2.64 8.01 7.29
C CYS A 23 1.70 6.88 6.90
N THR A 24 0.48 6.92 7.41
CA THR A 24 -0.50 5.89 7.09
C THR A 24 -1.50 6.43 6.08
N GLY A 25 -1.91 5.58 5.15
CA GLY A 25 -2.83 6.04 4.12
C GLY A 25 -4.25 5.55 4.31
N LYS A 26 -5.20 6.37 3.86
CA LYS A 26 -6.60 6.05 3.94
C LYS A 26 -7.15 5.88 2.52
N LEU A 27 -7.91 4.80 2.32
CA LEU A 27 -8.47 4.53 1.00
C LEU A 27 -10.00 4.65 1.00
N ARG A 28 -10.53 5.03 -0.16
CA ARG A 28 -11.96 5.20 -0.37
C ARG A 28 -12.19 5.98 -1.66
N GLY A 29 -11.79 5.39 -2.78
CA GLY A 29 -11.92 6.05 -4.06
C GLY A 29 -10.82 7.08 -4.26
N ASN A 30 -10.01 7.26 -3.21
CA ASN A 30 -8.91 8.21 -3.21
C ASN A 30 -8.01 7.92 -2.01
N VAL A 31 -6.81 8.48 -2.01
CA VAL A 31 -5.90 8.27 -0.89
C VAL A 31 -5.80 9.49 0.00
N ALA A 32 -5.65 9.24 1.29
CA ALA A 32 -5.51 10.31 2.27
C ALA A 32 -4.29 10.05 3.16
N ALA A 33 -3.79 11.10 3.80
CA ALA A 33 -2.63 10.97 4.67
C ALA A 33 -3.00 11.00 6.15
N ASN A 34 -2.65 9.92 6.84
CA ASN A 34 -2.93 9.78 8.26
C ASN A 34 -1.65 10.00 9.07
N LYS A 35 -1.60 11.11 9.79
CA LYS A 35 -0.45 11.45 10.60
C LYS A 35 -0.79 11.36 12.08
N GLU A 36 -2.04 11.67 12.41
CA GLU A 36 -2.51 11.63 13.79
C GLU A 36 -2.45 10.21 14.34
N THR A 37 -2.99 9.26 13.57
CA THR A 37 -3.00 7.87 13.98
C THR A 37 -1.81 7.13 13.36
N THR A 38 -1.61 5.88 13.79
CA THR A 38 -0.51 5.07 13.28
C THR A 38 -0.94 3.62 13.09
N PHE A 39 -1.04 3.19 11.84
CA PHE A 39 -1.44 1.83 11.52
C PHE A 39 -0.41 0.84 12.07
N GLN A 40 -0.61 -0.44 11.77
CA GLN A 40 0.27 -1.52 12.22
C GLN A 40 -0.44 -2.86 12.14
N GLY A 41 -1.14 -3.08 11.04
CA GLY A 41 -1.89 -4.31 10.85
C GLY A 41 -2.75 -4.64 12.06
N LEU A 42 -3.97 -4.12 12.07
CA LEU A 42 -4.91 -4.36 13.16
C LEU A 42 -6.23 -4.92 12.62
N THR A 43 -7.31 -4.71 13.36
CA THR A 43 -8.62 -5.21 12.94
C THR A 43 -9.70 -4.16 13.12
N ILE A 44 -9.29 -2.92 13.45
CA ILE A 44 -10.24 -1.82 13.64
C ILE A 44 -10.99 -1.93 14.96
N ALA A 45 -10.66 -2.95 15.75
CA ALA A 45 -11.29 -3.16 17.04
C ALA A 45 -10.48 -2.50 18.16
N SER A 46 -9.19 -2.33 17.91
CA SER A 46 -8.29 -1.71 18.90
C SER A 46 -8.17 -0.22 18.65
N GLY A 47 -7.56 0.16 17.53
CA GLY A 47 -7.40 1.57 17.22
C GLY A 47 -7.07 1.81 15.76
N ALA A 48 -7.60 0.97 14.88
CA ALA A 48 -7.36 1.12 13.45
C ALA A 48 -8.54 1.80 12.76
N ARG A 49 -8.32 2.26 11.53
CA ARG A 49 -9.37 2.94 10.77
C ARG A 49 -9.87 2.07 9.62
N GLU A 50 -11.15 2.23 9.27
CA GLU A 50 -11.75 1.47 8.17
C GLU A 50 -11.00 1.71 6.88
N SER A 51 -10.37 2.89 6.77
CA SER A 51 -9.61 3.25 5.59
C SER A 51 -8.34 2.42 5.46
N GLU A 52 -7.55 2.39 6.54
CA GLU A 52 -6.32 1.63 6.55
C GLU A 52 -6.58 0.17 6.16
N LYS A 53 -7.55 -0.45 6.82
CA LYS A 53 -7.91 -1.83 6.55
C LYS A 53 -8.33 -2.03 5.09
N VAL A 54 -9.31 -1.24 4.62
CA VAL A 54 -9.75 -1.35 3.25
C VAL A 54 -8.58 -1.16 2.30
N PHE A 55 -7.79 -0.13 2.56
CA PHE A 55 -6.61 0.17 1.76
C PHE A 55 -5.76 -1.10 1.61
N ALA A 56 -5.55 -1.78 2.73
CA ALA A 56 -4.77 -3.02 2.73
C ALA A 56 -5.42 -4.05 1.82
N GLN A 57 -6.74 -4.15 1.89
CA GLN A 57 -7.48 -5.09 1.07
C GLN A 57 -7.40 -4.74 -0.41
N THR A 58 -7.41 -3.45 -0.73
CA THR A 58 -7.32 -2.99 -2.10
C THR A 58 -5.91 -3.19 -2.63
N VAL A 59 -4.95 -2.68 -1.86
CA VAL A 59 -3.55 -2.79 -2.24
C VAL A 59 -3.12 -4.25 -2.32
N LEU A 60 -3.48 -5.05 -1.33
CA LEU A 60 -3.12 -6.46 -1.32
C LEU A 60 -3.83 -7.23 -2.43
N SER A 61 -5.14 -7.02 -2.58
CA SER A 61 -5.91 -7.71 -3.61
C SER A 61 -5.39 -7.39 -5.01
N HIS A 62 -5.49 -6.12 -5.41
CA HIS A 62 -5.03 -5.71 -6.75
C HIS A 62 -3.64 -6.28 -7.03
N VAL A 63 -2.86 -6.44 -5.98
CA VAL A 63 -1.52 -6.99 -6.09
C VAL A 63 -1.59 -8.51 -6.18
N ALA A 64 -1.96 -9.14 -5.09
CA ALA A 64 -2.10 -10.60 -5.03
C ALA A 64 -0.99 -11.33 -5.79
N ASN A 65 0.17 -10.69 -5.92
CA ASN A 65 1.32 -11.28 -6.63
C ASN A 65 2.36 -10.21 -6.97
N VAL A 66 2.03 -9.38 -7.97
CA VAL A 66 2.92 -8.30 -8.40
C VAL A 66 4.37 -8.78 -8.50
N VAL A 67 5.30 -7.83 -8.60
CA VAL A 67 6.69 -8.16 -8.73
C VAL A 67 7.59 -7.09 -8.12
N LEU A 68 7.43 -6.87 -6.81
CA LEU A 68 8.21 -5.88 -6.13
C LEU A 68 9.69 -6.04 -6.42
N THR A 69 10.21 -5.19 -7.29
CA THR A 69 11.63 -5.23 -7.63
C THR A 69 12.45 -4.96 -6.38
N GLN A 70 13.73 -4.70 -6.56
CA GLN A 70 14.62 -4.43 -5.44
C GLN A 70 14.11 -3.24 -4.61
N GLU A 71 13.48 -2.29 -5.29
CA GLU A 71 12.94 -1.11 -4.64
C GLU A 71 11.72 -1.46 -3.80
N ASP A 72 10.65 -1.88 -4.47
CA ASP A 72 9.41 -2.23 -3.79
C ASP A 72 9.68 -3.21 -2.65
N THR A 73 10.76 -3.99 -2.75
CA THR A 73 11.13 -4.92 -1.69
C THR A 73 11.66 -4.13 -0.50
N ALA A 74 12.68 -3.30 -0.78
CA ALA A 74 13.23 -2.44 0.24
C ALA A 74 12.08 -1.62 0.83
N LYS A 75 11.10 -1.40 -0.04
CA LYS A 75 9.88 -0.68 0.29
C LYS A 75 9.14 -1.37 1.44
N LEU A 76 8.75 -2.63 1.22
CA LEU A 76 8.04 -3.40 2.24
C LEU A 76 8.84 -3.39 3.55
N LEU A 77 10.09 -3.84 3.47
CA LEU A 77 10.93 -3.90 4.65
C LEU A 77 11.12 -2.51 5.25
N GLN A 78 11.11 -1.49 4.40
CA GLN A 78 11.27 -0.11 4.88
C GLN A 78 10.03 0.33 5.65
N SER A 79 8.89 0.28 4.98
CA SER A 79 7.62 0.68 5.60
C SER A 79 7.44 -0.03 6.93
N THR A 80 7.89 -1.28 7.00
CA THR A 80 7.76 -2.07 8.22
C THR A 80 8.90 -1.81 9.20
N VAL A 81 10.13 -2.07 8.76
CA VAL A 81 11.30 -1.87 9.62
C VAL A 81 11.24 -0.52 10.35
N LYS A 82 10.62 0.47 9.72
CA LYS A 82 10.49 1.79 10.32
C LYS A 82 9.94 1.69 11.75
N HIS A 83 8.84 0.95 11.90
CA HIS A 83 8.22 0.76 13.20
C HIS A 83 6.85 0.10 13.06
N ASN A 84 6.85 -1.22 12.92
CA ASN A 84 5.62 -1.97 12.77
C ASN A 84 5.81 -3.45 13.14
N LEU A 85 4.72 -4.10 13.52
CA LEU A 85 4.77 -5.52 13.90
C LEU A 85 4.71 -6.41 12.66
N ASN A 86 5.67 -6.22 11.76
CA ASN A 86 5.73 -7.02 10.53
C ASN A 86 4.44 -6.83 9.72
N ASN A 87 3.47 -7.72 9.94
CA ASN A 87 2.19 -7.64 9.23
C ASN A 87 2.32 -8.08 7.76
N TYR A 88 3.33 -7.58 7.06
CA TYR A 88 3.50 -7.94 5.67
C TYR A 88 4.33 -9.21 5.52
N ASP A 89 4.00 -9.98 4.49
CA ASP A 89 4.70 -11.19 4.19
C ASP A 89 5.08 -11.13 2.71
N LEU A 90 6.12 -11.80 2.28
CA LEU A 90 6.49 -11.70 0.87
C LEU A 90 7.32 -12.87 0.35
N ARG A 91 7.10 -13.16 -0.92
CA ARG A 91 7.86 -14.15 -1.66
C ARG A 91 8.75 -13.37 -2.60
N SER A 92 9.77 -13.96 -3.21
CA SER A 92 10.61 -13.14 -4.06
C SER A 92 11.08 -13.79 -5.36
N VAL A 93 11.56 -12.88 -6.20
CA VAL A 93 12.11 -13.17 -7.52
C VAL A 93 13.39 -12.34 -7.67
N GLY A 94 13.91 -11.98 -6.51
CA GLY A 94 15.10 -11.18 -6.39
C GLY A 94 15.05 -9.81 -7.02
N ASN A 95 16.24 -9.25 -7.22
CA ASN A 95 16.41 -7.92 -7.80
C ASN A 95 15.48 -7.75 -8.98
N GLY A 96 15.33 -8.82 -9.74
CA GLY A 96 14.45 -8.77 -10.87
C GLY A 96 13.02 -8.53 -10.42
N ASN A 97 12.58 -9.28 -9.41
CA ASN A 97 11.25 -9.11 -8.90
C ASN A 97 11.06 -9.78 -7.56
N SER A 98 9.95 -9.48 -6.93
CA SER A 98 9.60 -10.05 -5.66
C SER A 98 8.09 -10.11 -5.58
N VAL A 99 7.56 -11.14 -4.95
CA VAL A 99 6.12 -11.31 -4.87
C VAL A 99 5.57 -10.91 -3.51
N LEU A 100 4.30 -10.50 -3.49
CA LEU A 100 3.67 -10.03 -2.26
C LEU A 100 2.62 -10.96 -1.69
N VAL A 101 2.77 -11.22 -0.41
CA VAL A 101 1.83 -11.99 0.37
C VAL A 101 1.83 -11.33 1.73
N SER A 102 0.83 -10.54 2.03
CA SER A 102 0.85 -9.81 3.28
C SER A 102 -0.51 -9.63 3.88
N LEU A 103 -0.48 -9.26 5.15
CA LEU A 103 -1.67 -8.96 5.91
C LEU A 103 -1.43 -9.13 7.39
N ARG A 104 -1.68 -10.32 7.90
CA ARG A 104 -1.50 -10.57 9.32
C ARG A 104 -2.40 -9.63 10.13
N SER A 105 -3.41 -9.07 9.45
CA SER A 105 -4.36 -8.12 10.01
C SER A 105 -4.89 -7.24 8.89
N ASP A 106 -5.90 -6.43 9.15
CA ASP A 106 -6.41 -5.56 8.10
C ASP A 106 -6.10 -4.10 8.38
N GLN A 107 -5.05 -3.61 7.72
CA GLN A 107 -4.63 -2.23 7.82
C GLN A 107 -3.58 -1.95 6.75
N MET A 108 -3.29 -0.69 6.49
CA MET A 108 -2.27 -0.34 5.50
C MET A 108 -1.78 1.08 5.68
N THR A 109 -0.50 1.29 5.40
CA THR A 109 0.12 2.60 5.52
C THR A 109 0.40 3.17 4.13
N LEU A 110 0.48 4.49 4.03
CA LEU A 110 0.74 5.15 2.75
C LEU A 110 1.88 4.48 2.00
N GLN A 111 3.02 4.34 2.66
CA GLN A 111 4.17 3.69 2.05
C GLN A 111 3.79 2.31 1.52
N ASP A 112 3.37 1.43 2.42
CA ASP A 112 2.96 0.07 2.06
C ASP A 112 2.02 0.09 0.86
N ALA A 113 1.03 0.97 0.91
CA ALA A 113 0.07 1.10 -0.17
C ALA A 113 0.77 1.29 -1.51
N LYS A 114 1.61 2.32 -1.59
CA LYS A 114 2.34 2.62 -2.81
C LYS A 114 3.35 1.51 -3.12
N VAL A 115 3.84 0.86 -2.07
CA VAL A 115 4.79 -0.23 -2.23
C VAL A 115 4.22 -1.32 -3.13
N LEU A 116 3.17 -1.94 -2.64
CA LEU A 116 2.52 -3.01 -3.35
C LEU A 116 1.93 -2.51 -4.65
N LEU A 117 1.32 -1.33 -4.63
CA LEU A 117 0.73 -0.78 -5.83
C LEU A 117 1.79 -0.30 -6.81
N GLU A 118 3.01 -0.14 -6.31
CA GLU A 118 4.09 0.23 -7.17
C GLU A 118 4.43 -1.00 -7.98
N ALA A 119 4.55 -2.11 -7.27
CA ALA A 119 4.80 -3.39 -7.90
C ALA A 119 3.56 -3.86 -8.63
N ALA A 120 2.39 -3.44 -8.13
CA ALA A 120 1.12 -3.80 -8.73
C ALA A 120 0.96 -3.14 -10.07
N LEU A 121 0.90 -1.82 -10.07
CA LEU A 121 0.75 -1.10 -11.31
C LEU A 121 1.92 -1.45 -12.24
N ARG A 122 3.11 -1.58 -11.65
CA ARG A 122 4.31 -1.93 -12.39
C ARG A 122 4.12 -3.23 -13.16
N GLN A 123 3.53 -4.22 -12.51
CA GLN A 123 3.31 -5.52 -13.12
C GLN A 123 2.00 -5.58 -13.90
N GLU A 124 0.99 -4.83 -13.46
CA GLU A 124 -0.32 -4.85 -14.13
C GLU A 124 -0.50 -3.72 -15.13
N SER A 125 -0.55 -2.49 -14.63
CA SER A 125 -0.78 -1.34 -15.50
C SER A 125 0.52 -0.66 -15.94
N GLY A 126 1.23 -0.07 -14.98
CA GLY A 126 2.46 0.63 -15.32
C GLY A 126 2.18 1.76 -16.26
N ALA A 127 1.12 2.52 -15.95
CA ALA A 127 0.71 3.60 -16.82
C ALA A 127 0.66 3.06 -18.24
N ARG A 128 0.48 1.74 -18.32
CA ARG A 128 0.45 1.04 -19.57
C ARG A 128 -0.92 0.39 -19.81
N GLY A 129 -1.37 -0.41 -18.84
CA GLY A 129 -2.64 -1.09 -18.97
C GLY A 129 -3.79 -0.12 -19.24
N SER A 130 -3.73 1.06 -18.64
CA SER A 130 -4.77 2.06 -18.82
C SER A 130 -4.89 2.45 -20.29
N ASP B 2 -20.14 9.29 1.14
CA ASP B 2 -19.24 9.66 0.05
C ASP B 2 -17.96 8.83 0.11
N GLU B 3 -17.48 8.39 -1.05
CA GLU B 3 -16.27 7.60 -1.12
C GLU B 3 -15.31 8.15 -2.17
N ASP B 5 -15.23 10.04 -5.38
CA ASP B 5 -15.40 9.53 -6.72
C ASP B 5 -14.20 9.87 -7.61
N ASP B 6 -13.37 10.80 -7.16
CA ASP B 6 -12.20 11.20 -7.93
C ASP B 6 -10.90 10.98 -7.14
N PRO B 7 -9.87 10.41 -7.78
CA PRO B 7 -8.57 10.15 -7.15
C PRO B 7 -8.01 11.39 -6.45
N PHE B 8 -7.50 12.33 -7.24
CA PHE B 8 -6.93 13.56 -6.71
C PHE B 8 -6.51 14.51 -7.83
N MET A 1 -15.38 -2.19 -4.45
CA MET A 1 -15.18 -1.24 -5.58
C MET A 1 -14.18 -0.15 -5.21
N ASN A 2 -13.10 -0.04 -5.99
CA ASN A 2 -12.08 0.97 -5.74
C ASN A 2 -11.86 1.83 -6.99
N LEU A 3 -10.63 2.33 -7.14
CA LEU A 3 -10.28 3.17 -8.28
C LEU A 3 -9.40 2.42 -9.27
N SER A 4 -8.09 2.36 -8.99
CA SER A 4 -7.15 1.67 -9.87
C SER A 4 -5.74 1.71 -9.28
N LEU A 5 -4.74 1.46 -10.12
CA LEU A 5 -3.35 1.48 -9.67
C LEU A 5 -2.72 2.81 -9.95
N SER A 6 -2.58 3.12 -11.23
CA SER A 6 -1.96 4.35 -11.65
C SER A 6 -2.46 5.54 -10.83
N ASP A 7 -3.75 5.55 -10.53
CA ASP A 7 -4.35 6.64 -9.75
C ASP A 7 -4.04 6.45 -8.26
N LEU A 8 -4.54 5.35 -7.70
CA LEU A 8 -4.31 5.04 -6.30
C LEU A 8 -2.83 5.23 -5.95
N HIS A 9 -1.98 4.78 -6.87
CA HIS A 9 -0.54 4.90 -6.73
C HIS A 9 -0.15 6.36 -6.84
N ARG A 10 -0.70 7.03 -7.85
CA ARG A 10 -0.42 8.44 -8.07
C ARG A 10 -0.72 9.24 -6.81
N GLN A 11 -1.85 8.94 -6.19
CA GLN A 11 -2.25 9.61 -4.96
C GLN A 11 -1.29 9.30 -3.82
N VAL A 12 -1.25 8.04 -3.43
CA VAL A 12 -0.38 7.57 -2.35
C VAL A 12 1.09 7.94 -2.59
N SER A 13 1.57 7.67 -3.79
CA SER A 13 2.95 7.98 -4.16
C SER A 13 3.25 9.46 -4.04
N ARG A 14 2.39 10.27 -4.65
CA ARG A 14 2.57 11.72 -4.63
C ARG A 14 2.37 12.27 -3.22
N LEU A 15 1.65 11.54 -2.39
CA LEU A 15 1.38 11.98 -1.03
C LEU A 15 2.61 11.82 -0.15
N VAL A 16 3.09 10.59 -0.02
CA VAL A 16 4.25 10.34 0.82
C VAL A 16 5.52 10.90 0.18
N GLN A 17 5.53 10.97 -1.14
CA GLN A 17 6.70 11.49 -1.84
C GLN A 17 6.65 13.01 -1.94
N GLN A 18 5.52 13.61 -1.56
CA GLN A 18 5.38 15.06 -1.62
C GLN A 18 4.37 15.58 -0.59
N GLU A 19 4.42 15.04 0.62
CA GLU A 19 3.49 15.48 1.67
C GLU A 19 3.66 14.69 2.96
N SER A 20 3.28 13.42 2.93
CA SER A 20 3.36 12.57 4.10
C SER A 20 4.82 12.23 4.47
N GLY A 21 5.38 11.24 3.79
CA GLY A 21 6.74 10.82 4.06
C GLY A 21 6.80 9.36 4.47
N ASP A 22 5.75 8.91 5.17
CA ASP A 22 5.66 7.53 5.63
C ASP A 22 4.50 7.35 6.60
N CYS A 23 3.47 8.18 6.45
CA CYS A 23 2.29 8.12 7.31
C CYS A 23 1.35 7.01 6.85
N THR A 24 0.06 7.12 7.18
CA THR A 24 -0.91 6.11 6.79
C THR A 24 -1.75 6.60 5.63
N GLY A 25 -2.42 5.67 4.96
CA GLY A 25 -3.24 6.04 3.81
C GLY A 25 -4.73 5.87 4.06
N LYS A 26 -5.52 6.70 3.38
CA LYS A 26 -6.97 6.67 3.49
C LYS A 26 -7.57 6.23 2.15
N LEU A 27 -8.04 4.99 2.07
CA LEU A 27 -8.60 4.47 0.81
C LEU A 27 -10.12 4.32 0.84
N ARG A 28 -10.70 4.43 -0.36
CA ARG A 28 -12.14 4.29 -0.61
C ARG A 28 -12.58 5.26 -1.69
N GLY A 29 -11.92 5.17 -2.86
CA GLY A 29 -12.23 6.07 -3.95
C GLY A 29 -11.13 7.10 -4.14
N ASN A 30 -10.26 7.20 -3.14
CA ASN A 30 -9.15 8.13 -3.14
C ASN A 30 -8.17 7.75 -2.03
N VAL A 31 -6.97 8.29 -2.05
CA VAL A 31 -5.99 7.98 -1.02
C VAL A 31 -5.53 9.24 -0.31
N ALA A 32 -5.81 9.31 0.99
CA ALA A 32 -5.44 10.46 1.82
C ALA A 32 -4.29 10.11 2.76
N ALA A 33 -3.68 11.12 3.35
CA ALA A 33 -2.57 10.90 4.27
C ALA A 33 -3.00 11.06 5.72
N ASN A 34 -2.85 9.98 6.48
CA ASN A 34 -3.23 9.98 7.89
C ASN A 34 -2.01 10.21 8.79
N LYS A 35 -2.08 11.25 9.60
CA LYS A 35 -0.98 11.59 10.52
C LYS A 35 -1.44 11.53 11.97
N GLU A 36 -2.75 11.66 12.18
CA GLU A 36 -3.31 11.63 13.53
C GLU A 36 -3.21 10.24 14.15
N THR A 37 -2.95 9.23 13.32
CA THR A 37 -2.84 7.86 13.80
C THR A 37 -1.63 7.16 13.18
N THR A 38 -1.49 5.87 13.48
CA THR A 38 -0.38 5.07 12.95
C THR A 38 -0.85 3.63 12.76
N PHE A 39 -1.04 3.23 11.50
CA PHE A 39 -1.50 1.89 11.19
C PHE A 39 -0.47 1.09 10.41
N GLN A 40 -0.33 -0.18 10.80
CA GLN A 40 0.59 -1.11 10.16
C GLN A 40 -0.15 -2.37 9.72
N GLY A 41 -0.98 -2.90 10.62
CA GLY A 41 -1.76 -4.09 10.31
C GLY A 41 -2.58 -4.55 11.51
N LEU A 42 -3.67 -3.84 11.77
CA LEU A 42 -4.57 -4.16 12.87
C LEU A 42 -5.91 -4.63 12.32
N THR A 43 -6.95 -4.57 13.14
CA THR A 43 -8.28 -5.00 12.71
C THR A 43 -9.37 -4.02 13.16
N ILE A 44 -8.98 -2.76 13.35
CA ILE A 44 -9.93 -1.73 13.77
C ILE A 44 -10.42 -1.95 15.21
N ALA A 45 -9.89 -2.97 15.87
CA ALA A 45 -10.28 -3.27 17.24
C ALA A 45 -9.33 -2.61 18.24
N SER A 46 -8.06 -2.50 17.85
CA SER A 46 -7.06 -1.87 18.71
C SER A 46 -6.81 -0.42 18.29
N GLY A 47 -7.00 -0.14 17.01
CA GLY A 47 -6.80 1.20 16.51
C GLY A 47 -6.57 1.24 15.02
N ALA A 48 -7.66 1.22 14.25
CA ALA A 48 -7.56 1.27 12.79
C ALA A 48 -8.67 2.13 12.20
N ARG A 49 -8.69 2.19 10.87
CA ARG A 49 -9.69 2.97 10.15
C ARG A 49 -10.15 2.20 8.91
N GLU A 50 -11.43 2.32 8.58
CA GLU A 50 -11.98 1.64 7.41
C GLU A 50 -11.11 1.88 6.18
N SER A 51 -10.54 3.07 6.10
CA SER A 51 -9.69 3.42 4.97
C SER A 51 -8.44 2.55 4.92
N GLU A 52 -7.63 2.60 5.97
CA GLU A 52 -6.40 1.81 6.05
C GLU A 52 -6.65 0.38 5.58
N LYS A 53 -7.46 -0.34 6.33
CA LYS A 53 -7.80 -1.72 5.99
C LYS A 53 -8.19 -1.83 4.52
N VAL A 54 -9.10 -0.96 4.05
CA VAL A 54 -9.51 -0.99 2.66
C VAL A 54 -8.30 -0.83 1.75
N PHE A 55 -7.38 0.04 2.17
CA PHE A 55 -6.15 0.27 1.41
C PHE A 55 -5.41 -1.03 1.20
N ALA A 56 -5.19 -1.77 2.29
CA ALA A 56 -4.51 -3.05 2.23
C ALA A 56 -5.30 -4.04 1.37
N GLN A 57 -6.61 -3.91 1.41
CA GLN A 57 -7.50 -4.78 0.65
C GLN A 57 -7.41 -4.47 -0.84
N THR A 58 -7.59 -3.20 -1.20
CA THR A 58 -7.54 -2.78 -2.59
C THR A 58 -6.18 -3.09 -3.21
N VAL A 59 -5.12 -2.73 -2.51
CA VAL A 59 -3.78 -2.98 -3.02
C VAL A 59 -3.48 -4.47 -3.09
N LEU A 60 -3.83 -5.20 -2.02
CA LEU A 60 -3.59 -6.62 -2.00
C LEU A 60 -4.21 -7.28 -3.22
N SER A 61 -5.44 -6.90 -3.54
CA SER A 61 -6.15 -7.44 -4.69
C SER A 61 -5.43 -7.09 -5.99
N HIS A 62 -5.27 -5.79 -6.26
CA HIS A 62 -4.60 -5.35 -7.48
C HIS A 62 -3.26 -6.06 -7.64
N VAL A 63 -2.46 -6.06 -6.58
CA VAL A 63 -1.17 -6.72 -6.59
C VAL A 63 -1.35 -8.20 -6.92
N ALA A 64 -1.99 -8.92 -6.00
CA ALA A 64 -2.27 -10.34 -6.17
C ALA A 64 -1.14 -11.10 -6.87
N ASN A 65 0.11 -10.66 -6.66
CA ASN A 65 1.28 -11.29 -7.29
C ASN A 65 2.44 -10.30 -7.40
N VAL A 66 2.38 -9.44 -8.41
CA VAL A 66 3.40 -8.42 -8.64
C VAL A 66 4.82 -9.00 -8.55
N VAL A 67 5.81 -8.15 -8.25
CA VAL A 67 7.19 -8.62 -8.16
C VAL A 67 8.09 -7.50 -7.64
N LEU A 68 7.80 -7.06 -6.43
CA LEU A 68 8.55 -5.99 -5.78
C LEU A 68 10.05 -6.15 -5.97
N THR A 69 10.61 -5.40 -6.92
CA THR A 69 12.04 -5.45 -7.19
C THR A 69 12.80 -5.01 -5.93
N GLN A 70 14.12 -5.03 -6.00
CA GLN A 70 14.95 -4.63 -4.86
C GLN A 70 14.43 -3.34 -4.23
N GLU A 71 13.85 -2.48 -5.07
CA GLU A 71 13.31 -1.21 -4.62
C GLU A 71 12.07 -1.44 -3.76
N ASP A 72 11.03 -1.99 -4.36
CA ASP A 72 9.80 -2.27 -3.64
C ASP A 72 10.06 -3.25 -2.50
N THR A 73 11.07 -4.09 -2.66
CA THR A 73 11.42 -5.05 -1.61
C THR A 73 11.86 -4.29 -0.37
N ALA A 74 12.92 -3.50 -0.50
CA ALA A 74 13.39 -2.68 0.61
C ALA A 74 12.25 -1.76 1.06
N LYS A 75 11.36 -1.47 0.11
CA LYS A 75 10.19 -0.64 0.35
C LYS A 75 9.35 -1.22 1.48
N LEU A 76 8.79 -2.41 1.25
CA LEU A 76 7.99 -3.08 2.27
C LEU A 76 8.82 -3.27 3.53
N LEU A 77 10.09 -3.61 3.33
CA LEU A 77 11.01 -3.81 4.44
C LEU A 77 11.01 -2.62 5.38
N GLN A 78 11.02 -1.43 4.81
CA GLN A 78 11.02 -0.23 5.61
C GLN A 78 9.65 -0.02 6.26
N SER A 79 8.60 -0.09 5.46
CA SER A 79 7.24 0.09 5.97
C SER A 79 6.88 -0.99 6.99
N THR A 80 7.51 -2.15 6.89
CA THR A 80 7.23 -3.25 7.80
C THR A 80 8.21 -3.28 8.98
N VAL A 81 9.45 -2.85 8.74
CA VAL A 81 10.46 -2.85 9.79
C VAL A 81 10.51 -1.52 10.54
N LYS A 82 9.76 -0.53 10.06
CA LYS A 82 9.72 0.78 10.70
C LYS A 82 9.32 0.66 12.17
N HIS A 83 8.56 -0.38 12.49
CA HIS A 83 8.11 -0.60 13.87
C HIS A 83 7.67 -2.04 14.09
N ASN A 84 8.59 -2.88 14.57
CA ASN A 84 8.30 -4.28 14.83
C ASN A 84 7.61 -4.94 13.64
N LEU A 85 7.15 -6.18 13.83
CA LEU A 85 6.47 -6.91 12.77
C LEU A 85 5.15 -6.22 12.41
N ASN A 86 5.15 -5.55 11.27
CA ASN A 86 3.96 -4.85 10.81
C ASN A 86 2.83 -5.82 10.48
N ASN A 87 2.79 -6.29 9.24
CA ASN A 87 1.74 -7.21 8.80
C ASN A 87 1.92 -7.62 7.33
N TYR A 88 3.02 -7.23 6.71
CA TYR A 88 3.24 -7.55 5.31
C TYR A 88 4.23 -8.71 5.16
N ASP A 89 3.85 -9.68 4.34
CA ASP A 89 4.67 -10.83 4.11
C ASP A 89 5.24 -10.77 2.68
N LEU A 90 6.46 -11.23 2.52
CA LEU A 90 7.10 -11.16 1.21
C LEU A 90 7.82 -12.45 0.81
N ARG A 91 8.03 -12.58 -0.50
CA ARG A 91 8.73 -13.72 -1.08
C ARG A 91 9.74 -13.20 -2.10
N SER A 92 10.73 -14.00 -2.48
CA SER A 92 11.75 -13.55 -3.42
C SER A 92 11.55 -14.13 -4.81
N VAL A 93 12.12 -13.43 -5.78
CA VAL A 93 12.06 -13.78 -7.17
C VAL A 93 12.58 -12.60 -7.98
N GLY A 94 13.12 -12.88 -9.11
CA GLY A 94 13.65 -11.83 -9.95
C GLY A 94 15.10 -11.51 -9.64
N ASN A 95 15.80 -12.45 -9.03
CA ASN A 95 17.19 -12.24 -8.65
C ASN A 95 17.24 -11.28 -7.46
N GLY A 96 16.55 -10.15 -7.62
CA GLY A 96 16.50 -9.16 -6.57
C GLY A 96 15.08 -8.64 -6.36
N ASN A 97 14.09 -9.34 -6.91
CA ASN A 97 12.70 -8.92 -6.76
C ASN A 97 11.99 -9.83 -5.77
N SER A 98 10.81 -9.43 -5.33
CA SER A 98 10.06 -10.24 -4.39
C SER A 98 8.57 -10.21 -4.72
N VAL A 99 7.84 -11.14 -4.14
CA VAL A 99 6.42 -11.22 -4.34
C VAL A 99 5.71 -10.68 -3.11
N LEU A 100 4.51 -10.13 -3.28
CA LEU A 100 3.80 -9.57 -2.15
C LEU A 100 2.68 -10.45 -1.66
N VAL A 101 2.93 -11.06 -0.52
CA VAL A 101 1.94 -11.84 0.17
C VAL A 101 1.83 -11.19 1.52
N SER A 102 0.79 -10.44 1.75
CA SER A 102 0.71 -9.69 2.98
C SER A 102 -0.68 -9.47 3.49
N LEU A 103 -0.75 -9.14 4.76
CA LEU A 103 -1.97 -8.79 5.42
C LEU A 103 -1.84 -8.80 6.92
N ARG A 104 -1.69 -9.96 7.51
CA ARG A 104 -1.55 -10.09 8.96
C ARG A 104 -2.41 -9.05 9.67
N SER A 105 -3.70 -9.07 9.34
CA SER A 105 -4.69 -8.12 9.87
C SER A 105 -5.05 -7.14 8.76
N ASP A 106 -6.11 -6.35 8.94
CA ASP A 106 -6.51 -5.42 7.90
C ASP A 106 -6.14 -3.97 8.22
N GLN A 107 -5.06 -3.50 7.60
CA GLN A 107 -4.59 -2.12 7.76
C GLN A 107 -3.53 -1.82 6.72
N MET A 108 -3.22 -0.54 6.53
CA MET A 108 -2.19 -0.15 5.57
C MET A 108 -1.75 1.30 5.75
N THR A 109 -0.45 1.51 5.54
CA THR A 109 0.13 2.83 5.64
C THR A 109 0.40 3.37 4.23
N LEU A 110 0.65 4.66 4.11
CA LEU A 110 0.90 5.27 2.81
C LEU A 110 2.06 4.59 2.10
N GLN A 111 3.20 4.48 2.78
CA GLN A 111 4.37 3.84 2.18
C GLN A 111 4.00 2.48 1.59
N ASP A 112 3.61 1.55 2.47
CA ASP A 112 3.23 0.21 2.03
C ASP A 112 2.27 0.27 0.85
N ALA A 113 1.27 1.14 0.96
CA ALA A 113 0.29 1.31 -0.09
C ALA A 113 0.97 1.48 -1.45
N LYS A 114 1.77 2.54 -1.57
CA LYS A 114 2.47 2.81 -2.83
C LYS A 114 3.51 1.73 -3.11
N VAL A 115 4.01 1.07 -2.07
CA VAL A 115 5.00 0.02 -2.25
C VAL A 115 4.45 -1.07 -3.15
N LEU A 116 3.42 -1.73 -2.65
CA LEU A 116 2.79 -2.82 -3.37
C LEU A 116 2.19 -2.32 -4.67
N LEU A 117 1.56 -1.14 -4.61
CA LEU A 117 0.94 -0.58 -5.80
C LEU A 117 1.97 -0.14 -6.82
N GLU A 118 3.18 0.10 -6.34
CA GLU A 118 4.26 0.46 -7.23
C GLU A 118 4.57 -0.77 -8.03
N ALA A 119 4.74 -1.87 -7.29
CA ALA A 119 4.99 -3.14 -7.92
C ALA A 119 3.75 -3.64 -8.63
N ALA A 120 2.59 -3.22 -8.12
CA ALA A 120 1.31 -3.61 -8.70
C ALA A 120 1.07 -2.93 -10.03
N LEU A 121 0.97 -1.60 -9.99
CA LEU A 121 0.73 -0.85 -11.21
C LEU A 121 1.81 -1.17 -12.24
N ARG A 122 3.06 -1.24 -11.80
CA ARG A 122 4.17 -1.53 -12.70
C ARG A 122 4.11 -2.96 -13.26
N GLN A 123 3.72 -3.91 -12.42
CA GLN A 123 3.65 -5.30 -12.85
C GLN A 123 2.42 -5.59 -13.70
N GLU A 124 1.29 -4.97 -13.38
CA GLU A 124 0.07 -5.26 -14.13
C GLU A 124 -0.23 -4.27 -15.26
N SER A 125 -0.58 -3.03 -14.91
CA SER A 125 -0.91 -2.04 -15.94
C SER A 125 0.23 -1.08 -16.22
N GLY A 126 0.54 -0.26 -15.21
CA GLY A 126 1.58 0.73 -15.34
C GLY A 126 1.19 1.84 -16.29
N ALA A 127 -0.01 2.37 -16.07
CA ALA A 127 -0.54 3.46 -16.87
C ALA A 127 -1.89 3.88 -16.32
N ARG A 128 -2.79 2.91 -16.17
CA ARG A 128 -4.12 3.19 -15.63
C ARG A 128 -5.05 2.00 -15.80
N GLY A 129 -4.49 0.81 -15.67
CA GLY A 129 -5.27 -0.40 -15.84
C GLY A 129 -5.24 -0.94 -17.25
N SER A 130 -4.59 -0.20 -18.15
CA SER A 130 -4.49 -0.63 -19.54
C SER A 130 -3.19 -1.39 -19.79
N ASP B 2 -19.78 5.19 0.48
CA ASP B 2 -19.67 6.64 0.49
C ASP B 2 -18.23 7.08 0.26
N GLU B 3 -17.91 7.38 -0.99
CA GLU B 3 -16.56 7.82 -1.35
C GLU B 3 -16.52 9.31 -1.63
N ASP B 5 -15.00 12.81 -3.88
CA ASP B 5 -15.16 13.22 -5.26
C ASP B 5 -13.88 13.01 -6.07
N ASP B 6 -13.77 11.84 -6.69
CA ASP B 6 -12.61 11.49 -7.51
C ASP B 6 -11.30 11.66 -6.74
N PRO B 7 -10.22 10.99 -7.20
CA PRO B 7 -8.90 11.06 -6.56
C PRO B 7 -8.35 12.48 -6.52
N PHE B 8 -7.06 12.61 -6.23
CA PHE B 8 -6.42 13.91 -6.15
C PHE B 8 -6.39 14.58 -7.53
N MET A 1 -15.71 -1.55 -4.84
CA MET A 1 -14.30 -1.62 -5.33
C MET A 1 -13.57 -0.30 -5.12
N ASN A 2 -12.26 -0.34 -5.27
CA ASN A 2 -11.44 0.86 -5.10
C ASN A 2 -11.31 1.62 -6.41
N LEU A 3 -10.34 2.55 -6.48
CA LEU A 3 -10.12 3.33 -7.67
C LEU A 3 -9.56 2.45 -8.79
N SER A 4 -8.26 2.20 -8.75
CA SER A 4 -7.59 1.38 -9.74
C SER A 4 -6.16 1.08 -9.28
N LEU A 5 -5.27 0.78 -10.22
CA LEU A 5 -3.89 0.48 -9.88
C LEU A 5 -2.98 1.69 -10.01
N SER A 6 -2.83 2.14 -11.23
CA SER A 6 -1.96 3.26 -11.56
C SER A 6 -2.44 4.57 -10.95
N ASP A 7 -3.74 4.82 -10.97
CA ASP A 7 -4.27 6.05 -10.40
C ASP A 7 -4.08 6.02 -8.90
N LEU A 8 -4.47 4.90 -8.29
CA LEU A 8 -4.32 4.71 -6.86
C LEU A 8 -2.89 5.01 -6.43
N HIS A 9 -1.94 4.46 -7.19
CA HIS A 9 -0.54 4.70 -6.90
C HIS A 9 -0.21 6.17 -7.11
N ARG A 10 -0.80 6.73 -8.16
CA ARG A 10 -0.57 8.13 -8.49
C ARG A 10 -0.84 9.04 -7.30
N GLN A 11 -2.02 8.90 -6.69
CA GLN A 11 -2.36 9.72 -5.53
C GLN A 11 -1.53 9.34 -4.30
N VAL A 12 -1.56 8.06 -3.91
CA VAL A 12 -0.79 7.63 -2.74
C VAL A 12 0.69 7.97 -2.89
N SER A 13 1.24 7.67 -4.06
CA SER A 13 2.65 7.95 -4.34
C SER A 13 2.95 9.44 -4.25
N ARG A 14 2.18 10.24 -4.97
CA ARG A 14 2.38 11.68 -4.96
C ARG A 14 2.19 12.23 -3.56
N LEU A 15 1.49 11.48 -2.73
CA LEU A 15 1.22 11.91 -1.36
C LEU A 15 2.42 11.70 -0.44
N VAL A 16 2.80 10.45 -0.20
CA VAL A 16 3.92 10.17 0.69
C VAL A 16 5.26 10.54 0.05
N GLN A 17 5.31 10.50 -1.27
CA GLN A 17 6.54 10.84 -1.96
C GLN A 17 6.82 12.34 -1.84
N GLN A 18 5.78 13.13 -1.57
CA GLN A 18 5.94 14.57 -1.42
C GLN A 18 4.70 15.20 -0.79
N GLU A 19 4.42 14.82 0.45
CA GLU A 19 3.26 15.36 1.17
C GLU A 19 3.07 14.69 2.53
N SER A 20 2.92 13.36 2.52
CA SER A 20 2.72 12.61 3.75
C SER A 20 4.05 12.24 4.41
N GLY A 21 5.04 11.89 3.61
CA GLY A 21 6.33 11.52 4.15
C GLY A 21 6.23 10.33 5.09
N ASP A 22 5.94 9.17 4.54
CA ASP A 22 5.80 7.94 5.33
C ASP A 22 4.71 8.11 6.38
N CYS A 23 3.49 7.78 6.01
CA CYS A 23 2.34 7.89 6.90
C CYS A 23 1.30 6.83 6.55
N THR A 24 0.08 7.02 7.03
CA THR A 24 -0.98 6.05 6.74
C THR A 24 -1.93 6.61 5.68
N GLY A 25 -2.48 5.71 4.88
CA GLY A 25 -3.38 6.14 3.83
C GLY A 25 -4.83 5.86 4.14
N LYS A 26 -5.69 6.81 3.77
CA LYS A 26 -7.12 6.68 3.98
C LYS A 26 -7.80 6.37 2.65
N LEU A 27 -8.51 5.24 2.58
CA LEU A 27 -9.18 4.84 1.35
C LEU A 27 -10.69 5.08 1.39
N ARG A 28 -11.24 5.37 0.22
CA ARG A 28 -12.68 5.62 0.06
C ARG A 28 -12.92 6.34 -1.27
N GLY A 29 -12.45 5.71 -2.35
CA GLY A 29 -12.59 6.30 -3.67
C GLY A 29 -11.38 7.16 -4.02
N ASN A 30 -10.52 7.36 -3.02
CA ASN A 30 -9.30 8.15 -3.16
C ASN A 30 -8.39 7.88 -1.96
N VAL A 31 -7.12 8.22 -2.06
CA VAL A 31 -6.22 8.00 -0.94
C VAL A 31 -5.91 9.31 -0.24
N ALA A 32 -5.98 9.26 1.07
CA ALA A 32 -5.72 10.42 1.91
C ALA A 32 -4.47 10.22 2.75
N ALA A 33 -3.98 11.31 3.32
CA ALA A 33 -2.77 11.26 4.13
C ALA A 33 -3.12 11.28 5.62
N ASN A 34 -2.98 10.11 6.24
CA ASN A 34 -3.29 9.92 7.64
C ASN A 34 -2.05 10.15 8.51
N LYS A 35 -2.12 11.20 9.34
CA LYS A 35 -1.03 11.54 10.23
C LYS A 35 -1.54 11.78 11.65
N GLU A 36 -2.48 10.93 12.08
CA GLU A 36 -3.06 11.05 13.41
C GLU A 36 -2.64 9.90 14.32
N THR A 37 -2.57 8.70 13.75
CA THR A 37 -2.19 7.52 14.53
C THR A 37 -0.97 6.85 13.89
N THR A 38 -1.15 5.70 13.24
CA THR A 38 -0.01 5.02 12.62
C THR A 38 -0.42 3.79 11.80
N PHE A 39 -1.25 2.92 12.39
CA PHE A 39 -1.67 1.67 11.72
C PHE A 39 -0.49 0.97 11.06
N GLN A 40 -0.29 -0.26 11.47
CA GLN A 40 0.81 -1.07 10.95
C GLN A 40 0.31 -2.43 10.49
N GLY A 41 -0.83 -2.40 9.83
CA GLY A 41 -1.42 -3.63 9.32
C GLY A 41 -2.35 -4.30 10.32
N LEU A 42 -2.65 -3.62 11.43
CA LEU A 42 -3.55 -4.15 12.47
C LEU A 42 -4.85 -4.67 11.85
N THR A 43 -5.86 -4.91 12.70
CA THR A 43 -7.14 -5.42 12.21
C THR A 43 -8.31 -4.65 12.80
N ILE A 44 -8.07 -3.41 13.21
CA ILE A 44 -9.13 -2.57 13.78
C ILE A 44 -9.61 -3.11 15.13
N ALA A 45 -8.99 -4.18 15.62
CA ALA A 45 -9.37 -4.78 16.89
C ALA A 45 -8.87 -3.93 18.06
N SER A 46 -7.71 -3.30 17.86
CA SER A 46 -7.11 -2.47 18.90
C SER A 46 -7.73 -1.08 18.92
N GLY A 47 -7.57 -0.34 17.81
CA GLY A 47 -8.12 0.99 17.73
C GLY A 47 -7.94 1.63 16.37
N ALA A 48 -7.96 0.81 15.32
CA ALA A 48 -7.79 1.30 13.96
C ALA A 48 -9.11 1.81 13.38
N ARG A 49 -9.14 1.96 12.06
CA ARG A 49 -10.32 2.44 11.36
C ARG A 49 -10.63 1.52 10.18
N GLU A 50 -11.68 1.86 9.43
CA GLU A 50 -12.07 1.06 8.27
C GLU A 50 -11.24 1.45 7.05
N SER A 51 -10.78 2.69 7.02
CA SER A 51 -9.97 3.19 5.90
C SER A 51 -8.75 2.33 5.66
N GLU A 52 -7.84 2.30 6.63
CA GLU A 52 -6.60 1.52 6.50
C GLU A 52 -6.88 0.09 6.06
N LYS A 53 -7.53 -0.66 6.94
CA LYS A 53 -7.89 -2.06 6.65
C LYS A 53 -8.39 -2.21 5.20
N VAL A 54 -9.39 -1.41 4.84
CA VAL A 54 -9.94 -1.45 3.49
C VAL A 54 -8.83 -1.15 2.48
N PHE A 55 -8.02 -0.13 2.77
CA PHE A 55 -6.91 0.22 1.90
C PHE A 55 -6.03 -0.99 1.68
N ALA A 56 -5.93 -1.84 2.70
CA ALA A 56 -5.14 -3.05 2.58
C ALA A 56 -5.77 -3.93 1.54
N GLN A 57 -6.98 -4.40 1.85
CA GLN A 57 -7.73 -5.26 0.94
C GLN A 57 -7.54 -4.85 -0.52
N THR A 58 -7.66 -3.56 -0.79
CA THR A 58 -7.51 -3.04 -2.14
C THR A 58 -6.08 -3.17 -2.67
N VAL A 59 -5.11 -2.78 -1.86
CA VAL A 59 -3.71 -2.82 -2.27
C VAL A 59 -3.15 -4.24 -2.36
N LEU A 60 -3.68 -5.16 -1.56
CA LEU A 60 -3.19 -6.55 -1.61
C LEU A 60 -4.03 -7.38 -2.58
N SER A 61 -5.24 -6.92 -2.85
CA SER A 61 -6.11 -7.61 -3.80
C SER A 61 -5.72 -7.26 -5.22
N HIS A 62 -5.44 -5.98 -5.46
CA HIS A 62 -5.03 -5.52 -6.79
C HIS A 62 -3.73 -6.20 -7.18
N VAL A 63 -2.75 -6.17 -6.28
CA VAL A 63 -1.46 -6.79 -6.55
C VAL A 63 -1.62 -8.28 -6.85
N ALA A 64 -2.16 -9.02 -5.89
CA ALA A 64 -2.38 -10.46 -6.03
C ALA A 64 -1.22 -11.15 -6.76
N ASN A 65 0.00 -10.59 -6.62
CA ASN A 65 1.19 -11.16 -7.27
C ASN A 65 2.31 -10.13 -7.40
N VAL A 66 2.19 -9.27 -8.42
CA VAL A 66 3.19 -8.23 -8.71
C VAL A 66 4.61 -8.79 -8.73
N VAL A 67 5.60 -7.93 -8.54
CA VAL A 67 6.99 -8.33 -8.55
C VAL A 67 7.85 -7.23 -7.92
N LEU A 68 7.99 -7.30 -6.61
CA LEU A 68 8.74 -6.31 -5.87
C LEU A 68 10.24 -6.55 -5.91
N THR A 69 10.97 -5.65 -6.57
CA THR A 69 12.41 -5.76 -6.67
C THR A 69 13.09 -5.03 -5.51
N GLN A 70 14.42 -5.01 -5.52
CA GLN A 70 15.19 -4.36 -4.45
C GLN A 70 14.51 -3.12 -3.91
N GLU A 71 13.88 -2.34 -4.80
CA GLU A 71 13.19 -1.12 -4.41
C GLU A 71 11.94 -1.43 -3.60
N ASP A 72 10.96 -2.07 -4.23
CA ASP A 72 9.72 -2.41 -3.55
C ASP A 72 9.99 -3.33 -2.36
N THR A 73 11.02 -4.15 -2.46
CA THR A 73 11.39 -5.05 -1.36
C THR A 73 11.75 -4.20 -0.16
N ALA A 74 12.82 -3.42 -0.28
CA ALA A 74 13.23 -2.53 0.78
C ALA A 74 12.05 -1.64 1.18
N LYS A 75 11.15 -1.45 0.23
CA LYS A 75 9.94 -0.66 0.44
C LYS A 75 9.12 -1.25 1.57
N LEU A 76 8.75 -2.54 1.45
CA LEU A 76 7.98 -3.21 2.50
C LEU A 76 8.79 -3.28 3.78
N LEU A 77 10.05 -3.70 3.66
CA LEU A 77 10.94 -3.79 4.82
C LEU A 77 11.08 -2.44 5.49
N GLN A 78 10.97 -1.38 4.69
CA GLN A 78 11.09 -0.02 5.20
C GLN A 78 9.85 0.35 6.00
N SER A 79 8.67 0.08 5.44
CA SER A 79 7.41 0.38 6.09
C SER A 79 7.32 -0.35 7.44
N THR A 80 7.81 -1.59 7.47
CA THR A 80 7.78 -2.38 8.70
C THR A 80 8.86 -1.93 9.68
N VAL A 81 10.06 -1.70 9.18
CA VAL A 81 11.17 -1.27 10.03
C VAL A 81 11.04 0.21 10.41
N LYS A 82 10.13 0.92 9.76
CA LYS A 82 9.91 2.34 10.04
C LYS A 82 9.81 2.59 11.54
N HIS A 83 8.78 2.02 12.16
CA HIS A 83 8.56 2.20 13.60
C HIS A 83 7.32 1.44 14.05
N ASN A 84 7.18 0.21 13.58
CA ASN A 84 6.02 -0.61 13.94
C ASN A 84 6.18 -2.04 13.42
N LEU A 85 5.16 -2.86 13.63
CA LEU A 85 5.19 -4.25 13.19
C LEU A 85 4.19 -4.47 12.06
N ASN A 86 4.70 -4.81 10.88
CA ASN A 86 3.84 -5.04 9.72
C ASN A 86 3.38 -6.49 9.66
N ASN A 87 2.26 -6.72 8.97
CA ASN A 87 1.70 -8.06 8.82
C ASN A 87 1.72 -8.49 7.36
N TYR A 88 2.75 -8.06 6.64
CA TYR A 88 2.89 -8.39 5.25
C TYR A 88 3.90 -9.51 5.06
N ASP A 89 3.73 -10.28 4.00
CA ASP A 89 4.61 -11.39 3.73
C ASP A 89 5.19 -11.22 2.32
N LEU A 90 6.44 -11.61 2.17
CA LEU A 90 7.13 -11.44 0.89
C LEU A 90 7.88 -12.69 0.44
N ARG A 91 8.01 -12.84 -0.87
CA ARG A 91 8.72 -13.97 -1.47
C ARG A 91 9.66 -13.44 -2.56
N SER A 92 10.67 -14.21 -2.94
CA SER A 92 11.63 -13.76 -3.96
C SER A 92 11.40 -14.45 -5.29
N VAL A 93 11.95 -13.82 -6.32
CA VAL A 93 11.85 -14.27 -7.69
C VAL A 93 12.31 -13.14 -8.60
N GLY A 94 13.01 -13.48 -9.63
CA GLY A 94 13.49 -12.48 -10.55
C GLY A 94 14.92 -12.07 -10.30
N ASN A 95 15.71 -12.99 -9.73
CA ASN A 95 17.09 -12.70 -9.40
C ASN A 95 17.21 -11.29 -8.83
N GLY A 96 16.14 -10.87 -8.15
CA GLY A 96 16.09 -9.56 -7.57
C GLY A 96 14.68 -9.06 -7.33
N ASN A 97 13.66 -9.79 -7.82
CA ASN A 97 12.29 -9.37 -7.62
C ASN A 97 11.63 -10.24 -6.57
N SER A 98 10.48 -9.82 -6.08
CA SER A 98 9.79 -10.59 -5.04
C SER A 98 8.29 -10.57 -5.27
N VAL A 99 7.61 -11.48 -4.61
CA VAL A 99 6.17 -11.57 -4.72
C VAL A 99 5.52 -11.02 -3.46
N LEU A 100 4.30 -10.51 -3.60
CA LEU A 100 3.61 -9.95 -2.45
C LEU A 100 2.52 -10.87 -1.93
N VAL A 101 2.82 -11.48 -0.82
CA VAL A 101 1.89 -12.32 -0.12
C VAL A 101 1.76 -11.73 1.26
N SER A 102 0.66 -11.06 1.54
CA SER A 102 0.55 -10.39 2.82
C SER A 102 -0.86 -10.39 3.35
N LEU A 103 -0.95 -10.31 4.68
CA LEU A 103 -2.21 -10.22 5.39
C LEU A 103 -2.20 -10.97 6.70
N ARG A 104 -1.40 -10.45 7.62
CA ARG A 104 -1.31 -11.00 8.96
C ARG A 104 -2.14 -10.10 9.90
N SER A 105 -3.06 -9.36 9.27
CA SER A 105 -3.96 -8.41 9.92
C SER A 105 -4.44 -7.44 8.84
N ASP A 106 -5.56 -6.74 9.06
CA ASP A 106 -6.08 -5.85 8.02
C ASP A 106 -5.83 -4.37 8.28
N GLN A 107 -4.84 -3.83 7.58
CA GLN A 107 -4.50 -2.42 7.66
C GLN A 107 -3.52 -2.08 6.53
N MET A 108 -3.38 -0.80 6.23
CA MET A 108 -2.47 -0.37 5.17
C MET A 108 -2.19 1.12 5.23
N THR A 109 -0.90 1.44 5.26
CA THR A 109 -0.45 2.82 5.32
C THR A 109 0.05 3.29 3.96
N LEU A 110 0.15 4.61 3.77
CA LEU A 110 0.60 5.19 2.51
C LEU A 110 1.73 4.38 1.90
N GLN A 111 2.88 4.35 2.59
CA GLN A 111 4.04 3.60 2.12
C GLN A 111 3.64 2.22 1.59
N ASP A 112 3.11 1.37 2.48
CA ASP A 112 2.69 0.02 2.09
C ASP A 112 1.90 0.07 0.79
N ALA A 113 1.03 1.07 0.67
CA ALA A 113 0.22 1.24 -0.51
C ALA A 113 1.10 1.42 -1.74
N LYS A 114 1.83 2.53 -1.75
CA LYS A 114 2.73 2.84 -2.85
C LYS A 114 3.73 1.71 -3.08
N VAL A 115 4.00 0.94 -2.03
CA VAL A 115 4.93 -0.18 -2.14
C VAL A 115 4.39 -1.25 -3.08
N LEU A 116 3.28 -1.84 -2.68
CA LEU A 116 2.65 -2.88 -3.45
C LEU A 116 2.18 -2.33 -4.77
N LEU A 117 1.81 -1.06 -4.79
CA LEU A 117 1.33 -0.43 -6.01
C LEU A 117 2.49 -0.06 -6.91
N GLU A 118 3.65 0.18 -6.32
CA GLU A 118 4.81 0.49 -7.13
C GLU A 118 5.15 -0.75 -7.91
N ALA A 119 5.18 -1.87 -7.20
CA ALA A 119 5.42 -3.15 -7.84
C ALA A 119 4.18 -3.58 -8.60
N ALA A 120 3.02 -3.09 -8.15
CA ALA A 120 1.76 -3.41 -8.79
C ALA A 120 1.68 -2.79 -10.16
N LEU A 121 1.77 -1.47 -10.21
CA LEU A 121 1.71 -0.79 -11.48
C LEU A 121 2.93 -1.14 -12.31
N ARG A 122 4.06 -1.35 -11.62
CA ARG A 122 5.31 -1.72 -12.29
C ARG A 122 5.13 -3.00 -13.09
N GLN A 123 4.52 -4.00 -12.46
CA GLN A 123 4.34 -5.29 -13.09
C GLN A 123 2.99 -5.46 -13.79
N GLU A 124 1.95 -4.79 -13.31
CA GLU A 124 0.62 -4.96 -13.92
C GLU A 124 0.25 -3.90 -14.96
N SER A 125 0.05 -2.68 -14.50
CA SER A 125 -0.36 -1.59 -15.38
C SER A 125 0.81 -0.73 -15.85
N GLY A 126 1.42 -0.03 -14.91
CA GLY A 126 2.52 0.85 -15.23
C GLY A 126 2.02 2.15 -15.84
N ALA A 127 1.52 3.03 -14.99
CA ALA A 127 0.97 4.31 -15.39
C ALA A 127 -0.50 4.14 -15.76
N ARG A 128 -0.83 3.02 -16.40
CA ARG A 128 -2.20 2.71 -16.79
C ARG A 128 -2.24 1.59 -17.82
N GLY A 129 -1.47 0.55 -17.55
CA GLY A 129 -1.43 -0.59 -18.45
C GLY A 129 -2.79 -1.24 -18.64
N SER A 130 -3.65 -1.08 -17.65
CA SER A 130 -5.00 -1.66 -17.71
C SER A 130 -5.78 -1.33 -16.45
N ASP B 2 -21.32 10.93 0.32
CA ASP B 2 -20.24 11.23 -0.62
C ASP B 2 -18.88 10.95 0.02
N GLU B 3 -18.05 10.19 -0.68
CA GLU B 3 -16.72 9.85 -0.18
C GLU B 3 -15.68 10.01 -1.28
N ASP B 5 -15.11 11.98 -4.74
CA ASP B 5 -15.57 11.65 -6.08
C ASP B 5 -14.43 11.11 -6.94
N ASP B 6 -13.45 11.96 -7.22
CA ASP B 6 -12.31 11.57 -8.04
C ASP B 6 -11.05 11.42 -7.20
N PRO B 7 -10.07 10.64 -7.68
CA PRO B 7 -8.80 10.40 -6.98
C PRO B 7 -8.15 11.70 -6.50
N PHE B 8 -7.00 11.56 -5.84
CA PHE B 8 -6.27 12.71 -5.33
C PHE B 8 -7.14 13.55 -4.40
N MET A 1 -13.48 -4.26 -6.00
CA MET A 1 -12.12 -3.69 -5.89
C MET A 1 -12.16 -2.18 -5.66
N ASN A 2 -11.01 -1.53 -5.77
CA ASN A 2 -10.92 -0.09 -5.57
C ASN A 2 -10.76 0.63 -6.91
N LEU A 3 -10.33 1.89 -6.84
CA LEU A 3 -10.13 2.69 -8.04
C LEU A 3 -8.95 2.15 -8.86
N SER A 4 -8.57 2.87 -9.91
CA SER A 4 -7.47 2.44 -10.77
C SER A 4 -6.14 2.40 -10.03
N LEU A 5 -5.42 1.28 -10.17
CA LEU A 5 -4.13 1.11 -9.51
C LEU A 5 -3.18 2.28 -9.77
N SER A 6 -2.78 2.46 -11.02
CA SER A 6 -1.87 3.55 -11.37
C SER A 6 -2.34 4.87 -10.78
N ASP A 7 -3.65 5.04 -10.63
CA ASP A 7 -4.21 6.26 -10.08
C ASP A 7 -3.96 6.31 -8.58
N LEU A 8 -4.20 5.18 -7.93
CA LEU A 8 -4.00 5.06 -6.49
C LEU A 8 -2.52 5.01 -6.15
N HIS A 9 -1.72 4.46 -7.06
CA HIS A 9 -0.29 4.35 -6.86
C HIS A 9 0.33 5.72 -6.90
N ARG A 10 0.05 6.43 -7.97
CA ARG A 10 0.54 7.77 -8.14
C ARG A 10 -0.05 8.66 -7.06
N GLN A 11 -1.30 8.39 -6.73
CA GLN A 11 -2.00 9.12 -5.68
C GLN A 11 -1.27 8.95 -4.35
N VAL A 12 -1.25 7.71 -3.84
CA VAL A 12 -0.59 7.42 -2.58
C VAL A 12 0.88 7.83 -2.59
N SER A 13 1.60 7.38 -3.61
CA SER A 13 3.01 7.68 -3.74
C SER A 13 3.27 9.17 -3.92
N ARG A 14 2.31 9.90 -4.48
CA ARG A 14 2.50 11.33 -4.70
C ARG A 14 2.35 12.11 -3.40
N LEU A 15 1.36 11.74 -2.59
CA LEU A 15 1.16 12.45 -1.33
C LEU A 15 2.30 12.16 -0.39
N VAL A 16 2.57 10.87 -0.19
CA VAL A 16 3.62 10.45 0.73
C VAL A 16 5.01 10.85 0.24
N GLN A 17 5.33 10.60 -1.02
CA GLN A 17 6.65 10.96 -1.54
C GLN A 17 6.86 12.46 -1.47
N GLN A 18 5.78 13.24 -1.34
CA GLN A 18 5.91 14.69 -1.25
C GLN A 18 4.68 15.33 -0.61
N GLU A 19 4.41 14.97 0.64
CA GLU A 19 3.27 15.53 1.39
C GLU A 19 3.04 14.78 2.70
N SER A 20 3.10 13.44 2.64
CA SER A 20 2.89 12.61 3.83
C SER A 20 4.20 12.03 4.34
N GLY A 21 5.16 11.83 3.43
CA GLY A 21 6.44 11.27 3.83
C GLY A 21 6.38 9.76 3.99
N ASP A 22 5.52 9.31 4.90
CA ASP A 22 5.38 7.89 5.16
C ASP A 22 4.22 7.62 6.14
N CYS A 23 3.30 8.57 6.24
CA CYS A 23 2.13 8.46 7.14
C CYS A 23 1.28 7.25 6.75
N THR A 24 0.01 7.27 7.13
CA THR A 24 -0.90 6.17 6.80
C THR A 24 -1.81 6.56 5.64
N GLY A 25 -2.20 5.58 4.85
CA GLY A 25 -3.06 5.85 3.71
C GLY A 25 -4.49 5.43 3.93
N LYS A 26 -5.41 6.35 3.68
CA LYS A 26 -6.83 6.08 3.82
C LYS A 26 -7.45 5.91 2.44
N LEU A 27 -8.19 4.82 2.25
CA LEU A 27 -8.81 4.54 0.97
C LEU A 27 -10.31 4.83 1.00
N ARG A 28 -10.90 4.89 -0.20
CA ARG A 28 -12.34 5.14 -0.41
C ARG A 28 -12.54 5.98 -1.68
N GLY A 29 -11.92 5.53 -2.77
CA GLY A 29 -12.03 6.25 -4.04
C GLY A 29 -10.88 7.20 -4.24
N ASN A 30 -10.10 7.39 -3.17
CA ASN A 30 -8.95 8.26 -3.17
C ASN A 30 -8.11 7.94 -1.94
N VAL A 31 -6.83 8.24 -1.98
CA VAL A 31 -5.99 7.96 -0.83
C VAL A 31 -5.57 9.25 -0.11
N ALA A 32 -5.73 9.24 1.19
CA ALA A 32 -5.40 10.38 2.04
C ALA A 32 -4.29 10.02 3.02
N ALA A 33 -3.71 11.04 3.66
CA ALA A 33 -2.63 10.82 4.61
C ALA A 33 -3.12 10.93 6.04
N ASN A 34 -2.98 9.84 6.80
CA ASN A 34 -3.42 9.80 8.19
C ASN A 34 -2.22 9.99 9.12
N LYS A 35 -2.42 10.80 10.16
CA LYS A 35 -1.37 11.06 11.14
C LYS A 35 -1.81 10.67 12.55
N GLU A 36 -2.94 9.98 12.67
CA GLU A 36 -3.44 9.55 13.97
C GLU A 36 -2.38 8.76 14.72
N THR A 37 -1.97 7.64 14.13
CA THR A 37 -0.95 6.80 14.72
C THR A 37 0.03 6.32 13.65
N THR A 38 -0.36 5.31 12.88
CA THR A 38 0.50 4.79 11.81
C THR A 38 -0.13 3.58 11.12
N PHE A 39 -0.71 2.72 11.93
CA PHE A 39 -1.35 1.50 11.43
C PHE A 39 -0.36 0.63 10.70
N GLN A 40 -0.43 -0.66 11.00
CA GLN A 40 0.43 -1.68 10.40
C GLN A 40 -0.11 -3.05 10.77
N GLY A 41 -1.18 -3.44 10.10
CA GLY A 41 -1.80 -4.72 10.36
C GLY A 41 -2.49 -4.77 11.73
N LEU A 42 -3.81 -4.73 11.70
CA LEU A 42 -4.62 -4.78 12.92
C LEU A 42 -6.04 -5.23 12.59
N THR A 43 -7.04 -4.65 13.26
CA THR A 43 -8.43 -5.03 13.00
C THR A 43 -9.40 -3.98 13.54
N ILE A 44 -8.94 -2.74 13.65
CA ILE A 44 -9.79 -1.65 14.15
C ILE A 44 -10.23 -1.88 15.61
N ALA A 45 -9.73 -2.94 16.23
CA ALA A 45 -10.10 -3.26 17.60
C ALA A 45 -9.21 -2.53 18.61
N SER A 46 -7.90 -2.73 18.48
CA SER A 46 -6.94 -2.10 19.37
C SER A 46 -6.80 -0.62 19.07
N GLY A 47 -7.03 -0.24 17.81
CA GLY A 47 -6.91 1.14 17.41
C GLY A 47 -6.55 1.28 15.95
N ALA A 48 -7.54 1.15 15.07
CA ALA A 48 -7.31 1.27 13.64
C ALA A 48 -8.56 1.76 12.92
N ARG A 49 -8.39 2.75 12.04
CA ARG A 49 -9.51 3.29 11.28
C ARG A 49 -10.03 2.26 10.29
N GLU A 50 -11.01 2.65 9.49
CA GLU A 50 -11.58 1.76 8.49
C GLU A 50 -10.82 1.84 7.18
N SER A 51 -10.35 3.04 6.85
CA SER A 51 -9.59 3.25 5.63
C SER A 51 -8.37 2.32 5.56
N GLU A 52 -7.45 2.49 6.52
CA GLU A 52 -6.22 1.68 6.59
C GLU A 52 -6.45 0.24 6.12
N LYS A 53 -7.24 -0.49 6.90
CA LYS A 53 -7.55 -1.88 6.58
C LYS A 53 -8.18 -2.01 5.19
N VAL A 54 -9.16 -1.16 4.89
CA VAL A 54 -9.81 -1.19 3.58
C VAL A 54 -8.77 -1.08 2.47
N PHE A 55 -7.79 -0.19 2.69
CA PHE A 55 -6.73 0.00 1.73
C PHE A 55 -5.94 -1.29 1.56
N ALA A 56 -5.55 -1.88 2.68
CA ALA A 56 -4.79 -3.12 2.66
C ALA A 56 -5.47 -4.16 1.79
N GLN A 57 -6.77 -4.34 1.98
CA GLN A 57 -7.52 -5.30 1.19
C GLN A 57 -7.50 -4.94 -0.29
N THR A 58 -7.76 -3.66 -0.57
CA THR A 58 -7.77 -3.17 -1.95
C THR A 58 -6.39 -3.29 -2.59
N VAL A 59 -5.36 -2.81 -1.91
CA VAL A 59 -4.01 -2.90 -2.45
C VAL A 59 -3.56 -4.35 -2.56
N LEU A 60 -3.73 -5.12 -1.49
CA LEU A 60 -3.35 -6.52 -1.50
C LEU A 60 -3.92 -7.23 -2.72
N SER A 61 -5.21 -7.06 -2.95
CA SER A 61 -5.87 -7.68 -4.10
C SER A 61 -5.31 -7.14 -5.41
N HIS A 62 -5.09 -5.82 -5.45
CA HIS A 62 -4.54 -5.18 -6.64
C HIS A 62 -3.09 -5.60 -6.88
N VAL A 63 -2.44 -6.07 -5.82
CA VAL A 63 -1.05 -6.51 -5.90
C VAL A 63 -0.94 -8.03 -5.89
N ALA A 64 -1.90 -8.68 -6.55
CA ALA A 64 -1.90 -10.14 -6.61
C ALA A 64 -0.69 -10.65 -7.39
N ASN A 65 0.39 -10.92 -6.66
CA ASN A 65 1.65 -11.43 -7.22
C ASN A 65 2.63 -10.30 -7.56
N VAL A 66 2.24 -9.41 -8.46
CA VAL A 66 3.10 -8.29 -8.88
C VAL A 66 4.56 -8.71 -9.01
N VAL A 67 5.50 -7.87 -8.58
CA VAL A 67 6.91 -8.19 -8.66
C VAL A 67 7.77 -7.11 -8.00
N LEU A 68 7.63 -7.00 -6.69
CA LEU A 68 8.38 -6.01 -5.92
C LEU A 68 9.88 -6.25 -6.00
N THR A 69 10.58 -5.43 -6.80
CA THR A 69 12.02 -5.58 -6.92
C THR A 69 12.73 -4.96 -5.71
N GLN A 70 14.06 -4.99 -5.74
CA GLN A 70 14.87 -4.45 -4.64
C GLN A 70 14.24 -3.18 -4.06
N GLU A 71 13.66 -2.36 -4.92
CA GLU A 71 13.02 -1.13 -4.49
C GLU A 71 11.79 -1.41 -3.63
N ASP A 72 10.78 -2.03 -4.23
CA ASP A 72 9.55 -2.35 -3.50
C ASP A 72 9.84 -3.28 -2.33
N THR A 73 10.90 -4.09 -2.46
CA THR A 73 11.26 -5.00 -1.39
C THR A 73 11.67 -4.21 -0.16
N ALA A 74 12.75 -3.44 -0.29
CA ALA A 74 13.20 -2.59 0.80
C ALA A 74 12.06 -1.65 1.19
N LYS A 75 11.18 -1.41 0.23
CA LYS A 75 10.00 -0.58 0.41
C LYS A 75 9.13 -1.14 1.53
N LEU A 76 8.75 -2.41 1.40
CA LEU A 76 7.92 -3.05 2.41
C LEU A 76 8.67 -3.15 3.73
N LEU A 77 9.92 -3.62 3.66
CA LEU A 77 10.74 -3.76 4.86
C LEU A 77 11.02 -2.40 5.50
N GLN A 78 10.94 -1.34 4.70
CA GLN A 78 11.17 0.01 5.19
C GLN A 78 9.96 0.53 5.94
N SER A 79 8.79 0.38 5.34
CA SER A 79 7.54 0.83 5.94
C SER A 79 7.27 0.05 7.22
N THR A 80 7.66 -1.22 7.21
CA THR A 80 7.46 -2.10 8.34
C THR A 80 8.51 -1.82 9.43
N VAL A 81 9.77 -2.05 9.10
CA VAL A 81 10.87 -1.83 10.03
C VAL A 81 10.86 -0.39 10.54
N LYS A 82 10.29 0.53 9.76
CA LYS A 82 10.23 1.93 10.15
C LYS A 82 9.75 2.08 11.59
N HIS A 83 8.78 1.26 11.99
CA HIS A 83 8.25 1.29 13.34
C HIS A 83 7.07 0.33 13.50
N ASN A 84 6.72 0.03 14.74
CA ASN A 84 5.62 -0.88 15.03
C ASN A 84 5.88 -2.28 14.47
N LEU A 85 4.87 -3.15 14.56
CA LEU A 85 4.99 -4.51 14.07
C LEU A 85 4.85 -4.57 12.55
N ASN A 86 4.86 -5.79 12.02
CA ASN A 86 4.73 -6.01 10.58
C ASN A 86 3.69 -7.08 10.28
N ASN A 87 2.82 -6.83 9.30
CA ASN A 87 1.79 -7.79 8.93
C ASN A 87 1.88 -8.19 7.46
N TYR A 88 2.91 -7.72 6.76
CA TYR A 88 3.07 -8.04 5.36
C TYR A 88 4.08 -9.17 5.19
N ASP A 89 3.75 -10.12 4.35
CA ASP A 89 4.61 -11.24 4.09
C ASP A 89 5.21 -11.08 2.69
N LEU A 90 6.46 -11.46 2.54
CA LEU A 90 7.15 -11.29 1.26
C LEU A 90 7.89 -12.53 0.81
N ARG A 91 7.94 -12.71 -0.51
CA ARG A 91 8.65 -13.82 -1.14
C ARG A 91 9.49 -13.27 -2.29
N SER A 92 10.78 -13.58 -2.33
CA SER A 92 11.63 -13.02 -3.38
C SER A 92 11.99 -14.02 -4.48
N VAL A 93 12.09 -13.47 -5.69
CA VAL A 93 12.43 -14.19 -6.90
C VAL A 93 12.78 -13.18 -8.01
N GLY A 94 12.11 -13.25 -9.15
CA GLY A 94 12.36 -12.30 -10.24
C GLY A 94 13.82 -11.90 -10.39
N ASN A 95 14.75 -12.83 -10.11
CA ASN A 95 16.17 -12.54 -10.22
C ASN A 95 16.49 -11.14 -9.68
N GLY A 96 15.76 -10.75 -8.66
CA GLY A 96 15.94 -9.46 -8.05
C GLY A 96 14.60 -8.83 -7.67
N ASN A 97 13.51 -9.51 -8.01
CA ASN A 97 12.18 -9.04 -7.71
C ASN A 97 11.53 -9.95 -6.70
N SER A 98 10.43 -9.51 -6.12
CA SER A 98 9.73 -10.29 -5.12
C SER A 98 8.22 -10.19 -5.28
N VAL A 99 7.53 -11.12 -4.67
CA VAL A 99 6.08 -11.17 -4.70
C VAL A 99 5.55 -10.76 -3.34
N LEU A 100 4.40 -10.08 -3.30
CA LEU A 100 3.85 -9.65 -2.02
C LEU A 100 2.69 -10.52 -1.58
N VAL A 101 2.93 -11.23 -0.50
CA VAL A 101 1.90 -12.04 0.11
C VAL A 101 1.78 -11.48 1.51
N SER A 102 0.74 -10.73 1.76
CA SER A 102 0.61 -10.07 3.03
C SER A 102 -0.80 -10.06 3.55
N LEU A 103 -0.90 -10.02 4.88
CA LEU A 103 -2.17 -9.93 5.55
C LEU A 103 -2.16 -10.64 6.90
N ARG A 104 -1.29 -10.19 7.76
CA ARG A 104 -1.20 -10.73 9.11
C ARG A 104 -2.23 -10.03 9.99
N SER A 105 -2.88 -9.01 9.40
CA SER A 105 -3.92 -8.21 10.03
C SER A 105 -4.43 -7.20 9.01
N ASP A 106 -5.50 -6.47 9.32
CA ASP A 106 -6.03 -5.52 8.35
C ASP A 106 -5.69 -4.08 8.69
N GLN A 107 -4.70 -3.55 7.99
CA GLN A 107 -4.27 -2.16 8.14
C GLN A 107 -3.29 -1.81 7.01
N MET A 108 -3.05 -0.54 6.78
CA MET A 108 -2.10 -0.14 5.73
C MET A 108 -1.71 1.33 5.84
N THR A 109 -0.45 1.61 5.52
CA THR A 109 0.08 2.97 5.56
C THR A 109 0.34 3.48 4.16
N LEU A 110 0.54 4.79 4.02
CA LEU A 110 0.81 5.41 2.72
C LEU A 110 1.97 4.70 2.04
N GLN A 111 3.13 4.70 2.70
CA GLN A 111 4.32 4.04 2.13
C GLN A 111 3.96 2.65 1.64
N ASP A 112 3.61 1.77 2.56
CA ASP A 112 3.24 0.39 2.23
C ASP A 112 2.28 0.38 1.04
N ALA A 113 1.28 1.24 1.11
CA ALA A 113 0.30 1.35 0.04
C ALA A 113 1.00 1.52 -1.30
N LYS A 114 1.73 2.62 -1.45
CA LYS A 114 2.43 2.89 -2.69
C LYS A 114 3.48 1.81 -2.98
N VAL A 115 3.89 1.08 -1.95
CA VAL A 115 4.89 0.03 -2.14
C VAL A 115 4.31 -1.06 -3.02
N LEU A 116 3.29 -1.73 -2.50
CA LEU A 116 2.65 -2.79 -3.22
C LEU A 116 2.05 -2.23 -4.51
N LEU A 117 1.56 -1.00 -4.43
CA LEU A 117 0.97 -0.34 -5.59
C LEU A 117 2.04 0.03 -6.60
N GLU A 118 3.26 0.17 -6.13
CA GLU A 118 4.36 0.48 -7.02
C GLU A 118 4.59 -0.75 -7.86
N ALA A 119 4.62 -1.89 -7.17
CA ALA A 119 4.78 -3.16 -7.86
C ALA A 119 3.47 -3.59 -8.49
N ALA A 120 2.38 -3.05 -7.97
CA ALA A 120 1.06 -3.37 -8.48
C ALA A 120 0.84 -2.65 -9.80
N LEU A 121 0.98 -1.32 -9.77
CA LEU A 121 0.82 -0.54 -10.98
C LEU A 121 1.88 -1.00 -11.99
N ARG A 122 3.07 -1.31 -11.46
CA ARG A 122 4.20 -1.76 -12.28
C ARG A 122 3.89 -3.06 -13.02
N GLN A 123 3.32 -4.04 -12.32
CA GLN A 123 3.03 -5.34 -12.93
C GLN A 123 1.60 -5.47 -13.46
N GLU A 124 0.68 -4.63 -12.99
CA GLU A 124 -0.71 -4.73 -13.43
C GLU A 124 -1.04 -3.79 -14.58
N SER A 125 -1.00 -2.49 -14.32
CA SER A 125 -1.33 -1.50 -15.33
C SER A 125 -0.09 -0.94 -16.03
N GLY A 126 0.73 -0.24 -15.27
CA GLY A 126 1.92 0.37 -15.84
C GLY A 126 1.58 1.70 -16.45
N ALA A 127 1.33 2.69 -15.59
CA ALA A 127 0.93 4.01 -16.03
C ALA A 127 -0.53 3.97 -16.48
N ARG A 128 -1.29 3.10 -15.83
CA ARG A 128 -2.70 2.90 -16.12
C ARG A 128 -2.88 2.05 -17.38
N GLY A 129 -3.41 0.84 -17.19
CA GLY A 129 -3.63 -0.05 -18.31
C GLY A 129 -5.03 0.09 -18.90
N SER A 130 -5.68 1.21 -18.63
CA SER A 130 -7.02 1.46 -19.14
C SER A 130 -7.05 2.74 -19.98
N ASP B 2 -20.94 8.33 -2.98
CA ASP B 2 -20.29 7.55 -4.03
C ASP B 2 -18.81 7.88 -4.13
N GLU B 3 -18.04 7.36 -3.18
CA GLU B 3 -16.59 7.61 -3.16
C GLU B 3 -16.29 9.11 -3.08
N ASP B 5 -14.22 12.72 -4.67
CA ASP B 5 -13.99 13.39 -5.94
C ASP B 5 -12.73 12.87 -6.63
N ASP B 6 -12.86 11.74 -7.32
CA ASP B 6 -11.75 11.13 -8.05
C ASP B 6 -10.50 11.02 -7.17
N PRO B 7 -9.43 10.39 -7.72
CA PRO B 7 -8.18 10.20 -6.99
C PRO B 7 -7.21 11.37 -7.19
N PHE B 8 -7.04 12.16 -6.13
CA PHE B 8 -6.15 13.33 -6.13
C PHE B 8 -6.14 14.04 -7.49
#